data_3AWI
#
_entry.id   3AWI
#
_cell.length_a   92.138
_cell.length_b   243.022
_cell.length_c   175.527
_cell.angle_alpha   90.00
_cell.angle_beta   90.42
_cell.angle_gamma   90.00
#
_symmetry.space_group_name_H-M   'P 1 21 1'
#
loop_
_entity.id
_entity.type
_entity.pdbx_description
1 polymer 'tRNA 5-methylaminomethyl-2-thiouridine biosynthesis bifunctional protein mnmC'
2 non-polymer 'FLAVIN-ADENINE DINUCLEOTIDE'
3 non-polymer 'SULFATE ION'
4 water water
#
_entity_poly.entity_id   1
_entity_poly.type   'polypeptide(L)'
_entity_poly.pdbx_seq_one_letter_code
;MGSSHHHHHHSSGLVPRGSHMKHYSIQPANLEFNAEGTPVSRDFDDVYFSNDNGLEETRYVFLGGNQLEVRFPEHPHPLF
VVAESGFGTGLNFLTLWQAFDQFREAHPQAQLQRLHFISFEKFPLTRADLALAHQHWPELAPWAEQLQAQWPMPLPGCHR
LLLDEGRVTLDLWFGDINELTSQLDDSLNQKVDAWFLDGFAPAKNPDMWTQNLFNAMARLARPGGTLATFTSAGFVRRGL
QDAGFTMQKRKGFGRKREMLCGVMEQTLPLPCSAPWFNRTGSSKREAAIIGGGIASALLSLALLRRGWQVTLYCADEAPA
LGASGNRQGALYPLLSKHDEALNRFFSNAFTFARRFYDQLPVKFDHDWCGVTQLGWDEKSQHKIAQMLSMDLPAELAVAV
EANAVEQITGVATNCSGITYPQGGWLCPAELTRNVLELAQQQGLQIYYQYQLQNLSRKDDCWLLNFAGDQQATHSVVVLA
NGHQISRFSQTSTLPVYSVAGQVSHIPTTPELAELKQVLCYDGYLTPQNPANQHHCIGASYHRGSEDTAYSEDDQQQNRQ
RLIDCFPQAQWAKEVDVSDKEARCGVRCATRDHLPMVGNVPDYEATLVEYASLAEQKDEAVSAPVFDDLFMFAALGSRGL
CSAPLCAEILAAQMSDEPIPMDASTLAALNPNRLWVRKLLKGKAVKAG
;
_entity_poly.pdbx_strand_id   A,B,C,D,E,F
#
loop_
_chem_comp.id
_chem_comp.type
_chem_comp.name
_chem_comp.formula
FAD non-polymer 'FLAVIN-ADENINE DINUCLEOTIDE' 'C27 H33 N9 O15 P2'
SO4 non-polymer 'SULFATE ION' 'O4 S -2'
#
# COMPACT_ATOMS: atom_id res chain seq x y z
N LEU A 55 10.53 -49.91 -29.37
CA LEU A 55 10.19 -48.55 -29.79
C LEU A 55 9.32 -47.78 -28.78
N GLU A 56 8.35 -48.46 -28.18
CA GLU A 56 7.49 -47.85 -27.17
C GLU A 56 8.29 -47.62 -25.89
N GLU A 57 9.32 -48.45 -25.72
CA GLU A 57 10.24 -48.31 -24.60
C GLU A 57 11.14 -47.09 -24.81
N THR A 58 11.52 -46.84 -26.06
CA THR A 58 12.27 -45.64 -26.37
C THR A 58 11.50 -44.42 -25.90
N ARG A 59 10.25 -44.31 -26.36
CA ARG A 59 9.38 -43.19 -26.01
C ARG A 59 9.26 -43.06 -24.50
N TYR A 60 8.94 -44.17 -23.85
CA TYR A 60 8.82 -44.21 -22.39
C TYR A 60 10.05 -43.62 -21.72
N VAL A 61 11.18 -44.32 -21.87
CA VAL A 61 12.45 -43.94 -21.24
C VAL A 61 12.92 -42.53 -21.56
N PHE A 62 13.19 -42.27 -22.83
CA PHE A 62 13.81 -41.01 -23.23
C PHE A 62 12.88 -39.81 -23.37
N LEU A 63 11.71 -40.00 -23.97
CA LEU A 63 10.77 -38.90 -24.04
C LEU A 63 10.06 -38.74 -22.70
N GLY A 64 9.59 -39.85 -22.13
CA GLY A 64 8.92 -39.81 -20.86
C GLY A 64 9.83 -39.33 -19.74
N GLY A 65 11.03 -39.90 -19.70
CA GLY A 65 11.99 -39.59 -18.64
C GLY A 65 12.38 -38.14 -18.62
N ASN A 66 12.26 -37.46 -19.76
CA ASN A 66 12.52 -36.04 -19.83
C ASN A 66 11.28 -35.14 -19.78
N GLN A 67 10.10 -35.75 -19.68
CA GLN A 67 8.82 -35.02 -19.69
C GLN A 67 8.66 -34.18 -20.95
N LEU A 68 9.12 -34.70 -22.08
CA LEU A 68 9.13 -33.93 -23.32
C LEU A 68 7.75 -33.63 -23.87
N GLU A 69 6.88 -34.64 -23.94
CA GLU A 69 5.53 -34.43 -24.48
C GLU A 69 4.76 -33.38 -23.68
N VAL A 70 5.04 -33.29 -22.38
CA VAL A 70 4.47 -32.25 -21.54
C VAL A 70 5.22 -30.92 -21.60
N ARG A 71 6.55 -30.97 -21.60
CA ARG A 71 7.34 -29.73 -21.58
C ARG A 71 7.27 -28.92 -22.88
N PHE A 72 7.11 -29.63 -24.00
CA PHE A 72 7.13 -28.99 -25.32
C PHE A 72 6.17 -27.82 -25.46
N PRO A 73 4.86 -28.08 -25.27
CA PRO A 73 3.86 -27.03 -25.49
C PRO A 73 3.95 -25.94 -24.45
N GLU A 74 4.65 -26.23 -23.34
CA GLU A 74 4.88 -25.24 -22.28
C GLU A 74 6.25 -24.58 -22.40
N HIS A 75 7.03 -25.01 -23.39
CA HIS A 75 8.40 -24.52 -23.52
C HIS A 75 8.36 -23.09 -24.03
N PRO A 76 8.79 -22.13 -23.19
CA PRO A 76 8.64 -20.72 -23.57
C PRO A 76 9.81 -20.22 -24.39
N HIS A 77 10.18 -20.96 -25.43
CA HIS A 77 11.28 -20.58 -26.32
C HIS A 77 11.07 -21.11 -27.74
N PRO A 78 11.68 -20.45 -28.75
CA PRO A 78 11.57 -20.87 -30.14
C PRO A 78 12.28 -22.19 -30.40
N LEU A 79 13.33 -22.44 -29.62
CA LEU A 79 14.19 -23.59 -29.84
C LEU A 79 14.31 -24.51 -28.62
N PHE A 80 14.33 -25.82 -28.86
CA PHE A 80 14.53 -26.79 -27.78
C PHE A 80 15.76 -27.63 -28.09
N VAL A 81 16.64 -27.82 -27.11
CA VAL A 81 17.91 -28.47 -27.37
C VAL A 81 18.08 -29.78 -26.61
N VAL A 82 18.44 -30.84 -27.34
CA VAL A 82 18.54 -32.18 -26.78
C VAL A 82 19.88 -32.78 -27.17
N ALA A 83 20.58 -33.36 -26.20
CA ALA A 83 21.89 -33.98 -26.45
C ALA A 83 21.88 -35.46 -26.10
N GLU A 84 22.72 -36.24 -26.78
CA GLU A 84 22.69 -37.69 -26.71
C GLU A 84 24.10 -38.32 -26.73
N SER A 85 24.36 -39.15 -25.72
CA SER A 85 25.67 -39.75 -25.50
C SER A 85 26.11 -40.70 -26.63
N GLY A 86 25.15 -41.40 -27.24
CA GLY A 86 25.44 -42.05 -28.49
C GLY A 86 24.22 -42.15 -29.38
N PHE A 87 24.49 -42.02 -30.68
CA PHE A 87 23.45 -41.89 -31.68
C PHE A 87 23.11 -43.26 -32.20
N GLY A 88 24.02 -44.20 -31.96
CA GLY A 88 23.76 -45.57 -32.35
C GLY A 88 23.23 -45.58 -33.76
N THR A 89 22.07 -46.22 -33.89
CA THR A 89 21.40 -46.44 -35.16
C THR A 89 20.48 -45.27 -35.50
N GLY A 90 20.31 -44.35 -34.56
CA GLY A 90 19.49 -43.17 -34.77
C GLY A 90 18.05 -43.35 -34.33
N LEU A 91 17.78 -44.46 -33.64
CA LEU A 91 16.43 -44.75 -33.18
C LEU A 91 15.87 -43.62 -32.32
N ASN A 92 16.56 -43.32 -31.23
CA ASN A 92 16.08 -42.29 -30.30
C ASN A 92 15.79 -40.97 -31.02
N PHE A 93 16.72 -40.55 -31.86
CA PHE A 93 16.54 -39.30 -32.61
C PHE A 93 15.29 -39.33 -33.50
N LEU A 94 15.12 -40.40 -34.26
CA LEU A 94 13.93 -40.51 -35.12
C LEU A 94 12.64 -40.47 -34.29
N THR A 95 12.62 -41.23 -33.21
CA THR A 95 11.47 -41.24 -32.32
C THR A 95 11.13 -39.82 -31.87
N LEU A 96 12.14 -39.13 -31.35
CA LEU A 96 11.97 -37.75 -30.90
C LEU A 96 11.48 -36.82 -32.02
N TRP A 97 12.01 -37.02 -33.22
CA TRP A 97 11.64 -36.22 -34.38
C TRP A 97 10.16 -36.40 -34.70
N GLN A 98 9.71 -37.64 -34.72
CA GLN A 98 8.30 -37.93 -34.90
C GLN A 98 7.50 -37.22 -33.84
N ALA A 99 7.88 -37.42 -32.58
CA ALA A 99 7.18 -36.77 -31.47
C ALA A 99 7.05 -35.26 -31.70
N PHE A 100 8.13 -34.66 -32.17
CA PHE A 100 8.20 -33.22 -32.39
C PHE A 100 7.22 -32.82 -33.48
N ASP A 101 7.21 -33.57 -34.58
CA ASP A 101 6.27 -33.28 -35.66
C ASP A 101 4.81 -33.38 -35.19
N GLN A 102 4.49 -34.44 -34.47
CA GLN A 102 3.15 -34.59 -33.90
C GLN A 102 2.80 -33.41 -32.99
N PHE A 103 3.78 -33.00 -32.19
CA PHE A 103 3.60 -31.87 -31.29
C PHE A 103 3.23 -30.60 -32.06
N ARG A 104 4.06 -30.26 -33.05
CA ARG A 104 3.82 -29.07 -33.88
C ARG A 104 2.47 -29.13 -34.58
N GLU A 105 2.14 -30.31 -35.12
CA GLU A 105 0.86 -30.50 -35.81
C GLU A 105 -0.33 -30.27 -34.88
N ALA A 106 -0.23 -30.77 -33.65
CA ALA A 106 -1.33 -30.65 -32.70
C ALA A 106 -1.42 -29.29 -32.01
N HIS A 107 -0.32 -28.54 -31.98
CA HIS A 107 -0.28 -27.30 -31.21
C HIS A 107 0.44 -26.14 -31.93
N PRO A 108 -0.08 -25.74 -33.09
CA PRO A 108 0.58 -24.71 -33.91
C PRO A 108 0.90 -23.44 -33.12
N GLN A 109 0.04 -23.10 -32.17
CA GLN A 109 0.19 -21.85 -31.43
C GLN A 109 1.40 -21.88 -30.52
N ALA A 110 1.90 -23.08 -30.26
CA ALA A 110 3.03 -23.26 -29.35
C ALA A 110 4.22 -22.43 -29.79
N GLN A 111 4.98 -21.91 -28.82
CA GLN A 111 6.13 -21.06 -29.11
C GLN A 111 7.31 -21.83 -29.68
N LEU A 112 7.37 -23.12 -29.40
CA LEU A 112 8.56 -23.87 -29.74
C LEU A 112 8.37 -24.40 -31.15
N GLN A 113 9.06 -23.77 -32.10
CA GLN A 113 8.99 -24.21 -33.49
C GLN A 113 10.20 -24.99 -34.01
N ARG A 114 11.26 -25.09 -33.22
CA ARG A 114 12.51 -25.64 -33.74
C ARG A 114 13.24 -26.57 -32.78
N LEU A 115 13.69 -27.70 -33.32
CA LEU A 115 14.38 -28.72 -32.55
C LEU A 115 15.86 -28.74 -32.89
N HIS A 116 16.69 -28.92 -31.87
CA HIS A 116 18.13 -29.05 -32.08
C HIS A 116 18.59 -30.31 -31.36
N PHE A 117 19.34 -31.13 -32.06
CA PHE A 117 19.74 -32.44 -31.54
C PHE A 117 21.23 -32.62 -31.75
N ILE A 118 21.95 -32.81 -30.65
CA ILE A 118 23.39 -33.00 -30.68
C ILE A 118 23.64 -34.39 -30.17
N SER A 119 24.54 -35.14 -30.80
CA SER A 119 24.75 -36.53 -30.41
C SER A 119 26.13 -37.02 -30.86
N PHE A 120 26.58 -38.13 -30.28
CA PHE A 120 27.89 -38.63 -30.69
C PHE A 120 27.87 -40.06 -31.23
N GLU A 121 28.69 -40.34 -32.23
CA GLU A 121 28.89 -41.72 -32.68
C GLU A 121 30.36 -41.99 -33.00
N LYS A 122 30.94 -42.98 -32.32
CA LYS A 122 32.35 -43.30 -32.51
C LYS A 122 32.56 -44.14 -33.75
N PHE A 123 31.63 -45.06 -34.00
CA PHE A 123 31.72 -45.89 -35.18
C PHE A 123 30.43 -45.80 -35.98
N PRO A 124 30.35 -44.80 -36.88
CA PRO A 124 29.16 -44.48 -37.65
C PRO A 124 28.78 -45.64 -38.55
N LEU A 125 27.73 -45.47 -39.34
CA LEU A 125 27.26 -46.55 -40.21
C LEU A 125 27.30 -46.11 -41.67
N THR A 126 27.19 -47.07 -42.57
CA THR A 126 27.47 -46.84 -43.98
C THR A 126 26.27 -46.35 -44.76
N ARG A 127 25.17 -46.13 -44.04
CA ARG A 127 23.93 -45.63 -44.63
C ARG A 127 23.18 -46.71 -45.38
N ALA A 128 23.90 -47.75 -45.78
CA ALA A 128 23.25 -48.93 -46.34
C ALA A 128 22.79 -49.72 -45.15
N ASP A 129 23.71 -49.88 -44.20
CA ASP A 129 23.43 -50.56 -42.95
C ASP A 129 22.48 -49.71 -42.15
N LEU A 130 22.62 -48.39 -42.28
CA LEU A 130 21.72 -47.45 -41.62
C LEU A 130 20.31 -47.63 -42.16
N ALA A 131 20.20 -47.72 -43.48
CA ALA A 131 18.91 -47.92 -44.13
C ALA A 131 18.24 -49.24 -43.69
N LEU A 132 18.94 -50.35 -43.91
CA LEU A 132 18.34 -51.64 -43.59
C LEU A 132 18.22 -51.86 -42.08
N ALA A 133 18.84 -51.00 -41.30
CA ALA A 133 18.61 -50.95 -39.87
C ALA A 133 17.28 -50.25 -39.61
N HIS A 134 17.08 -49.12 -40.30
CA HIS A 134 15.84 -48.36 -40.20
C HIS A 134 14.65 -49.17 -40.68
N GLN A 135 14.90 -50.19 -41.50
CA GLN A 135 13.81 -51.03 -42.01
C GLN A 135 13.03 -51.72 -40.89
N HIS A 136 13.70 -51.98 -39.77
CA HIS A 136 13.07 -52.65 -38.62
C HIS A 136 11.90 -51.85 -38.05
N TRP A 137 11.96 -50.53 -38.21
CA TRP A 137 10.91 -49.66 -37.70
C TRP A 137 10.22 -48.90 -38.84
N PRO A 138 9.28 -49.56 -39.52
CA PRO A 138 8.65 -49.00 -40.73
C PRO A 138 7.84 -47.75 -40.42
N GLU A 139 7.26 -47.71 -39.22
CA GLU A 139 6.47 -46.56 -38.77
C GLU A 139 7.25 -45.25 -38.91
N LEU A 140 8.56 -45.31 -38.67
CA LEU A 140 9.42 -44.12 -38.70
C LEU A 140 9.94 -43.76 -40.09
N ALA A 141 9.64 -44.59 -41.08
CA ALA A 141 10.21 -44.42 -42.42
C ALA A 141 10.23 -42.95 -42.92
N PRO A 142 9.07 -42.28 -42.91
CA PRO A 142 9.03 -40.95 -43.52
C PRO A 142 10.08 -40.00 -42.94
N TRP A 143 10.46 -40.19 -41.68
CA TRP A 143 11.56 -39.43 -41.09
C TRP A 143 12.93 -40.03 -41.48
N ALA A 144 13.07 -41.34 -41.31
CA ALA A 144 14.34 -42.00 -41.57
C ALA A 144 14.87 -41.70 -42.97
N GLU A 145 13.98 -41.75 -43.95
CA GLU A 145 14.36 -41.42 -45.32
C GLU A 145 15.13 -40.11 -45.34
N GLN A 146 14.54 -39.07 -44.76
CA GLN A 146 15.19 -37.77 -44.69
C GLN A 146 16.57 -37.91 -44.06
N LEU A 147 16.62 -38.53 -42.89
CA LEU A 147 17.89 -38.72 -42.20
C LEU A 147 18.92 -39.41 -43.10
N GLN A 148 18.45 -40.32 -43.94
CA GLN A 148 19.36 -41.03 -44.83
C GLN A 148 19.80 -40.12 -45.97
N ALA A 149 18.86 -39.35 -46.49
CA ALA A 149 19.14 -38.52 -47.64
C ALA A 149 20.40 -37.70 -47.36
N GLN A 150 20.48 -37.15 -46.15
CA GLN A 150 21.62 -36.32 -45.74
C GLN A 150 22.72 -36.98 -44.90
N TRP A 151 22.65 -38.30 -44.70
CA TRP A 151 23.59 -38.95 -43.79
C TRP A 151 25.00 -38.65 -44.19
N PRO A 152 25.74 -37.97 -43.30
CA PRO A 152 27.07 -37.41 -43.51
C PRO A 152 28.14 -38.45 -43.77
N MET A 153 29.20 -38.00 -44.42
CA MET A 153 30.40 -38.78 -44.66
C MET A 153 31.12 -39.00 -43.33
N PRO A 154 31.76 -40.16 -43.17
CA PRO A 154 32.49 -40.52 -41.95
C PRO A 154 33.77 -39.70 -41.70
N LEU A 155 33.64 -38.38 -41.63
CA LEU A 155 34.75 -37.53 -41.21
C LEU A 155 34.73 -37.26 -39.70
N PRO A 156 35.89 -36.98 -39.10
CA PRO A 156 35.96 -36.65 -37.67
C PRO A 156 35.32 -35.30 -37.40
N GLY A 157 34.77 -35.13 -36.20
CA GLY A 157 34.26 -33.84 -35.79
C GLY A 157 32.76 -33.66 -35.94
N CYS A 158 32.35 -32.40 -35.96
CA CYS A 158 30.93 -32.05 -35.97
C CYS A 158 30.35 -31.94 -37.37
N HIS A 159 29.15 -32.47 -37.55
CA HIS A 159 28.47 -32.39 -38.83
C HIS A 159 27.03 -31.93 -38.67
N ARG A 160 26.70 -30.78 -39.23
CA ARG A 160 25.34 -30.26 -39.12
C ARG A 160 24.47 -30.69 -40.28
N LEU A 161 23.29 -31.23 -39.97
CA LEU A 161 22.27 -31.53 -40.95
C LEU A 161 21.07 -30.66 -40.69
N LEU A 162 20.59 -29.99 -41.74
CA LEU A 162 19.38 -29.18 -41.66
C LEU A 162 18.22 -29.98 -42.21
N LEU A 163 17.32 -30.40 -41.33
CA LEU A 163 16.24 -31.28 -41.75
C LEU A 163 14.88 -30.59 -41.64
N ASP A 164 13.97 -30.90 -42.55
CA ASP A 164 12.64 -30.31 -42.55
C ASP A 164 12.76 -28.80 -42.70
N GLU A 165 13.62 -28.37 -43.62
CA GLU A 165 13.90 -26.95 -43.84
C GLU A 165 14.11 -26.18 -42.55
N GLY A 166 15.00 -26.69 -41.71
CA GLY A 166 15.42 -25.98 -40.50
C GLY A 166 14.63 -26.35 -39.26
N ARG A 167 13.43 -26.88 -39.45
CA ARG A 167 12.61 -27.31 -38.34
C ARG A 167 13.47 -28.14 -37.37
N VAL A 168 14.20 -29.12 -37.89
CA VAL A 168 15.00 -30.00 -37.03
C VAL A 168 16.47 -29.96 -37.39
N THR A 169 17.32 -29.52 -36.46
CA THR A 169 18.75 -29.45 -36.73
C THR A 169 19.52 -30.54 -35.98
N LEU A 170 20.32 -31.31 -36.71
CA LEU A 170 21.06 -32.40 -36.08
C LEU A 170 22.58 -32.20 -36.17
N ASP A 171 23.26 -32.18 -35.03
CA ASP A 171 24.72 -32.11 -35.03
C ASP A 171 25.28 -33.47 -34.67
N LEU A 172 25.86 -34.14 -35.66
CA LEU A 172 26.47 -35.44 -35.44
C LEU A 172 27.96 -35.32 -35.25
N TRP A 173 28.45 -35.66 -34.05
CA TRP A 173 29.89 -35.64 -33.81
C TRP A 173 30.43 -37.06 -33.91
N PHE A 174 31.29 -37.31 -34.91
CA PHE A 174 31.91 -38.62 -35.02
C PHE A 174 33.23 -38.65 -34.27
N GLY A 175 33.29 -39.54 -33.28
CA GLY A 175 34.46 -39.72 -32.45
C GLY A 175 34.11 -40.30 -31.09
N ASP A 176 35.10 -40.34 -30.20
CA ASP A 176 34.88 -40.80 -28.83
C ASP A 176 34.29 -39.65 -28.02
N ILE A 177 33.10 -39.86 -27.46
CA ILE A 177 32.43 -38.78 -26.74
C ILE A 177 33.29 -38.22 -25.59
N ASN A 178 34.02 -39.11 -24.91
CA ASN A 178 34.87 -38.69 -23.80
C ASN A 178 36.09 -37.91 -24.27
N GLU A 179 36.54 -38.19 -25.49
CA GLU A 179 37.63 -37.43 -26.08
C GLU A 179 37.13 -36.08 -26.55
N LEU A 180 35.88 -36.05 -27.02
CA LEU A 180 35.30 -34.83 -27.59
C LEU A 180 34.74 -33.81 -26.58
N THR A 181 34.37 -34.26 -25.38
CA THR A 181 33.84 -33.33 -24.39
C THR A 181 34.81 -32.17 -24.12
N SER A 182 36.09 -32.50 -24.08
CA SER A 182 37.15 -31.51 -23.90
C SER A 182 37.09 -30.45 -24.99
N GLN A 183 36.91 -30.91 -26.22
CA GLN A 183 37.04 -30.07 -27.39
C GLN A 183 35.77 -29.27 -27.71
N LEU A 184 34.70 -29.50 -26.97
CA LEU A 184 33.45 -28.76 -27.22
C LEU A 184 33.61 -27.28 -26.90
N ASP A 185 32.84 -26.45 -27.59
CA ASP A 185 32.93 -25.01 -27.42
C ASP A 185 32.12 -24.52 -26.22
N ASP A 186 32.61 -23.48 -25.56
CA ASP A 186 31.93 -22.92 -24.38
C ASP A 186 30.52 -22.46 -24.71
N SER A 187 30.30 -22.08 -25.97
CA SER A 187 29.01 -21.59 -26.40
C SER A 187 27.94 -22.65 -26.17
N LEU A 188 28.38 -23.88 -25.94
CA LEU A 188 27.47 -25.01 -25.74
C LEU A 188 27.13 -25.25 -24.26
N ASN A 189 27.83 -24.56 -23.36
CA ASN A 189 27.61 -24.76 -21.94
C ASN A 189 26.25 -24.25 -21.48
N GLN A 190 25.48 -25.11 -20.82
CA GLN A 190 24.14 -24.77 -20.35
C GLN A 190 23.16 -24.43 -21.48
N LYS A 191 23.38 -25.02 -22.65
CA LYS A 191 22.43 -24.85 -23.76
C LYS A 191 21.52 -26.07 -23.93
N VAL A 192 21.77 -27.11 -23.15
CA VAL A 192 21.07 -28.39 -23.32
C VAL A 192 19.87 -28.55 -22.40
N ASP A 193 18.68 -28.66 -23.00
CA ASP A 193 17.43 -28.77 -22.25
C ASP A 193 17.17 -30.17 -21.71
N ALA A 194 17.45 -31.20 -22.50
CA ALA A 194 17.25 -32.56 -22.06
C ALA A 194 18.33 -33.47 -22.59
N TRP A 195 18.71 -34.47 -21.80
CA TRP A 195 19.78 -35.38 -22.17
C TRP A 195 19.25 -36.77 -22.42
N PHE A 196 19.69 -37.40 -23.49
CA PHE A 196 19.50 -38.84 -23.65
C PHE A 196 20.83 -39.48 -23.32
N LEU A 197 20.91 -40.07 -22.14
CA LEU A 197 22.11 -40.79 -21.78
C LEU A 197 21.80 -42.20 -22.20
N ASP A 198 22.45 -42.64 -23.26
CA ASP A 198 22.12 -43.93 -23.85
C ASP A 198 23.37 -44.58 -24.41
N GLY A 199 23.28 -45.87 -24.69
CA GLY A 199 24.42 -46.62 -25.17
C GLY A 199 24.28 -48.07 -24.75
N PHE A 200 25.41 -48.76 -24.67
CA PHE A 200 25.38 -50.13 -24.21
C PHE A 200 25.27 -50.17 -22.69
N ALA A 201 24.62 -51.19 -22.16
CA ALA A 201 24.37 -51.27 -20.73
C ALA A 201 25.68 -51.07 -19.94
N PRO A 202 25.61 -50.32 -18.84
CA PRO A 202 26.79 -50.07 -18.00
C PRO A 202 27.47 -51.38 -17.64
N ALA A 203 26.69 -52.37 -17.25
CA ALA A 203 27.20 -53.73 -17.14
C ALA A 203 27.31 -54.29 -18.56
N LYS A 204 28.49 -54.80 -18.88
CA LYS A 204 28.87 -55.21 -20.25
C LYS A 204 29.44 -54.09 -21.14
N ASN A 205 29.24 -52.82 -20.77
CA ASN A 205 30.09 -51.77 -21.33
C ASN A 205 30.33 -50.54 -20.46
N PRO A 206 31.01 -50.72 -19.31
CA PRO A 206 31.25 -49.55 -18.44
C PRO A 206 32.08 -48.46 -19.13
N ASP A 207 32.72 -48.80 -20.25
CA ASP A 207 33.65 -47.89 -20.93
C ASP A 207 33.15 -46.46 -21.22
N MET A 208 31.91 -46.33 -21.67
CA MET A 208 31.35 -45.02 -22.00
C MET A 208 30.93 -44.22 -20.76
N TRP A 209 30.53 -44.93 -19.71
CA TRP A 209 29.94 -44.25 -18.56
C TRP A 209 31.04 -43.91 -17.59
N THR A 210 31.38 -42.62 -17.55
CA THR A 210 32.54 -42.16 -16.80
C THR A 210 32.22 -40.83 -16.12
N GLN A 211 32.93 -40.51 -15.05
CA GLN A 211 32.71 -39.23 -14.39
C GLN A 211 32.91 -38.10 -15.39
N ASN A 212 33.82 -38.30 -16.35
CA ASN A 212 34.02 -37.34 -17.41
C ASN A 212 32.71 -36.99 -18.10
N LEU A 213 32.01 -38.03 -18.56
CA LEU A 213 30.74 -37.86 -19.25
C LEU A 213 29.69 -37.15 -18.39
N PHE A 214 29.59 -37.56 -17.13
CA PHE A 214 28.62 -36.97 -16.21
C PHE A 214 28.89 -35.49 -16.01
N ASN A 215 30.15 -35.16 -15.75
CA ASN A 215 30.55 -33.77 -15.62
C ASN A 215 30.21 -32.97 -16.87
N ALA A 216 30.51 -33.53 -18.04
CA ALA A 216 30.22 -32.85 -19.29
C ALA A 216 28.72 -32.56 -19.44
N MET A 217 27.91 -33.60 -19.22
CA MET A 217 26.46 -33.46 -19.28
C MET A 217 25.99 -32.36 -18.31
N ALA A 218 26.61 -32.33 -17.14
CA ALA A 218 26.29 -31.32 -16.12
C ALA A 218 26.62 -29.93 -16.63
N ARG A 219 27.74 -29.81 -17.33
CA ARG A 219 28.19 -28.54 -17.87
C ARG A 219 27.26 -28.03 -18.98
N LEU A 220 26.82 -28.93 -19.86
CA LEU A 220 25.97 -28.54 -20.98
C LEU A 220 24.50 -28.36 -20.62
N ALA A 221 24.03 -29.09 -19.61
CA ALA A 221 22.63 -28.98 -19.21
C ALA A 221 22.38 -27.59 -18.68
N ARG A 222 21.38 -26.91 -19.22
CA ARG A 222 21.03 -25.59 -18.70
C ARG A 222 20.25 -25.75 -17.40
N PRO A 223 20.31 -24.73 -16.53
CA PRO A 223 19.63 -24.86 -15.25
C PRO A 223 18.17 -25.22 -15.49
N GLY A 224 17.68 -26.23 -14.79
CA GLY A 224 16.32 -26.69 -14.99
C GLY A 224 16.25 -27.77 -16.06
N GLY A 225 17.35 -27.94 -16.79
CA GLY A 225 17.44 -28.99 -17.79
C GLY A 225 17.37 -30.36 -17.15
N THR A 226 17.04 -31.37 -17.96
CA THR A 226 16.84 -32.72 -17.44
C THR A 226 17.70 -33.73 -18.16
N LEU A 227 17.62 -34.97 -17.68
CA LEU A 227 18.22 -36.10 -18.37
C LEU A 227 17.52 -37.38 -17.94
N ALA A 228 17.61 -38.39 -18.78
CA ALA A 228 16.99 -39.67 -18.52
C ALA A 228 17.85 -40.76 -19.14
N THR A 229 17.96 -41.88 -18.44
CA THR A 229 18.65 -43.06 -18.94
C THR A 229 17.94 -44.33 -18.51
N PHE A 230 18.09 -45.37 -19.31
CA PHE A 230 17.43 -46.64 -19.08
C PHE A 230 17.98 -47.40 -17.87
N THR A 231 19.21 -47.10 -17.48
CA THR A 231 19.87 -47.86 -16.43
C THR A 231 19.67 -47.30 -15.01
N SER A 232 19.46 -48.21 -14.07
CA SER A 232 19.36 -47.88 -12.65
C SER A 232 20.68 -48.08 -11.92
N ALA A 233 21.72 -48.44 -12.67
CA ALA A 233 23.00 -48.82 -12.08
C ALA A 233 23.47 -47.79 -11.08
N GLY A 234 24.10 -48.24 -10.00
CA GLY A 234 24.48 -47.37 -8.93
C GLY A 234 25.53 -46.32 -9.27
N PHE A 235 26.67 -46.77 -9.79
CA PHE A 235 27.79 -45.85 -10.04
C PHE A 235 27.38 -44.74 -11.00
N VAL A 236 26.42 -45.04 -11.86
CA VAL A 236 25.81 -44.05 -12.74
C VAL A 236 25.06 -43.00 -11.93
N ARG A 237 24.18 -43.45 -11.03
CA ARG A 237 23.42 -42.53 -10.19
C ARG A 237 24.33 -41.64 -9.34
N ARG A 238 25.19 -42.26 -8.54
CA ARG A 238 26.09 -41.49 -7.69
C ARG A 238 27.00 -40.59 -8.51
N GLY A 239 27.40 -41.06 -9.69
CA GLY A 239 28.28 -40.31 -10.56
C GLY A 239 27.61 -39.05 -11.09
N LEU A 240 26.35 -39.20 -11.50
CA LEU A 240 25.53 -38.09 -11.98
C LEU A 240 25.18 -37.12 -10.84
N GLN A 241 25.15 -37.63 -9.62
CA GLN A 241 24.91 -36.79 -8.46
C GLN A 241 26.14 -35.97 -8.13
N ASP A 242 27.32 -36.57 -8.28
CA ASP A 242 28.57 -35.85 -8.11
C ASP A 242 28.68 -34.74 -9.16
N ALA A 243 28.26 -35.06 -10.39
CA ALA A 243 28.31 -34.09 -11.47
C ALA A 243 27.36 -32.94 -11.21
N GLY A 244 26.50 -33.09 -10.22
CA GLY A 244 25.62 -32.01 -9.81
C GLY A 244 24.14 -32.13 -10.16
N PHE A 245 23.76 -33.26 -10.74
CA PHE A 245 22.34 -33.49 -11.04
C PHE A 245 21.60 -33.94 -9.79
N THR A 246 20.29 -33.68 -9.77
CA THR A 246 19.40 -34.24 -8.76
C THR A 246 18.71 -35.45 -9.37
N MET A 247 18.96 -36.63 -8.81
CA MET A 247 18.54 -37.89 -9.43
C MET A 247 17.35 -38.57 -8.77
N GLN A 248 16.54 -39.24 -9.59
CA GLN A 248 15.40 -40.02 -9.11
C GLN A 248 15.25 -41.34 -9.87
N LYS A 249 14.94 -42.40 -9.14
CA LYS A 249 14.64 -43.68 -9.75
C LYS A 249 13.20 -43.64 -10.29
N ARG A 250 12.93 -44.46 -11.29
CA ARG A 250 11.57 -44.59 -11.82
C ARG A 250 11.38 -45.99 -12.37
N LYS A 251 10.15 -46.48 -12.34
CA LYS A 251 9.87 -47.82 -12.83
C LYS A 251 10.43 -47.95 -14.24
N GLY A 252 11.04 -49.09 -14.53
CA GLY A 252 11.51 -49.37 -15.88
C GLY A 252 10.35 -49.73 -16.79
N PHE A 253 10.64 -49.95 -18.07
CA PHE A 253 9.59 -50.27 -19.01
C PHE A 253 9.27 -51.75 -19.04
N GLY A 254 8.00 -52.09 -18.85
CA GLY A 254 7.56 -53.46 -18.85
C GLY A 254 8.31 -54.33 -17.86
N ARG A 255 8.88 -55.41 -18.36
CA ARG A 255 9.53 -56.40 -17.51
C ARG A 255 10.82 -55.86 -16.88
N LYS A 256 11.40 -54.82 -17.46
CA LYS A 256 12.69 -54.35 -16.99
C LYS A 256 12.55 -53.67 -15.64
N ARG A 257 13.68 -53.30 -15.05
CA ARG A 257 13.68 -52.75 -13.70
C ARG A 257 13.89 -51.26 -13.71
N GLU A 258 14.03 -50.68 -12.52
CA GLU A 258 14.03 -49.23 -12.36
C GLU A 258 15.01 -48.57 -13.33
N MET A 259 14.62 -47.40 -13.80
CA MET A 259 15.40 -46.59 -14.75
C MET A 259 15.74 -45.30 -14.05
N LEU A 260 16.72 -44.57 -14.57
CA LEU A 260 17.17 -43.36 -13.89
C LEU A 260 16.74 -42.10 -14.63
N CYS A 261 16.29 -41.09 -13.89
CA CYS A 261 16.16 -39.76 -14.51
C CYS A 261 16.32 -38.65 -13.50
N GLY A 262 16.95 -37.56 -13.92
CA GLY A 262 17.31 -36.49 -13.01
C GLY A 262 17.24 -35.14 -13.69
N VAL A 263 17.42 -34.08 -12.92
CA VAL A 263 17.37 -32.73 -13.47
C VAL A 263 18.40 -31.86 -12.76
N MET A 264 18.88 -30.83 -13.44
CA MET A 264 19.90 -29.97 -12.85
C MET A 264 19.19 -28.82 -12.14
N GLU A 265 19.20 -28.88 -10.82
CA GLU A 265 18.37 -27.98 -10.02
C GLU A 265 19.14 -26.76 -9.52
N GLN A 266 20.37 -26.61 -9.98
CA GLN A 266 21.17 -25.47 -9.61
C GLN A 266 21.76 -24.77 -10.83
N THR A 267 22.23 -23.54 -10.64
CA THR A 267 22.95 -22.84 -11.69
C THR A 267 24.43 -22.92 -11.38
N LEU A 268 25.14 -23.75 -12.14
CA LEU A 268 26.57 -23.91 -11.91
C LEU A 268 27.33 -22.73 -12.49
N PRO A 269 28.52 -22.45 -11.96
CA PRO A 269 29.36 -21.41 -12.55
C PRO A 269 29.88 -21.82 -13.93
N LEU A 270 29.80 -20.92 -14.90
CA LEU A 270 30.31 -21.19 -16.25
C LEU A 270 31.82 -20.99 -16.31
N PRO A 271 32.52 -22.00 -16.84
CA PRO A 271 34.00 -22.12 -16.86
C PRO A 271 34.79 -21.03 -17.62
N CYS A 272 34.39 -20.71 -18.84
CA CYS A 272 35.16 -19.77 -19.69
C CYS A 272 36.68 -20.05 -19.68
N SER A 273 37.08 -21.14 -20.30
CA SER A 273 38.48 -21.60 -20.30
C SER A 273 39.47 -20.59 -20.87
N ALA A 274 39.24 -20.17 -22.11
CA ALA A 274 40.10 -19.19 -22.78
C ALA A 274 39.28 -18.02 -23.29
N PRO A 275 39.15 -16.96 -22.48
CA PRO A 275 38.28 -15.82 -22.79
C PRO A 275 38.71 -15.02 -24.01
N TRP A 276 40.01 -14.98 -24.30
CA TRP A 276 40.48 -14.23 -25.45
C TRP A 276 39.85 -14.73 -26.76
N PHE A 277 39.47 -16.00 -26.79
CA PHE A 277 38.86 -16.61 -27.97
C PHE A 277 37.33 -16.71 -27.93
N ASN A 278 36.71 -16.27 -26.82
CA ASN A 278 35.31 -16.60 -26.61
C ASN A 278 34.33 -15.82 -27.50
N ARG A 279 33.27 -16.51 -27.92
CA ARG A 279 32.30 -15.96 -28.85
C ARG A 279 30.96 -15.62 -28.18
N THR A 280 30.59 -14.34 -28.23
CA THR A 280 29.31 -13.91 -27.66
C THR A 280 28.31 -13.50 -28.75
N GLY A 281 27.02 -13.63 -28.43
CA GLY A 281 25.97 -13.28 -29.36
C GLY A 281 25.29 -11.96 -29.03
N SER A 282 24.02 -11.85 -29.36
CA SER A 282 23.21 -10.70 -28.98
C SER A 282 21.84 -11.12 -28.43
N SER A 283 21.25 -10.28 -27.59
CA SER A 283 19.91 -10.54 -27.08
C SER A 283 18.89 -9.88 -28.00
N LYS A 284 19.38 -9.07 -28.93
CA LYS A 284 18.51 -8.31 -29.83
C LYS A 284 18.28 -9.11 -31.11
N ARG A 285 17.07 -9.04 -31.64
CA ARG A 285 16.73 -9.79 -32.84
C ARG A 285 16.69 -9.05 -34.18
N GLU A 286 17.10 -7.78 -34.20
CA GLU A 286 17.08 -6.98 -35.42
C GLU A 286 18.50 -6.61 -35.87
N ALA A 287 18.89 -7.08 -37.06
CA ALA A 287 20.25 -6.86 -37.55
C ALA A 287 20.35 -6.30 -38.96
N ALA A 288 21.37 -5.47 -39.16
CA ALA A 288 21.76 -5.01 -40.49
C ALA A 288 23.05 -5.69 -40.95
N ILE A 289 23.09 -6.04 -42.23
CA ILE A 289 24.24 -6.64 -42.88
C ILE A 289 24.76 -5.70 -43.95
N ILE A 290 26.07 -5.52 -44.00
CA ILE A 290 26.70 -4.74 -45.08
C ILE A 290 27.33 -5.77 -46.00
N GLY A 291 27.02 -5.71 -47.29
CA GLY A 291 27.16 -6.90 -48.12
C GLY A 291 26.62 -6.84 -49.54
N GLY A 292 26.11 -7.98 -49.99
CA GLY A 292 25.72 -8.20 -51.37
C GLY A 292 26.50 -9.29 -52.06
N GLY A 293 27.39 -9.94 -51.32
CA GLY A 293 28.07 -11.12 -51.83
C GLY A 293 27.54 -12.41 -51.21
N ILE A 294 28.07 -13.55 -51.65
CA ILE A 294 27.61 -14.86 -51.18
C ILE A 294 27.49 -14.90 -49.64
N ALA A 295 28.48 -14.33 -48.97
CA ALA A 295 28.51 -14.30 -47.52
C ALA A 295 27.24 -13.69 -46.95
N SER A 296 26.94 -12.46 -47.38
CA SER A 296 25.74 -11.78 -46.88
C SER A 296 24.47 -12.59 -47.16
N ALA A 297 24.34 -13.14 -48.37
CA ALA A 297 23.16 -13.91 -48.72
C ALA A 297 22.93 -15.12 -47.80
N LEU A 298 23.94 -15.99 -47.74
CA LEU A 298 23.85 -17.17 -46.88
C LEU A 298 23.55 -16.77 -45.45
N LEU A 299 24.21 -15.71 -44.99
CA LEU A 299 23.99 -15.26 -43.63
C LEU A 299 22.54 -14.87 -43.44
N SER A 300 21.98 -14.13 -44.39
CA SER A 300 20.63 -13.62 -44.22
C SER A 300 19.61 -14.75 -44.19
N LEU A 301 19.79 -15.76 -45.03
CA LEU A 301 18.97 -16.97 -44.85
C LEU A 301 19.09 -17.45 -43.40
N ALA A 302 20.31 -17.69 -42.96
CA ALA A 302 20.54 -18.28 -41.63
C ALA A 302 19.90 -17.48 -40.50
N LEU A 303 19.86 -16.17 -40.66
CA LEU A 303 19.28 -15.32 -39.63
C LEU A 303 17.76 -15.36 -39.68
N LEU A 304 17.18 -15.23 -40.88
CA LEU A 304 15.73 -15.17 -41.01
C LEU A 304 15.15 -16.45 -40.44
N ARG A 305 15.81 -17.55 -40.77
CA ARG A 305 15.46 -18.86 -40.24
C ARG A 305 15.31 -18.83 -38.71
N ARG A 306 16.12 -17.99 -38.05
CA ARG A 306 16.18 -17.92 -36.59
C ARG A 306 15.31 -16.82 -35.96
N GLY A 307 14.47 -16.19 -36.76
CA GLY A 307 13.52 -15.23 -36.24
C GLY A 307 14.09 -13.82 -36.18
N TRP A 308 15.14 -13.60 -36.96
CA TRP A 308 15.77 -12.30 -37.02
C TRP A 308 15.09 -11.42 -38.05
N GLN A 309 14.97 -10.15 -37.74
CA GLN A 309 14.54 -9.15 -38.69
C GLN A 309 15.81 -8.63 -39.35
N VAL A 310 15.95 -8.85 -40.66
CA VAL A 310 17.22 -8.55 -41.33
C VAL A 310 17.14 -7.49 -42.43
N THR A 311 18.15 -6.62 -42.47
CA THR A 311 18.24 -5.61 -43.53
C THR A 311 19.63 -5.62 -44.17
N LEU A 312 19.71 -5.62 -45.49
CA LEU A 312 21.01 -5.64 -46.17
C LEU A 312 21.27 -4.34 -46.95
N TYR A 313 22.42 -3.71 -46.68
CA TYR A 313 22.85 -2.54 -47.46
C TYR A 313 23.99 -2.93 -48.39
N CYS A 314 23.82 -2.62 -49.68
CA CYS A 314 24.82 -2.97 -50.69
C CYS A 314 25.26 -1.73 -51.44
N ALA A 315 26.57 -1.59 -51.62
CA ALA A 315 27.13 -0.37 -52.20
C ALA A 315 26.83 -0.25 -53.69
N ASP A 316 26.80 -1.38 -54.38
CA ASP A 316 26.59 -1.41 -55.83
C ASP A 316 25.12 -1.34 -56.21
N GLU A 317 24.84 -1.33 -57.51
CA GLU A 317 23.47 -1.31 -58.01
C GLU A 317 22.81 -2.67 -57.80
N ALA A 318 23.62 -3.72 -57.89
CA ALA A 318 23.13 -5.09 -57.82
C ALA A 318 24.05 -5.92 -56.93
N PRO A 319 23.59 -7.09 -56.50
CA PRO A 319 24.53 -7.91 -55.72
C PRO A 319 25.46 -8.72 -56.63
N ALA A 320 26.39 -9.43 -56.02
CA ALA A 320 27.35 -10.25 -56.75
C ALA A 320 28.18 -9.48 -57.79
N LEU A 321 28.44 -8.21 -57.52
CA LEU A 321 29.35 -7.44 -58.38
C LEU A 321 30.74 -7.34 -57.76
N GLY A 322 30.92 -7.98 -56.60
CA GLY A 322 32.21 -8.10 -55.98
C GLY A 322 32.84 -9.41 -56.40
N ALA A 323 33.64 -10.01 -55.52
CA ALA A 323 34.35 -11.25 -55.85
C ALA A 323 33.41 -12.43 -56.10
N SER A 324 32.16 -12.29 -55.68
CA SER A 324 31.20 -13.37 -55.86
C SER A 324 30.57 -13.34 -57.26
N GLY A 325 31.05 -12.43 -58.09
CA GLY A 325 30.48 -12.23 -59.42
C GLY A 325 30.96 -13.10 -60.57
N ASN A 326 31.72 -14.15 -60.29
CA ASN A 326 32.18 -15.04 -61.36
C ASN A 326 31.08 -15.89 -62.03
N ARG A 327 31.31 -16.34 -63.26
CA ARG A 327 30.34 -17.19 -63.97
C ARG A 327 30.43 -18.64 -63.51
N GLN A 328 31.64 -19.13 -63.36
CA GLN A 328 31.88 -20.46 -62.82
C GLN A 328 32.96 -20.42 -61.76
N GLY A 329 32.76 -21.17 -60.69
CA GLY A 329 33.73 -21.20 -59.62
C GLY A 329 33.77 -22.60 -59.07
N ALA A 330 34.84 -22.93 -58.36
CA ALA A 330 35.10 -24.31 -58.02
C ALA A 330 34.81 -24.65 -56.57
N LEU A 331 34.13 -25.77 -56.38
CA LEU A 331 33.75 -26.25 -55.07
C LEU A 331 34.63 -27.44 -54.71
N TYR A 332 35.50 -27.26 -53.72
CA TYR A 332 36.37 -28.33 -53.23
C TYR A 332 37.13 -27.86 -52.00
N PRO A 333 37.49 -28.80 -51.11
CA PRO A 333 38.13 -28.51 -49.82
C PRO A 333 39.63 -28.24 -49.96
N LEU A 334 40.18 -27.46 -49.03
CA LEU A 334 41.62 -27.31 -48.95
C LEU A 334 42.10 -28.19 -47.83
N LEU A 335 42.75 -29.30 -48.16
CA LEU A 335 43.18 -30.25 -47.14
C LEU A 335 44.62 -30.01 -46.74
N SER A 336 44.89 -30.12 -45.45
CA SER A 336 46.22 -29.94 -44.95
C SER A 336 46.55 -31.10 -44.00
N LYS A 337 47.72 -31.69 -44.17
CA LYS A 337 48.17 -32.72 -43.25
C LYS A 337 48.73 -32.10 -41.98
N HIS A 338 49.46 -31.00 -42.14
CA HIS A 338 50.15 -30.39 -41.00
C HIS A 338 49.45 -29.18 -40.37
N ASP A 339 48.32 -28.77 -40.92
CA ASP A 339 47.48 -27.78 -40.24
C ASP A 339 46.15 -28.44 -39.85
N GLU A 340 46.00 -28.72 -38.56
CA GLU A 340 44.85 -29.46 -38.06
C GLU A 340 43.56 -28.68 -38.28
N ALA A 341 43.52 -27.46 -37.78
CA ALA A 341 42.33 -26.61 -37.88
C ALA A 341 41.91 -26.43 -39.33
N LEU A 342 42.83 -25.95 -40.15
CA LEU A 342 42.52 -25.70 -41.55
C LEU A 342 41.86 -26.91 -42.17
N ASN A 343 42.52 -28.07 -42.05
CA ASN A 343 42.01 -29.31 -42.63
C ASN A 343 40.64 -29.74 -42.07
N ARG A 344 40.49 -29.68 -40.75
CA ARG A 344 39.22 -30.02 -40.11
C ARG A 344 38.12 -29.18 -40.73
N PHE A 345 38.32 -27.87 -40.64
CA PHE A 345 37.35 -26.91 -41.11
C PHE A 345 36.97 -27.12 -42.57
N PHE A 346 37.95 -27.21 -43.45
CA PHE A 346 37.60 -27.37 -44.85
C PHE A 346 36.91 -28.70 -45.16
N SER A 347 37.30 -29.76 -44.47
CA SER A 347 36.62 -31.04 -44.66
C SER A 347 35.13 -30.94 -44.30
N ASN A 348 34.88 -30.52 -43.06
CA ASN A 348 33.52 -30.48 -42.57
C ASN A 348 32.68 -29.44 -43.31
N ALA A 349 33.30 -28.30 -43.60
CA ALA A 349 32.62 -27.22 -44.30
C ALA A 349 32.36 -27.56 -45.76
N PHE A 350 33.23 -28.37 -46.34
CA PHE A 350 33.03 -28.80 -47.72
C PHE A 350 31.85 -29.77 -47.81
N THR A 351 31.83 -30.77 -46.94
CA THR A 351 30.71 -31.72 -46.93
C THR A 351 29.37 -31.04 -46.59
N PHE A 352 29.38 -30.23 -45.54
CA PHE A 352 28.23 -29.40 -45.23
C PHE A 352 27.83 -28.56 -46.45
N ALA A 353 28.83 -28.00 -47.12
CA ALA A 353 28.56 -27.14 -48.27
C ALA A 353 27.74 -27.89 -49.31
N ARG A 354 28.19 -29.08 -49.68
CA ARG A 354 27.44 -29.89 -50.65
C ARG A 354 26.01 -30.23 -50.18
N ARG A 355 25.89 -30.70 -48.95
CA ARG A 355 24.56 -30.97 -48.39
C ARG A 355 23.65 -29.75 -48.55
N PHE A 356 24.13 -28.62 -48.02
CA PHE A 356 23.43 -27.36 -48.03
C PHE A 356 23.00 -26.96 -49.46
N TYR A 357 23.93 -27.00 -50.39
CA TYR A 357 23.64 -26.58 -51.76
C TYR A 357 22.57 -27.47 -52.38
N ASP A 358 22.60 -28.76 -52.04
CA ASP A 358 21.58 -29.68 -52.51
C ASP A 358 20.20 -29.33 -51.96
N GLN A 359 20.12 -29.11 -50.65
CA GLN A 359 18.86 -28.73 -49.98
C GLN A 359 18.30 -27.37 -50.41
N LEU A 360 19.18 -26.43 -50.70
CA LEU A 360 18.80 -25.05 -50.99
C LEU A 360 17.82 -24.97 -52.16
N PRO A 361 16.59 -24.46 -51.91
CA PRO A 361 15.52 -24.37 -52.91
C PRO A 361 15.69 -23.16 -53.81
N VAL A 362 16.77 -23.15 -54.58
CA VAL A 362 17.12 -22.02 -55.41
C VAL A 362 17.65 -22.49 -56.77
N LYS A 363 17.33 -21.74 -57.82
CA LYS A 363 17.83 -22.08 -59.15
C LYS A 363 19.22 -21.46 -59.31
N PHE A 364 20.24 -22.30 -59.44
CA PHE A 364 21.57 -21.82 -59.82
C PHE A 364 22.32 -22.85 -60.68
N ASP A 365 22.84 -22.42 -61.83
CA ASP A 365 23.62 -23.31 -62.69
C ASP A 365 24.73 -23.95 -61.88
N HIS A 366 24.93 -25.27 -62.05
CA HIS A 366 26.02 -25.97 -61.38
C HIS A 366 26.07 -27.43 -61.77
N ASP A 367 27.23 -28.04 -61.57
CA ASP A 367 27.40 -29.46 -61.82
C ASP A 367 28.36 -30.00 -60.76
N TRP A 368 28.05 -31.10 -60.09
CA TRP A 368 29.10 -31.65 -59.23
C TRP A 368 29.74 -32.77 -60.03
N CYS A 369 30.79 -32.43 -60.76
CA CYS A 369 31.33 -33.35 -61.74
C CYS A 369 32.55 -34.02 -61.19
N GLY A 370 32.95 -33.56 -60.00
CA GLY A 370 34.21 -33.94 -59.41
C GLY A 370 35.27 -32.93 -59.80
N VAL A 371 36.24 -32.74 -58.93
CA VAL A 371 37.34 -31.82 -59.17
C VAL A 371 38.64 -32.61 -59.14
N THR A 372 39.45 -32.47 -60.17
CA THR A 372 40.72 -33.19 -60.20
C THR A 372 41.92 -32.25 -60.15
N GLN A 373 42.83 -32.53 -59.23
CA GLN A 373 44.00 -31.70 -58.99
C GLN A 373 45.24 -32.49 -59.38
N LEU A 374 46.01 -31.98 -60.34
CA LEU A 374 47.16 -32.71 -60.87
C LEU A 374 48.48 -32.21 -60.29
N GLY A 375 49.32 -33.11 -59.80
CA GLY A 375 50.70 -32.72 -59.62
C GLY A 375 51.29 -32.63 -61.00
N TRP A 376 51.65 -31.42 -61.44
CA TRP A 376 52.24 -31.27 -62.76
C TRP A 376 53.75 -31.25 -62.64
N ASP A 377 54.21 -31.16 -61.40
CA ASP A 377 55.61 -30.91 -61.09
C ASP A 377 55.90 -31.46 -59.70
N GLU A 378 57.03 -31.07 -59.12
CA GLU A 378 57.47 -31.61 -57.84
C GLU A 378 56.58 -31.12 -56.70
N LYS A 379 56.61 -29.82 -56.44
CA LYS A 379 55.90 -29.25 -55.30
C LYS A 379 54.46 -29.78 -55.22
N SER A 380 53.79 -29.80 -56.37
CA SER A 380 52.40 -30.26 -56.44
C SER A 380 52.28 -31.75 -56.17
N GLN A 381 53.08 -32.56 -56.86
CA GLN A 381 53.09 -34.00 -56.61
C GLN A 381 53.27 -34.28 -55.12
N HIS A 382 54.03 -33.42 -54.45
CA HIS A 382 54.32 -33.62 -53.04
C HIS A 382 53.16 -33.24 -52.14
N LYS A 383 52.54 -32.09 -52.39
CA LYS A 383 51.34 -31.69 -51.62
C LYS A 383 50.25 -32.75 -51.76
N ILE A 384 50.00 -33.15 -53.00
CA ILE A 384 49.09 -34.24 -53.29
C ILE A 384 49.47 -35.48 -52.48
N ALA A 385 50.74 -35.85 -52.56
CA ALA A 385 51.26 -37.01 -51.83
C ALA A 385 50.93 -36.97 -50.34
N GLN A 386 51.24 -35.87 -49.67
CA GLN A 386 50.88 -35.72 -48.26
C GLN A 386 49.39 -35.99 -48.06
N MET A 387 48.58 -35.28 -48.84
CA MET A 387 47.14 -35.45 -48.73
C MET A 387 46.74 -36.93 -48.80
N LEU A 388 47.32 -37.67 -49.75
CA LEU A 388 46.98 -39.08 -49.87
C LEU A 388 47.54 -39.89 -48.71
N SER A 389 48.57 -39.35 -48.07
CA SER A 389 49.24 -40.02 -46.97
C SER A 389 48.40 -39.91 -45.70
N MET A 390 47.46 -38.97 -45.67
CA MET A 390 46.59 -38.88 -44.49
C MET A 390 45.37 -39.82 -44.46
N ASP A 391 45.24 -40.67 -45.48
CA ASP A 391 44.29 -41.79 -45.41
C ASP A 391 42.85 -41.34 -45.11
N LEU A 392 42.19 -40.75 -46.11
CA LEU A 392 40.85 -40.23 -45.92
C LEU A 392 39.84 -41.03 -46.73
N PRO A 393 38.55 -40.98 -46.33
CA PRO A 393 37.53 -41.73 -47.07
C PRO A 393 37.55 -41.34 -48.55
N ALA A 394 37.43 -42.34 -49.42
CA ALA A 394 37.55 -42.10 -50.86
C ALA A 394 36.40 -41.29 -51.45
N GLU A 395 35.35 -41.07 -50.66
CA GLU A 395 34.23 -40.26 -51.14
C GLU A 395 34.58 -38.79 -50.95
N LEU A 396 35.69 -38.54 -50.27
CA LEU A 396 36.18 -37.18 -50.05
C LEU A 396 37.28 -36.86 -51.06
N ALA A 397 38.37 -37.61 -50.96
CA ALA A 397 39.49 -37.47 -51.88
C ALA A 397 40.10 -38.83 -52.17
N VAL A 398 40.53 -39.04 -53.40
CA VAL A 398 41.14 -40.31 -53.78
C VAL A 398 42.15 -40.11 -54.90
N ALA A 399 43.25 -40.85 -54.85
CA ALA A 399 44.31 -40.74 -55.86
C ALA A 399 43.80 -41.15 -57.23
N VAL A 400 44.39 -40.59 -58.28
CA VAL A 400 44.09 -40.96 -59.65
C VAL A 400 45.36 -41.06 -60.48
N GLU A 401 45.57 -42.22 -61.08
CA GLU A 401 46.78 -42.45 -61.86
C GLU A 401 46.67 -41.81 -63.24
N ALA A 402 47.82 -41.50 -63.83
CA ALA A 402 47.88 -40.75 -65.09
C ALA A 402 47.05 -41.37 -66.22
N ASN A 403 46.90 -42.69 -66.20
CA ASN A 403 46.06 -43.39 -67.18
C ASN A 403 44.56 -43.27 -66.91
N ALA A 404 44.18 -43.20 -65.63
CA ALA A 404 42.78 -43.06 -65.25
C ALA A 404 42.30 -41.62 -65.43
N VAL A 405 43.26 -40.70 -65.43
CA VAL A 405 42.94 -39.28 -65.52
C VAL A 405 42.13 -38.96 -66.77
N GLU A 406 42.48 -39.56 -67.90
CA GLU A 406 41.74 -39.27 -69.12
C GLU A 406 40.29 -39.75 -69.04
N GLN A 407 40.09 -40.96 -68.53
CA GLN A 407 38.73 -41.47 -68.42
C GLN A 407 37.88 -40.62 -67.47
N ILE A 408 38.47 -40.20 -66.36
CA ILE A 408 37.73 -39.44 -65.36
C ILE A 408 37.46 -37.99 -65.75
N THR A 409 38.48 -37.28 -66.20
CA THR A 409 38.33 -35.86 -66.55
C THR A 409 37.95 -35.65 -68.01
N GLY A 410 38.07 -36.70 -68.82
CA GLY A 410 37.79 -36.61 -70.25
C GLY A 410 38.98 -36.09 -71.03
N VAL A 411 40.06 -35.79 -70.31
CA VAL A 411 41.20 -35.12 -70.90
C VAL A 411 42.51 -35.69 -70.36
N ALA A 412 43.50 -35.90 -71.23
CA ALA A 412 44.73 -36.56 -70.83
C ALA A 412 45.82 -35.57 -70.37
N THR A 413 46.14 -35.62 -69.09
CA THR A 413 47.10 -34.70 -68.49
C THR A 413 48.52 -35.23 -68.48
N ASN A 414 48.68 -36.52 -68.76
CA ASN A 414 50.00 -37.12 -68.72
C ASN A 414 50.67 -36.95 -67.36
N CYS A 415 49.93 -37.24 -66.30
CA CYS A 415 50.45 -37.17 -64.93
C CYS A 415 49.36 -37.54 -63.95
N SER A 416 49.74 -37.90 -62.74
CA SER A 416 48.78 -38.35 -61.74
C SER A 416 48.21 -37.18 -60.93
N GLY A 417 47.31 -37.50 -60.01
CA GLY A 417 46.69 -36.46 -59.22
C GLY A 417 45.80 -37.00 -58.13
N ILE A 418 44.93 -36.13 -57.62
CA ILE A 418 43.99 -36.50 -56.59
C ILE A 418 42.61 -35.98 -56.99
N THR A 419 41.56 -36.65 -56.54
CA THR A 419 40.21 -36.30 -56.98
C THR A 419 39.22 -36.13 -55.85
N TYR A 420 38.53 -35.00 -55.83
CA TYR A 420 37.41 -34.81 -54.92
C TYR A 420 36.12 -35.04 -55.71
N PRO A 421 35.49 -36.21 -55.50
CA PRO A 421 34.34 -36.64 -56.29
C PRO A 421 33.06 -35.88 -55.99
N GLN A 422 32.91 -35.37 -54.77
CA GLN A 422 31.70 -34.64 -54.39
C GLN A 422 31.74 -33.17 -54.83
N GLY A 423 32.91 -32.70 -55.24
CA GLY A 423 33.09 -31.32 -55.65
C GLY A 423 32.64 -31.05 -57.09
N GLY A 424 32.85 -29.81 -57.55
CA GLY A 424 32.45 -29.43 -58.89
C GLY A 424 32.53 -27.93 -59.10
N TRP A 425 31.75 -27.41 -60.05
CA TRP A 425 31.65 -25.96 -60.22
C TRP A 425 30.20 -25.49 -60.01
N LEU A 426 30.05 -24.23 -59.60
CA LEU A 426 28.73 -23.61 -59.52
C LEU A 426 28.85 -22.16 -59.96
N CYS A 427 27.73 -21.53 -60.33
CA CYS A 427 27.77 -20.13 -60.71
C CYS A 427 27.49 -19.25 -59.48
N PRO A 428 28.55 -18.63 -58.95
CA PRO A 428 28.37 -17.89 -57.71
C PRO A 428 27.48 -16.66 -57.87
N ALA A 429 27.55 -15.98 -59.01
CA ALA A 429 26.75 -14.77 -59.20
C ALA A 429 25.25 -15.10 -59.17
N GLU A 430 24.86 -16.10 -59.96
CA GLU A 430 23.46 -16.53 -59.99
C GLU A 430 23.00 -17.02 -58.62
N LEU A 431 23.84 -17.80 -57.95
CA LEU A 431 23.54 -18.29 -56.60
C LEU A 431 23.29 -17.16 -55.63
N THR A 432 24.19 -16.20 -55.57
CA THR A 432 24.08 -15.11 -54.62
C THR A 432 22.80 -14.32 -54.91
N ARG A 433 22.60 -14.06 -56.19
CA ARG A 433 21.48 -13.23 -56.65
C ARG A 433 20.17 -13.87 -56.20
N ASN A 434 20.04 -15.15 -56.51
CA ASN A 434 18.83 -15.88 -56.24
C ASN A 434 18.60 -16.22 -54.77
N VAL A 435 19.67 -16.48 -54.05
CA VAL A 435 19.55 -16.68 -52.61
C VAL A 435 19.00 -15.41 -52.00
N LEU A 436 19.52 -14.28 -52.46
CA LEU A 436 19.01 -13.00 -51.97
C LEU A 436 17.54 -12.82 -52.26
N GLU A 437 17.12 -13.15 -53.48
CA GLU A 437 15.71 -13.07 -53.82
C GLU A 437 14.83 -13.90 -52.86
N LEU A 438 15.24 -15.16 -52.68
CA LEU A 438 14.61 -16.01 -51.69
C LEU A 438 14.52 -15.33 -50.34
N ALA A 439 15.60 -14.67 -49.94
CA ALA A 439 15.68 -14.04 -48.64
C ALA A 439 14.64 -12.92 -48.54
N GLN A 440 14.49 -12.17 -49.62
CA GLN A 440 13.52 -11.07 -49.60
C GLN A 440 12.15 -11.67 -49.41
N GLN A 441 11.84 -12.75 -50.13
CA GLN A 441 10.58 -13.46 -49.90
C GLN A 441 10.42 -13.73 -48.42
N GLN A 442 11.47 -14.30 -47.82
CA GLN A 442 11.51 -14.59 -46.39
C GLN A 442 11.50 -13.31 -45.53
N GLY A 443 11.53 -12.16 -46.18
CA GLY A 443 11.40 -10.90 -45.48
C GLY A 443 12.65 -10.05 -45.34
N LEU A 444 13.73 -10.44 -46.03
CA LEU A 444 14.94 -9.61 -46.08
C LEU A 444 14.66 -8.27 -46.76
N GLN A 445 15.09 -7.19 -46.12
CA GLN A 445 14.89 -5.84 -46.64
C GLN A 445 16.18 -5.33 -47.27
N ILE A 446 16.23 -5.17 -48.59
CA ILE A 446 17.47 -4.77 -49.27
C ILE A 446 17.51 -3.33 -49.79
N TYR A 447 18.60 -2.63 -49.50
CA TYR A 447 18.83 -1.30 -50.05
C TYR A 447 20.12 -1.27 -50.86
N TYR A 448 19.97 -1.10 -52.16
CA TYR A 448 21.10 -1.06 -53.08
C TYR A 448 21.52 0.39 -53.26
N GLN A 449 22.82 0.59 -53.50
CA GLN A 449 23.34 1.93 -53.72
C GLN A 449 23.65 2.59 -52.38
N TYR A 450 23.46 1.85 -51.30
CA TYR A 450 23.89 2.34 -49.99
C TYR A 450 25.30 1.89 -49.67
N GLN A 451 26.23 2.85 -49.69
CA GLN A 451 27.63 2.56 -49.41
C GLN A 451 27.95 3.05 -48.01
N LEU A 452 28.34 2.13 -47.13
CA LEU A 452 28.57 2.51 -45.75
C LEU A 452 29.92 3.19 -45.61
N GLN A 453 29.90 4.46 -45.23
CA GLN A 453 31.11 5.21 -44.97
C GLN A 453 31.67 5.03 -43.57
N ASN A 454 30.80 5.09 -42.56
CA ASN A 454 31.29 4.84 -41.20
C ASN A 454 30.24 4.49 -40.16
N LEU A 455 30.69 3.89 -39.07
CA LEU A 455 29.82 3.45 -37.98
C LEU A 455 30.06 4.26 -36.73
N SER A 456 29.00 4.51 -35.97
CA SER A 456 29.12 5.18 -34.68
C SER A 456 28.24 4.46 -33.65
N ARG A 457 28.69 4.35 -32.40
CA ARG A 457 27.90 3.62 -31.41
C ARG A 457 27.14 4.52 -30.45
N LYS A 458 25.82 4.55 -30.60
CA LYS A 458 24.95 5.31 -29.71
C LYS A 458 24.62 4.48 -28.47
N ASP A 459 23.67 4.95 -27.67
CA ASP A 459 23.29 4.22 -26.46
C ASP A 459 22.86 2.79 -26.76
N ASP A 460 21.70 2.64 -27.39
CA ASP A 460 21.18 1.29 -27.63
C ASP A 460 21.42 0.72 -29.03
N CYS A 461 22.13 1.44 -29.88
CA CYS A 461 22.24 1.01 -31.27
C CYS A 461 23.53 1.40 -31.99
N TRP A 462 23.51 1.19 -33.30
CA TRP A 462 24.56 1.63 -34.19
C TRP A 462 24.00 2.63 -35.18
N LEU A 463 24.63 3.80 -35.28
CA LEU A 463 24.33 4.77 -36.31
C LEU A 463 25.22 4.52 -37.51
N LEU A 464 24.61 4.23 -38.66
CA LEU A 464 25.37 4.02 -39.88
C LEU A 464 25.28 5.25 -40.77
N ASN A 465 26.44 5.75 -41.16
CA ASN A 465 26.54 6.85 -42.10
C ASN A 465 27.00 6.35 -43.46
N PHE A 466 26.15 6.58 -44.46
CA PHE A 466 26.41 6.15 -45.82
C PHE A 466 26.85 7.32 -46.68
N ALA A 467 27.22 7.02 -47.91
CA ALA A 467 27.50 8.04 -48.91
C ALA A 467 26.19 8.62 -49.39
N GLY A 468 26.24 9.81 -49.97
CA GLY A 468 25.06 10.42 -50.53
C GLY A 468 24.02 10.78 -49.48
N ASP A 469 24.50 11.31 -48.35
CA ASP A 469 23.61 11.79 -47.29
C ASP A 469 22.46 10.83 -47.01
N GLN A 470 22.80 9.66 -46.51
CA GLN A 470 21.82 8.67 -46.08
C GLN A 470 22.35 8.02 -44.81
N GLN A 471 21.46 7.74 -43.86
CA GLN A 471 21.87 7.12 -42.61
C GLN A 471 20.84 6.10 -42.17
N ALA A 472 21.27 5.14 -41.36
CA ALA A 472 20.30 4.28 -40.70
C ALA A 472 20.67 4.04 -39.24
N THR A 473 19.79 3.35 -38.53
CA THR A 473 20.06 2.99 -37.13
C THR A 473 19.57 1.58 -36.84
N HIS A 474 20.49 0.74 -36.37
CA HIS A 474 20.17 -0.66 -36.14
C HIS A 474 20.74 -1.18 -34.82
N SER A 475 20.11 -2.22 -34.30
CA SER A 475 20.54 -2.79 -33.03
C SER A 475 21.84 -3.56 -33.20
N VAL A 476 21.86 -4.44 -34.20
CA VAL A 476 23.01 -5.29 -34.46
C VAL A 476 23.50 -5.01 -35.86
N VAL A 477 24.81 -5.11 -36.07
CA VAL A 477 25.38 -4.89 -37.40
C VAL A 477 26.42 -5.95 -37.76
N VAL A 478 26.36 -6.45 -38.98
CA VAL A 478 27.32 -7.43 -39.45
C VAL A 478 28.03 -6.92 -40.70
N LEU A 479 29.36 -6.94 -40.67
CA LEU A 479 30.14 -6.53 -41.84
C LEU A 479 30.46 -7.78 -42.65
N ALA A 480 29.76 -7.89 -43.78
CA ALA A 480 29.95 -8.91 -44.82
C ALA A 480 30.62 -8.43 -46.11
N ASN A 481 31.18 -7.22 -46.09
CA ASN A 481 31.42 -6.46 -47.31
C ASN A 481 32.65 -6.82 -48.16
N GLY A 482 33.30 -7.94 -47.84
CA GLY A 482 34.40 -8.41 -48.67
C GLY A 482 35.72 -7.72 -48.42
N HIS A 483 36.46 -7.44 -49.49
CA HIS A 483 37.79 -6.86 -49.35
C HIS A 483 37.81 -5.49 -48.70
N GLN A 484 36.64 -4.87 -48.59
CA GLN A 484 36.53 -3.54 -47.99
C GLN A 484 36.19 -3.60 -46.51
N ILE A 485 36.24 -4.81 -45.96
CA ILE A 485 36.00 -5.04 -44.54
C ILE A 485 36.83 -4.11 -43.64
N SER A 486 37.98 -3.66 -44.12
CA SER A 486 38.90 -2.84 -43.31
C SER A 486 38.75 -1.32 -43.43
N ARG A 487 37.71 -0.86 -44.12
CA ARG A 487 37.54 0.56 -44.42
C ARG A 487 37.00 1.36 -43.25
N PHE A 488 36.78 0.71 -42.12
CA PHE A 488 36.23 1.40 -40.97
C PHE A 488 37.21 1.41 -39.79
N SER A 489 37.17 2.46 -38.99
CA SER A 489 38.08 2.55 -37.86
C SER A 489 38.07 1.27 -37.00
N GLN A 490 36.91 0.65 -36.83
CA GLN A 490 36.76 -0.53 -35.98
C GLN A 490 37.48 -1.75 -36.56
N THR A 491 37.52 -1.80 -37.89
CA THR A 491 38.17 -2.88 -38.62
C THR A 491 39.54 -2.59 -39.25
N SER A 492 40.04 -1.37 -39.13
CA SER A 492 41.18 -0.93 -39.94
C SER A 492 42.47 -1.71 -39.70
N THR A 493 42.57 -2.33 -38.53
CA THR A 493 43.79 -3.01 -38.12
C THR A 493 43.80 -4.52 -38.41
N LEU A 494 42.73 -5.01 -39.03
CA LEU A 494 42.59 -6.44 -39.27
C LEU A 494 43.66 -7.03 -40.18
N PRO A 495 44.25 -8.17 -39.77
CA PRO A 495 45.25 -8.88 -40.58
C PRO A 495 44.65 -9.53 -41.82
N VAL A 496 43.96 -8.74 -42.63
CA VAL A 496 43.42 -9.23 -43.90
C VAL A 496 43.95 -8.35 -45.00
N TYR A 497 43.98 -8.87 -46.21
CA TYR A 497 44.51 -8.09 -47.31
C TYR A 497 43.84 -8.38 -48.65
N SER A 498 43.91 -7.40 -49.55
CA SER A 498 43.25 -7.52 -50.84
C SER A 498 44.13 -8.29 -51.82
N VAL A 499 43.53 -9.25 -52.52
CA VAL A 499 44.21 -9.87 -53.64
C VAL A 499 43.29 -9.80 -54.83
N ALA A 500 43.63 -8.96 -55.79
CA ALA A 500 42.81 -8.80 -56.98
C ALA A 500 43.06 -10.00 -57.86
N GLY A 501 42.12 -10.30 -58.75
CA GLY A 501 42.26 -11.43 -59.64
C GLY A 501 41.39 -11.33 -60.86
N GLN A 502 41.83 -12.00 -61.93
CA GLN A 502 41.12 -12.00 -63.20
C GLN A 502 40.85 -13.43 -63.65
N VAL A 503 39.58 -13.72 -63.94
CA VAL A 503 39.19 -15.01 -64.53
C VAL A 503 38.73 -14.78 -65.95
N SER A 504 39.26 -15.57 -66.89
CA SER A 504 38.96 -15.41 -68.30
C SER A 504 37.81 -16.31 -68.77
N HIS A 505 36.98 -15.76 -69.64
CA HIS A 505 35.86 -16.46 -70.25
C HIS A 505 36.25 -16.95 -71.65
N ILE A 506 36.33 -18.26 -71.83
CA ILE A 506 36.79 -18.81 -73.10
C ILE A 506 35.72 -19.63 -73.81
N PRO A 507 35.68 -19.55 -75.15
CA PRO A 507 34.64 -20.24 -75.93
C PRO A 507 34.91 -21.74 -75.94
N THR A 508 33.86 -22.55 -75.83
CA THR A 508 34.02 -24.00 -75.82
C THR A 508 34.36 -24.47 -77.22
N THR A 509 34.94 -25.67 -77.31
CA THR A 509 35.27 -26.30 -78.59
C THR A 509 34.97 -27.79 -78.52
N PRO A 510 34.83 -28.44 -79.68
CA PRO A 510 34.53 -29.88 -79.67
C PRO A 510 35.47 -30.66 -78.76
N GLU A 511 36.76 -30.31 -78.77
CA GLU A 511 37.72 -31.04 -77.95
C GLU A 511 37.66 -30.66 -76.47
N LEU A 512 37.53 -29.38 -76.18
CA LEU A 512 37.38 -28.92 -74.79
C LEU A 512 36.04 -29.39 -74.21
N ALA A 513 35.04 -29.54 -75.08
CA ALA A 513 33.72 -29.97 -74.67
C ALA A 513 33.80 -31.36 -74.04
N GLU A 514 34.95 -32.01 -74.22
CA GLU A 514 35.17 -33.34 -73.71
C GLU A 514 35.54 -33.32 -72.22
N LEU A 515 35.84 -32.14 -71.68
CA LEU A 515 36.34 -32.04 -70.32
C LEU A 515 35.19 -32.17 -69.32
N LYS A 516 35.23 -33.22 -68.51
CA LYS A 516 34.12 -33.56 -67.61
C LYS A 516 34.24 -33.02 -66.18
N GLN A 517 35.40 -32.52 -65.81
CA GLN A 517 35.62 -32.08 -64.44
C GLN A 517 36.40 -30.78 -64.38
N VAL A 518 36.32 -30.11 -63.24
CA VAL A 518 37.17 -28.96 -63.00
C VAL A 518 38.59 -29.47 -62.82
N LEU A 519 39.54 -28.86 -63.53
CA LEU A 519 40.95 -29.17 -63.32
C LEU A 519 41.57 -28.11 -62.42
N CYS A 520 42.37 -28.57 -61.46
CA CYS A 520 43.14 -27.67 -60.65
C CYS A 520 44.60 -27.98 -60.89
N TYR A 521 45.33 -27.01 -61.45
CA TYR A 521 46.77 -27.21 -61.59
C TYR A 521 47.55 -26.06 -60.94
N ASP A 522 47.74 -24.98 -61.69
CA ASP A 522 48.38 -23.78 -61.19
C ASP A 522 47.27 -22.75 -61.15
N GLY A 523 46.67 -22.50 -62.32
CA GLY A 523 45.34 -21.94 -62.36
C GLY A 523 44.30 -23.06 -62.22
N TYR A 524 43.12 -22.84 -62.78
CA TYR A 524 42.09 -23.87 -62.84
C TYR A 524 41.24 -23.67 -64.10
N LEU A 525 40.78 -24.77 -64.70
CA LEU A 525 39.91 -24.71 -65.86
C LEU A 525 38.63 -25.51 -65.60
N THR A 526 37.47 -24.88 -65.77
CA THR A 526 36.20 -25.57 -65.56
C THR A 526 35.65 -26.23 -66.82
N PRO A 527 34.77 -27.24 -66.66
CA PRO A 527 34.02 -27.70 -67.82
C PRO A 527 33.15 -26.55 -68.27
N GLN A 528 32.73 -26.53 -69.53
CA GLN A 528 31.84 -25.48 -69.99
C GLN A 528 30.54 -25.48 -69.20
N ASN A 529 29.99 -24.30 -68.95
CA ASN A 529 28.60 -24.18 -68.55
C ASN A 529 27.70 -24.06 -69.80
N PRO A 530 26.93 -25.11 -70.09
CA PRO A 530 26.21 -25.23 -71.37
C PRO A 530 25.25 -24.07 -71.64
N ALA A 531 24.74 -23.46 -70.58
CA ALA A 531 23.90 -22.28 -70.73
C ALA A 531 24.59 -21.21 -71.60
N ASN A 532 25.84 -20.89 -71.29
CA ASN A 532 26.60 -19.91 -72.08
C ASN A 532 27.61 -20.45 -73.10
N GLN A 533 27.78 -21.77 -73.15
CA GLN A 533 28.74 -22.38 -74.06
C GLN A 533 30.17 -21.86 -73.86
N HIS A 534 30.51 -21.46 -72.64
CA HIS A 534 31.88 -21.07 -72.33
C HIS A 534 32.45 -21.80 -71.12
N HIS A 535 33.76 -21.73 -70.96
CA HIS A 535 34.46 -22.21 -69.78
C HIS A 535 35.07 -21.02 -69.06
N CYS A 536 35.24 -21.16 -67.75
CA CYS A 536 36.07 -20.23 -67.00
C CYS A 536 37.46 -20.81 -66.78
N ILE A 537 38.48 -19.99 -66.99
CA ILE A 537 39.87 -20.39 -66.73
C ILE A 537 40.58 -19.21 -66.10
N GLY A 538 41.33 -19.41 -65.02
CA GLY A 538 41.59 -18.30 -64.14
C GLY A 538 42.70 -18.47 -63.12
N ALA A 539 42.61 -17.68 -62.05
CA ALA A 539 43.65 -17.60 -61.02
C ALA A 539 44.62 -16.45 -61.01
N SER A 540 44.47 -15.45 -61.88
CA SER A 540 45.31 -14.25 -61.73
C SER A 540 45.32 -13.76 -60.28
N TYR A 541 46.50 -13.56 -59.71
CA TYR A 541 46.61 -13.30 -58.26
C TYR A 541 47.55 -12.13 -57.97
N HIS A 542 47.02 -11.01 -57.49
CA HIS A 542 47.87 -9.87 -57.14
C HIS A 542 47.73 -9.39 -55.70
N ARG A 543 48.71 -9.69 -54.87
CA ARG A 543 48.63 -9.34 -53.46
C ARG A 543 48.73 -7.84 -53.32
N GLY A 544 47.84 -7.25 -52.52
CA GLY A 544 47.89 -5.83 -52.22
C GLY A 544 47.19 -4.96 -53.25
N SER A 545 46.71 -5.58 -54.31
CA SER A 545 46.05 -4.83 -55.38
C SER A 545 44.53 -4.89 -55.27
N GLU A 546 43.89 -3.74 -55.30
CA GLU A 546 42.43 -3.64 -55.36
C GLU A 546 41.86 -3.38 -56.76
N ASP A 547 42.72 -3.44 -57.78
CA ASP A 547 42.34 -3.05 -59.15
C ASP A 547 41.54 -4.12 -59.88
N THR A 548 40.33 -3.77 -60.28
CA THR A 548 39.45 -4.69 -61.00
C THR A 548 39.48 -4.49 -62.52
N ALA A 549 40.33 -3.57 -62.98
CA ALA A 549 40.44 -3.30 -64.40
C ALA A 549 41.04 -4.49 -65.16
N TYR A 550 40.47 -4.77 -66.33
CA TYR A 550 40.97 -5.81 -67.21
C TYR A 550 42.45 -5.63 -67.52
N SER A 551 43.22 -6.72 -67.42
CA SER A 551 44.60 -6.71 -67.87
C SER A 551 44.81 -7.75 -68.95
N GLU A 552 45.45 -7.35 -70.04
CA GLU A 552 45.82 -8.29 -71.09
C GLU A 552 46.88 -9.25 -70.58
N ASP A 553 47.76 -8.77 -69.71
CA ASP A 553 48.77 -9.61 -69.10
C ASP A 553 48.13 -10.81 -68.42
N ASP A 554 47.17 -10.54 -67.53
CA ASP A 554 46.47 -11.63 -66.83
C ASP A 554 45.72 -12.52 -67.79
N GLN A 555 45.01 -11.90 -68.73
CA GLN A 555 44.28 -12.68 -69.73
C GLN A 555 45.21 -13.73 -70.28
N GLN A 556 46.39 -13.29 -70.72
CA GLN A 556 47.36 -14.19 -71.36
C GLN A 556 47.99 -15.18 -70.40
N GLN A 557 48.19 -14.76 -69.15
CA GLN A 557 48.80 -15.62 -68.15
C GLN A 557 47.85 -16.76 -67.76
N ASN A 558 46.54 -16.53 -67.92
CA ASN A 558 45.54 -17.56 -67.63
C ASN A 558 45.68 -18.79 -68.53
N ARG A 559 45.87 -18.55 -69.82
CA ARG A 559 46.12 -19.63 -70.76
C ARG A 559 47.53 -20.16 -70.53
N GLN A 560 48.46 -19.23 -70.32
CA GLN A 560 49.86 -19.61 -70.22
C GLN A 560 50.07 -20.65 -69.14
N ARG A 561 49.56 -20.39 -67.94
CA ARG A 561 49.75 -21.33 -66.84
C ARG A 561 49.32 -22.73 -67.24
N LEU A 562 48.12 -22.84 -67.80
CA LEU A 562 47.62 -24.12 -68.28
C LEU A 562 48.65 -24.78 -69.22
N ILE A 563 48.94 -24.12 -70.34
CA ILE A 563 49.92 -24.66 -71.28
C ILE A 563 51.19 -25.13 -70.57
N ASP A 564 51.73 -24.28 -69.70
CA ASP A 564 52.98 -24.56 -69.00
C ASP A 564 52.90 -25.82 -68.17
N CYS A 565 51.71 -26.09 -67.64
CA CYS A 565 51.52 -27.25 -66.79
C CYS A 565 51.39 -28.55 -67.58
N PHE A 566 50.82 -28.44 -68.78
CA PHE A 566 50.65 -29.60 -69.65
C PHE A 566 51.10 -29.31 -71.07
N PRO A 567 52.43 -29.11 -71.25
CA PRO A 567 53.00 -28.66 -72.52
C PRO A 567 52.72 -29.60 -73.68
N GLN A 568 52.53 -30.88 -73.38
CA GLN A 568 52.36 -31.90 -74.40
C GLN A 568 50.90 -32.07 -74.83
N ALA A 569 50.00 -31.46 -74.08
CA ALA A 569 48.57 -31.72 -74.22
C ALA A 569 47.91 -30.90 -75.33
N GLN A 570 47.33 -31.60 -76.31
CA GLN A 570 46.70 -30.94 -77.45
C GLN A 570 45.43 -30.20 -77.06
N TRP A 571 44.63 -30.79 -76.18
CA TRP A 571 43.38 -30.17 -75.75
C TRP A 571 43.60 -28.77 -75.17
N ALA A 572 44.75 -28.56 -74.53
CA ALA A 572 45.00 -27.31 -73.83
C ALA A 572 45.26 -26.16 -74.78
N LYS A 573 45.84 -26.46 -75.94
CA LYS A 573 46.13 -25.46 -76.95
C LYS A 573 44.83 -24.90 -77.52
N GLU A 574 43.75 -25.62 -77.29
CA GLU A 574 42.41 -25.24 -77.75
C GLU A 574 41.91 -23.96 -77.08
N VAL A 575 42.28 -23.77 -75.82
CA VAL A 575 41.86 -22.61 -75.04
C VAL A 575 42.17 -21.33 -75.78
N ASP A 576 41.17 -20.47 -75.95
CA ASP A 576 41.34 -19.22 -76.69
C ASP A 576 40.81 -18.00 -75.91
N VAL A 577 41.72 -17.15 -75.48
CA VAL A 577 41.39 -15.95 -74.71
C VAL A 577 41.34 -14.67 -75.57
N SER A 578 41.45 -14.85 -76.88
CA SER A 578 41.55 -13.72 -77.81
C SER A 578 40.38 -12.73 -77.75
N ASP A 579 39.26 -13.14 -77.15
CA ASP A 579 38.07 -12.29 -77.13
C ASP A 579 38.13 -11.25 -76.03
N LYS A 580 39.22 -11.25 -75.28
CA LYS A 580 39.43 -10.27 -74.22
C LYS A 580 38.26 -10.21 -73.25
N GLU A 581 37.61 -11.37 -73.06
CA GLU A 581 36.49 -11.48 -72.12
C GLU A 581 36.94 -12.08 -70.79
N ALA A 582 36.69 -11.35 -69.70
CA ALA A 582 37.01 -11.82 -68.35
C ALA A 582 36.23 -11.07 -67.27
N ARG A 583 36.15 -11.67 -66.08
CA ARG A 583 35.58 -10.98 -64.93
C ARG A 583 36.67 -10.79 -63.87
N CYS A 584 36.72 -9.60 -63.30
CA CYS A 584 37.77 -9.25 -62.33
C CYS A 584 37.18 -8.90 -60.99
N GLY A 585 37.86 -9.30 -59.93
CA GLY A 585 37.33 -9.02 -58.61
C GLY A 585 38.42 -8.98 -57.56
N VAL A 586 38.05 -8.59 -56.34
CA VAL A 586 39.05 -8.49 -55.29
C VAL A 586 38.76 -9.40 -54.11
N ARG A 587 39.59 -10.42 -53.96
CA ARG A 587 39.54 -11.32 -52.81
C ARG A 587 40.01 -10.60 -51.55
N CYS A 588 39.49 -11.04 -50.41
CA CYS A 588 39.99 -10.62 -49.11
C CYS A 588 40.60 -11.86 -48.46
N ALA A 589 41.90 -11.82 -48.22
CA ALA A 589 42.62 -13.01 -47.75
C ALA A 589 43.34 -12.81 -46.43
N THR A 590 43.74 -13.92 -45.83
CA THR A 590 44.59 -13.93 -44.66
C THR A 590 45.76 -14.85 -44.97
N ARG A 591 46.84 -14.79 -44.20
CA ARG A 591 47.76 -15.92 -44.25
C ARG A 591 47.01 -16.96 -43.46
N ASP A 592 47.51 -18.19 -43.43
CA ASP A 592 46.82 -19.33 -42.79
C ASP A 592 45.51 -19.77 -43.49
N HIS A 593 44.98 -18.90 -44.35
CA HIS A 593 43.90 -19.26 -45.27
C HIS A 593 42.52 -19.61 -44.70
N LEU A 594 42.21 -19.11 -43.52
CA LEU A 594 40.90 -19.31 -42.92
C LEU A 594 40.17 -17.98 -42.86
N PRO A 595 38.84 -18.00 -42.90
CA PRO A 595 38.10 -16.74 -42.76
C PRO A 595 38.17 -16.15 -41.36
N MET A 596 37.60 -14.95 -41.21
CA MET A 596 37.46 -14.27 -39.93
C MET A 596 35.97 -14.07 -39.71
N VAL A 597 35.43 -14.76 -38.71
CA VAL A 597 34.00 -14.79 -38.48
C VAL A 597 33.69 -14.72 -37.01
N GLY A 598 32.92 -13.72 -36.59
CA GLY A 598 32.65 -13.60 -35.17
C GLY A 598 32.45 -12.18 -34.70
N ASN A 599 32.74 -11.92 -33.43
CA ASN A 599 32.71 -10.55 -32.94
C ASN A 599 33.86 -9.77 -33.55
N VAL A 600 33.59 -8.54 -33.98
CA VAL A 600 34.65 -7.62 -34.38
C VAL A 600 35.42 -7.18 -33.12
N PRO A 601 36.70 -7.55 -33.04
CA PRO A 601 37.50 -7.25 -31.84
C PRO A 601 37.92 -5.79 -31.79
N ASP A 602 38.01 -5.22 -30.59
CA ASP A 602 38.52 -3.87 -30.41
C ASP A 602 40.03 -3.94 -30.25
N TYR A 603 40.73 -3.41 -31.24
CA TYR A 603 42.18 -3.52 -31.31
C TYR A 603 42.87 -2.86 -30.12
N GLU A 604 42.52 -1.61 -29.85
CA GLU A 604 43.14 -0.87 -28.77
C GLU A 604 42.93 -1.56 -27.42
N ALA A 605 41.67 -1.85 -27.11
CA ALA A 605 41.34 -2.51 -25.86
C ALA A 605 42.11 -3.82 -25.74
N THR A 606 42.12 -4.57 -26.83
CA THR A 606 42.84 -5.83 -26.88
C THR A 606 44.32 -5.65 -26.59
N LEU A 607 44.89 -4.52 -26.98
CA LEU A 607 46.30 -4.25 -26.64
C LEU A 607 46.45 -3.89 -25.17
N VAL A 608 45.62 -2.96 -24.69
CA VAL A 608 45.68 -2.52 -23.31
C VAL A 608 45.49 -3.69 -22.36
N GLU A 609 44.28 -4.23 -22.30
CA GLU A 609 44.07 -5.51 -21.62
C GLU A 609 44.89 -6.49 -22.42
N TYR A 610 45.25 -7.63 -21.83
CA TYR A 610 46.09 -8.61 -22.53
C TYR A 610 47.51 -8.11 -22.76
N ALA A 611 47.76 -6.84 -22.43
CA ALA A 611 49.11 -6.28 -22.57
C ALA A 611 50.09 -7.22 -21.91
N SER A 612 49.67 -7.78 -20.78
CA SER A 612 50.46 -8.79 -20.09
C SER A 612 50.14 -10.17 -20.63
N LEU A 613 48.94 -10.66 -20.31
CA LEU A 613 48.57 -12.03 -20.64
C LEU A 613 49.78 -12.85 -20.28
N ALA A 614 50.21 -13.79 -21.13
CA ALA A 614 51.49 -14.42 -20.88
C ALA A 614 51.50 -14.90 -19.43
N GLU A 615 52.33 -14.23 -18.63
CA GLU A 615 52.36 -14.40 -17.19
C GLU A 615 50.99 -14.43 -16.49
N GLN A 616 50.10 -13.55 -16.94
CA GLN A 616 48.82 -13.31 -16.27
C GLN A 616 47.58 -14.09 -16.75
N LYS A 617 47.77 -15.19 -17.50
CA LYS A 617 46.68 -15.85 -18.22
C LYS A 617 45.38 -16.05 -17.41
N ASP A 618 45.48 -16.15 -16.08
CA ASP A 618 44.26 -16.24 -15.28
C ASP A 618 43.61 -14.87 -15.13
N GLU A 619 42.43 -14.85 -14.50
CA GLU A 619 41.80 -13.60 -14.12
C GLU A 619 41.62 -12.65 -15.30
N ALA A 620 41.61 -13.20 -16.51
CA ALA A 620 41.56 -12.41 -17.74
C ALA A 620 40.14 -12.00 -18.13
N VAL A 621 40.02 -10.83 -18.74
CA VAL A 621 38.71 -10.33 -19.18
C VAL A 621 38.28 -11.01 -20.46
N SER A 622 36.96 -11.06 -20.70
CA SER A 622 36.46 -11.61 -21.95
C SER A 622 37.03 -10.78 -23.07
N ALA A 623 37.18 -11.39 -24.24
CA ALA A 623 37.85 -10.74 -25.36
C ALA A 623 37.19 -9.41 -25.67
N PRO A 624 37.96 -8.31 -25.55
CA PRO A 624 37.45 -6.98 -25.86
C PRO A 624 36.85 -6.93 -27.25
N VAL A 625 35.63 -6.43 -27.33
CA VAL A 625 34.82 -6.53 -28.53
C VAL A 625 33.84 -5.36 -28.62
N PHE A 626 33.54 -4.91 -29.83
CA PHE A 626 32.53 -3.88 -30.03
C PHE A 626 31.12 -4.45 -29.83
N ASP A 627 30.27 -3.71 -29.13
CA ASP A 627 28.89 -4.12 -28.83
C ASP A 627 28.10 -4.46 -30.09
N ASP A 628 27.49 -5.64 -30.11
CA ASP A 628 26.59 -6.01 -31.20
C ASP A 628 27.15 -5.73 -32.59
N LEU A 629 28.43 -6.04 -32.80
CA LEU A 629 29.05 -5.88 -34.12
C LEU A 629 29.79 -7.15 -34.52
N PHE A 630 29.35 -7.78 -35.61
CA PHE A 630 29.89 -9.06 -36.05
C PHE A 630 30.48 -8.93 -37.45
N MET A 631 31.37 -9.83 -37.81
CA MET A 631 31.98 -9.79 -39.13
C MET A 631 32.06 -11.18 -39.73
N PHE A 632 31.82 -11.23 -41.04
CA PHE A 632 31.90 -12.44 -41.83
C PHE A 632 32.81 -12.08 -43.01
N ALA A 633 34.05 -12.57 -43.01
CA ALA A 633 35.01 -12.07 -44.00
C ALA A 633 36.25 -12.90 -44.24
N ALA A 634 37.11 -12.41 -45.14
CA ALA A 634 38.34 -13.10 -45.52
C ALA A 634 38.07 -14.49 -46.08
N LEU A 635 37.11 -14.57 -47.00
CA LEU A 635 36.69 -15.84 -47.58
C LEU A 635 37.69 -16.38 -48.59
N GLY A 636 38.69 -15.56 -48.94
CA GLY A 636 39.77 -15.98 -49.81
C GLY A 636 39.33 -16.35 -51.21
N SER A 637 39.94 -17.40 -51.77
CA SER A 637 39.51 -17.91 -53.08
C SER A 637 38.62 -19.13 -52.90
N ARG A 638 38.48 -19.54 -51.65
CA ARG A 638 37.74 -20.75 -51.30
C ARG A 638 36.28 -20.53 -50.85
N GLY A 639 35.78 -19.31 -51.00
CA GLY A 639 34.49 -18.92 -50.47
C GLY A 639 33.28 -19.82 -50.67
N LEU A 640 33.02 -20.31 -51.89
CA LEU A 640 31.86 -21.18 -52.11
C LEU A 640 31.90 -22.43 -51.23
N CYS A 641 33.08 -22.80 -50.75
CA CYS A 641 33.23 -23.91 -49.81
C CYS A 641 32.93 -23.52 -48.36
N SER A 642 33.53 -22.42 -47.90
CA SER A 642 33.46 -22.00 -46.50
C SER A 642 32.19 -21.25 -46.09
N ALA A 643 31.58 -20.57 -47.06
CA ALA A 643 30.49 -19.65 -46.78
C ALA A 643 29.29 -20.28 -46.07
N PRO A 644 28.80 -21.42 -46.56
CA PRO A 644 27.59 -21.97 -45.92
C PRO A 644 27.79 -22.26 -44.44
N LEU A 645 28.86 -22.97 -44.12
CA LEU A 645 29.11 -23.36 -42.73
C LEU A 645 29.51 -22.16 -41.88
N CYS A 646 30.13 -21.16 -42.51
CA CYS A 646 30.42 -19.95 -41.77
C CYS A 646 29.13 -19.26 -41.40
N ALA A 647 28.26 -19.07 -42.38
CA ALA A 647 26.95 -18.47 -42.16
C ALA A 647 26.26 -19.19 -40.99
N GLU A 648 26.34 -20.51 -40.99
CA GLU A 648 25.80 -21.30 -39.87
C GLU A 648 26.47 -20.97 -38.52
N ILE A 649 27.80 -20.94 -38.50
CA ILE A 649 28.58 -20.68 -37.29
C ILE A 649 28.26 -19.31 -36.69
N LEU A 650 28.16 -18.31 -37.56
CA LEU A 650 27.93 -16.95 -37.12
C LEU A 650 26.48 -16.71 -36.72
N ALA A 651 25.54 -17.26 -37.47
CA ALA A 651 24.14 -17.05 -37.16
C ALA A 651 23.82 -17.77 -35.86
N ALA A 652 24.41 -18.95 -35.70
CA ALA A 652 24.31 -19.69 -34.46
C ALA A 652 24.89 -18.86 -33.32
N GLN A 653 26.09 -18.34 -33.53
CA GLN A 653 26.76 -17.58 -32.47
C GLN A 653 25.96 -16.37 -32.02
N MET A 654 25.40 -15.65 -32.99
CA MET A 654 24.65 -14.43 -32.70
C MET A 654 23.36 -14.74 -31.94
N SER A 655 22.75 -15.86 -32.26
CA SER A 655 21.49 -16.26 -31.64
C SER A 655 21.71 -16.99 -30.32
N ASP A 656 22.97 -17.13 -29.91
CA ASP A 656 23.30 -17.87 -28.70
C ASP A 656 22.83 -19.31 -28.79
N GLU A 657 22.90 -19.88 -29.99
CA GLU A 657 22.59 -21.29 -30.19
C GLU A 657 23.87 -22.11 -30.32
N PRO A 658 23.73 -23.43 -30.42
CA PRO A 658 24.91 -24.29 -30.58
C PRO A 658 25.62 -24.04 -31.91
N ILE A 659 26.94 -23.89 -31.83
CA ILE A 659 27.77 -23.67 -33.01
C ILE A 659 28.37 -25.00 -33.45
N PRO A 660 28.21 -25.34 -34.74
CA PRO A 660 28.61 -26.64 -35.27
C PRO A 660 30.10 -26.78 -35.53
N MET A 661 30.93 -26.71 -34.50
CA MET A 661 32.38 -26.80 -34.65
C MET A 661 33.05 -26.78 -33.27
N ASP A 662 34.25 -27.35 -33.21
CA ASP A 662 34.98 -27.48 -31.94
C ASP A 662 35.71 -26.21 -31.55
N ALA A 663 36.00 -26.07 -30.26
CA ALA A 663 36.66 -24.87 -29.72
C ALA A 663 37.93 -24.47 -30.48
N SER A 664 38.68 -25.46 -30.96
CA SER A 664 39.95 -25.16 -31.60
C SER A 664 39.73 -24.52 -32.96
N THR A 665 39.15 -25.26 -33.90
CA THR A 665 38.88 -24.73 -35.22
C THR A 665 38.17 -23.39 -35.12
N LEU A 666 37.33 -23.25 -34.10
CA LEU A 666 36.64 -21.99 -33.88
C LEU A 666 37.64 -20.88 -33.54
N ALA A 667 38.55 -21.15 -32.62
CA ALA A 667 39.58 -20.17 -32.33
C ALA A 667 40.36 -19.86 -33.62
N ALA A 668 40.54 -20.87 -34.46
CA ALA A 668 41.29 -20.69 -35.71
C ALA A 668 40.53 -19.77 -36.66
N LEU A 669 39.22 -19.66 -36.46
CA LEU A 669 38.40 -18.77 -37.28
C LEU A 669 38.26 -17.38 -36.69
N ASN A 670 38.70 -17.20 -35.44
CA ASN A 670 38.42 -15.97 -34.71
C ASN A 670 39.21 -14.76 -35.23
N PRO A 671 38.54 -13.60 -35.32
CA PRO A 671 39.14 -12.38 -35.86
C PRO A 671 40.31 -11.83 -35.03
N ASN A 672 40.28 -12.03 -33.72
CA ASN A 672 41.32 -11.45 -32.85
C ASN A 672 42.52 -12.39 -32.73
N ARG A 673 42.48 -13.42 -33.55
CA ARG A 673 43.45 -14.49 -33.60
C ARG A 673 44.91 -14.04 -33.43
N LEU A 674 45.42 -13.28 -34.40
CA LEU A 674 46.85 -12.95 -34.45
C LEU A 674 47.35 -12.09 -33.29
N TRP A 675 46.62 -11.02 -32.98
CA TRP A 675 46.94 -10.18 -31.84
C TRP A 675 46.96 -11.03 -30.58
N VAL A 676 46.03 -11.95 -30.48
CA VAL A 676 45.91 -12.77 -29.27
C VAL A 676 47.05 -13.76 -29.13
N ARG A 677 47.46 -14.41 -30.23
CA ARG A 677 48.51 -15.39 -30.14
C ARG A 677 49.89 -14.76 -30.04
N LYS A 678 50.05 -13.57 -30.63
CA LYS A 678 51.26 -12.78 -30.45
C LYS A 678 51.34 -12.31 -29.00
N LEU A 679 50.20 -11.91 -28.44
CA LEU A 679 50.17 -11.42 -27.08
C LEU A 679 50.40 -12.53 -26.07
N LEU A 680 49.99 -13.76 -26.42
CA LEU A 680 50.17 -14.87 -25.50
C LEU A 680 51.65 -15.05 -25.20
N LYS A 681 52.50 -14.73 -26.17
CA LYS A 681 53.93 -14.59 -25.90
C LYS A 681 54.53 -13.34 -26.55
N GLY A 682 54.94 -12.36 -25.73
CA GLY A 682 55.56 -11.14 -26.25
C GLY A 682 54.78 -10.40 -27.33
N LEU B 55 4.03 19.78 16.15
CA LEU B 55 4.87 20.75 16.85
C LEU B 55 6.23 20.17 17.25
N GLU B 56 6.21 19.21 18.17
CA GLU B 56 7.43 18.48 18.49
C GLU B 56 8.04 17.91 17.20
N GLU B 57 7.17 17.57 16.25
CA GLU B 57 7.61 17.13 14.92
C GLU B 57 8.27 18.25 14.14
N THR B 58 7.70 19.45 14.24
CA THR B 58 8.27 20.61 13.55
C THR B 58 9.66 20.87 14.10
N ARG B 59 9.74 20.90 15.43
CA ARG B 59 11.00 21.07 16.13
C ARG B 59 12.02 20.05 15.63
N TYR B 60 11.65 18.77 15.67
CA TYR B 60 12.60 17.73 15.28
C TYR B 60 13.04 17.79 13.81
N VAL B 61 12.11 18.06 12.91
CA VAL B 61 12.39 18.03 11.47
C VAL B 61 13.15 19.26 10.98
N PHE B 62 12.54 20.44 11.13
CA PHE B 62 13.12 21.66 10.58
C PHE B 62 14.21 22.34 11.43
N LEU B 63 14.07 22.25 12.75
CA LEU B 63 15.09 22.78 13.65
C LEU B 63 16.25 21.79 13.79
N GLY B 64 15.96 20.62 14.37
CA GLY B 64 16.96 19.59 14.55
C GLY B 64 17.63 19.25 13.24
N GLY B 65 16.85 19.28 12.16
CA GLY B 65 17.33 18.93 10.84
C GLY B 65 18.33 19.93 10.31
N ASN B 66 18.18 21.18 10.71
CA ASN B 66 19.13 22.22 10.36
C ASN B 66 20.15 22.47 11.47
N GLN B 67 20.02 21.70 12.54
CA GLN B 67 20.96 21.75 13.66
C GLN B 67 21.01 23.13 14.31
N LEU B 68 19.84 23.77 14.41
CA LEU B 68 19.75 25.14 14.90
C LEU B 68 20.10 25.30 16.38
N GLU B 69 19.70 24.33 17.20
CA GLU B 69 20.01 24.36 18.62
C GLU B 69 21.51 24.57 18.84
N VAL B 70 22.31 23.77 18.14
CA VAL B 70 23.76 23.86 18.26
C VAL B 70 24.30 25.12 17.58
N ARG B 71 23.81 25.41 16.39
CA ARG B 71 24.36 26.50 15.59
C ARG B 71 24.12 27.90 16.16
N PHE B 72 22.97 28.13 16.79
CA PHE B 72 22.67 29.48 17.25
C PHE B 72 23.75 30.09 18.15
N PRO B 73 24.09 29.42 19.27
CA PRO B 73 25.07 29.98 20.19
C PRO B 73 26.49 30.03 19.62
N GLU B 74 26.75 29.26 18.58
CA GLU B 74 28.06 29.24 17.94
C GLU B 74 28.13 30.14 16.69
N HIS B 75 27.01 30.76 16.33
CA HIS B 75 26.90 31.46 15.05
C HIS B 75 27.57 32.82 15.19
N PRO B 76 28.71 33.01 14.49
CA PRO B 76 29.53 34.20 14.72
C PRO B 76 29.10 35.37 13.85
N HIS B 77 27.82 35.69 13.86
CA HIS B 77 27.27 36.83 13.13
C HIS B 77 26.08 37.39 13.89
N PRO B 78 25.76 38.67 13.68
CA PRO B 78 24.60 39.25 14.37
C PRO B 78 23.26 38.74 13.83
N LEU B 79 23.25 38.27 12.59
CA LEU B 79 22.01 37.91 11.90
C LEU B 79 22.03 36.45 11.45
N PHE B 80 20.86 35.82 11.48
CA PHE B 80 20.70 34.45 11.00
C PHE B 80 19.50 34.45 10.06
N VAL B 81 19.63 33.81 8.91
CA VAL B 81 18.63 33.96 7.85
C VAL B 81 18.13 32.60 7.38
N VAL B 82 16.86 32.34 7.59
CA VAL B 82 16.27 31.09 7.10
C VAL B 82 15.17 31.35 6.07
N ALA B 83 15.02 30.42 5.14
CA ALA B 83 14.01 30.49 4.10
C ALA B 83 13.16 29.22 4.09
N GLU B 84 11.88 29.40 3.80
CA GLU B 84 10.88 28.34 3.87
C GLU B 84 10.33 28.29 2.45
N SER B 85 10.07 27.08 1.94
CA SER B 85 9.53 26.96 0.59
C SER B 85 8.03 27.25 0.56
N GLY B 86 7.32 26.97 1.66
CA GLY B 86 5.99 27.51 1.80
C GLY B 86 5.56 27.70 3.25
N PHE B 87 4.75 28.74 3.46
CA PHE B 87 4.46 29.24 4.80
C PHE B 87 3.36 28.46 5.49
N GLY B 88 2.27 28.23 4.78
CA GLY B 88 1.10 27.57 5.34
C GLY B 88 0.44 28.39 6.44
N THR B 89 0.33 27.76 7.61
CA THR B 89 -0.30 28.37 8.77
C THR B 89 0.71 29.08 9.64
N GLY B 90 1.96 29.09 9.21
CA GLY B 90 3.01 29.75 9.96
C GLY B 90 3.58 28.91 11.08
N LEU B 91 3.22 27.63 11.10
CA LEU B 91 3.68 26.72 12.15
C LEU B 91 5.20 26.75 12.30
N ASN B 92 5.91 26.29 11.27
CA ASN B 92 7.35 26.30 11.29
C ASN B 92 7.91 27.64 11.78
N PHE B 93 7.42 28.73 11.21
CA PHE B 93 7.92 30.04 11.60
C PHE B 93 7.78 30.26 13.09
N LEU B 94 6.56 30.16 13.60
CA LEU B 94 6.28 30.39 15.03
C LEU B 94 7.12 29.50 15.96
N THR B 95 7.27 28.23 15.58
CA THR B 95 8.11 27.32 16.35
C THR B 95 9.55 27.82 16.39
N LEU B 96 10.07 28.19 15.22
CA LEU B 96 11.42 28.71 15.09
C LEU B 96 11.64 29.96 15.91
N TRP B 97 10.64 30.82 15.91
CA TRP B 97 10.69 32.11 16.56
C TRP B 97 10.72 31.89 18.07
N GLN B 98 9.90 30.96 18.55
CA GLN B 98 9.91 30.64 19.97
C GLN B 98 11.30 30.10 20.35
N ALA B 99 11.83 29.23 19.50
CA ALA B 99 13.16 28.69 19.75
C ALA B 99 14.14 29.85 19.89
N PHE B 100 14.06 30.79 18.96
CA PHE B 100 14.96 31.93 18.93
C PHE B 100 14.88 32.76 20.20
N ASP B 101 13.68 33.21 20.57
CA ASP B 101 13.48 33.96 21.80
C ASP B 101 14.05 33.22 23.01
N GLN B 102 13.79 31.91 23.08
CA GLN B 102 14.31 31.12 24.19
C GLN B 102 15.83 31.15 24.24
N PHE B 103 16.45 31.02 23.06
CA PHE B 103 17.89 31.04 22.92
C PHE B 103 18.46 32.38 23.38
N ARG B 104 17.87 33.47 22.90
CA ARG B 104 18.32 34.79 23.26
C ARG B 104 18.21 35.00 24.76
N GLU B 105 17.13 34.51 25.35
CA GLU B 105 16.92 34.61 26.79
C GLU B 105 18.01 33.85 27.56
N ALA B 106 18.21 32.59 27.20
CA ALA B 106 19.19 31.78 27.89
C ALA B 106 20.61 32.27 27.69
N HIS B 107 20.87 32.89 26.54
CA HIS B 107 22.26 33.17 26.15
C HIS B 107 22.46 34.59 25.63
N PRO B 108 22.29 35.59 26.51
CA PRO B 108 22.38 37.01 26.14
C PRO B 108 23.72 37.34 25.48
N GLN B 109 24.78 36.65 25.91
CA GLN B 109 26.13 36.97 25.47
C GLN B 109 26.39 36.61 24.01
N ALA B 110 25.53 35.77 23.45
CA ALA B 110 25.70 35.28 22.08
C ALA B 110 25.77 36.41 21.07
N GLN B 111 26.51 36.20 20.01
CA GLN B 111 26.67 37.23 18.99
C GLN B 111 25.44 37.36 18.10
N LEU B 112 24.61 36.31 18.06
CA LEU B 112 23.50 36.30 17.12
C LEU B 112 22.28 36.91 17.79
N GLN B 113 21.96 38.14 17.38
CA GLN B 113 20.85 38.87 17.97
C GLN B 113 19.58 39.04 17.13
N ARG B 114 19.61 38.63 15.88
CA ARG B 114 18.56 38.99 14.95
C ARG B 114 18.28 37.88 13.95
N LEU B 115 16.99 37.61 13.74
CA LEU B 115 16.56 36.51 12.90
C LEU B 115 15.77 37.05 11.74
N HIS B 116 16.06 36.56 10.54
CA HIS B 116 15.36 36.97 9.34
C HIS B 116 14.77 35.74 8.66
N PHE B 117 13.46 35.76 8.46
CA PHE B 117 12.75 34.64 7.89
C PHE B 117 12.19 35.07 6.54
N ILE B 118 12.38 34.23 5.52
CA ILE B 118 11.87 34.51 4.19
C ILE B 118 10.99 33.35 3.75
N SER B 119 9.75 33.62 3.35
CA SER B 119 8.83 32.55 2.99
C SER B 119 7.85 32.91 1.87
N PHE B 120 7.26 31.89 1.26
CA PHE B 120 6.32 32.07 0.17
C PHE B 120 4.98 31.40 0.46
N GLU B 121 3.89 32.03 0.04
CA GLU B 121 2.56 31.42 0.11
C GLU B 121 1.75 31.84 -1.11
N LYS B 122 1.11 30.89 -1.80
CA LYS B 122 0.32 31.23 -2.98
C LYS B 122 -1.06 31.77 -2.62
N PHE B 123 -1.71 31.11 -1.66
CA PHE B 123 -3.00 31.58 -1.20
C PHE B 123 -3.01 31.74 0.31
N PRO B 124 -2.64 32.93 0.78
CA PRO B 124 -2.53 33.12 2.23
C PRO B 124 -3.89 33.07 2.91
N LEU B 125 -3.90 32.51 4.12
CA LEU B 125 -5.09 32.47 4.95
C LEU B 125 -5.57 33.87 5.28
N THR B 126 -6.83 33.98 5.67
CA THR B 126 -7.29 35.23 6.24
C THR B 126 -6.68 35.32 7.64
N ARG B 127 -6.88 36.44 8.33
CA ARG B 127 -6.32 36.54 9.66
C ARG B 127 -7.03 35.58 10.60
N ALA B 128 -8.36 35.56 10.54
CA ALA B 128 -9.12 34.68 11.42
C ALA B 128 -8.76 33.22 11.20
N ASP B 129 -8.80 32.74 9.96
CA ASP B 129 -8.43 31.36 9.67
C ASP B 129 -7.07 31.04 10.28
N LEU B 130 -6.14 31.96 10.10
CA LEU B 130 -4.78 31.80 10.59
C LEU B 130 -4.76 31.67 12.10
N ALA B 131 -5.54 32.51 12.77
CA ALA B 131 -5.56 32.52 14.23
C ALA B 131 -6.14 31.21 14.74
N LEU B 132 -7.29 30.84 14.19
CA LEU B 132 -7.96 29.60 14.52
C LEU B 132 -6.99 28.44 14.36
N ALA B 133 -6.18 28.48 13.30
CA ALA B 133 -5.19 27.44 13.10
C ALA B 133 -4.20 27.44 14.27
N HIS B 134 -3.68 28.63 14.61
CA HIS B 134 -2.72 28.77 15.69
C HIS B 134 -3.29 28.28 17.02
N GLN B 135 -4.61 28.16 17.09
CA GLN B 135 -5.27 27.65 18.30
C GLN B 135 -4.84 26.22 18.65
N HIS B 136 -4.42 25.46 17.66
CA HIS B 136 -4.06 24.07 17.89
C HIS B 136 -2.75 23.96 18.68
N TRP B 137 -2.13 25.12 18.94
CA TRP B 137 -0.88 25.16 19.68
C TRP B 137 -0.86 26.33 20.65
N PRO B 138 -1.59 26.20 21.76
CA PRO B 138 -1.68 27.31 22.74
C PRO B 138 -0.32 27.79 23.26
N GLU B 139 0.64 26.88 23.35
CA GLU B 139 2.00 27.24 23.78
C GLU B 139 2.52 28.44 23.01
N LEU B 140 2.34 28.38 21.68
CA LEU B 140 2.83 29.40 20.75
C LEU B 140 2.07 30.73 20.79
N ALA B 141 0.99 30.80 21.57
CA ALA B 141 0.11 31.96 21.52
C ALA B 141 0.87 33.29 21.45
N PRO B 142 1.75 33.55 22.42
CA PRO B 142 2.37 34.89 22.50
C PRO B 142 3.12 35.29 21.24
N TRP B 143 3.66 34.32 20.50
CA TRP B 143 4.25 34.62 19.20
C TRP B 143 3.18 34.77 18.11
N ALA B 144 2.25 33.81 18.07
CA ALA B 144 1.20 33.83 17.08
C ALA B 144 0.43 35.16 17.12
N GLU B 145 0.05 35.56 18.32
CA GLU B 145 -0.65 36.81 18.51
C GLU B 145 0.05 37.97 17.81
N GLN B 146 1.38 38.00 17.86
CA GLN B 146 2.11 39.08 17.21
C GLN B 146 2.03 38.94 15.69
N LEU B 147 2.30 37.73 15.20
CA LEU B 147 2.26 37.51 13.77
C LEU B 147 0.92 38.03 13.25
N GLN B 148 -0.16 37.55 13.86
CA GLN B 148 -1.51 37.97 13.51
C GLN B 148 -1.65 39.48 13.44
N ALA B 149 -1.17 40.15 14.48
CA ALA B 149 -1.37 41.59 14.58
C ALA B 149 -0.76 42.31 13.37
N GLN B 150 0.27 41.72 12.80
CA GLN B 150 0.95 42.29 11.64
C GLN B 150 0.57 41.68 10.30
N TRP B 151 -0.37 40.74 10.30
CA TRP B 151 -0.66 39.95 9.11
C TRP B 151 -1.07 40.83 7.92
N PRO B 152 -0.24 40.83 6.86
CA PRO B 152 -0.34 41.81 5.77
C PRO B 152 -1.54 41.66 4.86
N MET B 153 -1.98 42.79 4.32
CA MET B 153 -2.95 42.79 3.23
C MET B 153 -2.36 41.96 2.10
N PRO B 154 -3.08 40.91 1.70
CA PRO B 154 -2.57 39.92 0.73
C PRO B 154 -2.50 40.46 -0.69
N LEU B 155 -1.55 41.36 -0.93
CA LEU B 155 -1.23 41.78 -2.29
C LEU B 155 -0.11 40.89 -2.84
N PRO B 156 0.06 40.86 -4.17
CA PRO B 156 1.17 40.06 -4.71
C PRO B 156 2.50 40.69 -4.31
N GLY B 157 3.55 39.89 -4.28
CA GLY B 157 4.88 40.40 -4.00
C GLY B 157 5.34 40.23 -2.57
N CYS B 158 6.42 40.93 -2.24
CA CYS B 158 7.09 40.77 -0.96
C CYS B 158 6.57 41.75 0.09
N HIS B 159 6.30 41.22 1.28
CA HIS B 159 5.77 42.03 2.37
C HIS B 159 6.63 41.86 3.60
N ARG B 160 7.08 42.95 4.18
CA ARG B 160 7.97 42.86 5.32
C ARG B 160 7.27 43.18 6.63
N LEU B 161 7.40 42.26 7.58
CA LEU B 161 6.90 42.50 8.92
C LEU B 161 8.11 42.68 9.81
N LEU B 162 8.08 43.73 10.64
CA LEU B 162 9.09 43.94 11.66
C LEU B 162 8.53 43.55 13.02
N LEU B 163 9.03 42.45 13.56
CA LEU B 163 8.45 41.83 14.73
C LEU B 163 9.42 41.86 15.92
N ASP B 164 8.88 41.92 17.13
CA ASP B 164 9.67 41.82 18.34
C ASP B 164 10.59 43.03 18.47
N GLU B 165 10.12 44.18 17.95
CA GLU B 165 10.95 45.37 17.86
C GLU B 165 12.18 45.13 17.01
N GLY B 166 11.96 44.61 15.81
CA GLY B 166 13.02 44.42 14.83
C GLY B 166 13.90 43.20 15.09
N ARG B 167 13.73 42.61 16.26
CA ARG B 167 14.53 41.45 16.64
C ARG B 167 14.27 40.28 15.69
N VAL B 168 13.06 40.22 15.13
CA VAL B 168 12.74 39.19 14.12
C VAL B 168 12.04 39.81 12.92
N THR B 169 12.60 39.59 11.72
CA THR B 169 12.05 40.16 10.50
C THR B 169 11.45 39.06 9.63
N LEU B 170 10.24 39.29 9.13
CA LEU B 170 9.61 38.31 8.25
C LEU B 170 9.37 38.87 6.86
N ASP B 171 9.88 38.19 5.84
CA ASP B 171 9.52 38.55 4.48
C ASP B 171 8.58 37.51 3.92
N LEU B 172 7.30 37.89 3.79
CA LEU B 172 6.28 37.03 3.27
C LEU B 172 6.07 37.35 1.81
N TRP B 173 6.35 36.39 0.94
CA TRP B 173 6.15 36.58 -0.48
C TRP B 173 4.86 35.92 -0.94
N PHE B 174 3.88 36.72 -1.36
CA PHE B 174 2.62 36.13 -1.83
C PHE B 174 2.65 35.87 -3.33
N GLY B 175 2.56 34.60 -3.69
CA GLY B 175 2.60 34.17 -5.07
C GLY B 175 3.04 32.73 -5.19
N ASP B 176 3.30 32.29 -6.42
CA ASP B 176 3.74 30.92 -6.65
C ASP B 176 5.28 30.87 -6.61
N ILE B 177 5.83 30.12 -5.67
CA ILE B 177 7.26 30.12 -5.46
C ILE B 177 8.07 29.83 -6.74
N ASN B 178 7.59 28.90 -7.55
CA ASN B 178 8.27 28.58 -8.80
C ASN B 178 8.23 29.78 -9.74
N GLU B 179 7.19 30.57 -9.60
CA GLU B 179 7.01 31.72 -10.46
C GLU B 179 7.93 32.83 -9.95
N LEU B 180 8.17 32.82 -8.65
CA LEU B 180 8.91 33.89 -7.98
C LEU B 180 10.44 33.70 -7.80
N THR B 181 10.97 32.50 -8.03
CA THR B 181 12.42 32.32 -7.84
C THR B 181 13.22 33.26 -8.74
N SER B 182 12.79 33.38 -9.98
CA SER B 182 13.47 34.21 -10.97
C SER B 182 13.35 35.68 -10.65
N GLN B 183 12.40 36.03 -9.78
CA GLN B 183 12.15 37.41 -9.45
C GLN B 183 12.85 37.85 -8.17
N LEU B 184 13.55 36.92 -7.52
CA LEU B 184 14.36 37.27 -6.36
C LEU B 184 15.58 38.05 -6.84
N ASP B 185 15.89 39.16 -6.17
CA ASP B 185 17.03 39.98 -6.56
C ASP B 185 18.36 39.28 -6.30
N ASP B 186 19.38 39.60 -7.11
CA ASP B 186 20.67 38.92 -7.04
C ASP B 186 21.33 39.04 -5.66
N SER B 187 20.98 40.10 -4.93
CA SER B 187 21.51 40.34 -3.60
C SER B 187 21.18 39.24 -2.59
N LEU B 188 20.16 38.43 -2.89
CA LEU B 188 19.73 37.40 -1.96
C LEU B 188 20.56 36.14 -2.12
N ASN B 189 21.37 36.10 -3.19
CA ASN B 189 22.20 34.92 -3.45
C ASN B 189 23.18 34.67 -2.32
N GLN B 190 23.33 33.41 -1.95
CA GLN B 190 24.23 33.00 -0.89
C GLN B 190 24.07 33.75 0.43
N LYS B 191 22.85 34.19 0.74
CA LYS B 191 22.55 34.78 2.03
C LYS B 191 21.84 33.88 3.05
N VAL B 192 21.47 32.66 2.64
CA VAL B 192 20.56 31.81 3.43
C VAL B 192 21.25 30.74 4.27
N ASP B 193 21.12 30.86 5.58
CA ASP B 193 21.79 29.97 6.52
C ASP B 193 21.11 28.61 6.64
N ALA B 194 19.78 28.59 6.71
CA ALA B 194 19.03 27.34 6.74
C ALA B 194 17.79 27.39 5.86
N TRP B 195 17.47 26.27 5.22
CA TRP B 195 16.24 26.14 4.44
C TRP B 195 15.26 25.21 5.13
N PHE B 196 14.00 25.63 5.20
CA PHE B 196 12.95 24.70 5.55
C PHE B 196 12.28 24.35 4.24
N LEU B 197 12.50 23.14 3.75
CA LEU B 197 11.84 22.71 2.52
C LEU B 197 10.56 22.03 2.96
N ASP B 198 9.43 22.68 2.72
CA ASP B 198 8.17 22.23 3.27
C ASP B 198 7.01 22.49 2.32
N GLY B 199 5.95 21.72 2.50
CA GLY B 199 4.78 21.80 1.66
C GLY B 199 4.10 20.45 1.62
N PHE B 200 3.26 20.23 0.62
CA PHE B 200 2.61 18.95 0.44
C PHE B 200 3.66 17.89 0.12
N ALA B 201 3.34 16.63 0.42
CA ALA B 201 4.24 15.55 0.01
C ALA B 201 4.37 15.61 -1.50
N PRO B 202 5.57 15.31 -2.01
CA PRO B 202 5.79 15.36 -3.47
C PRO B 202 4.72 14.54 -4.18
N ALA B 203 4.49 13.31 -3.72
CA ALA B 203 3.30 12.59 -4.15
C ALA B 203 2.11 13.34 -3.55
N LYS B 204 1.04 13.44 -4.31
CA LYS B 204 -0.14 14.22 -3.94
C LYS B 204 -0.03 15.73 -4.16
N ASN B 205 1.17 16.31 -4.19
CA ASN B 205 1.35 17.57 -4.90
C ASN B 205 2.76 17.86 -5.45
N PRO B 206 3.12 17.22 -6.56
CA PRO B 206 4.47 17.28 -7.12
C PRO B 206 4.83 18.68 -7.63
N ASP B 207 3.82 19.52 -7.78
CA ASP B 207 4.01 20.83 -8.40
C ASP B 207 5.13 21.72 -7.82
N MET B 208 5.21 21.79 -6.50
CA MET B 208 6.21 22.66 -5.87
C MET B 208 7.62 22.11 -6.04
N TRP B 209 7.74 20.80 -6.18
CA TRP B 209 9.06 20.19 -6.19
C TRP B 209 9.57 20.09 -7.61
N THR B 210 10.55 20.94 -7.93
CA THR B 210 11.05 21.11 -9.28
C THR B 210 12.56 21.25 -9.20
N GLN B 211 13.26 21.03 -10.30
CA GLN B 211 14.68 21.30 -10.29
C GLN B 211 14.91 22.79 -10.18
N ASN B 212 13.97 23.57 -10.74
CA ASN B 212 14.02 25.03 -10.64
C ASN B 212 14.14 25.51 -9.19
N LEU B 213 13.32 24.95 -8.30
CA LEU B 213 13.35 25.28 -6.88
C LEU B 213 14.61 24.78 -6.17
N PHE B 214 15.06 23.57 -6.51
CA PHE B 214 16.27 23.03 -5.91
C PHE B 214 17.48 23.88 -6.28
N ASN B 215 17.57 24.21 -7.56
CA ASN B 215 18.57 25.14 -8.05
C ASN B 215 18.49 26.48 -7.33
N ALA B 216 17.28 26.98 -7.13
CA ALA B 216 17.11 28.25 -6.45
C ALA B 216 17.63 28.16 -5.01
N MET B 217 17.23 27.10 -4.31
CA MET B 217 17.66 26.87 -2.93
C MET B 217 19.17 26.84 -2.85
N ALA B 218 19.81 26.14 -3.78
CA ALA B 218 21.26 26.09 -3.81
C ALA B 218 21.84 27.48 -4.04
N ARG B 219 21.19 28.24 -4.91
CA ARG B 219 21.66 29.58 -5.24
C ARG B 219 21.60 30.51 -4.03
N LEU B 220 20.55 30.42 -3.23
CA LEU B 220 20.40 31.33 -2.09
C LEU B 220 21.17 30.89 -0.86
N ALA B 221 21.68 29.67 -0.88
CA ALA B 221 22.31 29.12 0.33
C ALA B 221 23.70 29.68 0.57
N ARG B 222 23.87 30.24 1.76
CA ARG B 222 25.17 30.65 2.26
C ARG B 222 26.02 29.37 2.20
N PRO B 223 27.29 29.49 1.76
CA PRO B 223 28.11 28.27 1.76
C PRO B 223 28.27 27.80 3.18
N GLY B 224 28.09 26.49 3.42
CA GLY B 224 28.09 25.96 4.77
C GLY B 224 26.67 25.87 5.33
N GLY B 225 25.73 26.48 4.61
CA GLY B 225 24.32 26.49 4.97
C GLY B 225 23.64 25.15 4.74
N THR B 226 22.44 24.99 5.30
CA THR B 226 21.79 23.70 5.44
C THR B 226 20.32 23.69 5.01
N LEU B 227 19.79 22.49 4.74
CA LEU B 227 18.36 22.33 4.48
C LEU B 227 17.80 21.10 5.18
N ALA B 228 16.48 21.04 5.30
CA ALA B 228 15.77 19.93 5.94
C ALA B 228 14.40 19.73 5.29
N THR B 229 13.98 18.47 5.18
CA THR B 229 12.64 18.12 4.71
C THR B 229 12.13 16.86 5.35
N PHE B 230 10.82 16.85 5.57
CA PHE B 230 10.10 15.67 6.00
C PHE B 230 10.23 14.53 5.00
N THR B 231 10.22 14.85 3.70
CA THR B 231 10.20 13.83 2.65
C THR B 231 11.53 13.10 2.41
N SER B 232 11.42 11.80 2.18
CA SER B 232 12.55 10.95 1.80
C SER B 232 12.64 10.68 0.29
N ALA B 233 11.75 11.30 -0.48
CA ALA B 233 11.62 11.00 -1.91
C ALA B 233 12.94 11.02 -2.68
N GLY B 234 13.21 9.97 -3.42
CA GLY B 234 14.48 9.79 -4.10
C GLY B 234 14.81 10.89 -5.09
N PHE B 235 13.79 11.39 -5.79
CA PHE B 235 14.02 12.42 -6.79
C PHE B 235 14.37 13.73 -6.11
N VAL B 236 13.96 13.88 -4.87
CA VAL B 236 14.29 15.07 -4.08
C VAL B 236 15.74 15.03 -3.63
N ARG B 237 16.18 13.86 -3.13
CA ARG B 237 17.56 13.68 -2.74
C ARG B 237 18.47 13.89 -3.95
N ARG B 238 18.12 13.23 -5.06
CA ARG B 238 18.91 13.32 -6.28
C ARG B 238 18.89 14.74 -6.87
N GLY B 239 17.76 15.43 -6.72
CA GLY B 239 17.61 16.79 -7.19
C GLY B 239 18.43 17.79 -6.42
N LEU B 240 18.41 17.69 -5.09
CA LEU B 240 19.22 18.55 -4.22
C LEU B 240 20.72 18.28 -4.40
N GLN B 241 21.08 17.01 -4.50
CA GLN B 241 22.47 16.66 -4.77
C GLN B 241 22.88 17.29 -6.08
N ASP B 242 22.03 17.12 -7.10
CA ASP B 242 22.29 17.69 -8.41
C ASP B 242 22.55 19.19 -8.33
N ALA B 243 21.88 19.86 -7.41
CA ALA B 243 21.97 21.31 -7.28
C ALA B 243 23.19 21.76 -6.50
N GLY B 244 23.94 20.80 -5.95
CA GLY B 244 25.15 21.12 -5.20
C GLY B 244 25.10 20.87 -3.72
N PHE B 245 23.94 20.50 -3.20
CA PHE B 245 23.84 20.13 -1.79
C PHE B 245 24.45 18.76 -1.54
N THR B 246 24.98 18.58 -0.34
CA THR B 246 25.44 17.27 0.09
C THR B 246 24.37 16.73 1.02
N MET B 247 23.68 15.69 0.55
CA MET B 247 22.49 15.18 1.20
C MET B 247 22.75 13.95 2.06
N GLN B 248 22.10 13.90 3.22
CA GLN B 248 22.12 12.72 4.06
C GLN B 248 20.71 12.37 4.52
N LYS B 249 20.44 11.06 4.59
CA LYS B 249 19.18 10.56 5.15
C LYS B 249 19.25 10.55 6.68
N ARG B 250 18.18 11.00 7.32
CA ARG B 250 18.10 11.03 8.77
C ARG B 250 16.87 10.26 9.19
N LYS B 251 16.83 9.78 10.43
CA LYS B 251 15.64 9.07 10.89
C LYS B 251 14.42 9.99 10.76
N GLY B 252 13.38 9.52 10.08
CA GLY B 252 12.15 10.28 9.95
C GLY B 252 11.52 10.48 11.31
N PHE B 253 10.54 11.37 11.39
CA PHE B 253 9.89 11.63 12.68
C PHE B 253 8.79 10.62 13.01
N GLY B 254 8.83 10.12 14.25
CA GLY B 254 7.80 9.24 14.75
C GLY B 254 7.59 8.04 13.85
N ARG B 255 6.36 7.90 13.40
CA ARG B 255 5.99 6.82 12.48
C ARG B 255 6.90 6.80 11.24
N LYS B 256 7.23 7.98 10.72
CA LYS B 256 7.88 8.10 9.41
C LYS B 256 9.27 7.47 9.33
N ARG B 257 9.60 6.95 8.14
CA ARG B 257 10.80 6.13 7.96
C ARG B 257 12.05 6.99 8.04
N GLU B 258 12.23 7.87 7.07
CA GLU B 258 13.37 8.78 7.11
C GLU B 258 13.07 10.11 6.43
N MET B 259 13.68 11.17 6.94
CA MET B 259 13.63 12.47 6.29
C MET B 259 14.97 12.78 5.63
N LEU B 260 15.03 13.91 4.93
CA LEU B 260 16.25 14.28 4.22
C LEU B 260 16.81 15.59 4.75
N CYS B 261 18.09 15.63 5.06
CA CYS B 261 18.69 16.93 5.34
C CYS B 261 20.07 17.06 4.73
N GLY B 262 20.49 18.27 4.42
CA GLY B 262 21.72 18.43 3.69
C GLY B 262 22.48 19.70 4.04
N VAL B 263 23.71 19.78 3.56
CA VAL B 263 24.50 20.98 3.76
C VAL B 263 25.21 21.38 2.48
N MET B 264 25.35 22.67 2.24
CA MET B 264 26.00 23.11 1.03
C MET B 264 27.49 23.24 1.35
N GLU B 265 28.25 22.28 0.85
CA GLU B 265 29.62 22.08 1.28
C GLU B 265 30.64 22.72 0.35
N GLN B 266 30.15 23.44 -0.66
CA GLN B 266 31.01 24.01 -1.65
C GLN B 266 30.66 25.48 -1.87
N THR B 267 31.56 26.24 -2.47
CA THR B 267 31.21 27.62 -2.82
C THR B 267 30.95 27.73 -4.32
N LEU B 268 29.68 27.91 -4.67
CA LEU B 268 29.30 28.04 -6.07
C LEU B 268 29.64 29.44 -6.56
N PRO B 269 29.81 29.58 -7.88
CA PRO B 269 29.98 30.90 -8.50
C PRO B 269 28.70 31.74 -8.42
N LEU B 270 28.82 32.99 -7.97
CA LEU B 270 27.65 33.87 -7.90
C LEU B 270 27.19 34.31 -9.29
N PRO B 271 25.91 34.05 -9.60
CA PRO B 271 25.24 34.25 -10.89
C PRO B 271 25.20 35.67 -11.46
N CYS B 272 24.78 36.67 -10.69
CA CYS B 272 24.58 38.02 -11.23
C CYS B 272 23.83 38.10 -12.59
N SER B 273 22.51 37.92 -12.54
CA SER B 273 21.65 38.05 -13.72
C SER B 273 21.76 39.38 -14.46
N ALA B 274 21.77 40.48 -13.72
CA ALA B 274 21.84 41.82 -14.31
C ALA B 274 22.81 42.78 -13.59
N PRO B 275 24.09 42.79 -13.99
CA PRO B 275 25.14 43.57 -13.34
C PRO B 275 24.88 45.08 -13.33
N TRP B 276 24.34 45.62 -14.42
CA TRP B 276 24.16 47.07 -14.54
C TRP B 276 23.20 47.63 -13.49
N PHE B 277 22.34 46.76 -12.97
CA PHE B 277 21.44 47.11 -11.87
C PHE B 277 21.95 46.66 -10.50
N ASN B 278 23.17 46.14 -10.47
CA ASN B 278 23.73 45.57 -9.25
C ASN B 278 23.56 46.47 -8.04
N ARG B 279 23.06 45.90 -6.94
CA ARG B 279 22.97 46.61 -5.67
C ARG B 279 23.94 46.02 -4.67
N THR B 280 24.96 46.79 -4.33
CA THR B 280 26.05 46.35 -3.46
C THR B 280 26.05 47.11 -2.14
N GLY B 281 26.62 46.49 -1.12
CA GLY B 281 26.62 47.08 0.21
C GLY B 281 27.98 47.55 0.62
N SER B 282 28.20 47.59 1.93
CA SER B 282 29.51 47.91 2.47
C SER B 282 29.89 46.90 3.56
N SER B 283 31.18 46.76 3.80
CA SER B 283 31.63 45.97 4.93
C SER B 283 31.87 46.87 6.15
N LYS B 284 31.73 48.18 5.95
CA LYS B 284 31.92 49.15 7.02
C LYS B 284 30.60 49.43 7.73
N ARG B 285 30.65 49.50 9.04
CA ARG B 285 29.49 49.82 9.88
C ARG B 285 29.35 51.26 10.37
N GLU B 286 30.18 52.15 9.85
CA GLU B 286 30.10 53.55 10.25
C GLU B 286 29.67 54.44 9.08
N ALA B 287 28.65 55.26 9.29
CA ALA B 287 28.13 56.07 8.19
C ALA B 287 27.72 57.48 8.58
N ALA B 288 27.65 58.32 7.56
CA ALA B 288 27.27 59.71 7.71
C ALA B 288 26.21 59.98 6.67
N ILE B 289 25.14 60.65 7.08
CA ILE B 289 23.99 60.92 6.24
C ILE B 289 23.86 62.41 6.09
N ILE B 290 23.66 62.87 4.86
CA ILE B 290 23.40 64.27 4.61
C ILE B 290 21.89 64.38 4.42
N GLY B 291 21.24 65.28 5.16
CA GLY B 291 19.83 65.10 5.40
C GLY B 291 19.20 66.07 6.39
N GLY B 292 18.24 65.54 7.15
CA GLY B 292 17.39 66.32 8.01
C GLY B 292 15.92 66.20 7.64
N GLY B 293 15.64 65.52 6.53
CA GLY B 293 14.27 65.25 6.13
C GLY B 293 13.76 63.89 6.59
N ILE B 294 12.55 63.56 6.17
CA ILE B 294 11.92 62.27 6.51
C ILE B 294 12.78 61.07 6.08
N ALA B 295 13.41 61.17 4.92
CA ALA B 295 14.23 60.08 4.40
C ALA B 295 15.45 59.81 5.28
N SER B 296 16.15 60.87 5.67
CA SER B 296 17.30 60.74 6.55
C SER B 296 16.89 60.12 7.89
N ALA B 297 15.79 60.61 8.46
CA ALA B 297 15.28 60.03 9.71
C ALA B 297 15.02 58.53 9.61
N LEU B 298 14.06 58.13 8.77
CA LEU B 298 13.70 56.71 8.72
C LEU B 298 14.92 55.85 8.38
N LEU B 299 15.78 56.36 7.50
CA LEU B 299 17.02 55.64 7.21
C LEU B 299 17.85 55.47 8.48
N SER B 300 18.03 56.53 9.25
CA SER B 300 18.85 56.43 10.45
C SER B 300 18.30 55.38 11.41
N LEU B 301 16.96 55.34 11.60
CA LEU B 301 16.38 54.26 12.42
C LEU B 301 16.76 52.89 11.85
N ALA B 302 16.56 52.76 10.54
CA ALA B 302 16.79 51.49 9.87
C ALA B 302 18.23 50.99 10.04
N LEU B 303 19.19 51.93 10.02
CA LEU B 303 20.59 51.60 10.17
C LEU B 303 20.99 51.36 11.63
N LEU B 304 20.61 52.26 12.52
CA LEU B 304 20.92 52.11 13.94
C LEU B 304 20.47 50.72 14.38
N ARG B 305 19.28 50.34 13.95
CA ARG B 305 18.71 49.04 14.27
C ARG B 305 19.68 47.87 13.94
N ARG B 306 20.43 48.01 12.85
CA ARG B 306 21.37 46.97 12.39
C ARG B 306 22.78 47.13 12.95
N GLY B 307 22.97 48.06 13.88
CA GLY B 307 24.25 48.18 14.56
C GLY B 307 25.29 49.03 13.84
N TRP B 308 24.80 50.01 13.08
CA TRP B 308 25.65 51.02 12.45
C TRP B 308 25.86 52.18 13.40
N GLN B 309 27.05 52.77 13.40
CA GLN B 309 27.22 54.11 13.97
C GLN B 309 26.72 55.06 12.91
N VAL B 310 25.87 56.01 13.30
CA VAL B 310 25.31 56.94 12.32
C VAL B 310 25.45 58.42 12.72
N THR B 311 25.98 59.22 11.80
CA THR B 311 26.05 60.66 12.02
C THR B 311 25.19 61.34 10.97
N LEU B 312 24.52 62.43 11.32
CA LEU B 312 23.68 63.14 10.37
C LEU B 312 24.08 64.61 10.30
N TYR B 313 24.48 65.07 9.11
CA TYR B 313 24.78 66.48 8.88
C TYR B 313 23.60 67.14 8.17
N CYS B 314 23.24 68.34 8.65
CA CYS B 314 22.05 69.00 8.15
C CYS B 314 22.32 70.49 7.95
N ALA B 315 22.00 71.01 6.77
CA ALA B 315 22.34 72.38 6.41
C ALA B 315 21.64 73.44 7.26
N ASP B 316 20.36 73.19 7.57
CA ASP B 316 19.56 74.14 8.34
C ASP B 316 19.89 74.04 9.82
N GLU B 317 19.24 74.87 10.64
CA GLU B 317 19.47 74.81 12.08
C GLU B 317 18.55 73.80 12.73
N ALA B 318 17.57 73.34 11.96
CA ALA B 318 16.62 72.36 12.47
C ALA B 318 16.20 71.38 11.38
N PRO B 319 15.81 70.16 11.79
CA PRO B 319 15.37 69.14 10.83
C PRO B 319 13.98 69.51 10.31
N ALA B 320 13.57 68.88 9.21
CA ALA B 320 12.22 69.04 8.68
C ALA B 320 11.87 70.46 8.26
N LEU B 321 12.87 71.24 7.85
CA LEU B 321 12.62 72.56 7.29
C LEU B 321 12.64 72.53 5.77
N GLY B 322 12.86 71.34 5.21
CA GLY B 322 12.82 71.15 3.78
C GLY B 322 11.43 70.74 3.36
N ALA B 323 11.35 69.89 2.34
CA ALA B 323 10.07 69.38 1.84
C ALA B 323 9.23 68.66 2.91
N SER B 324 9.87 68.19 3.98
CA SER B 324 9.19 67.45 5.04
C SER B 324 8.58 68.32 6.14
N GLY B 325 8.62 69.63 5.96
CA GLY B 325 8.16 70.54 7.00
C GLY B 325 6.67 70.83 7.02
N ASN B 326 5.90 70.16 6.17
CA ASN B 326 4.48 70.46 6.07
C ASN B 326 3.73 70.18 7.36
N ARG B 327 2.62 70.88 7.57
CA ARG B 327 1.81 70.75 8.78
C ARG B 327 0.93 69.49 8.72
N GLN B 328 0.43 69.20 7.53
CA GLN B 328 -0.29 67.96 7.26
C GLN B 328 -0.01 67.46 5.84
N GLY B 329 -0.01 66.15 5.67
CA GLY B 329 0.19 65.56 4.36
C GLY B 329 -0.57 64.25 4.19
N ALA B 330 -0.83 63.90 2.94
CA ALA B 330 -1.68 62.78 2.63
C ALA B 330 -0.88 61.51 2.42
N LEU B 331 -1.45 60.40 2.88
CA LEU B 331 -0.85 59.09 2.73
C LEU B 331 -1.77 58.23 1.86
N TYR B 332 -1.28 57.81 0.71
CA TYR B 332 -2.03 56.94 -0.19
C TYR B 332 -1.19 56.53 -1.39
N PRO B 333 -1.38 55.30 -1.87
CA PRO B 333 -0.55 54.75 -2.95
C PRO B 333 -0.87 55.35 -4.32
N LEU B 334 0.16 55.50 -5.13
CA LEU B 334 -0.02 55.91 -6.52
C LEU B 334 -0.11 54.62 -7.30
N LEU B 335 -1.29 54.32 -7.83
CA LEU B 335 -1.50 53.08 -8.56
C LEU B 335 -1.47 53.32 -10.05
N SER B 336 -0.97 52.34 -10.78
CA SER B 336 -0.94 52.42 -12.23
C SER B 336 -1.27 51.09 -12.89
N LYS B 337 -2.15 51.13 -13.88
CA LYS B 337 -2.42 49.96 -14.68
C LYS B 337 -1.22 49.69 -15.59
N HIS B 338 -0.72 50.74 -16.22
CA HIS B 338 0.34 50.61 -17.22
C HIS B 338 1.79 50.52 -16.73
N ASP B 339 2.15 51.25 -15.67
CA ASP B 339 3.45 51.03 -15.08
C ASP B 339 3.32 50.05 -13.91
N GLU B 340 3.83 48.85 -14.13
CA GLU B 340 3.63 47.76 -13.18
C GLU B 340 4.61 47.81 -12.00
N ALA B 341 5.84 48.24 -12.26
CA ALA B 341 6.81 48.43 -11.19
C ALA B 341 6.31 49.52 -10.24
N LEU B 342 5.87 50.63 -10.81
CA LEU B 342 5.28 51.71 -10.06
C LEU B 342 4.17 51.19 -9.15
N ASN B 343 3.26 50.42 -9.73
CA ASN B 343 2.12 49.86 -9.01
C ASN B 343 2.51 48.89 -7.89
N ARG B 344 3.49 48.04 -8.16
CA ARG B 344 3.94 47.08 -7.15
C ARG B 344 4.59 47.81 -5.99
N PHE B 345 5.47 48.74 -6.33
CA PHE B 345 6.17 49.49 -5.30
C PHE B 345 5.20 50.26 -4.43
N PHE B 346 4.32 51.02 -5.03
CA PHE B 346 3.42 51.80 -4.18
C PHE B 346 2.41 50.96 -3.41
N SER B 347 1.96 49.86 -3.99
CA SER B 347 1.05 48.99 -3.25
C SER B 347 1.72 48.42 -1.99
N ASN B 348 2.84 47.75 -2.20
CA ASN B 348 3.51 47.10 -1.10
C ASN B 348 4.08 48.09 -0.11
N ALA B 349 4.61 49.19 -0.63
CA ALA B 349 5.21 50.23 0.19
C ALA B 349 4.15 50.95 1.01
N PHE B 350 2.95 51.06 0.45
CA PHE B 350 1.85 51.72 1.14
C PHE B 350 1.37 50.86 2.30
N THR B 351 1.16 49.57 2.03
CA THR B 351 0.77 48.68 3.13
C THR B 351 1.87 48.62 4.22
N PHE B 352 3.12 48.66 3.76
CA PHE B 352 4.24 48.64 4.67
C PHE B 352 4.28 49.89 5.52
N ALA B 353 4.09 51.03 4.87
CA ALA B 353 4.06 52.30 5.54
C ALA B 353 2.98 52.31 6.61
N ARG B 354 1.78 51.83 6.29
CA ARG B 354 0.69 51.82 7.28
C ARG B 354 1.06 50.98 8.50
N ARG B 355 1.51 49.76 8.23
CA ARG B 355 1.98 48.87 9.29
C ARG B 355 3.05 49.56 10.16
N PHE B 356 4.02 50.16 9.48
CA PHE B 356 5.20 50.76 10.09
C PHE B 356 4.84 51.93 10.99
N TYR B 357 4.08 52.86 10.43
CA TYR B 357 3.64 54.03 11.14
C TYR B 357 2.84 53.65 12.38
N ASP B 358 2.01 52.61 12.25
CA ASP B 358 1.30 52.12 13.43
C ASP B 358 2.28 51.59 14.49
N GLN B 359 3.22 50.75 14.08
CA GLN B 359 4.21 50.19 15.00
C GLN B 359 5.23 51.21 15.55
N LEU B 360 5.37 52.33 14.86
CA LEU B 360 6.41 53.32 15.17
C LEU B 360 6.24 53.98 16.53
N PRO B 361 7.18 53.73 17.46
CA PRO B 361 7.02 54.22 18.83
C PRO B 361 7.35 55.71 18.97
N VAL B 362 6.61 56.56 18.25
CA VAL B 362 6.85 58.00 18.28
C VAL B 362 5.53 58.76 18.27
N LYS B 363 5.50 59.92 18.89
CA LYS B 363 4.31 60.77 18.85
C LYS B 363 4.30 61.59 17.57
N PHE B 364 3.24 61.43 16.77
CA PHE B 364 2.98 62.37 15.70
C PHE B 364 1.49 62.41 15.43
N ASP B 365 0.96 63.59 15.16
CA ASP B 365 -0.46 63.71 14.82
C ASP B 365 -0.76 63.00 13.51
N HIS B 366 -1.76 62.13 13.53
CA HIS B 366 -2.23 61.50 12.31
C HIS B 366 -3.62 60.97 12.52
N ASP B 367 -4.34 60.77 11.42
CA ASP B 367 -5.61 60.07 11.46
C ASP B 367 -5.74 59.22 10.20
N TRP B 368 -5.99 57.91 10.31
CA TRP B 368 -6.21 57.19 9.05
C TRP B 368 -7.70 57.27 8.78
N CYS B 369 -8.08 58.28 8.01
CA CYS B 369 -9.47 58.61 7.79
C CYS B 369 -9.90 58.11 6.44
N GLY B 370 -8.96 57.53 5.71
CA GLY B 370 -9.16 57.23 4.31
C GLY B 370 -8.86 58.46 3.48
N VAL B 371 -8.50 58.24 2.22
CA VAL B 371 -8.27 59.33 1.28
C VAL B 371 -9.18 59.11 0.10
N THR B 372 -9.86 60.16 -0.35
CA THR B 372 -10.75 60.01 -1.50
C THR B 372 -10.39 60.93 -2.64
N GLN B 373 -10.33 60.36 -3.83
CA GLN B 373 -9.82 61.02 -5.01
C GLN B 373 -10.97 61.11 -6.01
N LEU B 374 -11.15 62.28 -6.60
CA LEU B 374 -12.35 62.59 -7.38
C LEU B 374 -12.05 62.81 -8.85
N GLY B 375 -12.68 62.07 -9.75
CA GLY B 375 -12.72 62.54 -11.12
C GLY B 375 -13.67 63.72 -11.22
N TRP B 376 -13.12 64.90 -11.49
CA TRP B 376 -13.93 66.09 -11.67
C TRP B 376 -14.09 66.41 -13.15
N ASP B 377 -13.42 65.62 -13.98
CA ASP B 377 -13.44 65.83 -15.42
C ASP B 377 -13.11 64.55 -16.16
N GLU B 378 -12.87 64.66 -17.46
CA GLU B 378 -12.54 63.51 -18.29
C GLU B 378 -11.25 62.80 -17.84
N LYS B 379 -10.16 63.53 -17.74
CA LYS B 379 -8.85 62.94 -17.45
C LYS B 379 -8.80 62.14 -16.14
N SER B 380 -9.28 62.77 -15.06
CA SER B 380 -9.29 62.12 -13.75
C SER B 380 -10.26 60.95 -13.73
N GLN B 381 -11.45 61.17 -14.29
CA GLN B 381 -12.45 60.12 -14.42
C GLN B 381 -11.83 58.91 -15.10
N HIS B 382 -10.94 59.18 -16.05
CA HIS B 382 -10.28 58.13 -16.82
C HIS B 382 -9.20 57.39 -16.02
N LYS B 383 -8.31 58.14 -15.37
CA LYS B 383 -7.29 57.52 -14.53
C LYS B 383 -7.93 56.60 -13.50
N ILE B 384 -8.95 57.13 -12.82
CA ILE B 384 -9.71 56.36 -11.85
C ILE B 384 -10.37 55.16 -12.53
N ALA B 385 -10.83 55.37 -13.76
CA ALA B 385 -11.37 54.28 -14.56
C ALA B 385 -10.37 53.13 -14.67
N GLN B 386 -9.11 53.46 -14.95
CA GLN B 386 -8.08 52.44 -15.15
C GLN B 386 -7.79 51.70 -13.85
N MET B 387 -7.51 52.46 -12.81
CA MET B 387 -7.24 51.84 -11.53
C MET B 387 -8.38 50.89 -11.14
N LEU B 388 -9.61 51.33 -11.33
CA LEU B 388 -10.75 50.47 -11.02
C LEU B 388 -10.80 49.27 -11.96
N SER B 389 -10.32 49.46 -13.18
CA SER B 389 -10.34 48.41 -14.18
C SER B 389 -9.34 47.31 -13.84
N MET B 390 -8.42 47.59 -12.93
CA MET B 390 -7.47 46.54 -12.55
C MET B 390 -7.93 45.61 -11.41
N ASP B 391 -9.18 45.78 -10.96
CA ASP B 391 -9.76 44.81 -10.03
C ASP B 391 -8.93 44.66 -8.76
N LEU B 392 -9.01 45.64 -7.88
CA LEU B 392 -8.12 45.70 -6.73
C LEU B 392 -8.87 45.43 -5.44
N PRO B 393 -8.16 44.87 -4.45
CA PRO B 393 -8.76 44.62 -3.14
C PRO B 393 -9.30 45.92 -2.54
N ALA B 394 -10.56 45.90 -2.10
CA ALA B 394 -11.21 47.09 -1.56
C ALA B 394 -10.54 47.68 -0.32
N GLU B 395 -9.65 46.95 0.34
CA GLU B 395 -8.97 47.50 1.51
C GLU B 395 -7.83 48.38 1.01
N LEU B 396 -7.51 48.20 -0.26
CA LEU B 396 -6.53 49.03 -0.94
C LEU B 396 -7.26 50.20 -1.58
N ALA B 397 -8.03 49.92 -2.62
CA ALA B 397 -8.86 50.94 -3.26
C ALA B 397 -10.22 50.38 -3.65
N VAL B 398 -11.24 51.23 -3.63
CA VAL B 398 -12.59 50.81 -3.98
C VAL B 398 -13.35 51.96 -4.62
N ALA B 399 -14.14 51.65 -5.65
CA ALA B 399 -14.87 52.69 -6.35
C ALA B 399 -15.97 53.24 -5.45
N VAL B 400 -16.28 54.52 -5.63
CA VAL B 400 -17.25 55.18 -4.80
C VAL B 400 -18.03 56.20 -5.63
N GLU B 401 -19.36 56.16 -5.54
CA GLU B 401 -20.21 56.95 -6.44
C GLU B 401 -20.62 58.29 -5.85
N ALA B 402 -21.33 59.09 -6.63
CA ALA B 402 -21.59 60.48 -6.27
C ALA B 402 -22.10 60.64 -4.84
N ASN B 403 -23.04 59.78 -4.46
CA ASN B 403 -23.66 59.82 -3.14
C ASN B 403 -22.79 59.18 -2.04
N ALA B 404 -22.20 58.04 -2.37
CA ALA B 404 -21.22 57.42 -1.49
C ALA B 404 -20.16 58.43 -1.06
N VAL B 405 -19.69 59.24 -2.01
CA VAL B 405 -18.72 60.27 -1.71
C VAL B 405 -19.18 61.17 -0.57
N GLU B 406 -20.42 61.63 -0.62
CA GLU B 406 -20.90 62.49 0.46
C GLU B 406 -21.05 61.71 1.77
N GLN B 407 -21.39 60.44 1.66
CA GLN B 407 -21.48 59.61 2.86
C GLN B 407 -20.14 59.55 3.59
N ILE B 408 -19.10 59.14 2.86
CA ILE B 408 -17.81 58.83 3.44
C ILE B 408 -16.94 60.05 3.71
N THR B 409 -16.92 61.00 2.77
CA THR B 409 -16.14 62.23 2.93
C THR B 409 -16.84 63.26 3.82
N GLY B 410 -18.16 63.20 3.87
CA GLY B 410 -18.94 64.12 4.68
C GLY B 410 -19.23 65.41 3.93
N VAL B 411 -18.92 65.43 2.64
CA VAL B 411 -19.06 66.61 1.81
C VAL B 411 -19.57 66.21 0.43
N ALA B 412 -20.23 67.13 -0.27
CA ALA B 412 -20.80 66.81 -1.58
C ALA B 412 -19.95 67.32 -2.76
N THR B 413 -19.31 66.40 -3.46
CA THR B 413 -18.51 66.72 -4.64
C THR B 413 -19.32 66.80 -5.94
N ASN B 414 -20.48 66.14 -5.94
CA ASN B 414 -21.27 66.00 -7.16
C ASN B 414 -20.52 65.30 -8.29
N CYS B 415 -19.85 64.21 -7.96
CA CYS B 415 -19.10 63.40 -8.93
C CYS B 415 -18.51 62.20 -8.22
N SER B 416 -18.08 61.21 -8.98
CA SER B 416 -17.61 59.96 -8.39
C SER B 416 -16.12 59.97 -8.11
N GLY B 417 -15.59 58.82 -7.70
CA GLY B 417 -14.18 58.71 -7.44
C GLY B 417 -13.78 57.37 -6.86
N ILE B 418 -12.61 57.36 -6.21
CA ILE B 418 -12.07 56.14 -5.64
C ILE B 418 -11.57 56.46 -4.23
N THR B 419 -11.66 55.51 -3.31
CA THR B 419 -11.19 55.73 -1.96
C THR B 419 -10.10 54.72 -1.63
N TYR B 420 -9.12 55.18 -0.85
CA TYR B 420 -8.18 54.29 -0.22
C TYR B 420 -8.48 54.40 1.26
N PRO B 421 -9.21 53.41 1.78
CA PRO B 421 -9.74 53.44 3.14
C PRO B 421 -8.67 53.32 4.23
N GLN B 422 -7.51 52.78 3.88
CA GLN B 422 -6.44 52.70 4.87
C GLN B 422 -5.49 53.88 4.76
N GLY B 423 -5.80 54.81 3.86
CA GLY B 423 -5.09 56.05 3.75
C GLY B 423 -5.45 57.02 4.86
N GLY B 424 -4.98 58.25 4.76
CA GLY B 424 -5.19 59.23 5.81
C GLY B 424 -4.24 60.39 5.65
N TRP B 425 -3.94 61.06 6.74
CA TRP B 425 -2.96 62.13 6.73
C TRP B 425 -2.09 62.04 7.99
N LEU B 426 -0.90 62.64 7.94
CA LEU B 426 -0.11 62.78 9.15
C LEU B 426 0.64 64.08 9.11
N CYS B 427 1.32 64.41 10.20
CA CYS B 427 2.12 65.61 10.23
C CYS B 427 3.57 65.22 9.96
N PRO B 428 4.06 65.52 8.75
CA PRO B 428 5.41 65.10 8.41
C PRO B 428 6.48 65.80 9.24
N ALA B 429 6.27 67.07 9.58
CA ALA B 429 7.27 67.80 10.35
C ALA B 429 7.45 67.16 11.72
N GLU B 430 6.34 67.02 12.45
CA GLU B 430 6.38 66.45 13.79
C GLU B 430 6.94 65.03 13.76
N LEU B 431 6.52 64.23 12.78
CA LEU B 431 7.04 62.87 12.63
C LEU B 431 8.55 62.85 12.41
N THR B 432 9.03 63.73 11.52
CA THR B 432 10.44 63.82 11.21
C THR B 432 11.25 64.18 12.46
N ARG B 433 10.79 65.21 13.15
CA ARG B 433 11.47 65.67 14.35
C ARG B 433 11.51 64.59 15.41
N ASN B 434 10.36 64.03 15.72
CA ASN B 434 10.24 63.04 16.80
C ASN B 434 10.94 61.71 16.50
N VAL B 435 10.96 61.35 15.22
CA VAL B 435 11.75 60.20 14.80
C VAL B 435 13.22 60.48 15.00
N LEU B 436 13.69 61.63 14.52
CA LEU B 436 15.09 62.02 14.70
C LEU B 436 15.50 62.05 16.17
N GLU B 437 14.57 62.46 17.03
CA GLU B 437 14.81 62.52 18.46
C GLU B 437 14.97 61.10 19.01
N LEU B 438 14.06 60.21 18.61
CA LEU B 438 14.18 58.82 18.98
C LEU B 438 15.55 58.29 18.55
N ALA B 439 15.93 58.65 17.33
CA ALA B 439 17.17 58.16 16.75
C ALA B 439 18.35 58.64 17.58
N GLN B 440 18.27 59.88 18.06
CA GLN B 440 19.33 60.40 18.91
C GLN B 440 19.43 59.56 20.16
N GLN B 441 18.27 59.21 20.72
CA GLN B 441 18.26 58.33 21.90
C GLN B 441 18.95 56.99 21.59
N GLN B 442 18.88 56.58 20.32
CA GLN B 442 19.46 55.31 19.89
C GLN B 442 20.92 55.47 19.44
N GLY B 443 21.46 56.66 19.64
CA GLY B 443 22.88 56.88 19.40
C GLY B 443 23.23 57.65 18.14
N LEU B 444 22.23 58.17 17.44
CA LEU B 444 22.50 59.00 16.29
C LEU B 444 23.16 60.27 16.80
N GLN B 445 24.12 60.79 16.05
CA GLN B 445 24.77 62.04 16.40
C GLN B 445 24.45 63.04 15.30
N ILE B 446 23.88 64.19 15.65
CA ILE B 446 23.48 65.18 14.63
C ILE B 446 24.30 66.48 14.71
N TYR B 447 24.75 66.97 13.56
CA TYR B 447 25.29 68.32 13.46
C TYR B 447 24.41 69.18 12.55
N TYR B 448 23.98 70.33 13.08
CA TYR B 448 23.12 71.26 12.34
C TYR B 448 23.92 72.46 11.87
N GLN B 449 23.52 73.05 10.74
CA GLN B 449 24.29 74.13 10.13
C GLN B 449 25.51 73.62 9.38
N TYR B 450 25.64 72.29 9.33
CA TYR B 450 26.65 71.70 8.48
C TYR B 450 26.06 71.47 7.10
N GLN B 451 26.50 72.27 6.15
CA GLN B 451 26.00 72.16 4.79
C GLN B 451 27.11 71.64 3.91
N LEU B 452 26.89 70.48 3.29
CA LEU B 452 27.95 69.82 2.58
C LEU B 452 28.15 70.49 1.23
N GLN B 453 29.33 71.07 1.05
CA GLN B 453 29.72 71.66 -0.23
C GLN B 453 30.26 70.65 -1.24
N ASN B 454 31.21 69.82 -0.82
CA ASN B 454 31.69 68.79 -1.73
C ASN B 454 32.29 67.57 -1.06
N LEU B 455 32.62 66.61 -1.90
CA LEU B 455 32.77 65.24 -1.44
C LEU B 455 33.94 64.63 -2.17
N SER B 456 34.88 64.06 -1.44
CA SER B 456 36.13 63.63 -2.06
C SER B 456 36.52 62.25 -1.56
N ARG B 457 36.81 61.32 -2.46
CA ARG B 457 37.09 59.96 -2.00
C ARG B 457 38.57 59.74 -1.74
N LYS B 458 38.91 59.59 -0.46
CA LYS B 458 40.26 59.25 -0.06
C LYS B 458 40.44 57.74 -0.21
N ASP B 459 41.53 57.20 0.30
CA ASP B 459 41.78 55.76 0.20
C ASP B 459 40.67 54.90 0.82
N ASP B 460 40.55 54.95 2.14
CA ASP B 460 39.52 54.17 2.83
C ASP B 460 38.25 54.91 3.24
N CYS B 461 38.16 56.21 2.98
CA CYS B 461 37.03 56.98 3.48
C CYS B 461 36.63 58.15 2.58
N TRP B 462 35.60 58.88 2.99
CA TRP B 462 35.19 60.10 2.30
C TRP B 462 35.57 61.31 3.12
N LEU B 463 36.18 62.28 2.45
CA LEU B 463 36.40 63.60 3.00
C LEU B 463 35.20 64.45 2.63
N LEU B 464 34.55 65.04 3.63
CA LEU B 464 33.42 65.92 3.39
C LEU B 464 33.82 67.35 3.70
N ASN B 465 33.60 68.22 2.72
CA ASN B 465 33.83 69.65 2.88
C ASN B 465 32.52 70.37 3.04
N PHE B 466 32.29 70.91 4.23
CA PHE B 466 31.12 71.71 4.52
C PHE B 466 31.47 73.19 4.41
N ALA B 467 30.45 74.04 4.52
CA ALA B 467 30.65 75.49 4.61
C ALA B 467 31.07 75.89 6.01
N GLY B 468 31.66 77.07 6.16
CA GLY B 468 32.04 77.56 7.47
C GLY B 468 33.25 76.88 8.08
N ASP B 469 34.16 76.41 7.23
CA ASP B 469 35.39 75.81 7.70
C ASP B 469 35.08 74.61 8.62
N GLN B 470 34.46 73.59 8.04
CA GLN B 470 34.19 72.36 8.73
C GLN B 470 34.39 71.21 7.75
N GLN B 471 35.10 70.17 8.19
CA GLN B 471 35.23 68.97 7.36
C GLN B 471 35.03 67.73 8.21
N ALA B 472 34.82 66.60 7.55
CA ALA B 472 34.70 65.34 8.28
C ALA B 472 35.21 64.16 7.48
N THR B 473 35.56 63.07 8.16
CA THR B 473 35.95 61.85 7.48
C THR B 473 35.05 60.69 7.88
N HIS B 474 34.55 59.98 6.89
CA HIS B 474 33.59 58.92 7.12
C HIS B 474 33.80 57.75 6.14
N SER B 475 33.69 56.54 6.67
CA SER B 475 33.80 55.33 5.86
C SER B 475 32.75 55.33 4.75
N VAL B 476 31.48 55.46 5.15
CA VAL B 476 30.35 55.35 4.25
C VAL B 476 29.52 56.62 4.31
N VAL B 477 28.98 57.04 3.17
CA VAL B 477 28.21 58.27 3.08
C VAL B 477 26.91 58.07 2.30
N VAL B 478 25.82 58.65 2.81
CA VAL B 478 24.50 58.54 2.19
C VAL B 478 23.92 59.92 1.92
N LEU B 479 23.58 60.20 0.67
CA LEU B 479 23.00 61.49 0.33
C LEU B 479 21.47 61.39 0.42
N ALA B 480 20.95 61.98 1.49
CA ALA B 480 19.52 62.11 1.83
C ALA B 480 18.95 63.51 1.65
N ASN B 481 19.72 64.40 1.01
CA ASN B 481 19.50 65.85 1.11
C ASN B 481 18.40 66.47 0.25
N GLY B 482 17.61 65.66 -0.43
CA GLY B 482 16.42 66.17 -1.07
C GLY B 482 16.71 66.80 -2.42
N HIS B 483 16.02 67.90 -2.73
CA HIS B 483 16.13 68.51 -4.05
C HIS B 483 17.55 68.97 -4.39
N GLN B 484 18.41 69.03 -3.37
CA GLN B 484 19.80 69.45 -3.56
C GLN B 484 20.75 68.27 -3.78
N ILE B 485 20.20 67.09 -3.94
CA ILE B 485 21.04 65.91 -4.14
C ILE B 485 21.87 66.00 -5.41
N SER B 486 21.44 66.86 -6.33
CA SER B 486 22.13 67.01 -7.61
C SER B 486 23.32 67.97 -7.49
N ARG B 487 23.58 68.48 -6.28
CA ARG B 487 24.50 69.60 -6.11
C ARG B 487 25.98 69.23 -6.09
N PHE B 488 26.29 67.94 -6.22
CA PHE B 488 27.68 67.52 -6.13
C PHE B 488 28.14 66.91 -7.42
N SER B 489 29.44 67.03 -7.71
CA SER B 489 29.96 66.52 -8.97
C SER B 489 29.49 65.09 -9.20
N GLN B 490 29.52 64.28 -8.14
CA GLN B 490 29.18 62.86 -8.27
C GLN B 490 27.73 62.65 -8.65
N THR B 491 26.87 63.53 -8.15
CA THR B 491 25.44 63.44 -8.35
C THR B 491 24.84 64.38 -9.41
N SER B 492 25.69 65.18 -10.06
CA SER B 492 25.20 66.32 -10.85
C SER B 492 24.36 65.98 -12.08
N THR B 493 24.58 64.80 -12.66
CA THR B 493 23.92 64.44 -13.91
C THR B 493 22.68 63.58 -13.72
N LEU B 494 22.33 63.30 -12.46
CA LEU B 494 21.14 62.51 -12.18
C LEU B 494 19.90 63.15 -12.81
N PRO B 495 19.01 62.33 -13.38
CA PRO B 495 17.74 62.76 -13.98
C PRO B 495 16.68 63.09 -12.94
N VAL B 496 16.96 64.03 -12.06
CA VAL B 496 15.95 64.51 -11.14
C VAL B 496 15.76 66.00 -11.34
N TYR B 497 14.57 66.50 -11.05
CA TYR B 497 14.30 67.92 -11.21
C TYR B 497 13.54 68.51 -10.03
N SER B 498 13.76 69.78 -9.76
CA SER B 498 13.11 70.42 -8.63
C SER B 498 11.75 70.96 -9.05
N VAL B 499 10.78 70.82 -8.18
CA VAL B 499 9.54 71.54 -8.38
C VAL B 499 9.08 72.13 -7.05
N ALA B 500 9.03 73.45 -6.96
CA ALA B 500 8.65 74.11 -5.72
C ALA B 500 7.16 74.06 -5.52
N GLY B 501 6.72 74.20 -4.27
CA GLY B 501 5.31 74.22 -3.97
C GLY B 501 4.97 74.86 -2.64
N GLN B 502 3.75 75.37 -2.56
CA GLN B 502 3.24 76.07 -1.39
C GLN B 502 1.94 75.42 -0.92
N VAL B 503 1.85 75.19 0.38
CA VAL B 503 0.68 74.55 0.97
C VAL B 503 0.05 75.50 1.99
N SER B 504 -1.25 75.77 1.83
CA SER B 504 -1.92 76.80 2.65
C SER B 504 -2.49 76.26 3.96
N HIS B 505 -2.38 77.06 5.02
CA HIS B 505 -2.94 76.75 6.33
C HIS B 505 -4.24 77.55 6.53
N ILE B 506 -5.36 76.85 6.56
CA ILE B 506 -6.67 77.50 6.64
C ILE B 506 -7.41 77.12 7.92
N PRO B 507 -8.23 78.04 8.44
CA PRO B 507 -9.00 77.73 9.65
C PRO B 507 -10.22 76.89 9.30
N THR B 508 -10.66 76.06 10.23
CA THR B 508 -11.88 75.28 10.03
C THR B 508 -13.13 76.13 10.26
N THR B 509 -14.13 75.95 9.41
CA THR B 509 -15.44 76.54 9.58
C THR B 509 -16.39 75.45 10.07
N PRO B 510 -17.68 75.78 10.27
CA PRO B 510 -18.62 74.71 10.59
C PRO B 510 -18.94 73.78 9.40
N GLU B 511 -18.89 74.33 8.18
CA GLU B 511 -19.16 73.55 6.96
C GLU B 511 -18.02 72.59 6.65
N LEU B 512 -16.80 73.14 6.61
CA LEU B 512 -15.59 72.34 6.74
C LEU B 512 -15.63 71.88 8.18
N ALA B 513 -14.85 70.87 8.53
CA ALA B 513 -14.96 70.21 9.83
C ALA B 513 -16.07 69.19 9.75
N GLU B 514 -16.87 69.30 8.69
CA GLU B 514 -17.83 68.27 8.36
C GLU B 514 -17.11 67.22 7.53
N LEU B 515 -15.89 67.57 7.10
CA LEU B 515 -15.09 66.72 6.21
C LEU B 515 -14.39 65.59 6.96
N LYS B 516 -14.73 64.36 6.60
CA LYS B 516 -14.21 63.18 7.28
C LYS B 516 -12.95 62.58 6.66
N GLN B 517 -12.57 63.06 5.47
CA GLN B 517 -11.48 62.44 4.73
C GLN B 517 -10.59 63.44 4.00
N VAL B 518 -9.42 62.98 3.55
CA VAL B 518 -8.59 63.81 2.68
C VAL B 518 -9.18 63.72 1.28
N LEU B 519 -9.29 64.88 0.63
CA LEU B 519 -9.80 64.95 -0.73
C LEU B 519 -8.68 65.18 -1.74
N CYS B 520 -8.66 64.36 -2.78
CA CYS B 520 -7.71 64.51 -3.87
C CYS B 520 -8.42 64.87 -5.17
N TYR B 521 -8.00 65.99 -5.75
CA TYR B 521 -8.62 66.59 -6.93
C TYR B 521 -7.43 67.21 -7.64
N ASP B 522 -7.63 68.23 -8.48
CA ASP B 522 -6.43 68.88 -8.93
C ASP B 522 -6.17 69.87 -7.80
N GLY B 523 -5.38 69.36 -6.85
CA GLY B 523 -5.14 70.00 -5.57
C GLY B 523 -5.34 68.87 -4.55
N TYR B 524 -5.26 69.19 -3.27
CA TYR B 524 -5.74 68.28 -2.22
C TYR B 524 -6.12 69.07 -0.96
N LEU B 525 -6.99 68.48 -0.15
CA LEU B 525 -7.46 69.13 1.07
C LEU B 525 -7.53 68.14 2.22
N THR B 526 -6.96 68.47 3.37
CA THR B 526 -7.07 67.59 4.52
C THR B 526 -8.27 67.96 5.39
N PRO B 527 -8.74 67.01 6.20
CA PRO B 527 -9.63 67.35 7.32
C PRO B 527 -8.87 68.24 8.29
N GLN B 528 -9.58 68.93 9.17
CA GLN B 528 -8.92 69.71 10.20
C GLN B 528 -8.15 68.79 11.13
N ASN B 529 -7.08 69.30 11.71
CA ASN B 529 -6.40 68.61 12.79
C ASN B 529 -6.94 69.11 14.12
N PRO B 530 -7.65 68.23 14.84
CA PRO B 530 -8.37 68.62 16.07
C PRO B 530 -7.49 69.42 17.04
N ALA B 531 -6.19 69.20 16.99
CA ALA B 531 -5.27 69.91 17.87
C ALA B 531 -5.17 71.40 17.52
N ASN B 532 -5.01 71.72 16.24
CA ASN B 532 -4.96 73.10 15.78
C ASN B 532 -6.22 73.70 15.16
N GLN B 533 -7.27 72.90 15.01
CA GLN B 533 -8.50 73.34 14.32
C GLN B 533 -8.23 73.97 12.96
N HIS B 534 -7.28 73.39 12.22
CA HIS B 534 -6.92 73.90 10.90
C HIS B 534 -6.79 72.80 9.85
N HIS B 535 -6.91 73.19 8.59
CA HIS B 535 -6.72 72.31 7.46
C HIS B 535 -5.51 72.75 6.64
N CYS B 536 -4.89 71.80 5.96
CA CYS B 536 -3.92 72.12 4.92
C CYS B 536 -4.57 71.95 3.57
N ILE B 537 -4.22 72.82 2.63
CA ILE B 537 -4.81 72.76 1.30
C ILE B 537 -3.79 73.17 0.25
N GLY B 538 -4.23 73.25 -1.00
CA GLY B 538 -3.33 73.58 -2.10
C GLY B 538 -2.43 72.52 -2.67
N ALA B 539 -1.11 72.75 -2.55
CA ALA B 539 -0.08 72.21 -3.43
C ALA B 539 0.03 72.82 -4.82
N SER B 540 0.57 74.05 -4.86
CA SER B 540 1.09 74.64 -6.09
C SER B 540 2.26 73.81 -6.60
N TYR B 541 2.48 73.85 -7.91
CA TYR B 541 3.51 73.03 -8.55
C TYR B 541 4.30 73.89 -9.52
N HIS B 542 5.58 74.12 -9.21
CA HIS B 542 6.42 74.91 -10.11
C HIS B 542 7.65 74.15 -10.56
N ARG B 543 7.65 73.71 -11.81
CA ARG B 543 8.73 72.87 -12.30
C ARG B 543 9.97 73.71 -12.67
N GLY B 544 11.08 73.41 -12.00
CA GLY B 544 12.32 74.10 -12.27
C GLY B 544 12.67 75.11 -11.19
N SER B 545 11.69 75.46 -10.38
CA SER B 545 11.87 76.48 -9.35
C SER B 545 12.29 75.93 -8.00
N GLU B 546 13.36 76.49 -7.45
CA GLU B 546 13.79 76.21 -6.08
C GLU B 546 13.34 77.27 -5.06
N ASP B 547 12.46 78.17 -5.51
CA ASP B 547 12.00 79.30 -4.69
C ASP B 547 11.04 78.87 -3.58
N THR B 548 11.43 79.15 -2.33
CA THR B 548 10.60 78.89 -1.15
C THR B 548 9.82 80.10 -0.59
N ALA B 549 9.85 81.23 -1.30
CA ALA B 549 9.23 82.45 -0.79
C ALA B 549 7.72 82.43 -0.95
N TYR B 550 7.02 82.94 0.07
CA TYR B 550 5.56 82.98 0.07
C TYR B 550 5.02 83.68 -1.17
N SER B 551 3.92 83.15 -1.69
CA SER B 551 3.31 83.68 -2.91
C SER B 551 1.81 83.83 -2.71
N GLU B 552 1.26 84.98 -3.08
CA GLU B 552 -0.18 85.17 -3.00
C GLU B 552 -0.86 84.51 -4.19
N ASP B 553 -0.24 84.62 -5.37
CA ASP B 553 -0.77 83.96 -6.55
C ASP B 553 -1.08 82.52 -6.17
N ASP B 554 -0.12 81.89 -5.49
CA ASP B 554 -0.26 80.51 -5.06
C ASP B 554 -1.26 80.33 -3.94
N GLN B 555 -1.26 81.23 -2.97
CA GLN B 555 -2.18 81.16 -1.84
C GLN B 555 -3.65 81.16 -2.31
N GLN B 556 -3.95 82.03 -3.28
CA GLN B 556 -5.28 82.08 -3.89
C GLN B 556 -5.49 80.87 -4.80
N GLN B 557 -4.44 80.47 -5.49
CA GLN B 557 -4.49 79.29 -6.35
C GLN B 557 -4.98 78.04 -5.61
N ASN B 558 -4.47 77.84 -4.40
CA ASN B 558 -4.80 76.67 -3.60
C ASN B 558 -6.30 76.50 -3.28
N ARG B 559 -6.98 77.64 -3.09
CA ARG B 559 -8.41 77.67 -2.87
C ARG B 559 -9.19 77.58 -4.19
N GLN B 560 -8.70 78.32 -5.18
CA GLN B 560 -9.37 78.41 -6.47
C GLN B 560 -9.42 77.08 -7.20
N ARG B 561 -8.36 76.27 -7.10
CA ARG B 561 -8.37 74.98 -7.78
C ARG B 561 -9.51 74.10 -7.26
N LEU B 562 -9.73 74.16 -5.94
CA LEU B 562 -10.79 73.39 -5.30
C LEU B 562 -12.17 73.91 -5.71
N ILE B 563 -12.36 75.23 -5.58
CA ILE B 563 -13.62 75.83 -6.00
C ILE B 563 -13.95 75.52 -7.46
N ASP B 564 -12.91 75.42 -8.31
CA ASP B 564 -13.11 75.11 -9.72
C ASP B 564 -13.37 73.63 -9.95
N CYS B 565 -12.81 72.78 -9.09
CA CYS B 565 -13.10 71.35 -9.19
C CYS B 565 -14.52 71.05 -8.71
N PHE B 566 -15.00 71.83 -7.75
CA PHE B 566 -16.34 71.64 -7.20
C PHE B 566 -17.13 72.94 -7.19
N PRO B 567 -17.47 73.43 -8.39
CA PRO B 567 -18.08 74.73 -8.69
C PRO B 567 -19.35 74.97 -7.88
N GLN B 568 -20.07 73.90 -7.58
CA GLN B 568 -21.34 74.01 -6.86
C GLN B 568 -21.18 73.86 -5.35
N ALA B 569 -19.97 73.59 -4.89
CA ALA B 569 -19.74 73.32 -3.47
C ALA B 569 -19.73 74.63 -2.67
N GLN B 570 -20.69 74.75 -1.76
CA GLN B 570 -20.82 75.92 -0.90
C GLN B 570 -19.80 75.81 0.24
N TRP B 571 -19.51 74.57 0.63
CA TRP B 571 -18.51 74.30 1.65
C TRP B 571 -17.14 74.78 1.17
N ALA B 572 -16.91 74.66 -0.13
CA ALA B 572 -15.64 75.07 -0.72
C ALA B 572 -15.39 76.58 -0.61
N LYS B 573 -16.45 77.37 -0.73
CA LYS B 573 -16.34 78.81 -0.62
C LYS B 573 -15.83 79.21 0.77
N GLU B 574 -16.14 78.39 1.76
CA GLU B 574 -15.85 78.73 3.16
C GLU B 574 -14.37 78.67 3.49
N VAL B 575 -13.56 78.24 2.53
CA VAL B 575 -12.11 78.15 2.73
C VAL B 575 -11.49 79.54 2.84
N ASP B 576 -10.80 79.80 3.94
CA ASP B 576 -10.28 81.13 4.21
C ASP B 576 -8.76 81.14 4.18
N VAL B 577 -8.19 81.72 3.13
CA VAL B 577 -6.73 81.87 3.02
C VAL B 577 -6.27 83.26 3.45
N SER B 578 -7.22 84.08 3.88
CA SER B 578 -6.96 85.50 4.13
C SER B 578 -5.83 85.77 5.14
N ASP B 579 -5.49 84.75 5.94
CA ASP B 579 -4.49 84.92 6.99
C ASP B 579 -3.07 84.79 6.45
N LYS B 580 -2.96 84.55 5.15
CA LYS B 580 -1.67 84.37 4.47
C LYS B 580 -0.71 83.48 5.27
N GLU B 581 -1.11 82.22 5.48
CA GLU B 581 -0.27 81.27 6.19
C GLU B 581 -0.03 80.02 5.34
N ALA B 582 1.24 79.66 5.19
CA ALA B 582 1.64 78.59 4.29
C ALA B 582 2.97 77.98 4.68
N ARG B 583 3.28 76.82 4.12
CA ARG B 583 4.64 76.29 4.14
C ARG B 583 5.08 76.11 2.70
N CYS B 584 6.33 76.46 2.42
CA CYS B 584 6.86 76.29 1.07
C CYS B 584 8.04 75.34 1.10
N GLY B 585 8.10 74.47 0.09
CA GLY B 585 9.19 73.52 0.00
C GLY B 585 9.53 73.20 -1.43
N VAL B 586 10.68 72.56 -1.64
CA VAL B 586 11.01 72.09 -2.98
C VAL B 586 10.98 70.56 -3.05
N ARG B 587 10.30 70.07 -4.07
CA ARG B 587 10.23 68.64 -4.32
C ARG B 587 11.36 68.21 -5.22
N CYS B 588 11.93 67.05 -4.94
CA CYS B 588 12.83 66.42 -5.90
C CYS B 588 12.06 65.29 -6.58
N ALA B 589 11.90 65.39 -7.90
CA ALA B 589 11.09 64.41 -8.63
C ALA B 589 11.82 63.73 -9.77
N THR B 590 11.15 62.78 -10.40
CA THR B 590 11.66 62.07 -11.56
C THR B 590 10.46 61.91 -12.48
N ARG B 591 10.69 61.56 -13.74
CA ARG B 591 9.58 61.53 -14.69
C ARG B 591 8.67 60.32 -14.49
N ASP B 592 9.26 59.21 -14.05
CA ASP B 592 8.52 57.97 -13.85
C ASP B 592 7.93 57.88 -12.43
N HIS B 593 8.12 58.95 -11.67
CA HIS B 593 7.49 59.13 -10.35
C HIS B 593 7.93 58.13 -9.29
N LEU B 594 9.12 57.56 -9.46
CA LEU B 594 9.69 56.63 -8.49
C LEU B 594 10.95 57.22 -7.91
N PRO B 595 11.20 56.94 -6.62
CA PRO B 595 12.41 57.42 -5.93
C PRO B 595 13.70 56.88 -6.53
N MET B 596 14.83 57.52 -6.22
CA MET B 596 16.15 56.99 -6.55
C MET B 596 16.86 56.57 -5.25
N VAL B 597 17.01 55.26 -5.09
CA VAL B 597 17.55 54.69 -3.87
C VAL B 597 18.54 53.59 -4.19
N GLY B 598 19.79 53.76 -3.77
CA GLY B 598 20.77 52.71 -3.98
C GLY B 598 22.19 53.23 -4.06
N ASN B 599 23.05 52.48 -4.73
CA ASN B 599 24.40 52.95 -5.02
C ASN B 599 24.31 54.21 -5.88
N VAL B 600 25.16 55.18 -5.59
CA VAL B 600 25.30 56.33 -6.47
C VAL B 600 26.09 55.89 -7.68
N PRO B 601 25.48 55.97 -8.86
CA PRO B 601 26.15 55.51 -10.09
C PRO B 601 27.19 56.52 -10.53
N ASP B 602 28.30 56.01 -11.06
CA ASP B 602 29.35 56.85 -11.60
C ASP B 602 29.02 57.03 -13.07
N TYR B 603 28.61 58.24 -13.42
CA TYR B 603 28.01 58.51 -14.73
C TYR B 603 28.97 58.39 -15.92
N GLU B 604 30.13 59.03 -15.81
CA GLU B 604 31.13 58.98 -16.87
C GLU B 604 31.54 57.53 -17.11
N ALA B 605 31.91 56.83 -16.05
CA ALA B 605 32.31 55.45 -16.16
C ALA B 605 31.17 54.62 -16.73
N THR B 606 29.94 55.04 -16.45
CA THR B 606 28.80 54.29 -16.93
C THR B 606 28.71 54.41 -18.45
N LEU B 607 28.76 55.64 -18.96
CA LEU B 607 28.75 55.83 -20.41
C LEU B 607 29.90 55.09 -21.08
N VAL B 608 31.10 55.16 -20.51
CA VAL B 608 32.23 54.42 -21.05
C VAL B 608 32.01 52.90 -21.09
N GLU B 609 31.97 52.28 -19.91
CA GLU B 609 31.88 50.82 -19.79
C GLU B 609 30.71 50.18 -20.55
N TYR B 610 29.55 50.82 -20.51
CA TYR B 610 28.36 50.26 -21.13
C TYR B 610 28.08 50.78 -22.54
N ALA B 611 28.99 51.56 -23.09
CA ALA B 611 28.79 52.13 -24.43
C ALA B 611 28.40 51.06 -25.44
N SER B 612 29.10 49.93 -25.40
CA SER B 612 28.84 48.83 -26.32
C SER B 612 27.90 47.78 -25.72
N LEU B 613 27.40 48.06 -24.51
CA LEU B 613 26.66 47.08 -23.73
C LEU B 613 25.61 46.35 -24.56
N ALA B 614 24.84 47.11 -25.34
CA ALA B 614 23.72 46.54 -26.09
C ALA B 614 24.12 45.26 -26.83
N GLU B 615 25.22 45.34 -27.58
CA GLU B 615 25.68 44.18 -28.33
C GLU B 615 25.88 42.98 -27.41
N GLN B 616 26.92 43.03 -26.59
CA GLN B 616 27.16 41.92 -25.68
C GLN B 616 27.04 42.30 -24.21
N LYS B 617 25.98 41.85 -23.56
CA LYS B 617 25.93 41.90 -22.12
C LYS B 617 25.91 40.47 -21.61
N ASP B 618 27.10 39.97 -21.31
CA ASP B 618 27.33 38.69 -20.67
C ASP B 618 28.47 38.94 -19.72
N GLU B 619 29.55 39.46 -20.34
CA GLU B 619 30.80 39.79 -19.69
C GLU B 619 30.62 40.81 -18.57
N ALA B 620 29.38 41.22 -18.36
CA ALA B 620 29.01 41.91 -17.12
C ALA B 620 29.74 43.22 -16.91
N VAL B 621 30.60 43.28 -15.91
CA VAL B 621 31.00 44.54 -15.28
C VAL B 621 29.87 45.18 -14.46
N SER B 622 29.78 44.76 -13.20
CA SER B 622 28.82 45.30 -12.25
C SER B 622 28.78 46.81 -12.34
N ALA B 623 27.58 47.37 -12.25
CA ALA B 623 27.36 48.79 -12.52
C ALA B 623 28.37 49.62 -11.77
N PRO B 624 29.05 50.52 -12.51
CA PRO B 624 30.07 51.41 -11.94
C PRO B 624 29.43 52.37 -10.92
N VAL B 625 29.99 52.39 -9.71
CA VAL B 625 29.47 53.23 -8.65
C VAL B 625 30.62 53.74 -7.81
N PHE B 626 30.41 54.84 -7.10
CA PHE B 626 31.41 55.33 -6.17
C PHE B 626 31.41 54.46 -4.92
N ASP B 627 32.60 54.13 -4.43
CA ASP B 627 32.73 53.24 -3.28
C ASP B 627 32.04 53.82 -2.05
N ASP B 628 31.24 52.99 -1.38
CA ASP B 628 30.60 53.36 -0.11
C ASP B 628 29.84 54.69 -0.17
N LEU B 629 29.26 54.99 -1.33
CA LEU B 629 28.40 56.17 -1.46
C LEU B 629 27.01 55.74 -1.94
N PHE B 630 26.00 56.13 -1.17
CA PHE B 630 24.63 55.69 -1.39
C PHE B 630 23.74 56.90 -1.44
N MET B 631 22.52 56.74 -1.96
CA MET B 631 21.58 57.85 -1.97
C MET B 631 20.16 57.40 -1.78
N PHE B 632 19.40 58.25 -1.08
CA PHE B 632 17.98 58.08 -0.85
C PHE B 632 17.36 59.43 -1.26
N ALA B 633 16.68 59.48 -2.40
CA ALA B 633 16.18 60.78 -2.85
C ALA B 633 15.08 60.72 -3.89
N ALA B 634 14.64 61.89 -4.35
CA ALA B 634 13.58 61.98 -5.36
C ALA B 634 12.28 61.34 -4.89
N LEU B 635 11.80 61.76 -3.72
CA LEU B 635 10.58 61.23 -3.15
C LEU B 635 9.36 61.96 -3.69
N GLY B 636 9.59 62.93 -4.57
CA GLY B 636 8.49 63.62 -5.25
C GLY B 636 7.45 64.15 -4.27
N SER B 637 6.17 63.95 -4.57
CA SER B 637 5.10 64.37 -3.67
C SER B 637 4.58 63.27 -2.74
N ARG B 638 5.03 62.05 -3.01
CA ARG B 638 4.54 60.85 -2.33
C ARG B 638 5.41 60.30 -1.20
N GLY B 639 6.40 61.08 -0.78
CA GLY B 639 7.38 60.67 0.21
C GLY B 639 6.89 60.01 1.48
N LEU B 640 5.77 60.46 2.03
CA LEU B 640 5.23 59.84 3.24
C LEU B 640 4.82 58.40 3.00
N CYS B 641 4.55 58.07 1.74
CA CYS B 641 4.30 56.69 1.32
C CYS B 641 5.57 55.86 1.00
N SER B 642 6.51 56.45 0.27
CA SER B 642 7.69 55.73 -0.19
C SER B 642 8.79 55.58 0.85
N ALA B 643 8.86 56.54 1.76
CA ALA B 643 9.97 56.64 2.69
C ALA B 643 10.26 55.39 3.54
N PRO B 644 9.26 54.87 4.26
CA PRO B 644 9.60 53.79 5.20
C PRO B 644 10.21 52.57 4.51
N LEU B 645 9.59 52.12 3.42
CA LEU B 645 10.08 50.95 2.71
C LEU B 645 11.37 51.26 1.93
N CYS B 646 11.49 52.47 1.39
CA CYS B 646 12.75 52.85 0.76
C CYS B 646 13.88 52.82 1.78
N ALA B 647 13.59 53.25 3.01
CA ALA B 647 14.56 53.20 4.10
C ALA B 647 14.92 51.75 4.42
N GLU B 648 13.92 50.89 4.48
CA GLU B 648 14.16 49.46 4.70
C GLU B 648 15.07 48.88 3.63
N ILE B 649 14.72 49.17 2.38
CA ILE B 649 15.48 48.72 1.23
C ILE B 649 16.92 49.18 1.29
N LEU B 650 17.12 50.48 1.50
CA LEU B 650 18.49 51.00 1.48
C LEU B 650 19.30 50.47 2.64
N ALA B 651 18.72 50.45 3.84
CA ALA B 651 19.40 49.94 5.03
C ALA B 651 19.77 48.47 4.85
N ALA B 652 18.87 47.72 4.24
CA ALA B 652 19.11 46.33 3.91
C ALA B 652 20.28 46.18 2.94
N GLN B 653 20.19 46.88 1.81
CA GLN B 653 21.21 46.80 0.77
C GLN B 653 22.59 47.16 1.30
N MET B 654 22.65 48.21 2.11
CA MET B 654 23.92 48.69 2.67
C MET B 654 24.53 47.69 3.64
N SER B 655 23.67 46.91 4.30
CA SER B 655 24.13 45.93 5.28
C SER B 655 24.32 44.52 4.72
N ASP B 656 24.17 44.39 3.41
CA ASP B 656 24.23 43.08 2.74
C ASP B 656 23.22 42.11 3.33
N GLU B 657 22.08 42.63 3.73
CA GLU B 657 21.02 41.78 4.23
C GLU B 657 19.95 41.62 3.16
N PRO B 658 18.96 40.75 3.40
CA PRO B 658 17.92 40.56 2.38
C PRO B 658 17.14 41.84 2.10
N ILE B 659 16.89 42.10 0.83
CA ILE B 659 16.16 43.28 0.40
C ILE B 659 14.69 42.90 0.12
N PRO B 660 13.76 43.55 0.83
CA PRO B 660 12.35 43.17 0.75
C PRO B 660 11.68 43.68 -0.53
N MET B 661 12.12 43.19 -1.67
CA MET B 661 11.52 43.58 -2.94
C MET B 661 12.07 42.79 -4.13
N ASP B 662 11.30 42.77 -5.20
CA ASP B 662 11.63 41.96 -6.36
C ASP B 662 12.67 42.65 -7.22
N ALA B 663 13.42 41.86 -7.97
CA ALA B 663 14.49 42.35 -8.84
C ALA B 663 14.03 43.46 -9.80
N SER B 664 12.86 43.26 -10.39
CA SER B 664 12.33 44.17 -11.40
C SER B 664 12.03 45.58 -10.86
N THR B 665 11.26 45.65 -9.76
CA THR B 665 10.92 46.96 -9.20
C THR B 665 12.10 47.56 -8.41
N LEU B 666 13.02 46.69 -7.96
CA LEU B 666 14.29 47.15 -7.42
C LEU B 666 15.06 47.88 -8.51
N ALA B 667 15.08 47.31 -9.70
CA ALA B 667 15.72 47.95 -10.83
C ALA B 667 15.01 49.26 -11.08
N ALA B 668 13.68 49.21 -11.03
CA ALA B 668 12.86 50.38 -11.32
C ALA B 668 13.13 51.54 -10.36
N LEU B 669 13.68 51.22 -9.19
CA LEU B 669 14.07 52.24 -8.21
C LEU B 669 15.54 52.64 -8.29
N ASN B 670 16.31 51.97 -9.16
CA ASN B 670 17.76 52.16 -9.21
C ASN B 670 18.14 53.49 -9.84
N PRO B 671 19.13 54.18 -9.27
CA PRO B 671 19.47 55.54 -9.72
C PRO B 671 20.01 55.61 -11.17
N ASN B 672 20.59 54.52 -11.65
CA ASN B 672 21.14 54.47 -13.00
C ASN B 672 20.12 54.04 -14.05
N ARG B 673 18.85 53.98 -13.66
CA ARG B 673 17.77 53.52 -14.53
C ARG B 673 17.91 54.01 -15.96
N LEU B 674 17.79 55.33 -16.14
CA LEU B 674 17.69 55.89 -17.48
C LEU B 674 18.96 55.65 -18.31
N TRP B 675 20.12 55.89 -17.72
CA TRP B 675 21.37 55.72 -18.44
C TRP B 675 21.48 54.29 -18.98
N VAL B 676 21.10 53.33 -18.14
CA VAL B 676 21.29 51.93 -18.46
C VAL B 676 20.22 51.43 -19.42
N ARG B 677 19.01 51.96 -19.31
CA ARG B 677 17.94 51.61 -20.24
C ARG B 677 18.24 52.14 -21.63
N LYS B 678 18.69 53.39 -21.72
CA LYS B 678 19.06 53.96 -23.01
C LYS B 678 20.29 53.24 -23.56
N LEU B 679 21.17 52.79 -22.68
CA LEU B 679 22.39 52.12 -23.13
C LEU B 679 22.18 50.65 -23.45
N LEU B 680 21.01 50.11 -23.08
CA LEU B 680 20.71 48.71 -23.40
C LEU B 680 20.18 48.57 -24.83
N LYS B 681 19.66 49.65 -25.39
CA LYS B 681 19.45 49.74 -26.84
C LYS B 681 20.03 51.04 -27.39
N GLY B 682 21.11 50.92 -28.17
CA GLY B 682 21.76 52.09 -28.73
C GLY B 682 22.26 53.07 -27.68
N LEU C 55 -29.44 51.34 17.72
CA LEU C 55 -30.84 50.90 17.77
C LEU C 55 -31.57 51.01 16.43
N GLU C 56 -31.49 52.16 15.77
CA GLU C 56 -32.01 52.23 14.40
C GLU C 56 -31.10 51.41 13.47
N GLU C 57 -29.82 51.36 13.84
CA GLU C 57 -28.84 50.52 13.15
C GLU C 57 -29.20 49.04 13.19
N THR C 58 -29.45 48.54 14.39
CA THR C 58 -29.80 47.13 14.59
C THR C 58 -31.01 46.77 13.74
N ARG C 59 -32.03 47.63 13.80
CA ARG C 59 -33.24 47.43 13.00
C ARG C 59 -32.92 47.38 11.50
N TYR C 60 -32.10 48.33 11.04
CA TYR C 60 -31.66 48.35 9.63
C TYR C 60 -30.94 47.08 9.20
N VAL C 61 -29.77 46.87 9.79
CA VAL C 61 -28.87 45.75 9.48
C VAL C 61 -29.45 44.36 9.69
N PHE C 62 -29.77 44.02 10.94
CA PHE C 62 -30.16 42.64 11.25
C PHE C 62 -31.62 42.24 11.01
N LEU C 63 -32.54 43.14 11.30
CA LEU C 63 -33.91 42.93 10.86
C LEU C 63 -33.99 43.24 9.37
N GLY C 64 -33.68 44.47 9.00
CA GLY C 64 -33.78 44.86 7.60
C GLY C 64 -33.13 43.86 6.68
N GLY C 65 -31.88 43.51 6.99
CA GLY C 65 -31.08 42.65 6.15
C GLY C 65 -31.65 41.26 5.96
N ASN C 66 -32.38 40.79 6.96
CA ASN C 66 -33.09 39.52 6.84
C ASN C 66 -34.56 39.68 6.42
N GLN C 67 -34.98 40.92 6.19
CA GLN C 67 -36.36 41.20 5.81
C GLN C 67 -37.36 40.60 6.79
N LEU C 68 -37.04 40.66 8.08
CA LEU C 68 -37.88 40.05 9.10
C LEU C 68 -39.26 40.72 9.27
N GLU C 69 -39.33 42.03 9.06
CA GLU C 69 -40.62 42.70 9.21
C GLU C 69 -41.61 42.21 8.15
N VAL C 70 -41.13 42.02 6.93
CA VAL C 70 -41.99 41.50 5.87
C VAL C 70 -42.14 39.98 5.95
N ARG C 71 -41.10 39.29 6.39
CA ARG C 71 -41.12 37.84 6.45
C ARG C 71 -42.02 37.28 7.56
N PHE C 72 -42.07 37.98 8.69
CA PHE C 72 -42.86 37.49 9.82
C PHE C 72 -44.32 37.21 9.46
N PRO C 73 -45.05 38.23 8.99
CA PRO C 73 -46.46 38.05 8.63
C PRO C 73 -46.69 37.09 7.47
N GLU C 74 -45.65 36.80 6.68
CA GLU C 74 -45.79 35.82 5.59
C GLU C 74 -45.26 34.43 5.93
N HIS C 75 -44.68 34.26 7.11
CA HIS C 75 -44.01 33.02 7.47
C HIS C 75 -45.08 31.97 7.80
N PRO C 76 -45.18 30.94 6.96
CA PRO C 76 -46.25 29.93 7.07
C PRO C 76 -45.89 28.79 8.03
N HIS C 77 -45.46 29.16 9.22
CA HIS C 77 -45.10 28.18 10.24
C HIS C 77 -45.36 28.77 11.63
N PRO C 78 -45.59 27.91 12.61
CA PRO C 78 -45.82 28.39 13.99
C PRO C 78 -44.54 28.96 14.59
N LEU C 79 -43.39 28.47 14.12
CA LEU C 79 -42.10 28.85 14.68
C LEU C 79 -41.23 29.64 13.69
N PHE C 80 -40.36 30.50 14.22
CA PHE C 80 -39.33 31.16 13.41
C PHE C 80 -38.01 31.13 14.18
N VAL C 81 -36.95 30.66 13.55
CA VAL C 81 -35.68 30.51 14.24
C VAL C 81 -34.60 31.47 13.72
N VAL C 82 -34.04 32.25 14.64
CA VAL C 82 -32.96 33.19 14.37
C VAL C 82 -31.74 32.78 15.18
N ALA C 83 -30.56 32.83 14.56
CA ALA C 83 -29.32 32.62 15.30
C ALA C 83 -28.39 33.81 15.10
N GLU C 84 -27.61 34.13 16.12
CA GLU C 84 -26.60 35.16 15.99
C GLU C 84 -25.23 34.69 16.47
N SER C 85 -24.17 35.26 15.88
CA SER C 85 -22.80 34.81 16.12
C SER C 85 -22.22 35.30 17.43
N GLY C 86 -22.65 36.47 17.92
CA GLY C 86 -22.34 36.82 19.29
C GLY C 86 -23.40 37.69 19.93
N PHE C 87 -23.58 37.48 21.23
CA PHE C 87 -24.71 38.04 21.96
C PHE C 87 -24.45 39.45 22.45
N GLY C 88 -23.23 39.69 22.92
CA GLY C 88 -22.90 40.95 23.53
C GLY C 88 -23.84 41.23 24.68
N THR C 89 -24.46 42.41 24.66
CA THR C 89 -25.36 42.84 25.72
C THR C 89 -26.80 42.44 25.45
N GLY C 90 -27.04 41.82 24.30
CA GLY C 90 -28.38 41.40 23.93
C GLY C 90 -29.20 42.50 23.27
N LEU C 91 -28.52 43.46 22.66
CA LEU C 91 -29.21 44.55 21.97
C LEU C 91 -29.94 44.03 20.75
N ASN C 92 -29.24 43.27 19.92
CA ASN C 92 -29.93 42.61 18.80
C ASN C 92 -31.14 41.83 19.28
N PHE C 93 -30.91 40.93 20.23
CA PHE C 93 -31.99 40.12 20.76
C PHE C 93 -33.20 40.97 21.17
N LEU C 94 -33.01 41.85 22.14
CA LEU C 94 -34.09 42.74 22.58
C LEU C 94 -34.80 43.43 21.43
N THR C 95 -34.04 44.06 20.52
CA THR C 95 -34.61 44.74 19.37
C THR C 95 -35.57 43.81 18.60
N LEU C 96 -35.07 42.62 18.27
CA LEU C 96 -35.90 41.61 17.62
C LEU C 96 -37.16 41.34 18.43
N TRP C 97 -36.98 41.11 19.73
CA TRP C 97 -38.07 40.72 20.60
C TRP C 97 -39.20 41.75 20.53
N GLN C 98 -38.82 43.01 20.68
CA GLN C 98 -39.75 44.12 20.53
C GLN C 98 -40.44 44.05 19.16
N ALA C 99 -39.67 43.93 18.08
CA ALA C 99 -40.27 43.87 16.75
C ALA C 99 -41.30 42.74 16.65
N PHE C 100 -41.02 41.63 17.34
CA PHE C 100 -41.84 40.44 17.28
C PHE C 100 -43.15 40.64 18.06
N ASP C 101 -43.06 41.21 19.27
CA ASP C 101 -44.25 41.54 20.05
C ASP C 101 -45.14 42.54 19.30
N GLN C 102 -44.50 43.55 18.70
CA GLN C 102 -45.22 44.50 17.86
C GLN C 102 -45.96 43.76 16.77
N PHE C 103 -45.23 42.88 16.09
CA PHE C 103 -45.79 42.08 15.01
C PHE C 103 -47.03 41.29 15.43
N ARG C 104 -46.95 40.63 16.58
CA ARG C 104 -48.08 39.85 17.06
C ARG C 104 -49.27 40.73 17.44
N GLU C 105 -49.00 41.88 18.05
CA GLU C 105 -50.09 42.76 18.44
C GLU C 105 -50.82 43.26 17.19
N ALA C 106 -50.07 43.61 16.16
CA ALA C 106 -50.65 44.17 14.95
C ALA C 106 -51.27 43.15 14.00
N HIS C 107 -50.83 41.89 14.08
CA HIS C 107 -51.27 40.87 13.12
C HIS C 107 -51.56 39.50 13.76
N PRO C 108 -52.60 39.43 14.61
CA PRO C 108 -52.93 38.24 15.41
C PRO C 108 -53.22 36.98 14.57
N GLN C 109 -53.87 37.16 13.43
CA GLN C 109 -54.21 36.03 12.56
C GLN C 109 -52.96 35.38 11.99
N ALA C 110 -51.82 36.03 12.20
CA ALA C 110 -50.56 35.50 11.68
C ALA C 110 -50.26 34.11 12.22
N GLN C 111 -49.93 33.20 11.32
CA GLN C 111 -49.52 31.86 11.68
C GLN C 111 -48.30 31.78 12.61
N LEU C 112 -47.43 32.79 12.61
CA LEU C 112 -46.20 32.66 13.38
C LEU C 112 -46.43 33.18 14.79
N GLN C 113 -46.52 32.24 15.74
CA GLN C 113 -46.77 32.61 17.12
C GLN C 113 -45.55 32.52 18.02
N ARG C 114 -44.46 31.99 17.49
CA ARG C 114 -43.34 31.62 18.35
C ARG C 114 -41.97 31.92 17.74
N LEU C 115 -41.15 32.59 18.55
CA LEU C 115 -39.79 32.96 18.15
C LEU C 115 -38.74 32.18 18.95
N HIS C 116 -37.76 31.63 18.22
CA HIS C 116 -36.65 30.90 18.85
C HIS C 116 -35.33 31.57 18.46
N PHE C 117 -34.52 31.89 19.46
CA PHE C 117 -33.30 32.67 19.26
C PHE C 117 -32.11 31.93 19.85
N ILE C 118 -31.17 31.54 19.00
CA ILE C 118 -29.96 30.87 19.40
C ILE C 118 -28.79 31.85 19.31
N SER C 119 -27.98 31.92 20.36
CA SER C 119 -26.85 32.85 20.38
C SER C 119 -25.68 32.38 21.24
N PHE C 120 -24.49 32.84 20.90
CA PHE C 120 -23.26 32.48 21.63
C PHE C 120 -22.63 33.70 22.27
N GLU C 121 -21.99 33.51 23.42
CA GLU C 121 -21.19 34.56 24.07
C GLU C 121 -19.97 33.98 24.79
N LYS C 122 -18.80 34.54 24.55
CA LYS C 122 -17.58 34.09 25.25
C LYS C 122 -17.44 34.70 26.65
N PHE C 123 -17.70 35.99 26.78
CA PHE C 123 -17.64 36.64 28.09
C PHE C 123 -19.02 37.14 28.47
N PRO C 124 -19.81 36.27 29.10
CA PRO C 124 -21.15 36.67 29.52
C PRO C 124 -20.99 37.83 30.47
N LEU C 125 -21.83 38.84 30.39
CA LEU C 125 -21.77 39.90 31.36
C LEU C 125 -22.31 39.37 32.69
N THR C 126 -22.41 40.23 33.69
CA THR C 126 -22.99 39.85 34.96
C THR C 126 -24.33 40.58 35.08
N ARG C 127 -25.27 40.00 35.82
CA ARG C 127 -26.61 40.56 35.86
C ARG C 127 -26.52 42.07 36.04
N ALA C 128 -25.60 42.51 36.89
CA ALA C 128 -25.43 43.94 37.16
C ALA C 128 -24.91 44.71 35.95
N ASP C 129 -23.85 44.21 35.34
CA ASP C 129 -23.29 44.89 34.17
C ASP C 129 -24.30 44.88 33.05
N LEU C 130 -24.97 43.74 32.88
CA LEU C 130 -26.00 43.60 31.87
C LEU C 130 -27.07 44.68 32.06
N ALA C 131 -27.58 44.81 33.27
CA ALA C 131 -28.58 45.84 33.56
C ALA C 131 -28.05 47.22 33.23
N LEU C 132 -26.85 47.53 33.69
CA LEU C 132 -26.22 48.81 33.36
C LEU C 132 -26.26 49.09 31.86
N ALA C 133 -25.79 48.12 31.07
CA ALA C 133 -25.81 48.26 29.61
C ALA C 133 -27.22 48.49 29.09
N HIS C 134 -28.18 47.71 29.59
CA HIS C 134 -29.58 47.85 29.17
C HIS C 134 -30.16 49.21 29.54
N GLN C 135 -29.50 49.92 30.45
CA GLN C 135 -29.96 51.24 30.84
C GLN C 135 -29.89 52.26 29.70
N HIS C 136 -29.03 52.01 28.72
CA HIS C 136 -28.85 52.98 27.63
C HIS C 136 -29.99 52.99 26.61
N TRP C 137 -30.86 52.00 26.69
CA TRP C 137 -32.03 51.96 25.82
C TRP C 137 -33.31 51.77 26.60
N PRO C 138 -33.88 52.87 27.09
CA PRO C 138 -35.11 52.85 27.89
C PRO C 138 -36.28 52.30 27.10
N GLU C 139 -36.31 52.57 25.80
CA GLU C 139 -37.36 52.05 24.94
C GLU C 139 -37.51 50.54 25.13
N LEU C 140 -36.40 49.87 25.41
CA LEU C 140 -36.37 48.41 25.49
C LEU C 140 -36.61 47.85 26.89
N ALA C 141 -36.79 48.74 27.87
CA ALA C 141 -36.85 48.35 29.27
C ALA C 141 -37.75 47.14 29.53
N PRO C 142 -39.04 47.22 29.14
CA PRO C 142 -39.97 46.12 29.44
C PRO C 142 -39.48 44.76 28.95
N TRP C 143 -38.71 44.73 27.86
CA TRP C 143 -38.09 43.47 27.42
C TRP C 143 -36.83 43.14 28.21
N ALA C 144 -35.97 44.13 28.38
CA ALA C 144 -34.70 43.93 29.07
C ALA C 144 -34.95 43.42 30.49
N GLU C 145 -35.88 44.08 31.17
CA GLU C 145 -36.27 43.71 32.52
C GLU C 145 -36.54 42.22 32.60
N GLN C 146 -37.16 41.67 31.57
CA GLN C 146 -37.51 40.26 31.61
C GLN C 146 -36.25 39.43 31.49
N LEU C 147 -35.45 39.75 30.47
CA LEU C 147 -34.22 39.02 30.21
C LEU C 147 -33.39 38.93 31.50
N GLN C 148 -33.12 40.09 32.09
CA GLN C 148 -32.37 40.15 33.33
C GLN C 148 -32.93 39.16 34.36
N ALA C 149 -34.24 39.18 34.54
CA ALA C 149 -34.89 38.31 35.51
C ALA C 149 -34.43 36.85 35.36
N GLN C 150 -34.30 36.40 34.12
CA GLN C 150 -33.83 35.03 33.85
C GLN C 150 -32.34 34.90 33.50
N TRP C 151 -31.57 35.98 33.60
CA TRP C 151 -30.17 35.96 33.17
C TRP C 151 -29.35 34.87 33.88
N PRO C 152 -28.78 33.94 33.11
CA PRO C 152 -28.13 32.71 33.57
C PRO C 152 -26.71 32.90 34.14
N MET C 153 -26.26 31.95 34.95
CA MET C 153 -24.91 31.94 35.49
C MET C 153 -23.89 31.82 34.37
N PRO C 154 -22.64 32.21 34.67
CA PRO C 154 -21.55 31.95 33.72
C PRO C 154 -21.16 30.47 33.72
N LEU C 155 -22.11 29.60 33.42
CA LEU C 155 -21.83 28.19 33.18
C LEU C 155 -21.61 27.93 31.70
N PRO C 156 -20.79 26.92 31.38
CA PRO C 156 -20.54 26.54 29.99
C PRO C 156 -21.75 25.85 29.39
N GLY C 157 -21.86 25.93 28.07
CA GLY C 157 -22.86 25.14 27.37
C GLY C 157 -24.11 25.93 27.06
N CYS C 158 -25.18 25.20 26.76
CA CYS C 158 -26.42 25.83 26.34
C CYS C 158 -27.35 26.14 27.51
N HIS C 159 -27.96 27.32 27.49
CA HIS C 159 -28.93 27.69 28.50
C HIS C 159 -30.23 28.20 27.88
N ARG C 160 -31.31 27.42 28.03
CA ARG C 160 -32.59 27.83 27.45
C ARG C 160 -33.34 28.71 28.43
N LEU C 161 -33.96 29.76 27.88
CA LEU C 161 -34.78 30.66 28.66
C LEU C 161 -36.15 30.72 28.00
N LEU C 162 -37.20 30.45 28.77
CA LEU C 162 -38.56 30.53 28.26
C LEU C 162 -39.17 31.85 28.70
N LEU C 163 -39.32 32.74 27.73
CA LEU C 163 -39.76 34.12 27.98
C LEU C 163 -41.13 34.38 27.38
N ASP C 164 -41.86 35.30 27.99
CA ASP C 164 -43.19 35.67 27.52
C ASP C 164 -44.10 34.45 27.60
N GLU C 165 -43.83 33.60 28.59
CA GLU C 165 -44.56 32.36 28.77
C GLU C 165 -44.47 31.50 27.51
N GLY C 166 -43.23 31.24 27.07
CA GLY C 166 -42.99 30.34 25.97
C GLY C 166 -43.11 30.94 24.58
N ARG C 167 -43.59 32.18 24.49
CA ARG C 167 -43.74 32.84 23.21
C ARG C 167 -42.38 33.06 22.58
N VAL C 168 -41.40 33.43 23.41
CA VAL C 168 -40.06 33.67 22.93
C VAL C 168 -39.09 32.84 23.73
N THR C 169 -38.43 31.89 23.07
CA THR C 169 -37.47 31.06 23.76
C THR C 169 -36.06 31.38 23.25
N LEU C 170 -35.09 31.45 24.16
CA LEU C 170 -33.73 31.85 23.82
C LEU C 170 -32.70 30.84 24.30
N ASP C 171 -31.92 30.27 23.40
CA ASP C 171 -30.79 29.45 23.82
C ASP C 171 -29.54 30.30 23.82
N LEU C 172 -28.98 30.53 25.01
CA LEU C 172 -27.71 31.23 25.17
C LEU C 172 -26.59 30.24 25.39
N TRP C 173 -25.69 30.10 24.42
CA TRP C 173 -24.52 29.24 24.61
C TRP C 173 -23.34 30.05 25.14
N PHE C 174 -22.78 29.61 26.26
CA PHE C 174 -21.59 30.24 26.79
C PHE C 174 -20.34 29.46 26.40
N GLY C 175 -19.47 30.11 25.64
CA GLY C 175 -18.25 29.47 25.19
C GLY C 175 -17.69 30.19 23.98
N ASP C 176 -16.66 29.60 23.38
CA ASP C 176 -16.12 30.10 22.14
C ASP C 176 -16.97 29.51 21.03
N ILE C 177 -17.58 30.36 20.20
CA ILE C 177 -18.41 29.86 19.12
C ILE C 177 -17.65 28.91 18.19
N ASN C 178 -16.41 29.25 17.86
CA ASN C 178 -15.60 28.40 17.00
C ASN C 178 -15.33 27.03 17.58
N GLU C 179 -15.29 26.94 18.91
CA GLU C 179 -15.19 25.64 19.58
C GLU C 179 -16.55 24.94 19.63
N LEU C 180 -17.61 25.72 19.82
CA LEU C 180 -18.94 25.14 20.02
C LEU C 180 -19.59 24.58 18.76
N THR C 181 -19.22 25.11 17.58
CA THR C 181 -19.88 24.66 16.36
C THR C 181 -19.86 23.15 16.17
N SER C 182 -18.68 22.55 16.36
CA SER C 182 -18.52 21.10 16.23
C SER C 182 -19.33 20.35 17.27
N GLN C 183 -19.65 21.03 18.38
CA GLN C 183 -20.36 20.37 19.46
C GLN C 183 -21.90 20.45 19.41
N LEU C 184 -22.43 21.25 18.50
CA LEU C 184 -23.88 21.35 18.36
C LEU C 184 -24.43 20.05 17.82
N ASP C 185 -25.63 19.69 18.27
CA ASP C 185 -26.24 18.46 17.82
C ASP C 185 -26.58 18.55 16.35
N ASP C 186 -26.63 17.41 15.66
CA ASP C 186 -27.01 17.44 14.25
C ASP C 186 -28.43 17.96 14.07
N SER C 187 -29.24 17.79 15.12
CA SER C 187 -30.66 18.12 15.06
C SER C 187 -30.88 19.60 14.80
N LEU C 188 -29.79 20.36 14.89
CA LEU C 188 -29.86 21.79 14.69
C LEU C 188 -29.56 22.21 13.24
N ASN C 189 -29.12 21.26 12.41
CA ASN C 189 -28.76 21.61 11.04
C ASN C 189 -30.01 21.90 10.23
N GLN C 190 -29.97 22.99 9.47
CA GLN C 190 -31.06 23.40 8.61
C GLN C 190 -32.33 23.77 9.38
N LYS C 191 -32.15 24.20 10.63
CA LYS C 191 -33.25 24.72 11.43
C LYS C 191 -33.30 26.25 11.52
N VAL C 192 -32.37 26.93 10.86
CA VAL C 192 -32.18 28.36 11.09
C VAL C 192 -32.70 29.23 9.95
N ASP C 193 -33.69 30.07 10.26
CA ASP C 193 -34.33 30.91 9.26
C ASP C 193 -33.60 32.21 8.95
N ALA C 194 -33.01 32.82 9.96
CA ALA C 194 -32.27 34.05 9.77
C ALA C 194 -31.05 34.04 10.65
N TRP C 195 -29.91 34.47 10.08
CA TRP C 195 -28.67 34.62 10.82
C TRP C 195 -28.33 36.08 11.07
N PHE C 196 -28.00 36.40 12.31
CA PHE C 196 -27.39 37.68 12.60
C PHE C 196 -25.90 37.41 12.73
N LEU C 197 -25.13 37.83 11.74
CA LEU C 197 -23.68 37.66 11.86
C LEU C 197 -23.15 38.94 12.46
N ASP C 198 -22.78 38.89 13.73
CA ASP C 198 -22.49 40.10 14.47
C ASP C 198 -21.41 39.88 15.49
N GLY C 199 -20.80 40.97 15.95
CA GLY C 199 -19.72 40.90 16.91
C GLY C 199 -18.73 42.01 16.62
N PHE C 200 -17.53 41.91 17.20
CA PHE C 200 -16.49 42.90 16.98
C PHE C 200 -16.22 43.05 15.48
N ALA C 201 -16.00 44.28 15.03
CA ALA C 201 -15.66 44.50 13.63
C ALA C 201 -14.49 43.59 13.28
N PRO C 202 -14.49 43.03 12.06
CA PRO C 202 -13.41 42.10 11.74
C PRO C 202 -12.05 42.72 12.02
N ALA C 203 -11.82 43.95 11.57
CA ALA C 203 -10.66 44.69 12.06
C ALA C 203 -10.85 44.86 13.58
N LYS C 204 -9.75 44.81 14.30
CA LYS C 204 -9.71 44.87 15.76
C LYS C 204 -10.10 43.57 16.47
N ASN C 205 -10.94 42.73 15.89
CA ASN C 205 -11.14 41.37 16.41
C ASN C 205 -11.60 40.27 15.45
N PRO C 206 -10.75 39.92 14.49
CA PRO C 206 -11.15 39.01 13.40
C PRO C 206 -11.35 37.56 13.81
N ASP C 207 -10.83 37.13 14.96
CA ASP C 207 -10.80 35.69 15.27
C ASP C 207 -12.16 35.02 15.17
N MET C 208 -13.23 35.80 15.31
CA MET C 208 -14.57 35.23 15.15
C MET C 208 -14.87 34.81 13.71
N TRP C 209 -14.35 35.53 12.72
CA TRP C 209 -14.88 35.35 11.38
C TRP C 209 -14.02 34.39 10.59
N THR C 210 -14.43 33.14 10.61
CA THR C 210 -13.58 32.05 10.22
C THR C 210 -14.36 31.23 9.24
N GLN C 211 -13.68 30.46 8.39
CA GLN C 211 -14.40 29.66 7.43
C GLN C 211 -15.16 28.60 8.21
N ASN C 212 -14.67 28.33 9.42
CA ASN C 212 -15.35 27.45 10.34
C ASN C 212 -16.76 27.97 10.65
N LEU C 213 -16.81 29.20 11.12
CA LEU C 213 -18.08 29.84 11.41
C LEU C 213 -18.97 29.88 10.19
N PHE C 214 -18.39 30.26 9.05
CA PHE C 214 -19.19 30.45 7.84
C PHE C 214 -19.81 29.13 7.43
N ASN C 215 -18.97 28.11 7.36
CA ASN C 215 -19.44 26.76 7.06
C ASN C 215 -20.55 26.35 8.02
N ALA C 216 -20.35 26.63 9.31
CA ALA C 216 -21.35 26.25 10.31
C ALA C 216 -22.67 26.95 10.02
N MET C 217 -22.61 28.24 9.71
CA MET C 217 -23.79 29.04 9.44
C MET C 217 -24.53 28.44 8.26
N ALA C 218 -23.78 28.07 7.23
CA ALA C 218 -24.36 27.41 6.07
C ALA C 218 -25.05 26.11 6.48
N ARG C 219 -24.39 25.35 7.34
CA ARG C 219 -24.90 24.03 7.75
C ARG C 219 -26.18 24.14 8.58
N LEU C 220 -26.24 25.14 9.46
CA LEU C 220 -27.42 25.36 10.28
C LEU C 220 -28.51 26.07 9.47
N ALA C 221 -28.11 26.74 8.40
CA ALA C 221 -29.05 27.51 7.60
C ALA C 221 -30.11 26.60 6.99
N ARG C 222 -31.37 27.00 7.15
CA ARG C 222 -32.48 26.31 6.53
C ARG C 222 -32.44 26.61 5.03
N PRO C 223 -32.78 25.64 4.18
CA PRO C 223 -32.78 26.03 2.78
C PRO C 223 -33.75 27.18 2.58
N GLY C 224 -33.30 28.25 1.94
CA GLY C 224 -34.10 29.45 1.80
C GLY C 224 -33.89 30.43 2.93
N GLY C 225 -33.17 29.99 3.96
CA GLY C 225 -32.83 30.84 5.09
C GLY C 225 -31.86 31.95 4.72
N THR C 226 -31.88 33.04 5.47
CA THR C 226 -31.05 34.19 5.15
C THR C 226 -29.99 34.47 6.21
N LEU C 227 -29.14 35.46 5.91
CA LEU C 227 -28.18 36.00 6.88
C LEU C 227 -27.89 37.47 6.58
N ALA C 228 -27.56 38.22 7.62
CA ALA C 228 -27.19 39.61 7.42
C ALA C 228 -25.99 39.98 8.29
N THR C 229 -25.20 40.93 7.82
CA THR C 229 -24.10 41.44 8.62
C THR C 229 -23.77 42.89 8.26
N PHE C 230 -23.20 43.58 9.24
CA PHE C 230 -22.81 44.98 9.11
C PHE C 230 -21.54 45.17 8.28
N THR C 231 -20.77 44.11 8.08
CA THR C 231 -19.51 44.24 7.37
C THR C 231 -19.65 43.98 5.88
N SER C 232 -18.90 44.75 5.11
CA SER C 232 -18.76 44.55 3.68
C SER C 232 -17.46 43.82 3.35
N ALA C 233 -16.72 43.41 4.38
CA ALA C 233 -15.35 42.91 4.20
C ALA C 233 -15.23 41.75 3.21
N GLY C 234 -14.35 41.92 2.24
CA GLY C 234 -14.22 40.97 1.15
C GLY C 234 -14.04 39.52 1.57
N PHE C 235 -13.19 39.28 2.57
CA PHE C 235 -12.96 37.91 3.04
C PHE C 235 -14.23 37.31 3.64
N VAL C 236 -15.03 38.14 4.29
CA VAL C 236 -16.32 37.69 4.80
C VAL C 236 -17.25 37.28 3.65
N ARG C 237 -17.39 38.16 2.66
CA ARG C 237 -18.26 37.86 1.52
C ARG C 237 -17.84 36.58 0.79
N ARG C 238 -16.55 36.48 0.48
CA ARG C 238 -16.02 35.30 -0.18
C ARG C 238 -16.18 34.04 0.68
N GLY C 239 -16.00 34.19 1.99
CA GLY C 239 -16.08 33.07 2.91
C GLY C 239 -17.48 32.49 2.96
N LEU C 240 -18.45 33.38 3.12
CA LEU C 240 -19.85 32.99 3.15
C LEU C 240 -20.25 32.39 1.81
N GLN C 241 -19.69 32.92 0.73
CA GLN C 241 -19.94 32.34 -0.59
C GLN C 241 -19.43 30.91 -0.67
N ASP C 242 -18.22 30.68 -0.16
CA ASP C 242 -17.63 29.36 -0.20
C ASP C 242 -18.37 28.39 0.71
N ALA C 243 -19.05 28.92 1.72
CA ALA C 243 -19.83 28.07 2.62
C ALA C 243 -21.13 27.66 1.94
N GLY C 244 -21.45 28.29 0.81
CA GLY C 244 -22.66 27.99 0.08
C GLY C 244 -23.72 29.07 0.02
N PHE C 245 -23.53 30.16 0.73
CA PHE C 245 -24.48 31.26 0.65
C PHE C 245 -24.42 32.00 -0.69
N THR C 246 -25.50 32.70 -1.02
CA THR C 246 -25.57 33.57 -2.19
C THR C 246 -25.64 35.00 -1.66
N MET C 247 -24.57 35.77 -1.91
CA MET C 247 -24.37 37.06 -1.26
C MET C 247 -24.73 38.25 -2.14
N GLN C 248 -25.21 39.30 -1.51
CA GLN C 248 -25.46 40.56 -2.18
C GLN C 248 -25.08 41.74 -1.28
N LYS C 249 -24.46 42.73 -1.91
CA LYS C 249 -24.07 43.93 -1.22
C LYS C 249 -25.31 44.81 -1.08
N ARG C 250 -25.37 45.59 -0.01
CA ARG C 250 -26.47 46.55 0.16
C ARG C 250 -25.84 47.78 0.78
N LYS C 251 -26.50 48.93 0.69
CA LYS C 251 -25.89 50.13 1.29
C LYS C 251 -25.67 49.91 2.78
N GLY C 252 -24.53 50.36 3.28
CA GLY C 252 -24.21 50.17 4.68
C GLY C 252 -25.08 51.06 5.53
N PHE C 253 -25.10 50.81 6.83
CA PHE C 253 -25.90 51.61 7.75
C PHE C 253 -25.33 53.02 7.91
N GLY C 254 -26.18 54.03 7.79
CA GLY C 254 -25.75 55.41 7.98
C GLY C 254 -24.69 55.87 6.99
N ARG C 255 -23.56 56.32 7.52
CA ARG C 255 -22.45 56.77 6.68
C ARG C 255 -21.59 55.62 6.20
N LYS C 256 -21.84 54.42 6.73
CA LYS C 256 -21.03 53.25 6.36
C LYS C 256 -21.31 52.85 4.92
N ARG C 257 -20.28 52.34 4.25
CA ARG C 257 -20.30 52.20 2.81
C ARG C 257 -21.26 51.10 2.38
N GLU C 258 -20.97 49.87 2.76
CA GLU C 258 -21.91 48.79 2.44
C GLU C 258 -21.93 47.67 3.48
N MET C 259 -23.02 46.89 3.45
CA MET C 259 -23.19 45.74 4.31
C MET C 259 -23.52 44.53 3.47
N LEU C 260 -23.64 43.38 4.14
CA LEU C 260 -23.81 42.13 3.40
C LEU C 260 -25.08 41.39 3.76
N CYS C 261 -25.83 41.00 2.73
CA CYS C 261 -26.95 40.09 2.91
C CYS C 261 -26.68 38.78 2.17
N GLY C 262 -27.26 37.70 2.65
CA GLY C 262 -27.10 36.44 1.96
C GLY C 262 -28.30 35.53 2.09
N VAL C 263 -28.44 34.59 1.16
CA VAL C 263 -29.52 33.63 1.18
C VAL C 263 -29.00 32.26 0.82
N MET C 264 -29.49 31.23 1.50
CA MET C 264 -29.01 29.89 1.16
C MET C 264 -29.95 29.40 0.09
N GLU C 265 -29.46 29.40 -1.14
CA GLU C 265 -30.30 29.15 -2.31
C GLU C 265 -30.22 27.72 -2.82
N GLN C 266 -29.51 26.89 -2.08
CA GLN C 266 -29.37 25.49 -2.42
C GLN C 266 -29.71 24.64 -1.21
N THR C 267 -29.91 23.35 -1.45
CA THR C 267 -30.15 22.44 -0.35
C THR C 267 -28.95 21.54 -0.15
N LEU C 268 -28.19 21.80 0.91
CA LEU C 268 -26.98 21.02 1.16
C LEU C 268 -27.30 19.66 1.79
N PRO C 269 -26.38 18.70 1.63
CA PRO C 269 -26.51 17.42 2.33
C PRO C 269 -26.27 17.56 3.84
N LEU C 270 -27.12 16.91 4.64
CA LEU C 270 -26.95 16.91 6.09
C LEU C 270 -25.89 15.90 6.50
N PRO C 271 -24.89 16.36 7.25
CA PRO C 271 -23.65 15.67 7.62
C PRO C 271 -23.82 14.36 8.39
N CYS C 272 -24.68 14.33 9.41
CA CYS C 272 -24.82 13.14 10.27
C CYS C 272 -23.49 12.61 10.84
N SER C 273 -22.93 13.33 11.80
CA SER C 273 -21.67 12.94 12.42
C SER C 273 -21.68 11.54 13.06
N ALA C 274 -22.62 11.29 13.98
CA ALA C 274 -22.64 10.00 14.68
C ALA C 274 -24.03 9.37 14.73
N PRO C 275 -24.36 8.56 13.71
CA PRO C 275 -25.71 8.03 13.49
C PRO C 275 -26.27 7.14 14.62
N TRP C 276 -25.41 6.50 15.39
CA TRP C 276 -25.86 5.58 16.44
C TRP C 276 -26.52 6.30 17.61
N PHE C 277 -26.23 7.59 17.75
CA PHE C 277 -26.87 8.45 18.76
C PHE C 277 -28.01 9.30 18.19
N ASN C 278 -28.35 9.04 16.93
CA ASN C 278 -29.27 9.86 16.15
C ASN C 278 -30.61 10.17 16.83
N ARG C 279 -31.00 11.44 16.82
CA ARG C 279 -32.27 11.86 17.40
C ARG C 279 -33.24 12.39 16.35
N THR C 280 -34.28 11.62 16.08
CA THR C 280 -35.25 11.96 15.06
C THR C 280 -36.59 12.22 15.71
N GLY C 281 -37.37 13.09 15.09
CA GLY C 281 -38.69 13.44 15.58
C GLY C 281 -39.78 12.70 14.85
N SER C 282 -40.91 13.37 14.71
CA SER C 282 -42.02 12.81 13.96
C SER C 282 -42.65 13.87 13.07
N SER C 283 -43.19 13.44 11.94
CA SER C 283 -43.85 14.37 11.04
C SER C 283 -45.22 14.71 11.59
N LYS C 284 -45.69 13.89 12.55
CA LYS C 284 -47.06 13.92 13.04
C LYS C 284 -47.25 14.76 14.31
N ARG C 285 -48.41 15.40 14.44
CA ARG C 285 -48.71 16.23 15.61
C ARG C 285 -49.64 15.63 16.69
N GLU C 286 -50.01 14.36 16.57
CA GLU C 286 -50.92 13.74 17.53
C GLU C 286 -50.24 12.67 18.37
N ALA C 287 -50.19 12.86 19.68
CA ALA C 287 -49.43 11.95 20.53
C ALA C 287 -50.17 11.47 21.77
N ALA C 288 -49.93 10.22 22.11
CA ALA C 288 -50.42 9.66 23.36
C ALA C 288 -49.23 9.37 24.27
N ILE C 289 -49.30 9.88 25.50
CA ILE C 289 -48.29 9.63 26.51
C ILE C 289 -48.84 8.62 27.50
N ILE C 290 -48.05 7.63 27.86
CA ILE C 290 -48.47 6.72 28.92
C ILE C 290 -47.88 7.30 30.20
N GLY C 291 -48.78 7.96 30.93
CA GLY C 291 -48.42 8.95 31.93
C GLY C 291 -48.77 8.81 33.40
N GLY C 292 -48.92 9.99 34.00
CA GLY C 292 -49.37 10.21 35.36
C GLY C 292 -48.38 10.83 36.30
N GLY C 293 -47.10 10.83 35.93
CA GLY C 293 -46.08 11.40 36.79
C GLY C 293 -45.59 12.78 36.36
N ILE C 294 -44.56 13.27 37.04
CA ILE C 294 -43.98 14.58 36.76
C ILE C 294 -43.51 14.71 35.30
N ALA C 295 -42.91 13.64 34.78
CA ALA C 295 -42.41 13.65 33.41
C ALA C 295 -43.56 13.86 32.45
N SER C 296 -44.62 13.05 32.59
CA SER C 296 -45.79 13.17 31.72
C SER C 296 -46.37 14.58 31.76
N ALA C 297 -46.49 15.15 32.95
CA ALA C 297 -47.02 16.50 33.08
C ALA C 297 -46.19 17.52 32.31
N LEU C 298 -44.90 17.59 32.65
CA LEU C 298 -44.05 18.60 32.02
C LEU C 298 -43.96 18.40 30.50
N LEU C 299 -43.87 17.14 30.09
CA LEU C 299 -43.82 16.80 28.68
C LEU C 299 -45.10 17.25 27.97
N SER C 300 -46.24 17.03 28.60
CA SER C 300 -47.49 17.39 27.96
C SER C 300 -47.55 18.90 27.80
N LEU C 301 -47.09 19.65 28.80
CA LEU C 301 -47.03 21.10 28.62
C LEU C 301 -46.18 21.44 27.39
N ALA C 302 -44.95 20.94 27.39
CA ALA C 302 -44.02 21.21 26.30
C ALA C 302 -44.56 20.85 24.91
N LEU C 303 -45.37 19.80 24.83
CA LEU C 303 -45.93 19.37 23.55
C LEU C 303 -47.12 20.25 23.14
N LEU C 304 -47.94 20.59 24.12
CA LEU C 304 -49.09 21.44 23.86
C LEU C 304 -48.61 22.77 23.30
N ARG C 305 -47.63 23.37 23.99
CA ARG C 305 -47.10 24.67 23.58
C ARG C 305 -46.67 24.69 22.11
N ARG C 306 -46.21 23.54 21.62
CA ARG C 306 -45.72 23.36 20.24
C ARG C 306 -46.81 22.86 19.26
N GLY C 307 -48.05 22.82 19.72
CA GLY C 307 -49.18 22.58 18.84
C GLY C 307 -49.49 21.11 18.56
N TRP C 308 -49.10 20.26 19.49
CA TRP C 308 -49.49 18.86 19.45
C TRP C 308 -50.89 18.71 20.01
N GLN C 309 -51.63 17.73 19.49
CA GLN C 309 -52.78 17.18 20.20
C GLN C 309 -52.21 16.13 21.13
N VAL C 310 -52.53 16.21 22.41
CA VAL C 310 -51.93 15.30 23.38
C VAL C 310 -52.96 14.58 24.23
N THR C 311 -52.97 13.25 24.15
CA THR C 311 -53.76 12.44 25.05
C THR C 311 -52.85 11.77 26.08
N LEU C 312 -53.33 11.63 27.30
CA LEU C 312 -52.57 11.01 28.37
C LEU C 312 -53.31 9.84 29.00
N TYR C 313 -52.73 8.64 28.92
CA TYR C 313 -53.31 7.47 29.58
C TYR C 313 -52.59 7.19 30.88
N CYS C 314 -53.32 7.27 32.00
CA CYS C 314 -52.74 6.99 33.31
C CYS C 314 -53.40 5.76 33.92
N ALA C 315 -52.58 4.91 34.53
CA ALA C 315 -53.06 3.62 35.03
C ALA C 315 -53.84 3.73 36.34
N ASP C 316 -53.33 4.52 37.29
CA ASP C 316 -54.06 4.71 38.53
C ASP C 316 -55.27 5.63 38.29
N GLU C 317 -56.07 5.84 39.33
CA GLU C 317 -57.27 6.65 39.21
C GLU C 317 -56.94 8.13 39.36
N ALA C 318 -55.73 8.42 39.81
CA ALA C 318 -55.28 9.80 39.94
C ALA C 318 -53.81 9.92 39.56
N PRO C 319 -53.36 11.12 39.21
CA PRO C 319 -51.96 11.39 38.92
C PRO C 319 -51.09 11.42 40.18
N ALA C 320 -49.78 11.37 40.00
CA ALA C 320 -48.83 11.47 41.11
C ALA C 320 -49.10 10.47 42.24
N LEU C 321 -49.59 9.30 41.88
CA LEU C 321 -49.61 8.17 42.81
C LEU C 321 -48.39 7.28 42.56
N GLY C 322 -47.55 7.72 41.63
CA GLY C 322 -46.29 7.06 41.34
C GLY C 322 -45.15 7.59 42.20
N ALA C 323 -43.94 7.57 41.66
CA ALA C 323 -42.78 8.12 42.36
C ALA C 323 -42.93 9.61 42.62
N SER C 324 -43.70 10.28 41.78
CA SER C 324 -43.92 11.73 41.86
C SER C 324 -44.81 12.19 43.02
N GLY C 325 -45.34 11.25 43.80
CA GLY C 325 -46.36 11.57 44.79
C GLY C 325 -45.94 12.07 46.17
N ASN C 326 -44.67 12.36 46.36
CA ASN C 326 -44.20 12.75 47.69
C ASN C 326 -44.69 14.12 48.18
N ARG C 327 -44.67 14.31 49.49
CA ARG C 327 -45.16 15.56 50.08
C ARG C 327 -44.16 16.70 49.87
N GLN C 328 -42.88 16.36 50.04
CA GLN C 328 -41.80 17.30 49.86
C GLN C 328 -40.60 16.59 49.25
N GLY C 329 -39.89 17.29 48.37
CA GLY C 329 -38.70 16.73 47.74
C GLY C 329 -37.66 17.81 47.48
N ALA C 330 -36.43 17.37 47.24
CA ALA C 330 -35.30 18.29 47.15
C ALA C 330 -34.91 18.61 45.71
N LEU C 331 -34.72 19.90 45.44
CA LEU C 331 -34.26 20.35 44.13
C LEU C 331 -32.83 20.83 44.28
N TYR C 332 -31.92 20.15 43.60
CA TYR C 332 -30.50 20.51 43.62
C TYR C 332 -29.74 19.60 42.67
N PRO C 333 -28.65 20.10 42.09
CA PRO C 333 -27.89 19.37 41.08
C PRO C 333 -26.98 18.28 41.64
N LEU C 334 -26.74 17.24 40.85
CA LEU C 334 -25.74 16.24 41.16
C LEU C 334 -24.48 16.53 40.33
N LEU C 335 -23.42 16.99 40.99
CA LEU C 335 -22.22 17.44 40.31
C LEU C 335 -21.10 16.42 40.37
N SER C 336 -20.31 16.33 39.31
CA SER C 336 -19.21 15.37 39.28
C SER C 336 -17.94 15.93 38.66
N LYS C 337 -16.82 15.79 39.38
CA LYS C 337 -15.52 16.14 38.82
C LYS C 337 -15.20 15.12 37.75
N HIS C 338 -15.29 13.85 38.11
CA HIS C 338 -14.92 12.76 37.21
C HIS C 338 -15.78 12.67 35.95
N ASP C 339 -17.09 12.60 36.12
CA ASP C 339 -17.96 12.42 34.96
C ASP C 339 -18.46 13.75 34.43
N GLU C 340 -17.92 14.15 33.29
CA GLU C 340 -18.42 15.32 32.59
C GLU C 340 -19.64 14.85 31.82
N ALA C 341 -20.54 15.78 31.53
CA ALA C 341 -21.84 15.48 30.90
C ALA C 341 -22.86 14.95 31.89
N LEU C 342 -22.42 14.43 33.02
CA LEU C 342 -23.32 14.24 34.14
C LEU C 342 -23.38 15.60 34.78
N ASN C 343 -22.20 16.19 34.91
CA ASN C 343 -22.05 17.49 35.53
C ASN C 343 -22.65 18.57 34.64
N ARG C 344 -22.40 18.46 33.33
CA ARG C 344 -22.96 19.42 32.40
C ARG C 344 -24.47 19.37 32.51
N PHE C 345 -25.01 18.16 32.37
CA PHE C 345 -26.46 18.01 32.40
C PHE C 345 -27.08 18.49 33.71
N PHE C 346 -26.46 18.20 34.83
CA PHE C 346 -27.10 18.61 36.07
C PHE C 346 -26.97 20.10 36.37
N SER C 347 -25.87 20.71 35.94
CA SER C 347 -25.71 22.13 36.14
C SER C 347 -26.74 22.86 35.30
N ASN C 348 -26.72 22.56 34.00
CA ASN C 348 -27.59 23.26 33.08
C ASN C 348 -29.07 22.96 33.32
N ALA C 349 -29.36 21.68 33.58
CA ALA C 349 -30.73 21.24 33.84
C ALA C 349 -31.25 21.77 35.17
N PHE C 350 -30.37 21.89 36.15
CA PHE C 350 -30.76 22.42 37.47
C PHE C 350 -31.11 23.89 37.37
N THR C 351 -30.19 24.67 36.81
CA THR C 351 -30.45 26.10 36.68
C THR C 351 -31.68 26.35 35.79
N PHE C 352 -31.82 25.56 34.73
CA PHE C 352 -33.02 25.62 33.89
C PHE C 352 -34.27 25.31 34.70
N ALA C 353 -34.19 24.28 35.55
CA ALA C 353 -35.30 23.90 36.39
C ALA C 353 -35.73 25.10 37.24
N ARG C 354 -34.77 25.78 37.87
CA ARG C 354 -35.12 26.95 38.68
C ARG C 354 -35.81 28.05 37.86
N ARG C 355 -35.18 28.43 36.76
CA ARG C 355 -35.78 29.43 35.86
C ARG C 355 -37.23 29.05 35.56
N PHE C 356 -37.41 27.79 35.18
CA PHE C 356 -38.68 27.27 34.68
C PHE C 356 -39.77 27.24 35.75
N TYR C 357 -39.44 26.66 36.89
CA TYR C 357 -40.36 26.60 38.01
C TYR C 357 -40.79 28.00 38.42
N ASP C 358 -39.90 28.97 38.26
CA ASP C 358 -40.28 30.35 38.57
C ASP C 358 -41.18 30.97 37.52
N GLN C 359 -41.02 30.56 36.27
CA GLN C 359 -41.88 31.10 35.21
C GLN C 359 -43.20 30.32 35.07
N LEU C 360 -43.26 29.15 35.70
CA LEU C 360 -44.41 28.24 35.53
C LEU C 360 -45.66 28.74 36.25
N PRO C 361 -46.70 29.11 35.49
CA PRO C 361 -47.92 29.69 36.04
C PRO C 361 -48.80 28.63 36.72
N VAL C 362 -48.35 28.12 37.85
CA VAL C 362 -49.11 27.12 38.59
C VAL C 362 -48.81 27.21 40.08
N LYS C 363 -49.80 26.92 40.92
CA LYS C 363 -49.58 26.90 42.36
C LYS C 363 -48.99 25.55 42.76
N PHE C 364 -47.83 25.60 43.41
CA PHE C 364 -47.32 24.42 44.09
C PHE C 364 -46.49 24.87 45.28
N ASP C 365 -46.64 24.20 46.41
CA ASP C 365 -45.88 24.59 47.59
C ASP C 365 -44.40 24.43 47.29
N HIS C 366 -43.60 25.39 47.75
CA HIS C 366 -42.17 25.29 47.57
C HIS C 366 -41.44 26.45 48.21
N ASP C 367 -40.14 26.24 48.43
CA ASP C 367 -39.26 27.31 48.87
C ASP C 367 -37.87 27.07 48.30
N TRP C 368 -37.22 28.09 47.76
CA TRP C 368 -35.84 27.85 47.40
C TRP C 368 -35.04 28.42 48.55
N CYS C 369 -34.73 27.54 49.49
CA CYS C 369 -34.03 27.91 50.71
C CYS C 369 -32.58 27.53 50.61
N GLY C 370 -32.24 26.88 49.51
CA GLY C 370 -30.91 26.32 49.33
C GLY C 370 -30.81 24.94 49.94
N VAL C 371 -29.82 24.18 49.49
CA VAL C 371 -29.61 22.83 50.00
C VAL C 371 -28.17 22.69 50.44
N THR C 372 -27.92 22.33 51.69
CA THR C 372 -26.54 22.03 52.07
C THR C 372 -26.35 20.54 52.28
N GLN C 373 -25.24 20.04 51.76
CA GLN C 373 -24.90 18.64 51.79
C GLN C 373 -23.63 18.55 52.61
N LEU C 374 -23.73 17.92 53.78
CA LEU C 374 -22.61 17.89 54.73
C LEU C 374 -21.68 16.71 54.49
N GLY C 375 -20.37 16.96 54.47
CA GLY C 375 -19.46 15.85 54.72
C GLY C 375 -19.58 15.55 56.20
N TRP C 376 -20.16 14.40 56.52
CA TRP C 376 -20.38 14.00 57.89
C TRP C 376 -19.32 12.98 58.29
N ASP C 377 -18.47 12.67 57.33
CA ASP C 377 -17.41 11.68 57.52
C ASP C 377 -16.46 11.74 56.34
N GLU C 378 -15.46 10.85 56.33
CA GLU C 378 -14.47 10.85 55.26
C GLU C 378 -15.09 10.87 53.86
N LYS C 379 -15.76 9.79 53.46
CA LYS C 379 -16.21 9.65 52.08
C LYS C 379 -17.02 10.85 51.56
N SER C 380 -18.05 11.23 52.30
CA SER C 380 -18.87 12.36 51.91
C SER C 380 -18.00 13.61 51.81
N GLN C 381 -17.14 13.80 52.81
CA GLN C 381 -16.23 14.94 52.85
C GLN C 381 -15.36 15.00 51.60
N HIS C 382 -14.96 13.84 51.10
CA HIS C 382 -14.11 13.73 49.92
C HIS C 382 -14.86 14.06 48.65
N LYS C 383 -16.09 13.54 48.52
CA LYS C 383 -16.91 13.90 47.37
C LYS C 383 -17.09 15.41 47.31
N ILE C 384 -17.46 15.99 48.45
CA ILE C 384 -17.59 17.43 48.55
C ILE C 384 -16.27 18.10 48.20
N ALA C 385 -15.17 17.42 48.51
CA ALA C 385 -13.84 17.91 48.19
C ALA C 385 -13.67 18.06 46.67
N GLN C 386 -13.86 16.97 45.93
CA GLN C 386 -13.76 17.02 44.47
C GLN C 386 -14.65 18.15 43.94
N MET C 387 -15.91 18.11 44.34
CA MET C 387 -16.88 19.11 43.89
C MET C 387 -16.33 20.53 44.05
N LEU C 388 -15.83 20.84 45.24
CA LEU C 388 -15.32 22.17 45.52
C LEU C 388 -14.08 22.48 44.69
N SER C 389 -13.25 21.47 44.46
CA SER C 389 -12.06 21.63 43.65
C SER C 389 -12.40 22.02 42.22
N MET C 390 -13.63 21.71 41.80
CA MET C 390 -14.08 22.03 40.44
C MET C 390 -14.07 23.52 40.07
N ASP C 391 -13.97 24.40 41.08
CA ASP C 391 -13.97 25.84 40.83
C ASP C 391 -15.23 26.30 40.11
N LEU C 392 -16.34 26.31 40.85
CA LEU C 392 -17.67 26.57 40.30
C LEU C 392 -18.26 27.88 40.78
N PRO C 393 -19.11 28.49 39.96
CA PRO C 393 -19.73 29.78 40.33
C PRO C 393 -20.39 29.71 41.69
N ALA C 394 -20.16 30.73 42.53
CA ALA C 394 -20.61 30.68 43.92
C ALA C 394 -22.13 30.57 44.05
N GLU C 395 -22.84 31.07 43.04
CA GLU C 395 -24.29 31.02 43.01
C GLU C 395 -24.76 29.57 42.86
N LEU C 396 -23.95 28.75 42.20
CA LEU C 396 -24.28 27.35 41.97
C LEU C 396 -23.99 26.50 43.19
N ALA C 397 -22.70 26.44 43.54
CA ALA C 397 -22.27 25.76 44.74
C ALA C 397 -21.22 26.61 45.43
N VAL C 398 -21.21 26.55 46.75
CA VAL C 398 -20.24 27.28 47.54
C VAL C 398 -19.98 26.50 48.81
N ALA C 399 -18.73 26.51 49.26
CA ALA C 399 -18.36 25.77 50.46
C ALA C 399 -19.00 26.41 51.68
N VAL C 400 -19.46 25.56 52.60
CA VAL C 400 -19.88 25.99 53.92
C VAL C 400 -19.05 25.20 54.92
N GLU C 401 -18.58 25.87 55.97
CA GLU C 401 -17.69 25.21 56.92
C GLU C 401 -18.32 25.27 58.30
N ALA C 402 -17.83 24.45 59.22
CA ALA C 402 -18.56 24.13 60.45
C ALA C 402 -19.18 25.35 61.11
N ASN C 403 -18.38 26.40 61.32
CA ASN C 403 -18.87 27.61 61.96
C ASN C 403 -20.15 28.15 61.32
N ALA C 404 -20.26 27.98 60.01
CA ALA C 404 -21.34 28.62 59.24
C ALA C 404 -22.61 27.79 59.01
N VAL C 405 -22.57 26.49 59.33
CA VAL C 405 -23.72 25.64 59.01
C VAL C 405 -24.96 25.98 59.84
N GLU C 406 -24.75 26.49 61.05
CA GLU C 406 -25.88 26.88 61.90
C GLU C 406 -26.41 28.24 61.49
N GLN C 407 -25.51 29.12 61.06
CA GLN C 407 -25.93 30.42 60.54
C GLN C 407 -26.79 30.25 59.30
N ILE C 408 -26.32 29.42 58.37
CA ILE C 408 -27.04 29.23 57.10
C ILE C 408 -28.26 28.31 57.18
N THR C 409 -28.08 27.13 57.78
CA THR C 409 -29.17 26.16 57.87
C THR C 409 -30.13 26.43 59.03
N GLY C 410 -29.59 26.93 60.14
CA GLY C 410 -30.40 27.17 61.32
C GLY C 410 -30.12 26.14 62.40
N VAL C 411 -29.45 25.05 62.02
CA VAL C 411 -29.08 23.99 62.95
C VAL C 411 -27.58 23.67 62.83
N ALA C 412 -26.99 23.20 63.91
CA ALA C 412 -25.55 22.92 63.92
C ALA C 412 -25.25 21.44 63.67
N THR C 413 -24.56 21.17 62.55
CA THR C 413 -24.23 19.81 62.15
C THR C 413 -22.88 19.39 62.69
N ASN C 414 -22.14 20.35 63.24
CA ASN C 414 -20.82 20.08 63.79
C ASN C 414 -19.90 19.44 62.75
N CYS C 415 -19.92 20.01 61.55
CA CYS C 415 -19.03 19.60 60.47
C CYS C 415 -19.33 20.47 59.24
N SER C 416 -18.50 20.38 58.22
CA SER C 416 -18.69 21.22 57.03
C SER C 416 -19.40 20.49 55.89
N GLY C 417 -19.58 21.22 54.79
CA GLY C 417 -20.25 20.69 53.62
C GLY C 417 -20.27 21.71 52.50
N ILE C 418 -21.21 21.52 51.57
CA ILE C 418 -21.34 22.44 50.45
C ILE C 418 -22.79 22.96 50.35
N THR C 419 -22.97 24.14 49.77
CA THR C 419 -24.31 24.70 49.63
C THR C 419 -24.66 24.93 48.18
N TYR C 420 -25.93 24.69 47.85
CA TYR C 420 -26.48 25.04 46.56
C TYR C 420 -27.59 26.01 46.87
N PRO C 421 -27.24 27.30 46.92
CA PRO C 421 -28.11 28.39 47.39
C PRO C 421 -29.38 28.56 46.56
N GLN C 422 -29.37 28.10 45.31
CA GLN C 422 -30.58 28.16 44.49
C GLN C 422 -31.45 26.92 44.66
N GLY C 423 -30.95 25.96 45.43
CA GLY C 423 -31.68 24.75 45.69
C GLY C 423 -32.82 24.97 46.66
N GLY C 424 -33.44 23.87 47.11
CA GLY C 424 -34.56 23.96 48.03
C GLY C 424 -35.46 22.75 47.91
N TRP C 425 -36.71 22.93 48.30
CA TRP C 425 -37.68 21.86 48.23
C TRP C 425 -38.94 22.31 47.51
N LEU C 426 -39.68 21.36 46.97
CA LEU C 426 -41.01 21.63 46.43
C LEU C 426 -41.89 20.43 46.68
N CYS C 427 -43.21 20.60 46.54
CA CYS C 427 -44.11 19.47 46.68
C CYS C 427 -44.47 18.90 45.30
N PRO C 428 -43.89 17.73 44.97
CA PRO C 428 -44.10 17.12 43.65
C PRO C 428 -45.55 16.74 43.39
N ALA C 429 -46.25 16.20 44.38
CA ALA C 429 -47.62 15.77 44.17
C ALA C 429 -48.51 16.92 43.67
N GLU C 430 -48.51 18.01 44.44
CA GLU C 430 -49.26 19.20 44.07
C GLU C 430 -48.80 19.77 42.71
N LEU C 431 -47.48 19.88 42.51
CA LEU C 431 -46.95 20.41 41.26
C LEU C 431 -47.44 19.62 40.06
N THR C 432 -47.36 18.30 40.17
CA THR C 432 -47.73 17.41 39.09
C THR C 432 -49.21 17.53 38.80
N ARG C 433 -50.01 17.46 39.87
CA ARG C 433 -51.46 17.54 39.74
C ARG C 433 -51.86 18.83 39.02
N ASN C 434 -51.33 19.95 39.50
CA ASN C 434 -51.69 21.26 38.98
C ASN C 434 -51.16 21.56 37.57
N VAL C 435 -49.99 21.01 37.27
CA VAL C 435 -49.49 21.07 35.91
C VAL C 435 -50.46 20.33 35.00
N LEU C 436 -50.85 19.12 35.40
CA LEU C 436 -51.78 18.36 34.58
C LEU C 436 -53.07 19.13 34.39
N GLU C 437 -53.51 19.81 35.44
CA GLU C 437 -54.71 20.63 35.38
C GLU C 437 -54.58 21.68 34.28
N LEU C 438 -53.49 22.44 34.36
CA LEU C 438 -53.19 23.45 33.35
C LEU C 438 -53.17 22.84 31.95
N ALA C 439 -52.53 21.69 31.81
CA ALA C 439 -52.47 20.99 30.54
C ALA C 439 -53.87 20.72 30.01
N GLN C 440 -54.78 20.31 30.90
CA GLN C 440 -56.15 20.05 30.49
C GLN C 440 -56.79 21.34 29.98
N GLN C 441 -56.61 22.41 30.74
CA GLN C 441 -57.11 23.73 30.31
C GLN C 441 -56.60 24.05 28.91
N GLN C 442 -55.39 23.57 28.60
CA GLN C 442 -54.78 23.79 27.30
C GLN C 442 -55.13 22.71 26.28
N GLY C 443 -56.01 21.79 26.66
CA GLY C 443 -56.51 20.79 25.74
C GLY C 443 -55.94 19.39 25.87
N LEU C 444 -55.21 19.12 26.95
CA LEU C 444 -54.82 17.75 27.23
C LEU C 444 -56.08 16.94 27.50
N GLN C 445 -56.08 15.70 27.02
CA GLN C 445 -57.18 14.79 27.27
C GLN C 445 -56.67 13.63 28.13
N ILE C 446 -57.10 13.54 29.39
CA ILE C 446 -56.64 12.47 30.26
C ILE C 446 -57.64 11.31 30.44
N TYR C 447 -57.17 10.08 30.27
CA TYR C 447 -57.97 8.92 30.65
C TYR C 447 -57.32 8.17 31.80
N TYR C 448 -57.89 8.28 32.99
CA TYR C 448 -57.45 7.52 34.16
C TYR C 448 -57.96 6.09 34.12
N GLN C 449 -57.36 5.21 34.91
CA GLN C 449 -57.83 3.82 34.95
C GLN C 449 -57.41 3.03 33.71
N TYR C 450 -56.70 3.69 32.79
CA TYR C 450 -56.15 2.99 31.64
C TYR C 450 -54.70 2.56 31.85
N GLN C 451 -54.50 1.26 31.94
CA GLN C 451 -53.18 0.68 32.11
C GLN C 451 -52.81 -0.05 30.83
N LEU C 452 -51.84 0.50 30.10
CA LEU C 452 -51.43 -0.07 28.83
C LEU C 452 -50.71 -1.38 29.06
N GLN C 453 -51.25 -2.46 28.48
CA GLN C 453 -50.58 -3.74 28.56
C GLN C 453 -49.75 -4.09 27.34
N ASN C 454 -50.04 -3.46 26.21
CA ASN C 454 -49.48 -3.97 24.95
C ASN C 454 -49.38 -2.89 23.87
N LEU C 455 -48.34 -2.94 23.06
CA LEU C 455 -48.16 -2.00 21.94
C LEU C 455 -47.93 -2.78 20.65
N SER C 456 -48.61 -2.38 19.58
CA SER C 456 -48.44 -3.07 18.31
C SER C 456 -48.38 -2.09 17.16
N ARG C 457 -47.31 -2.12 16.36
CA ARG C 457 -47.23 -1.15 15.27
C ARG C 457 -48.04 -1.58 14.05
N LYS C 458 -49.00 -0.75 13.68
CA LYS C 458 -49.76 -0.88 12.43
C LYS C 458 -49.09 -0.05 11.33
N ASP C 459 -49.81 0.22 10.24
CA ASP C 459 -49.23 0.98 9.14
C ASP C 459 -48.98 2.42 9.53
N ASP C 460 -50.04 3.19 9.73
CA ASP C 460 -49.90 4.63 10.01
C ASP C 460 -49.94 5.01 11.49
N CYS C 461 -49.96 4.04 12.40
CA CYS C 461 -50.13 4.35 13.82
C CYS C 461 -49.74 3.21 14.74
N TRP C 462 -49.85 3.47 16.05
CA TRP C 462 -49.74 2.42 17.06
C TRP C 462 -51.08 1.97 17.61
N LEU C 463 -51.27 0.65 17.72
CA LEU C 463 -52.42 0.07 18.39
C LEU C 463 -52.08 -0.21 19.84
N LEU C 464 -52.74 0.51 20.74
CA LEU C 464 -52.52 0.37 22.17
C LEU C 464 -53.59 -0.52 22.80
N ASN C 465 -53.14 -1.46 23.64
CA ASN C 465 -54.03 -2.38 24.33
C ASN C 465 -53.95 -2.26 25.84
N PHE C 466 -55.03 -1.77 26.45
CA PHE C 466 -55.12 -1.68 27.91
C PHE C 466 -56.02 -2.72 28.52
N ALA C 467 -55.91 -2.78 29.86
CA ALA C 467 -56.64 -3.73 30.66
C ALA C 467 -58.06 -3.25 30.75
N GLY C 468 -59.00 -4.17 30.85
CA GLY C 468 -60.41 -3.81 30.85
C GLY C 468 -60.91 -3.84 29.43
N ASP C 469 -60.22 -4.63 28.60
CA ASP C 469 -60.56 -4.69 27.20
C ASP C 469 -60.64 -3.29 26.59
N GLN C 470 -59.57 -2.51 26.70
CA GLN C 470 -59.58 -1.19 26.08
C GLN C 470 -58.52 -1.05 24.99
N GLN C 471 -58.80 -0.22 23.99
CA GLN C 471 -57.86 -0.06 22.89
C GLN C 471 -57.88 1.36 22.37
N ALA C 472 -56.71 1.86 22.00
CA ALA C 472 -56.65 3.17 21.33
C ALA C 472 -55.78 3.10 20.09
N THR C 473 -56.02 3.97 19.13
CA THR C 473 -55.11 4.10 18.00
C THR C 473 -54.51 5.50 17.98
N HIS C 474 -53.18 5.57 17.96
CA HIS C 474 -52.47 6.85 17.98
C HIS C 474 -51.30 6.91 17.01
N SER C 475 -51.00 8.12 16.52
CA SER C 475 -49.93 8.33 15.56
C SER C 475 -48.56 8.22 16.20
N VAL C 476 -48.44 8.77 17.40
CA VAL C 476 -47.17 8.84 18.09
C VAL C 476 -47.41 8.51 19.56
N VAL C 477 -46.51 7.73 20.15
CA VAL C 477 -46.67 7.30 21.53
C VAL C 477 -45.38 7.54 22.29
N VAL C 478 -45.52 8.10 23.48
CA VAL C 478 -44.37 8.33 24.35
C VAL C 478 -44.60 7.59 25.65
N LEU C 479 -43.59 6.86 26.11
CA LEU C 479 -43.69 6.13 27.36
C LEU C 479 -43.01 6.95 28.45
N ALA C 480 -43.85 7.54 29.29
CA ALA C 480 -43.49 8.30 30.48
C ALA C 480 -43.72 7.54 31.78
N ASN C 481 -43.93 6.23 31.70
CA ASN C 481 -44.67 5.49 32.74
C ASN C 481 -43.91 5.02 33.99
N GLY C 482 -42.71 5.56 34.21
CA GLY C 482 -42.06 5.35 35.49
C GLY C 482 -41.32 4.04 35.53
N HIS C 483 -41.24 3.42 36.71
CA HIS C 483 -40.47 2.19 36.85
C HIS C 483 -41.04 1.05 36.01
N GLN C 484 -42.22 1.27 35.45
CA GLN C 484 -42.86 0.25 34.60
C GLN C 484 -42.48 0.40 33.13
N ILE C 485 -41.56 1.32 32.84
CA ILE C 485 -41.12 1.56 31.47
C ILE C 485 -40.70 0.26 30.77
N SER C 486 -40.16 -0.68 31.53
CA SER C 486 -39.52 -1.88 31.01
C SER C 486 -40.44 -3.12 30.88
N ARG C 487 -41.73 -2.95 31.12
CA ARG C 487 -42.68 -4.07 31.04
C ARG C 487 -42.86 -4.59 29.62
N PHE C 488 -42.92 -3.67 28.65
CA PHE C 488 -43.31 -4.02 27.28
C PHE C 488 -42.19 -4.72 26.52
N SER C 489 -42.50 -5.18 25.32
CA SER C 489 -41.52 -5.97 24.57
C SER C 489 -40.53 -5.04 23.90
N GLN C 490 -41.02 -3.91 23.41
CA GLN C 490 -40.15 -2.90 22.83
C GLN C 490 -39.10 -2.40 23.84
N THR C 491 -39.49 -2.35 25.11
CA THR C 491 -38.64 -1.88 26.22
C THR C 491 -37.98 -2.90 27.16
N SER C 492 -38.16 -4.20 26.94
CA SER C 492 -37.76 -5.19 27.95
C SER C 492 -36.26 -5.22 28.29
N THR C 493 -35.40 -4.86 27.35
CA THR C 493 -33.96 -4.92 27.58
C THR C 493 -33.31 -3.61 28.05
N LEU C 494 -34.10 -2.57 28.29
CA LEU C 494 -33.54 -1.31 28.77
C LEU C 494 -32.79 -1.50 30.08
N PRO C 495 -31.58 -0.95 30.17
CA PRO C 495 -30.73 -1.03 31.37
C PRO C 495 -31.20 -0.11 32.50
N VAL C 496 -32.46 -0.26 32.89
CA VAL C 496 -33.01 0.49 34.01
C VAL C 496 -33.44 -0.47 35.10
N TYR C 497 -33.44 -0.02 36.35
CA TYR C 497 -33.86 -0.87 37.45
C TYR C 497 -34.76 -0.17 38.47
N SER C 498 -35.64 -0.94 39.11
CA SER C 498 -36.57 -0.39 40.08
C SER C 498 -35.88 -0.25 41.43
N VAL C 499 -36.05 0.90 42.07
CA VAL C 499 -35.56 1.07 43.43
C VAL C 499 -36.69 1.60 44.29
N ALA C 500 -37.22 0.77 45.17
CA ALA C 500 -38.32 1.17 46.03
C ALA C 500 -37.79 2.10 47.10
N GLY C 501 -38.68 2.86 47.72
CA GLY C 501 -38.28 3.79 48.77
C GLY C 501 -39.43 4.37 49.55
N GLN C 502 -39.11 4.80 50.75
CA GLN C 502 -40.11 5.34 51.67
C GLN C 502 -39.60 6.66 52.25
N VAL C 503 -40.48 7.65 52.30
CA VAL C 503 -40.16 8.93 52.89
C VAL C 503 -41.06 9.14 54.08
N SER C 504 -40.49 9.48 55.24
CA SER C 504 -41.33 9.61 56.43
C SER C 504 -41.86 11.02 56.62
N HIS C 505 -43.15 11.15 56.94
CA HIS C 505 -43.73 12.44 57.31
C HIS C 505 -43.70 12.63 58.82
N ILE C 506 -42.99 13.66 59.27
CA ILE C 506 -42.84 13.91 60.70
C ILE C 506 -43.39 15.29 61.08
N PRO C 507 -43.84 15.44 62.35
CA PRO C 507 -44.37 16.76 62.69
C PRO C 507 -43.23 17.67 63.11
N THR C 508 -43.52 18.95 63.33
CA THR C 508 -42.46 19.89 63.66
C THR C 508 -42.51 20.31 65.13
N THR C 509 -41.34 20.29 65.78
CA THR C 509 -41.17 20.85 67.11
C THR C 509 -40.59 22.25 66.96
N PRO C 510 -40.43 23.00 68.07
CA PRO C 510 -39.86 24.34 67.94
C PRO C 510 -38.37 24.32 67.56
N GLU C 511 -37.70 23.20 67.82
CA GLU C 511 -36.28 23.07 67.47
C GLU C 511 -36.17 22.91 65.96
N LEU C 512 -36.75 21.83 65.43
CA LEU C 512 -36.96 21.75 63.99
C LEU C 512 -37.79 22.99 63.68
N ALA C 513 -37.72 23.46 62.45
CA ALA C 513 -38.36 24.72 62.08
C ALA C 513 -37.42 25.88 62.38
N GLU C 514 -36.34 25.57 63.08
CA GLU C 514 -35.22 26.50 63.14
C GLU C 514 -34.37 26.19 61.91
N LEU C 515 -34.74 25.11 61.24
CA LEU C 515 -34.07 24.64 60.03
C LEU C 515 -34.54 25.46 58.83
N LYS C 516 -33.60 26.18 58.22
CA LYS C 516 -33.90 27.08 57.12
C LYS C 516 -33.70 26.42 55.75
N GLN C 517 -33.08 25.25 55.74
CA GLN C 517 -32.63 24.64 54.49
C GLN C 517 -32.78 23.13 54.47
N VAL C 518 -32.73 22.55 53.28
CA VAL C 518 -32.70 21.11 53.14
C VAL C 518 -31.30 20.59 53.50
N LEU C 519 -31.25 19.51 54.26
CA LEU C 519 -29.98 18.90 54.63
C LEU C 519 -29.75 17.64 53.80
N CYS C 520 -28.52 17.48 53.30
CA CYS C 520 -28.17 16.27 52.61
C CYS C 520 -27.03 15.58 53.33
N TYR C 521 -27.30 14.34 53.71
CA TYR C 521 -26.45 13.53 54.59
C TYR C 521 -26.59 12.11 54.07
N ASP C 522 -26.27 11.11 54.87
CA ASP C 522 -26.58 9.73 54.49
C ASP C 522 -28.00 9.68 53.92
N GLY C 523 -29.00 10.06 54.71
CA GLY C 523 -30.35 10.26 54.19
C GLY C 523 -30.57 11.71 53.75
N TYR C 524 -31.79 12.22 53.90
CA TYR C 524 -32.04 13.66 53.74
C TYR C 524 -33.24 14.18 54.55
N LEU C 525 -33.26 15.48 54.82
CA LEU C 525 -34.31 16.11 55.61
C LEU C 525 -34.64 17.51 55.10
N THR C 526 -35.92 17.86 55.11
CA THR C 526 -36.35 19.16 54.59
C THR C 526 -36.96 20.06 55.67
N PRO C 527 -36.95 21.38 55.42
CA PRO C 527 -37.67 22.30 56.31
C PRO C 527 -39.15 21.94 56.31
N GLN C 528 -39.87 22.34 57.35
CA GLN C 528 -41.29 22.03 57.41
C GLN C 528 -42.05 22.84 56.36
N ASN C 529 -43.11 22.26 55.83
CA ASN C 529 -44.00 22.98 54.95
C ASN C 529 -45.03 23.69 55.79
N PRO C 530 -44.95 25.02 55.89
CA PRO C 530 -45.80 25.81 56.79
C PRO C 530 -47.28 25.46 56.62
N ALA C 531 -47.66 25.03 55.42
CA ALA C 531 -49.04 24.67 55.14
C ALA C 531 -49.46 23.41 55.91
N ASN C 532 -48.61 22.38 55.88
CA ASN C 532 -48.92 21.11 56.53
C ASN C 532 -48.28 20.92 57.92
N GLN C 533 -47.50 21.90 58.37
CA GLN C 533 -46.72 21.78 59.61
C GLN C 533 -45.95 20.47 59.76
N HIS C 534 -45.46 19.93 58.65
CA HIS C 534 -44.66 18.70 58.70
C HIS C 534 -43.37 18.78 57.88
N HIS C 535 -42.37 17.99 58.28
CA HIS C 535 -41.15 17.81 57.50
C HIS C 535 -41.19 16.44 56.84
N CYS C 536 -40.56 16.32 55.67
CA CYS C 536 -40.29 15.00 55.11
C CYS C 536 -38.85 14.63 55.42
N ILE C 537 -38.63 13.41 55.88
CA ILE C 537 -37.28 12.92 56.11
C ILE C 537 -37.04 11.68 55.25
N GLY C 538 -36.10 11.82 54.32
CA GLY C 538 -35.90 10.88 53.24
C GLY C 538 -34.80 9.86 53.43
N ALA C 539 -34.93 8.77 52.68
CA ALA C 539 -34.17 7.56 52.95
C ALA C 539 -34.68 6.42 52.10
N SER C 540 -34.24 5.21 52.41
CA SER C 540 -34.86 3.98 51.92
C SER C 540 -34.67 3.69 50.43
N TYR C 541 -33.48 3.22 50.09
CA TYR C 541 -33.15 2.73 48.77
C TYR C 541 -33.23 1.21 48.83
N HIS C 542 -34.24 0.62 48.22
CA HIS C 542 -34.30 -0.84 48.08
C HIS C 542 -34.20 -1.20 46.61
N ARG C 543 -33.07 -1.74 46.20
CA ARG C 543 -32.89 -2.05 44.78
C ARG C 543 -33.59 -3.35 44.39
N GLY C 544 -34.20 -3.37 43.21
CA GLY C 544 -34.84 -4.55 42.72
C GLY C 544 -36.27 -4.70 43.22
N SER C 545 -36.63 -3.91 44.24
CA SER C 545 -37.96 -4.01 44.84
C SER C 545 -38.98 -3.00 44.28
N GLU C 546 -40.14 -3.51 43.88
CA GLU C 546 -41.24 -2.65 43.46
C GLU C 546 -42.28 -2.44 44.57
N ASP C 547 -41.98 -2.95 45.77
CA ASP C 547 -42.94 -2.94 46.87
C ASP C 547 -43.19 -1.53 47.41
N THR C 548 -44.45 -1.11 47.39
CA THR C 548 -44.84 0.18 47.98
C THR C 548 -45.46 0.06 49.37
N ALA C 549 -45.47 -1.15 49.91
CA ALA C 549 -46.02 -1.37 51.25
C ALA C 549 -45.17 -0.67 52.31
N TYR C 550 -45.86 -0.09 53.30
CA TYR C 550 -45.18 0.59 54.41
C TYR C 550 -44.27 -0.38 55.16
N SER C 551 -43.12 0.11 55.61
CA SER C 551 -42.17 -0.73 56.34
C SER C 551 -41.74 -0.01 57.60
N GLU C 552 -41.96 -0.64 58.75
CA GLU C 552 -41.55 -0.04 60.01
C GLU C 552 -40.04 0.14 60.05
N ASP C 553 -39.31 -0.91 59.67
CA ASP C 553 -37.85 -0.85 59.66
C ASP C 553 -37.39 0.40 58.93
N ASP C 554 -38.07 0.69 57.83
CA ASP C 554 -37.76 1.86 57.01
C ASP C 554 -38.06 3.15 57.77
N GLN C 555 -39.29 3.25 58.29
CA GLN C 555 -39.70 4.42 59.05
C GLN C 555 -38.70 4.77 60.15
N GLN C 556 -38.15 3.75 60.80
CA GLN C 556 -37.15 3.96 61.84
C GLN C 556 -35.80 4.36 61.26
N GLN C 557 -35.38 3.64 60.22
CA GLN C 557 -34.07 3.90 59.64
C GLN C 557 -33.92 5.32 59.10
N ASN C 558 -35.00 5.86 58.53
CA ASN C 558 -34.97 7.25 58.05
C ASN C 558 -34.39 8.18 59.11
N ARG C 559 -34.84 7.98 60.34
CA ARG C 559 -34.41 8.79 61.48
C ARG C 559 -33.03 8.36 62.00
N GLN C 560 -32.88 7.05 62.20
CA GLN C 560 -31.65 6.53 62.77
C GLN C 560 -30.44 6.93 61.96
N ARG C 561 -30.64 7.05 60.64
CA ARG C 561 -29.55 7.40 59.74
C ARG C 561 -29.15 8.85 59.98
N LEU C 562 -30.16 9.72 60.08
CA LEU C 562 -29.93 11.12 60.39
C LEU C 562 -29.12 11.26 61.66
N ILE C 563 -29.58 10.60 62.73
CA ILE C 563 -28.89 10.67 64.01
C ILE C 563 -27.46 10.12 63.94
N ASP C 564 -27.29 9.03 63.20
CA ASP C 564 -25.98 8.42 63.04
C ASP C 564 -25.00 9.39 62.40
N CYS C 565 -25.50 10.19 61.46
CA CYS C 565 -24.66 11.19 60.82
C CYS C 565 -24.29 12.34 61.77
N PHE C 566 -25.24 12.76 62.60
CA PHE C 566 -24.98 13.86 63.53
C PHE C 566 -25.24 13.44 64.98
N PRO C 567 -24.41 12.54 65.51
CA PRO C 567 -24.61 11.90 66.82
C PRO C 567 -24.73 12.88 67.97
N GLN C 568 -24.02 14.01 67.89
CA GLN C 568 -24.03 14.98 68.97
C GLN C 568 -25.20 15.97 68.83
N ALA C 569 -25.85 15.97 67.67
CA ALA C 569 -26.87 16.98 67.41
C ALA C 569 -28.14 16.68 68.17
N GLN C 570 -28.56 17.62 69.01
CA GLN C 570 -29.75 17.44 69.84
C GLN C 570 -31.03 17.70 69.04
N TRP C 571 -30.95 18.63 68.09
CA TRP C 571 -32.09 18.91 67.23
C TRP C 571 -32.55 17.66 66.49
N ALA C 572 -31.61 16.84 66.04
CA ALA C 572 -31.92 15.61 65.32
C ALA C 572 -32.91 14.75 66.10
N LYS C 573 -32.68 14.60 67.39
CA LYS C 573 -33.51 13.74 68.22
C LYS C 573 -34.98 14.16 68.21
N GLU C 574 -35.24 15.41 67.82
CA GLU C 574 -36.61 15.91 67.80
C GLU C 574 -37.44 15.30 66.68
N VAL C 575 -36.79 14.49 65.85
CA VAL C 575 -37.48 13.85 64.74
C VAL C 575 -38.35 12.72 65.26
N ASP C 576 -39.66 12.81 65.01
CA ASP C 576 -40.61 11.85 65.56
C ASP C 576 -41.45 11.11 64.51
N VAL C 577 -41.17 9.82 64.33
CA VAL C 577 -41.85 8.99 63.34
C VAL C 577 -42.96 8.10 63.89
N SER C 578 -43.22 8.18 65.20
CA SER C 578 -44.17 7.29 65.84
C SER C 578 -45.56 7.30 65.18
N ASP C 579 -45.87 8.38 64.49
CA ASP C 579 -47.18 8.50 63.85
C ASP C 579 -47.36 7.48 62.73
N LYS C 580 -46.27 6.79 62.39
CA LYS C 580 -46.29 5.82 61.29
C LYS C 580 -46.81 6.41 59.98
N GLU C 581 -46.49 7.68 59.72
CA GLU C 581 -46.89 8.33 58.47
C GLU C 581 -45.74 8.35 57.46
N ALA C 582 -45.99 7.86 56.25
CA ALA C 582 -44.96 7.83 55.22
C ALA C 582 -45.56 7.70 53.83
N ARG C 583 -44.74 7.97 52.82
CA ARG C 583 -45.16 7.77 51.43
C ARG C 583 -44.15 6.86 50.74
N CYS C 584 -44.64 5.86 50.00
CA CYS C 584 -43.74 4.90 49.37
C CYS C 584 -43.89 4.88 47.86
N GLY C 585 -42.76 4.75 47.17
CA GLY C 585 -42.76 4.77 45.71
C GLY C 585 -41.62 4.00 45.09
N VAL C 586 -41.68 3.84 43.77
CA VAL C 586 -40.65 3.09 43.06
C VAL C 586 -39.93 3.97 42.04
N ARG C 587 -38.65 4.23 42.30
CA ARG C 587 -37.80 4.98 41.38
C ARG C 587 -37.39 4.10 40.23
N CYS C 588 -37.14 4.71 39.07
CA CYS C 588 -36.55 3.98 37.96
C CYS C 588 -35.17 4.56 37.70
N ALA C 589 -34.14 3.74 37.87
CA ALA C 589 -32.77 4.25 37.90
C ALA C 589 -31.86 3.63 36.84
N THR C 590 -30.73 4.29 36.63
CA THR C 590 -29.66 3.77 35.79
C THR C 590 -28.35 3.92 36.53
N ARG C 591 -27.33 3.19 36.09
CA ARG C 591 -26.04 3.24 36.75
C ARG C 591 -25.37 4.58 36.49
N ASP C 592 -25.62 5.14 35.29
CA ASP C 592 -25.08 6.44 34.92
C ASP C 592 -25.52 7.54 35.86
N HIS C 593 -26.74 7.41 36.36
CA HIS C 593 -27.37 8.48 37.12
C HIS C 593 -28.06 9.52 36.22
N LEU C 594 -28.02 9.30 34.90
CA LEU C 594 -28.70 10.17 33.94
C LEU C 594 -29.92 9.43 33.39
N PRO C 595 -30.97 10.18 33.01
CA PRO C 595 -32.22 9.63 32.48
C PRO C 595 -32.09 9.07 31.08
N MET C 596 -33.16 8.46 30.58
CA MET C 596 -33.20 7.97 29.21
C MET C 596 -34.35 8.65 28.51
N VAL C 597 -34.01 9.50 27.55
CA VAL C 597 -34.94 10.39 26.89
C VAL C 597 -34.64 10.40 25.41
N GLY C 598 -35.62 10.06 24.59
CA GLY C 598 -35.38 10.05 23.16
C GLY C 598 -36.22 9.04 22.40
N ASN C 599 -35.72 8.57 21.27
CA ASN C 599 -36.35 7.47 20.56
C ASN C 599 -36.25 6.21 21.41
N VAL C 600 -37.21 5.31 21.29
CA VAL C 600 -37.08 4.01 21.91
C VAL C 600 -36.33 3.13 20.94
N PRO C 601 -35.15 2.64 21.36
CA PRO C 601 -34.24 1.84 20.54
C PRO C 601 -34.76 0.42 20.33
N ASP C 602 -34.61 -0.09 19.10
CA ASP C 602 -34.94 -1.47 18.80
C ASP C 602 -33.68 -2.27 19.03
N TYR C 603 -33.70 -3.09 20.08
CA TYR C 603 -32.52 -3.77 20.60
C TYR C 603 -31.90 -4.75 19.61
N GLU C 604 -32.67 -5.75 19.19
CA GLU C 604 -32.15 -6.79 18.31
C GLU C 604 -31.61 -6.20 17.02
N ALA C 605 -32.34 -5.24 16.45
CA ALA C 605 -31.88 -4.53 15.28
C ALA C 605 -30.57 -3.81 15.57
N THR C 606 -30.44 -3.32 16.79
CA THR C 606 -29.25 -2.59 17.16
C THR C 606 -28.04 -3.53 17.19
N LEU C 607 -28.14 -4.65 17.89
CA LEU C 607 -27.02 -5.58 17.96
C LEU C 607 -26.70 -6.22 16.61
N VAL C 608 -27.73 -6.41 15.79
CA VAL C 608 -27.54 -7.02 14.49
C VAL C 608 -26.85 -6.07 13.51
N GLU C 609 -27.32 -4.84 13.47
CA GLU C 609 -26.81 -3.83 12.55
C GLU C 609 -25.43 -3.32 12.93
N TYR C 610 -25.24 -3.09 14.23
CA TYR C 610 -24.00 -2.56 14.76
C TYR C 610 -23.02 -3.63 15.23
N ALA C 611 -23.34 -4.89 14.97
CA ALA C 611 -22.51 -5.98 15.45
C ALA C 611 -21.04 -5.73 15.17
N SER C 612 -20.74 -5.35 13.92
CA SER C 612 -19.37 -5.13 13.48
C SER C 612 -18.92 -3.69 13.60
N LEU C 613 -19.75 -2.86 14.24
CA LEU C 613 -19.60 -1.39 14.17
C LEU C 613 -18.18 -0.89 14.43
N ALA C 614 -17.39 -1.64 15.18
CA ALA C 614 -15.99 -1.26 15.41
C ALA C 614 -15.29 -0.99 14.07
N GLU C 615 -15.31 -1.98 13.18
CA GLU C 615 -14.77 -1.82 11.83
C GLU C 615 -15.73 -1.07 10.91
N GLN C 616 -17.02 -1.25 11.17
CA GLN C 616 -18.10 -0.73 10.31
C GLN C 616 -18.33 0.78 10.47
N LYS C 617 -17.62 1.41 11.38
CA LYS C 617 -17.94 2.78 11.81
C LYS C 617 -18.16 3.73 10.63
N ASP C 618 -17.53 3.44 9.50
CA ASP C 618 -17.75 4.21 8.28
C ASP C 618 -19.07 3.83 7.60
N GLU C 619 -19.91 4.83 7.38
CA GLU C 619 -21.21 4.63 6.73
C GLU C 619 -22.05 3.59 7.48
N ALA C 620 -22.40 3.91 8.71
CA ALA C 620 -23.32 3.09 9.49
C ALA C 620 -24.73 3.58 9.21
N VAL C 621 -25.74 2.99 9.86
CA VAL C 621 -27.11 3.41 9.63
C VAL C 621 -27.68 4.05 10.89
N SER C 622 -28.70 4.90 10.74
CA SER C 622 -29.26 5.63 11.87
C SER C 622 -29.67 4.64 12.98
N ALA C 623 -29.55 5.04 14.24
CA ALA C 623 -29.83 4.12 15.33
C ALA C 623 -31.15 3.45 15.03
N PRO C 624 -31.17 2.11 15.05
CA PRO C 624 -32.43 1.39 14.80
C PRO C 624 -33.43 1.71 15.90
N VAL C 625 -34.63 2.14 15.52
CA VAL C 625 -35.61 2.57 16.51
C VAL C 625 -37.03 2.36 16.01
N PHE C 626 -37.96 2.23 16.94
CA PHE C 626 -39.37 2.08 16.60
C PHE C 626 -39.96 3.39 16.06
N ASP C 627 -40.95 3.29 15.18
CA ASP C 627 -41.50 4.47 14.52
C ASP C 627 -42.41 5.25 15.45
N ASP C 628 -42.09 6.51 15.67
CA ASP C 628 -42.94 7.38 16.46
C ASP C 628 -43.18 6.84 17.88
N LEU C 629 -42.26 6.02 18.38
CA LEU C 629 -42.25 5.60 19.77
C LEU C 629 -41.10 6.25 20.54
N PHE C 630 -41.44 7.14 21.47
CA PHE C 630 -40.45 7.90 22.22
C PHE C 630 -40.56 7.55 23.70
N MET C 631 -39.50 7.80 24.47
CA MET C 631 -39.49 7.51 25.88
C MET C 631 -38.86 8.62 26.72
N PHE C 632 -39.42 8.80 27.92
CA PHE C 632 -38.94 9.75 28.90
C PHE C 632 -38.93 8.96 30.22
N ALA C 633 -37.74 8.64 30.73
CA ALA C 633 -37.66 7.58 31.74
C ALA C 633 -36.40 7.62 32.60
N ALA C 634 -36.42 6.85 33.69
CA ALA C 634 -35.25 6.70 34.56
C ALA C 634 -34.79 8.00 35.20
N LEU C 635 -35.73 8.70 35.84
CA LEU C 635 -35.44 9.93 36.55
C LEU C 635 -34.78 9.67 37.90
N GLY C 636 -34.66 8.41 38.30
CA GLY C 636 -33.98 8.04 39.53
C GLY C 636 -34.50 8.79 40.74
N SER C 637 -33.60 9.34 41.55
CA SER C 637 -33.99 10.20 42.68
C SER C 637 -33.97 11.69 42.35
N ARG C 638 -33.37 12.02 41.21
CA ARG C 638 -33.05 13.41 40.88
C ARG C 638 -34.11 14.10 40.00
N GLY C 639 -35.24 13.43 39.80
CA GLY C 639 -36.28 13.85 38.88
C GLY C 639 -36.75 15.30 38.90
N LEU C 640 -37.02 15.86 40.06
CA LEU C 640 -37.46 17.25 40.13
C LEU C 640 -36.44 18.20 39.50
N CYS C 641 -35.18 17.76 39.48
CA CYS C 641 -34.11 18.50 38.81
C CYS C 641 -34.00 18.24 37.31
N SER C 642 -34.09 16.98 36.91
CA SER C 642 -33.87 16.59 35.52
C SER C 642 -35.07 16.77 34.58
N ALA C 643 -36.27 16.70 35.16
CA ALA C 643 -37.49 16.58 34.37
C ALA C 643 -37.79 17.76 33.45
N PRO C 644 -37.74 18.99 33.96
CA PRO C 644 -38.16 20.09 33.08
C PRO C 644 -37.29 20.18 31.82
N LEU C 645 -35.97 20.13 32.00
CA LEU C 645 -35.08 20.18 30.83
C LEU C 645 -35.24 18.96 29.96
N CYS C 646 -35.37 17.77 30.57
CA CYS C 646 -35.62 16.57 29.76
C CYS C 646 -36.88 16.69 28.92
N ALA C 647 -37.86 17.44 29.42
CA ALA C 647 -39.12 17.60 28.71
C ALA C 647 -38.90 18.55 27.56
N GLU C 648 -38.14 19.61 27.80
CA GLU C 648 -37.76 20.53 26.73
C GLU C 648 -37.08 19.76 25.62
N ILE C 649 -36.10 18.95 26.00
CA ILE C 649 -35.36 18.13 25.06
C ILE C 649 -36.27 17.20 24.25
N LEU C 650 -37.06 16.38 24.94
CA LEU C 650 -37.89 15.42 24.23
C LEU C 650 -38.89 16.12 23.31
N ALA C 651 -39.57 17.15 23.82
CA ALA C 651 -40.58 17.84 23.01
C ALA C 651 -39.93 18.49 21.80
N ALA C 652 -38.75 19.07 22.01
CA ALA C 652 -38.02 19.69 20.92
C ALA C 652 -37.72 18.65 19.86
N GLN C 653 -37.04 17.59 20.27
CA GLN C 653 -36.69 16.53 19.35
C GLN C 653 -37.90 16.06 18.57
N MET C 654 -38.98 15.78 19.29
CA MET C 654 -40.19 15.26 18.65
C MET C 654 -40.76 16.20 17.60
N SER C 655 -40.73 17.50 17.90
CA SER C 655 -41.28 18.51 17.00
C SER C 655 -40.24 19.01 15.99
N ASP C 656 -39.08 18.36 15.96
CA ASP C 656 -38.00 18.75 15.06
C ASP C 656 -37.61 20.22 15.22
N GLU C 657 -37.45 20.65 16.46
CA GLU C 657 -37.02 21.99 16.80
C GLU C 657 -35.72 21.89 17.58
N PRO C 658 -34.95 22.99 17.66
CA PRO C 658 -33.63 22.98 18.28
C PRO C 658 -33.66 22.45 19.71
N ILE C 659 -32.77 21.50 20.01
CA ILE C 659 -32.66 20.90 21.33
C ILE C 659 -31.63 21.66 22.15
N PRO C 660 -32.00 22.08 23.37
CA PRO C 660 -31.13 22.95 24.18
C PRO C 660 -30.01 22.20 24.93
N MET C 661 -29.25 21.37 24.21
CA MET C 661 -28.18 20.58 24.79
C MET C 661 -27.13 20.26 23.72
N ASP C 662 -25.88 20.04 24.13
CA ASP C 662 -24.85 19.70 23.15
C ASP C 662 -24.92 18.22 22.77
N ALA C 663 -24.39 17.90 21.59
CA ALA C 663 -24.40 16.54 21.06
C ALA C 663 -23.89 15.49 22.05
N SER C 664 -22.81 15.82 22.75
CA SER C 664 -22.18 14.86 23.66
C SER C 664 -23.08 14.48 24.86
N THR C 665 -23.57 15.49 25.58
CA THR C 665 -24.43 15.24 26.73
C THR C 665 -25.72 14.58 26.23
N LEU C 666 -26.20 15.04 25.09
CA LEU C 666 -27.34 14.40 24.45
C LEU C 666 -27.10 12.91 24.27
N ALA C 667 -25.90 12.55 23.84
CA ALA C 667 -25.58 11.14 23.65
C ALA C 667 -25.57 10.45 24.99
N ALA C 668 -25.11 11.17 26.00
CA ALA C 668 -25.08 10.64 27.35
C ALA C 668 -26.50 10.38 27.86
N LEU C 669 -27.48 11.04 27.26
CA LEU C 669 -28.89 10.82 27.62
C LEU C 669 -29.64 9.78 26.79
N ASN C 670 -29.01 9.30 25.72
CA ASN C 670 -29.67 8.42 24.75
C ASN C 670 -30.05 7.04 25.31
N PRO C 671 -31.26 6.57 25.03
CA PRO C 671 -31.68 5.27 25.60
C PRO C 671 -30.76 4.12 25.20
N ASN C 672 -30.10 4.23 24.05
CA ASN C 672 -29.26 3.15 23.55
C ASN C 672 -27.77 3.22 23.95
N ARG C 673 -27.42 4.13 24.86
CA ARG C 673 -26.01 4.34 25.24
C ARG C 673 -25.23 3.06 25.42
N LEU C 674 -25.55 2.29 26.45
CA LEU C 674 -24.77 1.12 26.82
C LEU C 674 -24.52 0.19 25.62
N TRP C 675 -25.59 -0.20 24.94
CA TRP C 675 -25.49 -1.10 23.78
C TRP C 675 -24.52 -0.57 22.71
N VAL C 676 -24.73 0.68 22.33
CA VAL C 676 -23.90 1.34 21.32
C VAL C 676 -22.45 1.49 21.74
N ARG C 677 -22.23 1.91 22.98
CA ARG C 677 -20.88 2.07 23.50
C ARG C 677 -20.16 0.72 23.50
N LYS C 678 -20.88 -0.34 23.88
CA LYS C 678 -20.26 -1.67 23.89
C LYS C 678 -19.97 -2.18 22.48
N LEU C 679 -20.82 -1.80 21.53
CA LEU C 679 -20.59 -2.23 20.13
C LEU C 679 -19.55 -1.36 19.41
N LEU C 680 -19.29 -0.18 19.94
CA LEU C 680 -18.25 0.70 19.41
C LEU C 680 -16.87 0.20 19.83
N LYS C 681 -16.76 -0.21 21.08
CA LYS C 681 -15.54 -0.83 21.58
C LYS C 681 -15.69 -2.33 21.37
N GLY C 682 -14.92 -2.88 20.44
CA GLY C 682 -15.00 -4.28 20.12
C GLY C 682 -16.42 -4.78 19.95
N MET D 21 -19.46 34.21 -15.62
CA MET D 21 -18.41 33.20 -15.55
C MET D 21 -18.96 31.79 -15.77
N LYS D 22 -18.59 31.18 -16.88
CA LYS D 22 -19.03 29.82 -17.22
C LYS D 22 -18.21 28.72 -16.54
N HIS D 23 -16.91 28.97 -16.41
CA HIS D 23 -15.94 27.99 -15.92
C HIS D 23 -15.85 26.75 -16.83
N TYR D 24 -16.37 26.91 -18.04
CA TYR D 24 -15.88 26.22 -19.22
C TYR D 24 -16.74 26.63 -20.41
N SER D 25 -16.07 26.77 -21.56
CA SER D 25 -16.71 26.99 -22.86
C SER D 25 -15.88 26.26 -23.91
N ILE D 26 -14.63 26.70 -23.97
CA ILE D 26 -13.65 26.44 -25.03
C ILE D 26 -13.77 27.44 -26.19
N GLN D 27 -14.90 28.14 -26.26
CA GLN D 27 -14.96 29.45 -26.93
C GLN D 27 -14.12 29.66 -28.19
N PRO D 28 -14.55 29.08 -29.33
CA PRO D 28 -13.85 29.40 -30.58
C PRO D 28 -13.72 30.91 -30.64
N ALA D 29 -12.56 31.46 -31.00
CA ALA D 29 -12.33 32.85 -30.62
C ALA D 29 -12.97 33.89 -31.54
N ASN D 30 -12.26 34.29 -32.60
CA ASN D 30 -12.83 35.06 -33.71
C ASN D 30 -11.74 35.68 -34.58
N LEU D 31 -12.09 36.09 -35.80
CA LEU D 31 -11.08 36.58 -36.74
C LEU D 31 -11.52 37.74 -37.62
N GLU D 32 -10.65 38.74 -37.77
CA GLU D 32 -10.89 39.83 -38.70
C GLU D 32 -10.32 39.59 -40.11
N PHE D 33 -9.42 38.63 -40.24
CA PHE D 33 -8.76 38.33 -41.52
C PHE D 33 -8.31 39.59 -42.27
N ASN D 34 -8.59 39.62 -43.57
CA ASN D 34 -8.33 40.76 -44.46
C ASN D 34 -8.23 40.34 -45.93
N THR D 38 -4.40 36.61 -44.81
CA THR D 38 -3.77 36.46 -43.50
C THR D 38 -4.71 36.88 -42.37
N PRO D 39 -5.01 35.95 -41.44
CA PRO D 39 -5.93 36.24 -40.33
C PRO D 39 -5.30 37.12 -39.26
N VAL D 40 -6.09 37.45 -38.26
CA VAL D 40 -5.68 38.38 -37.22
C VAL D 40 -5.87 37.71 -35.86
N SER D 41 -5.74 38.47 -34.79
CA SER D 41 -5.91 37.94 -33.45
C SER D 41 -7.28 38.22 -32.86
N ARG D 42 -7.67 39.48 -32.77
CA ARG D 42 -8.75 39.86 -31.87
C ARG D 42 -8.27 39.59 -30.46
N ASP D 43 -8.74 38.52 -29.83
CA ASP D 43 -8.45 38.28 -28.41
C ASP D 43 -7.05 38.77 -28.06
N PHE D 44 -6.02 38.19 -28.68
CA PHE D 44 -4.65 38.57 -28.40
C PHE D 44 -4.14 39.80 -29.16
N ASP D 45 -4.87 40.21 -30.20
CA ASP D 45 -4.55 41.43 -30.96
C ASP D 45 -3.17 41.41 -31.66
N ASP D 46 -3.01 40.51 -32.61
CA ASP D 46 -1.79 40.37 -33.41
C ASP D 46 -2.13 39.50 -34.63
N VAL D 47 -1.12 39.12 -35.41
CA VAL D 47 -1.35 38.17 -36.49
C VAL D 47 -0.93 36.77 -36.06
N TYR D 48 -1.70 35.77 -36.45
CA TYR D 48 -1.39 34.38 -36.11
C TYR D 48 -0.04 33.96 -36.70
N PHE D 49 0.30 34.53 -37.85
CA PHE D 49 1.58 34.27 -38.49
C PHE D 49 2.08 35.49 -39.27
N SER D 50 3.12 35.30 -40.07
CA SER D 50 3.81 36.44 -40.69
C SER D 50 3.32 36.82 -42.09
N ASN D 51 2.28 36.17 -42.60
CA ASN D 51 1.79 36.54 -43.92
C ASN D 51 2.89 36.39 -44.97
N ASP D 52 3.45 37.53 -45.39
CA ASP D 52 4.35 37.62 -46.54
C ASP D 52 5.28 36.42 -46.65
N ASN D 53 6.20 36.26 -45.70
CA ASN D 53 7.13 35.14 -45.76
C ASN D 53 6.54 33.81 -45.28
N GLY D 54 5.87 33.80 -44.13
CA GLY D 54 5.10 32.64 -43.73
C GLY D 54 5.90 31.36 -43.53
N LEU D 55 5.58 30.37 -44.34
CA LEU D 55 6.12 29.03 -44.21
C LEU D 55 7.61 29.06 -43.93
N GLU D 56 8.35 29.81 -44.75
CA GLU D 56 9.80 29.83 -44.61
C GLU D 56 10.20 30.05 -43.17
N GLU D 57 9.72 31.13 -42.58
CA GLU D 57 10.09 31.45 -41.19
C GLU D 57 9.89 30.24 -40.29
N THR D 58 8.70 29.64 -40.36
CA THR D 58 8.42 28.46 -39.55
C THR D 58 9.50 27.41 -39.75
N ARG D 59 9.74 27.02 -41.00
CA ARG D 59 10.69 25.96 -41.28
C ARG D 59 12.02 26.31 -40.62
N TYR D 60 12.35 27.59 -40.65
CA TYR D 60 13.62 28.04 -40.12
C TYR D 60 13.63 27.96 -38.60
N VAL D 61 12.58 28.49 -37.98
CA VAL D 61 12.54 28.60 -36.53
C VAL D 61 12.32 27.28 -35.80
N PHE D 62 11.22 26.62 -36.13
CA PHE D 62 10.82 25.41 -35.40
C PHE D 62 11.48 24.12 -35.88
N LEU D 63 11.58 23.94 -37.19
CA LEU D 63 12.28 22.78 -37.73
C LEU D 63 13.78 22.97 -37.61
N GLY D 64 14.30 23.99 -38.29
CA GLY D 64 15.71 24.31 -38.23
C GLY D 64 16.23 24.52 -36.82
N GLY D 65 15.45 25.20 -35.99
CA GLY D 65 15.84 25.45 -34.61
C GLY D 65 15.91 24.18 -33.79
N ASN D 66 15.03 23.23 -34.11
CA ASN D 66 15.03 21.93 -33.43
C ASN D 66 15.93 20.91 -34.11
N GLN D 67 16.62 21.35 -35.15
CA GLN D 67 17.66 20.53 -35.79
C GLN D 67 17.09 19.27 -36.45
N LEU D 68 15.84 19.34 -36.90
CA LEU D 68 15.17 18.15 -37.40
C LEU D 68 15.84 17.51 -38.61
N GLU D 69 16.43 18.32 -39.48
CA GLU D 69 17.04 17.79 -40.70
C GLU D 69 18.11 16.76 -40.35
N VAL D 70 18.78 16.96 -39.21
CA VAL D 70 19.66 15.95 -38.63
C VAL D 70 18.94 14.87 -37.81
N ARG D 71 18.07 15.32 -36.91
CA ARG D 71 17.56 14.42 -35.87
C ARG D 71 16.53 13.40 -36.33
N PHE D 72 15.82 13.69 -37.41
CA PHE D 72 14.90 12.69 -37.95
C PHE D 72 15.71 11.48 -38.45
N PRO D 73 16.65 11.73 -39.39
CA PRO D 73 17.40 10.60 -39.93
C PRO D 73 18.25 9.93 -38.87
N GLU D 74 18.65 10.66 -37.83
CA GLU D 74 19.46 10.01 -36.78
C GLU D 74 18.65 9.43 -35.61
N HIS D 75 17.33 9.61 -35.64
CA HIS D 75 16.44 9.23 -34.54
C HIS D 75 16.23 7.73 -34.48
N PRO D 76 16.70 7.09 -33.39
CA PRO D 76 16.75 5.62 -33.30
C PRO D 76 15.53 5.04 -32.60
N HIS D 77 14.36 5.21 -33.22
CA HIS D 77 13.06 4.86 -32.64
C HIS D 77 11.99 5.03 -33.68
N PRO D 78 10.92 4.23 -33.58
CA PRO D 78 9.83 4.24 -34.57
C PRO D 78 9.07 5.55 -34.52
N LEU D 79 8.97 6.12 -33.32
CA LEU D 79 8.13 7.29 -33.10
C LEU D 79 8.93 8.51 -32.70
N PHE D 80 8.59 9.64 -33.31
CA PHE D 80 9.16 10.92 -32.90
C PHE D 80 8.00 11.73 -32.33
N VAL D 81 8.21 12.33 -31.16
CA VAL D 81 7.15 13.08 -30.49
C VAL D 81 7.54 14.54 -30.36
N VAL D 82 6.73 15.44 -30.91
CA VAL D 82 6.94 16.87 -30.71
C VAL D 82 5.73 17.51 -30.04
N ALA D 83 5.98 18.57 -29.27
CA ALA D 83 4.92 19.24 -28.50
C ALA D 83 4.95 20.74 -28.77
N GLU D 84 3.80 21.39 -28.65
CA GLU D 84 3.61 22.76 -29.08
C GLU D 84 2.67 23.48 -28.11
N SER D 85 3.13 24.65 -27.65
CA SER D 85 2.45 25.42 -26.62
C SER D 85 1.15 26.08 -27.12
N GLY D 86 1.08 26.42 -28.41
CA GLY D 86 -0.22 26.75 -28.95
C GLY D 86 -0.34 26.42 -30.42
N PHE D 87 -1.56 26.00 -30.77
CA PHE D 87 -1.83 25.44 -32.08
C PHE D 87 -2.08 26.55 -33.08
N GLY D 88 -2.75 27.59 -32.60
CA GLY D 88 -3.09 28.70 -33.45
C GLY D 88 -3.84 28.16 -34.65
N THR D 89 -3.32 28.48 -35.83
CA THR D 89 -4.01 28.18 -37.08
C THR D 89 -3.66 26.78 -37.57
N GLY D 90 -2.69 26.16 -36.94
CA GLY D 90 -2.23 24.83 -37.35
C GLY D 90 -1.10 24.91 -38.35
N LEU D 91 -0.58 26.11 -38.56
CA LEU D 91 0.50 26.33 -39.52
C LEU D 91 1.73 25.50 -39.20
N ASN D 92 2.26 25.67 -38.00
CA ASN D 92 3.48 24.96 -37.63
C ASN D 92 3.30 23.46 -37.73
N PHE D 93 2.20 22.96 -37.20
CA PHE D 93 1.90 21.54 -37.26
C PHE D 93 1.96 21.06 -38.71
N LEU D 94 1.24 21.72 -39.60
CA LEU D 94 1.20 21.30 -41.00
C LEU D 94 2.59 21.33 -41.64
N THR D 95 3.32 22.41 -41.41
CA THR D 95 4.68 22.56 -41.94
C THR D 95 5.51 21.35 -41.55
N LEU D 96 5.50 21.04 -40.26
CA LEU D 96 6.17 19.84 -39.75
C LEU D 96 5.70 18.60 -40.50
N TRP D 97 4.39 18.37 -40.55
CA TRP D 97 3.84 17.19 -41.19
C TRP D 97 4.42 17.00 -42.58
N GLN D 98 4.39 18.05 -43.38
CA GLN D 98 4.95 18.00 -44.72
C GLN D 98 6.43 17.62 -44.67
N ALA D 99 7.15 18.22 -43.73
CA ALA D 99 8.57 17.93 -43.58
C ALA D 99 8.80 16.45 -43.28
N PHE D 100 7.88 15.85 -42.51
CA PHE D 100 8.01 14.47 -42.07
C PHE D 100 7.71 13.51 -43.20
N ASP D 101 6.65 13.81 -43.96
CA ASP D 101 6.31 12.99 -45.11
C ASP D 101 7.47 13.01 -46.11
N GLN D 102 8.07 14.18 -46.28
CA GLN D 102 9.18 14.32 -47.22
C GLN D 102 10.45 13.63 -46.73
N PHE D 103 10.68 13.72 -45.42
CA PHE D 103 11.79 13.01 -44.79
C PHE D 103 11.67 11.52 -45.07
N ARG D 104 10.50 10.96 -44.76
CA ARG D 104 10.27 9.54 -44.96
C ARG D 104 10.35 9.13 -46.43
N GLU D 105 9.92 10.02 -47.32
CA GLU D 105 10.05 9.74 -48.74
C GLU D 105 11.53 9.63 -49.12
N ALA D 106 12.32 10.58 -48.66
CA ALA D 106 13.74 10.66 -48.99
C ALA D 106 14.65 9.67 -48.22
N HIS D 107 14.18 9.19 -47.08
CA HIS D 107 15.04 8.37 -46.23
C HIS D 107 14.28 7.17 -45.69
N PRO D 108 13.82 6.30 -46.60
CA PRO D 108 12.95 5.17 -46.29
C PRO D 108 13.51 4.25 -45.22
N GLN D 109 14.82 4.03 -45.22
CA GLN D 109 15.43 3.06 -44.32
C GLN D 109 15.55 3.62 -42.90
N ALA D 110 15.26 4.91 -42.74
CA ALA D 110 15.27 5.51 -41.41
C ALA D 110 14.41 4.69 -40.48
N GLN D 111 14.87 4.51 -39.26
CA GLN D 111 14.11 3.75 -38.26
C GLN D 111 12.79 4.44 -37.92
N LEU D 112 12.76 5.76 -38.03
CA LEU D 112 11.61 6.50 -37.55
C LEU D 112 10.48 6.39 -38.57
N GLN D 113 9.40 5.72 -38.18
CA GLN D 113 8.26 5.49 -39.05
C GLN D 113 7.08 6.43 -38.83
N ARG D 114 7.08 7.14 -37.70
CA ARG D 114 5.84 7.74 -37.20
C ARG D 114 6.03 9.04 -36.43
N LEU D 115 5.08 9.96 -36.64
CA LEU D 115 5.09 11.27 -35.98
C LEU D 115 3.95 11.36 -34.97
N HIS D 116 4.22 11.99 -33.84
CA HIS D 116 3.21 12.20 -32.82
C HIS D 116 3.33 13.65 -32.36
N PHE D 117 2.21 14.36 -32.38
CA PHE D 117 2.18 15.80 -32.18
C PHE D 117 1.19 16.17 -31.09
N ILE D 118 1.71 16.76 -30.02
CA ILE D 118 0.89 17.20 -28.90
C ILE D 118 0.86 18.72 -28.92
N SER D 119 -0.32 19.33 -28.98
CA SER D 119 -0.39 20.78 -28.98
C SER D 119 -1.52 21.31 -28.10
N PHE D 120 -1.39 22.54 -27.63
CA PHE D 120 -2.45 23.13 -26.81
C PHE D 120 -3.06 24.37 -27.47
N GLU D 121 -4.36 24.56 -27.33
CA GLU D 121 -5.00 25.81 -27.74
C GLU D 121 -6.15 26.24 -26.82
N LYS D 122 -6.12 27.49 -26.40
CA LYS D 122 -7.12 28.06 -25.51
C LYS D 122 -8.37 28.47 -26.29
N PHE D 123 -8.15 28.90 -27.53
CA PHE D 123 -9.24 29.40 -28.36
C PHE D 123 -9.19 28.70 -29.70
N PRO D 124 -9.83 27.53 -29.81
CA PRO D 124 -9.79 26.81 -31.09
C PRO D 124 -10.48 27.65 -32.14
N LEU D 125 -10.44 27.20 -33.39
CA LEU D 125 -11.09 27.95 -34.46
C LEU D 125 -12.24 27.13 -34.97
N THR D 126 -13.24 27.81 -35.54
CA THR D 126 -14.34 27.12 -36.18
C THR D 126 -13.83 26.51 -37.48
N ARG D 127 -14.42 25.38 -37.89
CA ARG D 127 -13.97 24.68 -39.08
C ARG D 127 -13.79 25.66 -40.23
N ALA D 128 -14.80 26.51 -40.43
CA ALA D 128 -14.79 27.52 -41.47
C ALA D 128 -13.54 28.39 -41.38
N ASP D 129 -13.32 28.97 -40.20
CA ASP D 129 -12.17 29.83 -39.96
C ASP D 129 -10.86 29.11 -40.24
N LEU D 130 -10.75 27.86 -39.78
CA LEU D 130 -9.55 27.06 -39.98
C LEU D 130 -9.25 26.92 -41.46
N ALA D 131 -10.21 26.38 -42.20
CA ALA D 131 -10.09 26.23 -43.65
C ALA D 131 -9.64 27.55 -44.29
N LEU D 132 -10.46 28.57 -44.10
CA LEU D 132 -10.18 29.89 -44.66
C LEU D 132 -8.75 30.35 -44.38
N ALA D 133 -8.26 30.11 -43.16
CA ALA D 133 -6.90 30.47 -42.81
C ALA D 133 -5.87 29.67 -43.62
N HIS D 134 -6.11 28.37 -43.75
CA HIS D 134 -5.22 27.52 -44.53
C HIS D 134 -5.19 27.95 -45.98
N GLN D 135 -6.27 28.58 -46.44
CA GLN D 135 -6.37 29.00 -47.84
C GLN D 135 -5.27 29.97 -48.23
N HIS D 136 -4.59 30.51 -47.21
CA HIS D 136 -3.49 31.45 -47.44
C HIS D 136 -2.21 30.71 -47.82
N TRP D 137 -2.17 29.42 -47.53
CA TRP D 137 -1.03 28.57 -47.90
C TRP D 137 -1.47 27.35 -48.67
N PRO D 138 -1.63 27.50 -49.99
CA PRO D 138 -2.15 26.46 -50.86
C PRO D 138 -1.18 25.27 -50.94
N GLU D 139 0.10 25.54 -50.73
CA GLU D 139 1.12 24.49 -50.82
C GLU D 139 0.84 23.34 -49.85
N LEU D 140 0.25 23.69 -48.71
CA LEU D 140 -0.02 22.72 -47.66
C LEU D 140 -1.39 22.05 -47.81
N ALA D 141 -2.10 22.41 -48.87
CA ALA D 141 -3.48 21.96 -49.07
C ALA D 141 -3.70 20.48 -48.77
N PRO D 142 -2.92 19.61 -49.42
CA PRO D 142 -3.10 18.16 -49.24
C PRO D 142 -3.12 17.74 -47.78
N TRP D 143 -2.28 18.35 -46.95
CA TRP D 143 -2.31 18.06 -45.51
C TRP D 143 -3.46 18.79 -44.84
N ALA D 144 -3.61 20.08 -45.14
CA ALA D 144 -4.60 20.92 -44.48
C ALA D 144 -5.97 20.27 -44.56
N GLU D 145 -6.35 19.89 -45.77
CA GLU D 145 -7.64 19.25 -45.99
C GLU D 145 -7.83 18.12 -44.99
N GLN D 146 -6.85 17.25 -44.89
CA GLN D 146 -6.92 16.15 -43.93
C GLN D 146 -7.25 16.68 -42.54
N LEU D 147 -6.43 17.61 -42.06
CA LEU D 147 -6.67 18.19 -40.74
C LEU D 147 -8.12 18.62 -40.66
N GLN D 148 -8.55 19.38 -41.66
CA GLN D 148 -9.90 19.92 -41.66
C GLN D 148 -10.93 18.82 -41.50
N ALA D 149 -10.79 17.75 -42.27
CA ALA D 149 -11.80 16.70 -42.26
C ALA D 149 -11.97 16.11 -40.87
N GLN D 150 -10.89 16.13 -40.09
CA GLN D 150 -10.95 15.58 -38.74
C GLN D 150 -11.10 16.60 -37.60
N TRP D 151 -11.19 17.88 -37.96
CA TRP D 151 -11.17 18.96 -36.95
C TRP D 151 -12.28 18.83 -35.91
N PRO D 152 -11.90 18.67 -34.63
CA PRO D 152 -12.82 18.30 -33.54
C PRO D 152 -13.71 19.44 -33.05
N MET D 153 -14.83 19.07 -32.43
CA MET D 153 -15.67 20.04 -31.75
C MET D 153 -14.89 20.67 -30.62
N PRO D 154 -15.13 21.96 -30.37
CA PRO D 154 -14.44 22.70 -29.30
C PRO D 154 -14.81 22.26 -27.89
N LEU D 155 -14.61 20.97 -27.57
CA LEU D 155 -14.79 20.49 -26.20
C LEU D 155 -13.48 20.57 -25.43
N PRO D 156 -13.55 20.67 -24.10
CA PRO D 156 -12.31 20.73 -23.32
C PRO D 156 -11.59 19.38 -23.30
N GLY D 157 -10.31 19.38 -22.98
CA GLY D 157 -9.56 18.14 -22.81
C GLY D 157 -8.78 17.69 -24.03
N CYS D 158 -8.41 16.43 -24.06
CA CYS D 158 -7.56 15.90 -25.12
C CYS D 158 -8.36 15.29 -26.28
N HIS D 159 -8.09 15.77 -27.48
CA HIS D 159 -8.74 15.25 -28.67
C HIS D 159 -7.72 14.69 -29.64
N ARG D 160 -7.72 13.38 -29.81
CA ARG D 160 -6.77 12.73 -30.71
C ARG D 160 -7.33 12.56 -32.13
N LEU D 161 -6.50 12.89 -33.11
CA LEU D 161 -6.82 12.61 -34.50
C LEU D 161 -5.79 11.62 -35.03
N LEU D 162 -6.27 10.55 -35.65
CA LEU D 162 -5.43 9.64 -36.39
C LEU D 162 -5.35 10.16 -37.80
N LEU D 163 -4.14 10.52 -38.23
CA LEU D 163 -3.94 11.08 -39.56
C LEU D 163 -3.04 10.19 -40.39
N ASP D 164 -3.33 10.12 -41.68
CA ASP D 164 -2.61 9.27 -42.63
C ASP D 164 -2.50 7.82 -42.16
N GLU D 165 -3.64 7.22 -41.83
CA GLU D 165 -3.69 5.83 -41.41
C GLU D 165 -2.97 5.61 -40.08
N GLY D 166 -2.84 6.66 -39.28
CA GLY D 166 -2.16 6.55 -38.01
C GLY D 166 -0.66 6.74 -38.12
N ARG D 167 -0.21 7.19 -39.29
CA ARG D 167 1.20 7.50 -39.50
C ARG D 167 1.53 8.77 -38.75
N VAL D 168 0.52 9.63 -38.56
CA VAL D 168 0.69 10.84 -37.77
C VAL D 168 -0.43 10.99 -36.76
N THR D 169 -0.09 10.93 -35.49
CA THR D 169 -1.07 11.10 -34.43
C THR D 169 -1.03 12.54 -33.94
N LEU D 170 -2.18 13.20 -33.86
CA LEU D 170 -2.21 14.55 -33.32
C LEU D 170 -3.07 14.61 -32.07
N ASP D 171 -2.47 15.01 -30.96
CA ASP D 171 -3.24 15.21 -29.73
C ASP D 171 -3.42 16.69 -29.48
N LEU D 172 -4.66 17.16 -29.62
CA LEU D 172 -5.00 18.56 -29.47
C LEU D 172 -5.73 18.79 -28.17
N TRP D 173 -5.09 19.51 -27.25
CA TRP D 173 -5.75 19.83 -25.98
C TRP D 173 -6.37 21.22 -26.03
N PHE D 174 -7.66 21.31 -25.72
CA PHE D 174 -8.34 22.59 -25.69
C PHE D 174 -8.46 23.11 -24.26
N GLY D 175 -7.84 24.25 -24.00
CA GLY D 175 -7.86 24.86 -22.68
C GLY D 175 -6.61 25.67 -22.43
N ASP D 176 -6.53 26.32 -21.28
CA ASP D 176 -5.34 27.09 -20.94
C ASP D 176 -4.23 26.12 -20.60
N ILE D 177 -3.13 26.17 -21.35
CA ILE D 177 -2.02 25.23 -21.19
C ILE D 177 -1.41 25.20 -19.78
N ASN D 178 -1.36 26.37 -19.14
CA ASN D 178 -0.79 26.45 -17.79
C ASN D 178 -1.70 25.78 -16.77
N GLU D 179 -2.99 25.89 -17.01
CA GLU D 179 -3.98 25.20 -16.19
C GLU D 179 -3.93 23.70 -16.47
N LEU D 180 -3.59 23.35 -17.71
CA LEU D 180 -3.58 21.96 -18.16
C LEU D 180 -2.33 21.13 -17.88
N THR D 181 -1.18 21.76 -17.64
CA THR D 181 0.05 20.98 -17.45
C THR D 181 0.00 20.10 -16.21
N SER D 182 -0.49 20.67 -15.10
CA SER D 182 -0.56 19.91 -13.85
C SER D 182 -1.43 18.67 -14.01
N GLN D 183 -2.32 18.69 -15.00
CA GLN D 183 -3.29 17.63 -15.20
C GLN D 183 -2.87 16.56 -16.21
N LEU D 184 -1.69 16.70 -16.80
CA LEU D 184 -1.18 15.71 -17.73
C LEU D 184 -0.72 14.46 -17.01
N ASP D 185 -0.91 13.31 -17.63
CA ASP D 185 -0.49 12.03 -17.04
C ASP D 185 1.03 11.89 -17.05
N ASP D 186 1.58 11.29 -15.99
CA ASP D 186 3.03 11.14 -15.88
C ASP D 186 3.64 10.34 -17.03
N SER D 187 2.81 9.58 -17.75
CA SER D 187 3.27 8.77 -18.86
C SER D 187 3.76 9.64 -20.00
N LEU D 188 3.51 10.93 -19.90
CA LEU D 188 3.92 11.87 -20.93
C LEU D 188 5.28 12.48 -20.58
N ASN D 189 5.75 12.23 -19.37
CA ASN D 189 7.01 12.77 -18.89
C ASN D 189 8.19 12.23 -19.67
N GLN D 190 9.10 13.12 -20.04
CA GLN D 190 10.33 12.75 -20.73
C GLN D 190 10.07 11.94 -22.00
N LYS D 191 8.89 12.14 -22.59
CA LYS D 191 8.55 11.53 -23.88
C LYS D 191 8.70 12.48 -25.07
N VAL D 192 8.98 13.76 -24.80
CA VAL D 192 9.01 14.75 -25.88
C VAL D 192 10.40 15.01 -26.46
N ASP D 193 10.55 14.74 -27.75
CA ASP D 193 11.81 14.90 -28.46
C ASP D 193 12.08 16.35 -28.88
N ALA D 194 11.03 17.06 -29.29
CA ALA D 194 11.19 18.44 -29.74
C ALA D 194 10.04 19.32 -29.29
N TRP D 195 10.37 20.52 -28.84
CA TRP D 195 9.36 21.49 -28.43
C TRP D 195 9.25 22.63 -29.42
N PHE D 196 8.01 22.95 -29.80
CA PHE D 196 7.74 24.20 -30.48
C PHE D 196 7.16 25.11 -29.43
N LEU D 197 7.93 26.13 -29.03
CA LEU D 197 7.40 27.10 -28.08
C LEU D 197 6.97 28.31 -28.88
N ASP D 198 5.66 28.46 -29.02
CA ASP D 198 5.09 29.41 -29.95
C ASP D 198 3.70 29.77 -29.48
N GLY D 199 3.14 30.83 -30.07
CA GLY D 199 1.87 31.36 -29.66
C GLY D 199 1.99 32.82 -29.97
N PHE D 200 1.24 33.64 -29.24
CA PHE D 200 1.49 35.07 -29.33
C PHE D 200 2.66 35.46 -28.44
N ALA D 201 3.36 36.52 -28.84
CA ALA D 201 4.66 36.88 -28.26
C ALA D 201 4.59 37.26 -26.79
N PRO D 202 5.74 37.34 -26.12
CA PRO D 202 5.80 37.70 -24.70
C PRO D 202 5.03 38.99 -24.34
N ALA D 203 5.20 40.07 -25.08
CA ALA D 203 4.25 41.17 -25.00
C ALA D 203 3.02 40.68 -25.74
N LYS D 204 1.85 41.28 -25.55
CA LYS D 204 0.67 40.76 -26.23
C LYS D 204 0.34 39.33 -25.80
N ASN D 205 -0.28 39.17 -24.65
CA ASN D 205 -0.50 37.88 -24.00
C ASN D 205 0.78 37.21 -23.45
N PRO D 206 1.40 37.87 -22.46
CA PRO D 206 2.52 37.31 -21.68
C PRO D 206 2.04 36.22 -20.74
N ASP D 207 0.74 36.16 -20.51
CA ASP D 207 0.21 35.22 -19.52
C ASP D 207 0.64 33.77 -19.74
N MET D 208 1.01 33.42 -20.98
CA MET D 208 1.42 32.06 -21.32
C MET D 208 2.88 31.73 -20.98
N TRP D 209 3.68 32.76 -20.85
CA TRP D 209 5.14 32.66 -20.81
C TRP D 209 5.69 32.41 -19.42
N THR D 210 4.82 31.95 -18.52
CA THR D 210 5.18 31.78 -17.13
C THR D 210 6.20 30.67 -16.93
N GLN D 211 6.64 30.51 -15.68
CA GLN D 211 7.61 29.49 -15.31
C GLN D 211 6.96 28.12 -15.28
N ASN D 212 5.66 28.08 -14.99
CA ASN D 212 4.89 26.84 -15.02
C ASN D 212 5.10 26.12 -16.35
N LEU D 213 4.92 26.88 -17.43
CA LEU D 213 5.13 26.35 -18.77
C LEU D 213 6.56 25.81 -18.93
N PHE D 214 7.56 26.65 -18.68
CA PHE D 214 8.94 26.24 -18.85
C PHE D 214 9.22 24.94 -18.10
N ASN D 215 8.94 24.92 -16.81
CA ASN D 215 9.14 23.73 -16.00
C ASN D 215 8.45 22.52 -16.58
N ALA D 216 7.20 22.68 -17.00
CA ALA D 216 6.45 21.60 -17.62
C ALA D 216 7.16 21.08 -18.88
N MET D 217 7.71 22.01 -19.66
CA MET D 217 8.44 21.64 -20.87
C MET D 217 9.64 20.77 -20.48
N ALA D 218 10.35 21.23 -19.46
CA ALA D 218 11.52 20.51 -18.97
C ALA D 218 11.16 19.10 -18.49
N ARG D 219 9.97 18.97 -17.87
CA ARG D 219 9.53 17.67 -17.38
C ARG D 219 9.09 16.75 -18.51
N LEU D 220 8.47 17.32 -19.54
CA LEU D 220 7.97 16.52 -20.66
C LEU D 220 9.09 16.17 -21.62
N ALA D 221 10.09 17.05 -21.68
CA ALA D 221 11.23 16.83 -22.56
C ALA D 221 12.01 15.61 -22.11
N ARG D 222 12.64 14.94 -23.06
CA ARG D 222 13.41 13.76 -22.73
C ARG D 222 14.88 14.09 -22.90
N PRO D 223 15.74 13.38 -22.16
CA PRO D 223 17.16 13.71 -22.22
C PRO D 223 17.62 13.76 -23.67
N GLY D 224 18.31 14.83 -24.04
CA GLY D 224 18.76 15.03 -25.41
C GLY D 224 17.75 15.82 -26.21
N GLY D 225 16.55 15.97 -25.67
CA GLY D 225 15.46 16.63 -26.35
C GLY D 225 15.70 18.11 -26.57
N THR D 226 15.29 18.59 -27.74
CA THR D 226 15.51 19.98 -28.11
C THR D 226 14.27 20.85 -27.87
N LEU D 227 14.39 22.11 -28.30
CA LEU D 227 13.28 23.06 -28.31
C LEU D 227 13.69 24.34 -29.01
N ALA D 228 12.71 25.12 -29.45
CA ALA D 228 12.99 26.34 -30.20
C ALA D 228 11.90 27.39 -30.01
N THR D 229 12.31 28.65 -29.94
CA THR D 229 11.37 29.75 -29.90
C THR D 229 11.83 30.89 -30.79
N PHE D 230 10.87 31.70 -31.25
CA PHE D 230 11.19 32.87 -32.06
C PHE D 230 11.70 34.04 -31.21
N THR D 231 11.38 34.02 -29.92
CA THR D 231 11.79 35.13 -29.05
C THR D 231 13.19 34.95 -28.44
N SER D 232 13.93 36.06 -28.41
CA SER D 232 15.23 36.11 -27.76
C SER D 232 15.12 36.67 -26.36
N ALA D 233 13.87 36.88 -25.93
CA ALA D 233 13.57 37.59 -24.68
C ALA D 233 14.32 37.06 -23.47
N GLY D 234 14.97 37.97 -22.75
CA GLY D 234 15.79 37.62 -21.61
C GLY D 234 15.10 36.72 -20.59
N PHE D 235 13.95 37.15 -20.09
CA PHE D 235 13.25 36.39 -19.05
C PHE D 235 12.88 35.00 -19.51
N VAL D 236 12.64 34.85 -20.81
CA VAL D 236 12.33 33.54 -21.37
C VAL D 236 13.56 32.64 -21.38
N ARG D 237 14.66 33.16 -21.90
CA ARG D 237 15.92 32.41 -21.89
C ARG D 237 16.25 31.98 -20.47
N ARG D 238 16.25 32.93 -19.54
CA ARG D 238 16.61 32.62 -18.16
C ARG D 238 15.65 31.59 -17.57
N GLY D 239 14.35 31.83 -17.73
CA GLY D 239 13.35 30.90 -17.23
C GLY D 239 13.61 29.48 -17.72
N LEU D 240 13.78 29.33 -19.02
CA LEU D 240 14.08 28.03 -19.61
C LEU D 240 15.32 27.40 -18.98
N GLN D 241 16.39 28.19 -18.88
CA GLN D 241 17.64 27.71 -18.29
C GLN D 241 17.43 27.21 -16.88
N ASP D 242 16.62 27.95 -16.11
CA ASP D 242 16.34 27.60 -14.73
C ASP D 242 15.59 26.29 -14.70
N ALA D 243 14.64 26.14 -15.62
CA ALA D 243 13.84 24.93 -15.72
C ALA D 243 14.71 23.71 -16.00
N GLY D 244 15.97 23.95 -16.38
CA GLY D 244 16.90 22.88 -16.70
C GLY D 244 17.39 22.74 -18.13
N PHE D 245 16.84 23.56 -19.04
CA PHE D 245 17.31 23.55 -20.42
C PHE D 245 18.67 24.22 -20.59
N THR D 246 19.34 23.88 -21.68
CA THR D 246 20.62 24.46 -22.02
C THR D 246 20.45 25.30 -23.27
N MET D 247 20.56 26.60 -23.10
CA MET D 247 20.07 27.56 -24.08
C MET D 247 21.16 28.23 -24.92
N GLN D 248 20.83 28.45 -26.18
CA GLN D 248 21.77 28.99 -27.16
C GLN D 248 21.02 30.02 -28.01
N LYS D 249 21.65 31.16 -28.23
CA LYS D 249 21.08 32.17 -29.12
C LYS D 249 21.26 31.67 -30.55
N ARG D 250 20.73 32.42 -31.51
CA ARG D 250 20.78 32.00 -32.91
C ARG D 250 20.19 33.10 -33.76
N LYS D 251 20.56 33.14 -35.04
CA LYS D 251 20.12 34.21 -35.89
C LYS D 251 18.63 34.02 -36.12
N GLY D 252 17.85 35.06 -35.83
CA GLY D 252 16.42 34.98 -36.05
C GLY D 252 16.17 34.85 -37.54
N PHE D 253 14.92 34.71 -37.93
CA PHE D 253 14.63 34.53 -39.35
C PHE D 253 14.61 35.85 -40.11
N GLY D 254 15.15 35.83 -41.32
CA GLY D 254 15.09 36.99 -42.19
C GLY D 254 15.67 38.23 -41.53
N ARG D 255 14.84 39.26 -41.46
CA ARG D 255 15.27 40.57 -40.96
C ARG D 255 15.10 40.72 -39.46
N LYS D 256 14.69 39.66 -38.77
CA LYS D 256 14.50 39.74 -37.33
C LYS D 256 15.79 39.47 -36.57
N ARG D 257 15.73 39.60 -35.25
CA ARG D 257 16.89 39.40 -34.39
C ARG D 257 16.95 37.97 -33.89
N GLU D 258 17.81 37.73 -32.90
CA GLU D 258 18.05 36.38 -32.40
C GLU D 258 16.78 35.63 -32.01
N MET D 259 16.84 34.31 -32.17
CA MET D 259 15.80 33.41 -31.65
C MET D 259 16.45 32.60 -30.54
N LEU D 260 15.70 31.69 -29.93
CA LEU D 260 16.30 30.82 -28.93
C LEU D 260 16.21 29.35 -29.29
N CYS D 261 17.24 28.60 -28.92
CA CYS D 261 17.29 27.15 -29.13
C CYS D 261 17.69 26.52 -27.82
N GLY D 262 17.25 25.31 -27.57
CA GLY D 262 17.64 24.67 -26.33
C GLY D 262 17.75 23.17 -26.46
N VAL D 263 18.54 22.61 -25.55
CA VAL D 263 18.68 21.17 -25.49
C VAL D 263 18.64 20.79 -24.04
N MET D 264 17.90 19.73 -23.71
CA MET D 264 17.87 19.30 -22.34
C MET D 264 19.04 18.34 -22.23
N GLU D 265 20.11 18.82 -21.62
CA GLU D 265 21.41 18.15 -21.65
C GLU D 265 21.64 17.34 -20.40
N GLN D 266 20.61 17.22 -19.58
CA GLN D 266 20.70 16.41 -18.38
C GLN D 266 19.51 15.49 -18.27
N THR D 267 19.60 14.52 -17.36
CA THR D 267 18.51 13.60 -17.13
C THR D 267 17.92 13.87 -15.76
N LEU D 268 16.73 14.45 -15.77
CA LEU D 268 16.11 14.93 -14.54
C LEU D 268 15.41 13.84 -13.76
N PRO D 269 15.56 13.88 -12.43
CA PRO D 269 14.89 12.97 -11.49
C PRO D 269 13.47 13.44 -11.22
N LEU D 270 12.52 13.07 -12.07
CA LEU D 270 11.15 13.58 -11.94
C LEU D 270 10.34 12.98 -10.77
N PRO D 271 9.31 13.71 -10.30
CA PRO D 271 8.50 13.43 -9.11
C PRO D 271 7.69 12.11 -9.09
N CYS D 272 7.00 11.78 -10.18
CA CYS D 272 6.07 10.64 -10.15
C CYS D 272 4.93 10.78 -9.14
N SER D 273 3.97 11.64 -9.46
CA SER D 273 2.80 11.88 -8.60
C SER D 273 1.84 10.69 -8.52
N ALA D 274 1.11 10.60 -7.41
CA ALA D 274 0.00 9.65 -7.24
C ALA D 274 0.23 8.23 -7.74
N PRO D 275 1.22 7.52 -7.16
CA PRO D 275 1.64 6.19 -7.64
C PRO D 275 0.59 5.10 -7.51
N TRP D 276 -0.45 5.32 -6.70
CA TRP D 276 -1.49 4.32 -6.50
C TRP D 276 -2.31 4.09 -7.77
N PHE D 277 -2.45 5.14 -8.58
CA PHE D 277 -2.95 4.99 -9.94
C PHE D 277 -1.72 5.06 -10.83
N ASN D 278 -1.29 3.93 -11.38
CA ASN D 278 -0.07 3.95 -12.17
C ASN D 278 -0.15 3.15 -13.47
N ARG D 279 0.03 3.87 -14.57
CA ARG D 279 -0.08 3.26 -15.88
C ARG D 279 1.31 2.92 -16.39
N THR D 280 1.56 1.62 -16.56
CA THR D 280 2.86 1.18 -17.05
C THR D 280 2.68 0.21 -18.21
N GLY D 281 3.63 0.25 -19.14
CA GLY D 281 3.52 -0.57 -20.33
C GLY D 281 4.35 -1.82 -20.25
N SER D 282 4.79 -2.30 -21.40
CA SER D 282 5.73 -3.40 -21.48
C SER D 282 6.94 -2.97 -22.32
N SER D 283 8.07 -3.63 -22.12
CA SER D 283 9.21 -3.38 -22.98
C SER D 283 9.24 -4.38 -24.14
N LYS D 284 8.29 -5.32 -24.13
CA LYS D 284 8.25 -6.38 -25.14
C LYS D 284 7.20 -6.06 -26.18
N ARG D 285 7.43 -6.48 -27.42
CA ARG D 285 6.48 -6.25 -28.50
C ARG D 285 5.58 -7.41 -28.95
N GLU D 286 5.64 -8.54 -28.26
CA GLU D 286 4.79 -9.68 -28.60
C GLU D 286 3.62 -9.79 -27.61
N ALA D 287 2.41 -9.85 -28.13
CA ALA D 287 1.23 -9.91 -27.28
C ALA D 287 0.18 -10.94 -27.69
N ALA D 288 -0.64 -11.30 -26.70
CA ALA D 288 -1.76 -12.21 -26.90
C ALA D 288 -2.99 -11.57 -26.28
N ILE D 289 -4.11 -11.62 -27.00
CA ILE D 289 -5.38 -11.11 -26.51
C ILE D 289 -6.40 -12.24 -26.33
N ILE D 290 -7.03 -12.29 -25.16
CA ILE D 290 -8.17 -13.17 -24.94
C ILE D 290 -9.38 -12.31 -25.24
N GLY D 291 -10.24 -12.76 -26.15
CA GLY D 291 -11.13 -11.83 -26.84
C GLY D 291 -11.92 -12.42 -27.99
N GLY D 292 -12.19 -11.59 -28.99
CA GLY D 292 -13.14 -11.88 -30.04
C GLY D 292 -14.33 -10.94 -30.09
N GLY D 293 -14.42 -10.05 -29.10
CA GLY D 293 -15.40 -8.98 -29.16
C GLY D 293 -14.82 -7.69 -29.71
N ILE D 294 -15.65 -6.66 -29.77
CA ILE D 294 -15.24 -5.36 -30.33
C ILE D 294 -13.91 -4.84 -29.76
N ALA D 295 -13.80 -4.85 -28.44
CA ALA D 295 -12.62 -4.38 -27.73
C ALA D 295 -11.34 -4.99 -28.28
N SER D 296 -11.36 -6.29 -28.50
CA SER D 296 -10.18 -7.01 -28.98
C SER D 296 -9.81 -6.62 -30.41
N ALA D 297 -10.80 -6.39 -31.24
CA ALA D 297 -10.53 -5.99 -32.63
C ALA D 297 -9.86 -4.62 -32.68
N LEU D 298 -10.51 -3.63 -32.08
CA LEU D 298 -9.93 -2.28 -32.08
C LEU D 298 -8.53 -2.27 -31.47
N LEU D 299 -8.40 -2.91 -30.30
CA LEU D 299 -7.12 -3.01 -29.64
C LEU D 299 -6.06 -3.62 -30.54
N SER D 300 -6.44 -4.66 -31.27
CA SER D 300 -5.45 -5.36 -32.09
C SER D 300 -5.00 -4.50 -33.26
N LEU D 301 -5.90 -3.71 -33.84
CA LEU D 301 -5.47 -2.71 -34.82
C LEU D 301 -4.43 -1.76 -34.21
N ALA D 302 -4.78 -1.17 -33.06
CA ALA D 302 -3.91 -0.18 -32.43
C ALA D 302 -2.53 -0.74 -32.13
N LEU D 303 -2.47 -2.02 -31.75
CA LEU D 303 -1.19 -2.65 -31.46
C LEU D 303 -0.42 -2.94 -32.73
N LEU D 304 -1.15 -3.39 -33.75
CA LEU D 304 -0.53 -3.74 -35.03
C LEU D 304 0.16 -2.56 -35.68
N ARG D 305 -0.48 -1.39 -35.67
CA ARG D 305 0.14 -0.23 -36.31
C ARG D 305 1.34 0.31 -35.53
N ARG D 306 1.53 -0.19 -34.31
CA ARG D 306 2.70 0.15 -33.49
C ARG D 306 3.82 -0.88 -33.63
N GLY D 307 3.65 -1.85 -34.51
CA GLY D 307 4.68 -2.84 -34.74
C GLY D 307 4.71 -3.96 -33.72
N TRP D 308 3.58 -4.21 -33.07
CA TRP D 308 3.43 -5.37 -32.20
C TRP D 308 3.13 -6.61 -33.04
N GLN D 309 3.60 -7.76 -32.57
CA GLN D 309 3.15 -9.05 -33.09
C GLN D 309 1.97 -9.43 -32.22
N VAL D 310 0.81 -9.61 -32.82
CA VAL D 310 -0.38 -9.88 -32.03
C VAL D 310 -1.03 -11.22 -32.35
N THR D 311 -1.37 -11.96 -31.32
CA THR D 311 -2.10 -13.22 -31.48
C THR D 311 -3.41 -13.14 -30.71
N LEU D 312 -4.51 -13.57 -31.32
CA LEU D 312 -5.81 -13.49 -30.65
C LEU D 312 -6.45 -14.86 -30.40
N TYR D 313 -6.59 -15.25 -29.13
CA TYR D 313 -7.29 -16.48 -28.77
C TYR D 313 -8.76 -16.20 -28.44
N CYS D 314 -9.66 -16.95 -29.06
CA CYS D 314 -11.11 -16.73 -28.88
C CYS D 314 -11.90 -18.01 -28.61
N ALA D 315 -12.77 -17.96 -27.60
CA ALA D 315 -13.49 -19.14 -27.13
C ALA D 315 -14.49 -19.73 -28.14
N ASP D 316 -15.21 -18.86 -28.84
CA ASP D 316 -16.21 -19.30 -29.80
C ASP D 316 -15.55 -19.74 -31.11
N GLU D 317 -16.36 -20.17 -32.07
CA GLU D 317 -15.83 -20.55 -33.38
C GLU D 317 -15.84 -19.37 -34.35
N ALA D 318 -16.49 -18.29 -33.94
CA ALA D 318 -16.52 -17.06 -34.71
C ALA D 318 -16.56 -15.86 -33.77
N PRO D 319 -16.11 -14.70 -34.25
CA PRO D 319 -16.09 -13.49 -33.42
C PRO D 319 -17.48 -12.88 -33.26
N ALA D 320 -17.64 -12.10 -32.19
CA ALA D 320 -18.88 -11.37 -31.93
C ALA D 320 -20.10 -12.27 -31.66
N LEU D 321 -19.87 -13.42 -31.02
CA LEU D 321 -20.97 -14.24 -30.53
C LEU D 321 -21.21 -13.89 -29.07
N GLY D 322 -20.45 -12.91 -28.59
CA GLY D 322 -20.65 -12.35 -27.28
C GLY D 322 -21.56 -11.14 -27.37
N ALA D 323 -21.34 -10.16 -26.50
CA ALA D 323 -22.19 -8.97 -26.44
C ALA D 323 -22.13 -8.09 -27.69
N SER D 324 -21.10 -8.28 -28.52
CA SER D 324 -20.92 -7.41 -29.69
C SER D 324 -21.75 -7.85 -30.89
N GLY D 325 -22.42 -9.00 -30.79
CA GLY D 325 -23.07 -9.62 -31.92
C GLY D 325 -24.44 -9.10 -32.34
N ASN D 326 -24.85 -7.96 -31.79
CA ASN D 326 -26.16 -7.40 -32.14
C ASN D 326 -26.24 -6.97 -33.61
N ARG D 327 -27.47 -6.84 -34.11
CA ARG D 327 -27.69 -6.40 -35.48
C ARG D 327 -27.53 -4.89 -35.62
N GLN D 328 -28.05 -4.14 -34.65
CA GLN D 328 -27.85 -2.70 -34.63
C GLN D 328 -27.61 -2.16 -33.22
N GLY D 329 -26.50 -1.45 -33.05
CA GLY D 329 -26.24 -0.70 -31.83
C GLY D 329 -26.38 0.81 -32.00
N ALA D 330 -26.44 1.49 -30.86
CA ALA D 330 -26.60 2.94 -30.83
C ALA D 330 -25.32 3.65 -30.39
N LEU D 331 -24.90 4.65 -31.15
CA LEU D 331 -23.73 5.45 -30.80
C LEU D 331 -24.16 6.82 -30.35
N TYR D 332 -23.84 7.15 -29.10
CA TYR D 332 -24.15 8.44 -28.52
C TYR D 332 -23.54 8.51 -27.12
N PRO D 333 -23.02 9.69 -26.74
CA PRO D 333 -22.30 9.88 -25.49
C PRO D 333 -23.19 9.86 -24.27
N LEU D 334 -22.68 9.40 -23.14
CA LEU D 334 -23.41 9.49 -21.89
C LEU D 334 -22.87 10.67 -21.10
N LEU D 335 -23.64 11.76 -21.09
CA LEU D 335 -23.28 12.98 -20.39
C LEU D 335 -23.66 12.94 -18.92
N SER D 336 -22.96 13.71 -18.10
CA SER D 336 -23.35 13.92 -16.71
C SER D 336 -22.94 15.30 -16.21
N LYS D 337 -23.81 15.92 -15.42
CA LYS D 337 -23.47 17.21 -14.80
C LYS D 337 -22.62 17.05 -13.54
N HIS D 338 -22.94 16.05 -12.73
CA HIS D 338 -22.30 15.92 -11.42
C HIS D 338 -21.13 14.94 -11.31
N ASP D 339 -20.83 14.21 -12.38
CA ASP D 339 -19.58 13.46 -12.43
C ASP D 339 -18.69 13.99 -13.55
N GLU D 340 -17.63 14.69 -13.18
CA GLU D 340 -16.79 15.34 -14.17
C GLU D 340 -16.15 14.32 -15.11
N ALA D 341 -15.49 13.33 -14.53
CA ALA D 341 -14.76 12.32 -15.30
C ALA D 341 -15.65 11.62 -16.33
N LEU D 342 -16.75 11.04 -15.87
CA LEU D 342 -17.68 10.34 -16.75
C LEU D 342 -18.03 11.21 -17.94
N ASN D 343 -18.42 12.45 -17.67
CA ASN D 343 -18.77 13.37 -18.72
C ASN D 343 -17.64 13.57 -19.72
N ARG D 344 -16.49 14.04 -19.24
CA ARG D 344 -15.40 14.33 -20.17
C ARG D 344 -15.07 13.10 -21.01
N PHE D 345 -14.88 11.98 -20.32
CA PHE D 345 -14.60 10.72 -21.01
C PHE D 345 -15.56 10.52 -22.16
N PHE D 346 -16.85 10.36 -21.85
CA PHE D 346 -17.79 10.08 -22.92
C PHE D 346 -17.86 11.13 -24.02
N SER D 347 -17.66 12.39 -23.66
CA SER D 347 -17.65 13.44 -24.67
C SER D 347 -16.53 13.20 -25.69
N ASN D 348 -15.30 13.13 -25.19
CA ASN D 348 -14.15 13.05 -26.07
C ASN D 348 -14.01 11.69 -26.76
N ALA D 349 -14.47 10.65 -26.06
CA ALA D 349 -14.46 9.30 -26.59
C ALA D 349 -15.51 9.15 -27.66
N PHE D 350 -16.59 9.91 -27.52
CA PHE D 350 -17.65 9.92 -28.52
C PHE D 350 -17.22 10.65 -29.79
N THR D 351 -16.74 11.88 -29.63
CA THR D 351 -16.33 12.64 -30.80
C THR D 351 -15.16 11.95 -31.50
N PHE D 352 -14.26 11.40 -30.71
CA PHE D 352 -13.15 10.63 -31.24
C PHE D 352 -13.61 9.32 -31.86
N ALA D 353 -14.72 8.78 -31.38
CA ALA D 353 -15.23 7.51 -31.88
C ALA D 353 -15.89 7.67 -33.24
N ARG D 354 -16.71 8.72 -33.39
CA ARG D 354 -17.32 8.99 -34.69
C ARG D 354 -16.17 9.30 -35.65
N ARG D 355 -15.31 10.20 -35.19
CA ARG D 355 -14.11 10.59 -35.92
C ARG D 355 -13.35 9.35 -36.40
N PHE D 356 -13.23 8.36 -35.53
CA PHE D 356 -12.42 7.16 -35.76
C PHE D 356 -13.08 6.18 -36.72
N TYR D 357 -14.41 6.10 -36.62
CA TYR D 357 -15.20 5.24 -37.48
C TYR D 357 -15.20 5.73 -38.93
N ASP D 358 -15.40 7.04 -39.10
CA ASP D 358 -15.41 7.63 -40.43
C ASP D 358 -14.13 7.33 -41.20
N GLN D 359 -13.01 7.27 -40.50
CA GLN D 359 -11.69 7.15 -41.10
C GLN D 359 -11.16 5.70 -41.15
N LEU D 360 -11.95 4.78 -40.61
CA LEU D 360 -11.59 3.38 -40.53
C LEU D 360 -11.85 2.65 -41.84
N PRO D 361 -10.79 2.11 -42.47
CA PRO D 361 -10.88 1.47 -43.79
C PRO D 361 -11.51 0.08 -43.73
N VAL D 362 -12.72 0.01 -43.19
CA VAL D 362 -13.42 -1.25 -43.02
C VAL D 362 -14.90 -1.10 -43.33
N LYS D 363 -15.42 -1.96 -44.20
CA LYS D 363 -16.82 -1.85 -44.59
C LYS D 363 -17.73 -2.36 -43.48
N PHE D 364 -18.67 -1.51 -43.05
CA PHE D 364 -19.62 -1.90 -42.03
C PHE D 364 -20.89 -1.08 -42.17
N ASP D 365 -22.03 -1.69 -41.85
CA ASP D 365 -23.32 -1.00 -41.97
C ASP D 365 -23.48 0.05 -40.88
N HIS D 366 -23.93 1.24 -41.29
CA HIS D 366 -24.11 2.34 -40.36
C HIS D 366 -24.68 3.57 -41.07
N ASP D 367 -25.28 4.45 -40.28
CA ASP D 367 -25.74 5.75 -40.75
C ASP D 367 -25.64 6.66 -39.54
N TRP D 368 -25.18 7.89 -39.70
CA TRP D 368 -25.18 8.75 -38.54
C TRP D 368 -26.40 9.64 -38.70
N CYS D 369 -27.47 9.23 -38.03
CA CYS D 369 -28.77 9.86 -38.17
C CYS D 369 -29.11 10.76 -36.99
N GLY D 370 -28.24 10.76 -35.98
CA GLY D 370 -28.55 11.41 -34.73
C GLY D 370 -29.32 10.49 -33.81
N VAL D 371 -29.19 10.71 -32.50
CA VAL D 371 -29.89 9.92 -31.50
C VAL D 371 -30.62 10.84 -30.54
N THR D 372 -31.94 10.78 -30.53
CA THR D 372 -32.72 11.60 -29.61
C THR D 372 -33.31 10.75 -28.49
N GLN D 373 -32.98 11.11 -27.24
CA GLN D 373 -33.58 10.45 -26.09
C GLN D 373 -34.57 11.44 -25.50
N LEU D 374 -35.72 10.96 -25.07
CA LEU D 374 -36.81 11.86 -24.70
C LEU D 374 -37.37 11.60 -23.31
N GLY D 375 -37.47 12.65 -22.51
CA GLY D 375 -38.15 12.53 -21.24
C GLY D 375 -39.64 12.31 -21.43
N TRP D 376 -40.10 11.16 -20.99
CA TRP D 376 -41.52 10.81 -20.97
C TRP D 376 -42.03 11.01 -19.55
N ASP D 377 -41.14 11.44 -18.67
CA ASP D 377 -41.30 11.17 -17.25
C ASP D 377 -40.67 12.23 -16.35
N GLU D 378 -40.86 12.06 -15.05
CA GLU D 378 -40.21 12.89 -14.05
C GLU D 378 -38.70 12.84 -14.18
N LYS D 379 -38.13 11.66 -13.94
CA LYS D 379 -36.68 11.49 -13.94
C LYS D 379 -35.99 11.68 -15.30
N SER D 380 -36.66 11.29 -16.37
CA SER D 380 -36.07 11.40 -17.71
C SER D 380 -35.98 12.85 -18.19
N GLN D 381 -37.07 13.59 -18.01
CA GLN D 381 -37.06 15.03 -18.32
C GLN D 381 -36.16 15.77 -17.34
N HIS D 382 -36.12 15.27 -16.11
CA HIS D 382 -35.27 15.86 -15.07
C HIS D 382 -33.81 15.75 -15.45
N LYS D 383 -33.42 14.60 -16.00
CA LYS D 383 -32.03 14.37 -16.40
C LYS D 383 -31.67 15.03 -17.73
N ILE D 384 -32.60 15.03 -18.69
CA ILE D 384 -32.37 15.80 -19.91
C ILE D 384 -32.17 17.28 -19.57
N ALA D 385 -32.90 17.75 -18.55
CA ALA D 385 -32.76 19.12 -18.07
C ALA D 385 -31.40 19.30 -17.42
N GLN D 386 -31.04 18.40 -16.50
CA GLN D 386 -29.73 18.45 -15.88
C GLN D 386 -28.64 18.58 -16.93
N MET D 387 -28.80 17.84 -18.03
CA MET D 387 -27.82 17.83 -19.11
C MET D 387 -27.79 19.14 -19.90
N LEU D 388 -28.95 19.65 -20.27
CA LEU D 388 -29.00 20.89 -21.03
C LEU D 388 -28.58 22.09 -20.19
N SER D 389 -28.61 21.92 -18.87
CA SER D 389 -28.20 22.97 -17.95
C SER D 389 -26.73 23.33 -18.16
N MET D 390 -25.90 22.32 -18.40
CA MET D 390 -24.44 22.52 -18.48
C MET D 390 -23.95 23.23 -19.74
N ASP D 391 -24.87 23.54 -20.67
CA ASP D 391 -24.52 24.41 -21.79
C ASP D 391 -23.39 23.88 -22.67
N LEU D 392 -23.70 22.88 -23.49
CA LEU D 392 -22.68 22.23 -24.30
C LEU D 392 -22.89 22.58 -25.77
N PRO D 393 -21.79 22.56 -26.56
CA PRO D 393 -21.83 22.90 -27.98
C PRO D 393 -22.99 22.20 -28.67
N ALA D 394 -23.60 22.87 -29.64
CA ALA D 394 -24.80 22.36 -30.28
C ALA D 394 -24.54 21.18 -31.23
N GLU D 395 -23.27 20.97 -31.59
CA GLU D 395 -22.94 19.85 -32.47
C GLU D 395 -22.89 18.54 -31.69
N LEU D 396 -22.70 18.65 -30.38
CA LEU D 396 -22.66 17.49 -29.50
C LEU D 396 -24.08 17.04 -29.17
N ALA D 397 -24.79 17.88 -28.43
CA ALA D 397 -26.19 17.65 -28.10
C ALA D 397 -26.98 18.96 -28.02
N VAL D 398 -28.24 18.91 -28.43
CA VAL D 398 -29.12 20.07 -28.41
C VAL D 398 -30.49 19.68 -27.89
N ALA D 399 -31.19 20.63 -27.28
CA ALA D 399 -32.56 20.42 -26.85
C ALA D 399 -33.49 20.36 -28.05
N VAL D 400 -34.48 19.48 -28.00
CA VAL D 400 -35.52 19.44 -29.01
C VAL D 400 -36.85 19.05 -28.35
N GLU D 401 -37.94 19.67 -28.78
CA GLU D 401 -39.24 19.47 -28.15
C GLU D 401 -40.27 18.96 -29.14
N ALA D 402 -41.41 18.52 -28.60
CA ALA D 402 -42.42 17.78 -29.36
C ALA D 402 -42.73 18.38 -30.73
N ASN D 403 -42.74 19.70 -30.82
CA ASN D 403 -42.96 20.38 -32.10
C ASN D 403 -42.02 19.85 -33.18
N ALA D 404 -40.72 19.91 -32.89
CA ALA D 404 -39.68 19.54 -33.87
C ALA D 404 -39.41 18.03 -33.91
N VAL D 405 -39.90 17.30 -32.91
CA VAL D 405 -39.70 15.85 -32.86
C VAL D 405 -40.27 15.18 -34.10
N GLU D 406 -41.43 15.63 -34.53
CA GLU D 406 -42.11 15.05 -35.70
C GLU D 406 -41.17 15.01 -36.90
N GLN D 407 -40.53 16.13 -37.20
CA GLN D 407 -39.66 16.24 -38.37
C GLN D 407 -38.27 15.63 -38.15
N ILE D 408 -37.71 15.84 -36.96
CA ILE D 408 -36.36 15.34 -36.66
C ILE D 408 -36.29 13.82 -36.50
N THR D 409 -37.13 13.26 -35.64
CA THR D 409 -37.18 11.81 -35.47
C THR D 409 -38.01 11.16 -36.57
N GLY D 410 -39.06 11.87 -37.00
CA GLY D 410 -40.03 11.31 -37.93
C GLY D 410 -41.20 10.67 -37.20
N VAL D 411 -41.43 11.12 -35.97
CA VAL D 411 -42.43 10.51 -35.10
C VAL D 411 -42.95 11.48 -34.04
N ALA D 412 -44.13 11.21 -33.49
CA ALA D 412 -44.74 12.08 -32.48
C ALA D 412 -44.62 11.52 -31.06
N THR D 413 -43.81 12.16 -30.24
CA THR D 413 -43.62 11.74 -28.85
C THR D 413 -44.64 12.24 -27.81
N ASN D 414 -45.07 13.49 -27.96
CA ASN D 414 -45.86 14.18 -26.93
C ASN D 414 -45.08 14.45 -25.64
N CYS D 415 -43.85 14.92 -25.78
CA CYS D 415 -42.98 15.27 -24.66
C CYS D 415 -41.65 15.84 -25.15
N SER D 416 -40.91 16.48 -24.25
CA SER D 416 -39.64 17.10 -24.60
C SER D 416 -38.55 16.05 -24.84
N GLY D 417 -37.35 16.51 -25.17
CA GLY D 417 -36.26 15.60 -25.46
C GLY D 417 -34.93 16.26 -25.81
N ILE D 418 -33.90 15.43 -25.97
CA ILE D 418 -32.57 15.90 -26.31
C ILE D 418 -32.00 15.10 -27.50
N THR D 419 -31.20 15.77 -28.32
CA THR D 419 -30.65 15.15 -29.51
C THR D 419 -29.13 15.21 -29.53
N TYR D 420 -28.50 14.09 -29.84
CA TYR D 420 -27.09 14.10 -30.18
C TYR D 420 -27.05 13.92 -31.68
N PRO D 421 -26.82 15.03 -32.40
CA PRO D 421 -26.93 15.05 -33.87
C PRO D 421 -25.88 14.22 -34.58
N GLN D 422 -24.68 14.13 -34.01
CA GLN D 422 -23.59 13.42 -34.67
C GLN D 422 -23.63 11.91 -34.40
N GLY D 423 -24.61 11.48 -33.62
CA GLY D 423 -24.77 10.06 -33.31
C GLY D 423 -25.47 9.29 -34.41
N GLY D 424 -25.90 8.07 -34.09
CA GLY D 424 -26.52 7.19 -35.07
C GLY D 424 -26.49 5.74 -34.61
N TRP D 425 -26.56 4.81 -35.56
CA TRP D 425 -26.49 3.39 -35.24
C TRP D 425 -25.47 2.73 -36.14
N LEU D 426 -24.91 1.61 -35.70
CA LEU D 426 -24.05 0.82 -36.59
C LEU D 426 -24.29 -0.67 -36.38
N CYS D 427 -23.66 -1.51 -37.17
CA CYS D 427 -23.76 -2.94 -36.93
C CYS D 427 -22.49 -3.44 -36.25
N PRO D 428 -22.56 -3.66 -34.94
CA PRO D 428 -21.39 -4.03 -34.12
C PRO D 428 -20.79 -5.36 -34.52
N ALA D 429 -21.61 -6.32 -34.92
CA ALA D 429 -21.11 -7.63 -35.31
C ALA D 429 -20.33 -7.58 -36.63
N GLU D 430 -20.96 -7.01 -37.66
CA GLU D 430 -20.29 -6.87 -38.94
C GLU D 430 -19.00 -6.11 -38.76
N LEU D 431 -19.06 -5.04 -37.95
CA LEU D 431 -17.90 -4.23 -37.65
C LEU D 431 -16.77 -5.03 -37.02
N THR D 432 -17.05 -5.68 -35.89
CA THR D 432 -16.06 -6.53 -35.23
C THR D 432 -15.43 -7.48 -36.22
N ARG D 433 -16.28 -8.14 -37.00
CA ARG D 433 -15.82 -9.12 -37.96
C ARG D 433 -14.85 -8.52 -38.98
N ASN D 434 -15.30 -7.50 -39.69
CA ASN D 434 -14.49 -6.88 -40.73
C ASN D 434 -13.20 -6.28 -40.21
N VAL D 435 -13.27 -5.70 -39.02
CA VAL D 435 -12.09 -5.21 -38.34
C VAL D 435 -11.10 -6.36 -38.12
N LEU D 436 -11.58 -7.46 -37.56
CA LEU D 436 -10.70 -8.60 -37.30
C LEU D 436 -10.07 -9.13 -38.59
N GLU D 437 -10.83 -9.08 -39.66
CA GLU D 437 -10.33 -9.54 -40.95
C GLU D 437 -9.19 -8.65 -41.41
N LEU D 438 -9.39 -7.34 -41.27
CA LEU D 438 -8.34 -6.38 -41.63
C LEU D 438 -7.09 -6.61 -40.79
N ALA D 439 -7.29 -6.69 -39.47
CA ALA D 439 -6.21 -6.98 -38.55
C ALA D 439 -5.43 -8.20 -39.04
N GLN D 440 -6.15 -9.20 -39.54
CA GLN D 440 -5.52 -10.40 -40.06
C GLN D 440 -4.65 -10.07 -41.27
N GLN D 441 -5.20 -9.29 -42.20
CA GLN D 441 -4.40 -8.84 -43.33
C GLN D 441 -3.14 -8.13 -42.83
N GLN D 442 -3.26 -7.47 -41.69
CA GLN D 442 -2.15 -6.69 -41.13
C GLN D 442 -1.22 -7.55 -40.29
N GLY D 443 -1.51 -8.85 -40.24
CA GLY D 443 -0.65 -9.79 -39.54
C GLY D 443 -1.17 -10.29 -38.21
N LEU D 444 -2.42 -10.02 -37.90
CA LEU D 444 -3.02 -10.59 -36.70
C LEU D 444 -3.21 -12.09 -36.90
N GLN D 445 -2.67 -12.88 -35.99
CA GLN D 445 -2.79 -14.33 -36.05
C GLN D 445 -3.88 -14.79 -35.08
N ILE D 446 -5.01 -15.25 -35.62
CA ILE D 446 -6.15 -15.63 -34.77
C ILE D 446 -6.30 -17.14 -34.58
N TYR D 447 -6.74 -17.52 -33.39
CA TYR D 447 -7.08 -18.91 -33.08
C TYR D 447 -8.47 -18.97 -32.46
N TYR D 448 -9.39 -19.61 -33.18
CA TYR D 448 -10.77 -19.74 -32.72
C TYR D 448 -10.94 -21.06 -31.99
N GLN D 449 -11.82 -21.06 -30.98
CA GLN D 449 -12.10 -22.26 -30.19
C GLN D 449 -11.14 -22.47 -29.02
N TYR D 450 -10.20 -21.53 -28.84
CA TYR D 450 -9.36 -21.57 -27.66
C TYR D 450 -9.97 -20.78 -26.51
N GLN D 451 -10.42 -21.50 -25.49
CA GLN D 451 -10.97 -20.87 -24.31
C GLN D 451 -9.94 -20.93 -23.20
N LEU D 452 -9.48 -19.75 -22.75
CA LEU D 452 -8.44 -19.72 -21.72
C LEU D 452 -9.06 -20.10 -20.39
N GLN D 453 -8.58 -21.20 -19.83
CA GLN D 453 -9.02 -21.63 -18.52
C GLN D 453 -8.24 -20.94 -17.41
N ASN D 454 -6.92 -20.86 -17.56
CA ASN D 454 -6.12 -20.15 -16.55
C ASN D 454 -4.74 -19.72 -17.07
N LEU D 455 -4.10 -18.79 -16.37
CA LEU D 455 -2.74 -18.39 -16.71
C LEU D 455 -1.81 -18.28 -15.50
N SER D 456 -0.59 -18.75 -15.67
CA SER D 456 0.39 -18.65 -14.59
C SER D 456 1.61 -17.90 -15.11
N ARG D 457 2.14 -17.00 -14.29
CA ARG D 457 3.31 -16.27 -14.72
C ARG D 457 4.56 -17.11 -14.51
N LYS D 458 5.22 -17.43 -15.61
CA LYS D 458 6.54 -18.05 -15.61
C LYS D 458 7.57 -16.94 -15.46
N ASP D 459 8.84 -17.22 -15.76
CA ASP D 459 9.88 -16.22 -15.55
C ASP D 459 9.75 -15.03 -16.49
N ASP D 460 9.91 -15.27 -17.79
CA ASP D 460 9.82 -14.17 -18.76
C ASP D 460 8.46 -14.04 -19.46
N CYS D 461 7.53 -14.93 -19.17
CA CYS D 461 6.30 -14.95 -19.95
C CYS D 461 5.09 -15.43 -19.15
N TRP D 462 3.98 -15.59 -19.88
CA TRP D 462 2.77 -16.16 -19.30
C TRP D 462 2.50 -17.51 -19.93
N LEU D 463 2.19 -18.49 -19.08
CA LEU D 463 1.71 -19.77 -19.57
C LEU D 463 0.20 -19.75 -19.54
N LEU D 464 -0.39 -19.94 -20.72
CA LEU D 464 -1.82 -19.99 -20.90
C LEU D 464 -2.29 -21.43 -21.07
N ASN D 465 -3.21 -21.85 -20.20
CA ASN D 465 -3.89 -23.12 -20.32
C ASN D 465 -5.32 -22.92 -20.82
N PHE D 466 -5.59 -23.49 -21.98
CA PHE D 466 -6.89 -23.43 -22.63
C PHE D 466 -7.64 -24.74 -22.43
N ALA D 467 -8.87 -24.79 -22.91
CA ALA D 467 -9.63 -26.04 -22.94
C ALA D 467 -9.15 -26.92 -24.08
N GLY D 468 -9.42 -28.21 -24.00
CA GLY D 468 -9.12 -29.12 -25.09
C GLY D 468 -7.64 -29.37 -25.30
N ASP D 469 -6.88 -29.38 -24.21
CA ASP D 469 -5.48 -29.74 -24.29
C ASP D 469 -4.74 -28.81 -25.27
N GLN D 470 -4.71 -27.53 -24.92
CA GLN D 470 -3.98 -26.53 -25.69
C GLN D 470 -3.33 -25.52 -24.75
N GLN D 471 -2.04 -25.27 -24.94
CA GLN D 471 -1.36 -24.26 -24.15
C GLN D 471 -0.63 -23.28 -25.06
N ALA D 472 -0.31 -22.12 -24.51
CA ALA D 472 0.47 -21.15 -25.25
C ALA D 472 1.39 -20.36 -24.32
N THR D 473 2.48 -19.85 -24.85
CA THR D 473 3.42 -19.07 -24.06
C THR D 473 3.56 -17.70 -24.70
N HIS D 474 3.41 -16.65 -23.89
CA HIS D 474 3.39 -15.29 -24.41
C HIS D 474 4.03 -14.30 -23.45
N SER D 475 4.60 -13.22 -24.00
CA SER D 475 5.31 -12.24 -23.20
C SER D 475 4.34 -11.29 -22.52
N VAL D 476 3.33 -10.86 -23.28
CA VAL D 476 2.34 -9.92 -22.82
C VAL D 476 0.96 -10.49 -23.06
N VAL D 477 0.04 -10.24 -22.15
CA VAL D 477 -1.32 -10.79 -22.25
C VAL D 477 -2.37 -9.72 -21.95
N VAL D 478 -3.30 -9.52 -22.88
CA VAL D 478 -4.41 -8.61 -22.66
C VAL D 478 -5.73 -9.37 -22.53
N LEU D 479 -6.48 -9.12 -21.47
CA LEU D 479 -7.78 -9.76 -21.33
C LEU D 479 -8.86 -8.84 -21.90
N ALA D 480 -9.35 -9.21 -23.08
CA ALA D 480 -10.45 -8.52 -23.78
C ALA D 480 -11.78 -9.29 -23.74
N ASN D 481 -11.81 -10.40 -23.00
CA ASN D 481 -12.88 -11.38 -23.09
C ASN D 481 -14.31 -10.95 -22.68
N GLY D 482 -14.47 -9.72 -22.21
CA GLY D 482 -15.79 -9.22 -21.89
C GLY D 482 -16.30 -9.70 -20.54
N HIS D 483 -17.57 -10.06 -20.49
CA HIS D 483 -18.23 -10.39 -19.22
C HIS D 483 -17.58 -11.56 -18.47
N GLN D 484 -16.70 -12.29 -19.15
CA GLN D 484 -16.01 -13.44 -18.55
C GLN D 484 -14.63 -13.07 -17.97
N ILE D 485 -14.33 -11.78 -17.97
CA ILE D 485 -13.04 -11.30 -17.49
C ILE D 485 -12.72 -11.71 -16.05
N SER D 486 -13.73 -11.77 -15.20
CA SER D 486 -13.51 -12.11 -13.79
C SER D 486 -13.17 -13.60 -13.59
N ARG D 487 -13.26 -14.38 -14.66
CA ARG D 487 -13.15 -15.84 -14.58
C ARG D 487 -11.80 -16.35 -14.08
N PHE D 488 -10.85 -15.47 -13.87
CA PHE D 488 -9.50 -15.89 -13.56
C PHE D 488 -9.08 -15.51 -12.14
N SER D 489 -8.13 -16.25 -11.61
CA SER D 489 -7.59 -15.96 -10.29
C SER D 489 -7.34 -14.46 -10.18
N GLN D 490 -6.41 -13.96 -11.00
CA GLN D 490 -5.96 -12.56 -11.00
C GLN D 490 -7.08 -11.51 -11.13
N THR D 491 -8.17 -11.86 -11.80
CA THR D 491 -9.30 -10.96 -11.99
C THR D 491 -10.52 -11.15 -11.08
N SER D 492 -10.46 -12.10 -10.15
CA SER D 492 -11.66 -12.55 -9.42
C SER D 492 -12.37 -11.47 -8.61
N THR D 493 -11.61 -10.60 -7.95
CA THR D 493 -12.17 -9.59 -7.04
C THR D 493 -12.52 -8.28 -7.75
N LEU D 494 -12.38 -8.27 -9.07
CA LEU D 494 -12.74 -7.11 -9.87
C LEU D 494 -14.21 -6.72 -9.67
N PRO D 495 -14.45 -5.48 -9.21
CA PRO D 495 -15.79 -4.92 -8.99
C PRO D 495 -16.55 -4.67 -10.29
N VAL D 496 -16.77 -5.74 -11.06
CA VAL D 496 -17.61 -5.67 -12.24
C VAL D 496 -18.74 -6.66 -12.04
N TYR D 497 -19.69 -6.70 -12.97
CA TYR D 497 -20.74 -7.70 -12.88
C TYR D 497 -21.48 -7.95 -14.20
N SER D 498 -22.07 -9.13 -14.31
CA SER D 498 -22.72 -9.54 -15.54
C SER D 498 -24.15 -9.02 -15.58
N VAL D 499 -24.54 -8.49 -16.73
CA VAL D 499 -25.94 -8.20 -16.97
C VAL D 499 -26.31 -8.73 -18.35
N ALA D 500 -27.15 -9.76 -18.38
CA ALA D 500 -27.54 -10.37 -19.64
C ALA D 500 -28.54 -9.48 -20.33
N GLY D 501 -28.69 -9.64 -21.64
CA GLY D 501 -29.62 -8.81 -22.39
C GLY D 501 -30.13 -9.46 -23.65
N GLN D 502 -31.31 -9.02 -24.07
CA GLN D 502 -31.97 -9.52 -25.27
C GLN D 502 -32.45 -8.35 -26.12
N VAL D 503 -32.13 -8.39 -27.41
CA VAL D 503 -32.53 -7.33 -28.34
C VAL D 503 -33.33 -7.91 -29.51
N SER D 504 -34.51 -7.34 -29.75
CA SER D 504 -35.46 -7.95 -30.71
C SER D 504 -35.36 -7.37 -32.12
N HIS D 505 -35.35 -8.28 -33.10
CA HIS D 505 -35.38 -7.89 -34.49
C HIS D 505 -36.84 -7.83 -34.94
N ILE D 506 -37.20 -6.75 -35.61
CA ILE D 506 -38.58 -6.54 -36.05
C ILE D 506 -38.59 -6.11 -37.50
N PRO D 507 -39.72 -6.32 -38.21
CA PRO D 507 -39.72 -5.85 -39.59
C PRO D 507 -40.14 -4.39 -39.65
N THR D 508 -40.11 -3.78 -40.82
CA THR D 508 -40.48 -2.37 -40.96
C THR D 508 -41.88 -2.22 -41.54
N THR D 509 -42.67 -1.35 -40.91
CA THR D 509 -44.05 -1.11 -41.33
C THR D 509 -44.10 0.20 -42.12
N PRO D 510 -45.30 0.63 -42.54
CA PRO D 510 -45.36 1.94 -43.22
C PRO D 510 -45.12 3.10 -42.25
N GLU D 511 -45.50 2.93 -40.99
CA GLU D 511 -45.36 3.97 -39.98
C GLU D 511 -43.89 4.11 -39.61
N LEU D 512 -43.33 3.04 -39.05
CA LEU D 512 -41.88 2.93 -38.91
C LEU D 512 -41.35 2.94 -40.33
N ALA D 513 -40.08 3.26 -40.51
CA ALA D 513 -39.50 3.48 -41.83
C ALA D 513 -39.76 4.91 -42.27
N GLU D 514 -40.60 5.59 -41.52
CA GLU D 514 -40.67 7.05 -41.58
C GLU D 514 -39.79 7.59 -40.46
N LEU D 515 -39.15 6.66 -39.74
CA LEU D 515 -38.28 6.99 -38.62
C LEU D 515 -36.85 7.20 -39.10
N LYS D 516 -36.39 8.45 -38.98
CA LYS D 516 -35.06 8.84 -39.45
C LYS D 516 -34.00 8.85 -38.36
N GLN D 517 -34.36 8.41 -37.15
CA GLN D 517 -33.45 8.54 -36.01
C GLN D 517 -33.60 7.44 -34.95
N VAL D 518 -32.57 7.33 -34.10
CA VAL D 518 -32.60 6.43 -32.96
C VAL D 518 -33.31 7.10 -31.78
N LEU D 519 -34.14 6.33 -31.09
CA LEU D 519 -34.86 6.87 -29.94
C LEU D 519 -34.45 6.14 -28.66
N CYS D 520 -34.09 6.90 -27.63
CA CYS D 520 -33.83 6.27 -26.34
C CYS D 520 -34.90 6.63 -25.32
N TYR D 521 -35.79 5.67 -25.12
CA TYR D 521 -36.78 5.63 -24.04
C TYR D 521 -36.22 4.79 -22.91
N ASP D 522 -37.10 4.30 -22.05
CA ASP D 522 -36.70 3.26 -21.11
C ASP D 522 -35.84 2.24 -21.86
N GLY D 523 -36.42 1.58 -22.87
CA GLY D 523 -35.64 0.78 -23.79
C GLY D 523 -35.03 1.66 -24.88
N TYR D 524 -34.71 1.07 -26.03
CA TYR D 524 -34.24 1.88 -27.16
C TYR D 524 -34.63 1.26 -28.51
N LEU D 525 -34.85 2.12 -29.49
CA LEU D 525 -35.35 1.72 -30.81
C LEU D 525 -34.60 2.37 -31.96
N THR D 526 -34.08 1.54 -32.87
CA THR D 526 -33.33 2.01 -34.03
C THR D 526 -34.19 2.22 -35.28
N PRO D 527 -33.73 3.09 -36.19
CA PRO D 527 -34.27 3.22 -37.54
C PRO D 527 -34.09 1.92 -38.31
N GLN D 528 -34.80 1.76 -39.41
CA GLN D 528 -34.63 0.57 -40.25
C GLN D 528 -33.27 0.59 -40.93
N ASN D 529 -32.65 -0.57 -41.01
CA ASN D 529 -31.41 -0.73 -41.77
C ASN D 529 -31.78 -1.04 -43.22
N PRO D 530 -31.54 -0.07 -44.11
CA PRO D 530 -32.01 -0.13 -45.51
C PRO D 530 -31.58 -1.40 -46.24
N ALA D 531 -30.57 -2.09 -45.73
CA ALA D 531 -30.17 -3.37 -46.31
C ALA D 531 -31.19 -4.47 -46.02
N ASN D 532 -31.47 -4.71 -44.75
CA ASN D 532 -32.39 -5.79 -44.36
C ASN D 532 -33.84 -5.39 -44.04
N GLN D 533 -34.12 -4.08 -44.04
CA GLN D 533 -35.43 -3.57 -43.65
C GLN D 533 -35.96 -4.16 -42.34
N HIS D 534 -35.09 -4.21 -41.33
CA HIS D 534 -35.48 -4.63 -39.98
C HIS D 534 -34.98 -3.60 -38.96
N HIS D 535 -35.50 -3.70 -37.73
CA HIS D 535 -35.10 -2.83 -36.65
C HIS D 535 -34.68 -3.66 -35.44
N CYS D 536 -34.01 -3.01 -34.51
CA CYS D 536 -33.74 -3.60 -33.20
C CYS D 536 -34.45 -2.81 -32.11
N ILE D 537 -34.95 -3.53 -31.10
CA ILE D 537 -35.73 -2.94 -30.04
C ILE D 537 -35.37 -3.61 -28.72
N GLY D 538 -36.02 -3.18 -27.63
CA GLY D 538 -35.77 -3.75 -26.32
C GLY D 538 -34.49 -3.43 -25.59
N ALA D 539 -33.67 -4.45 -25.36
CA ALA D 539 -32.66 -4.48 -24.30
C ALA D 539 -33.21 -4.60 -22.87
N SER D 540 -33.64 -5.82 -22.54
CA SER D 540 -33.91 -6.20 -21.16
C SER D 540 -32.64 -6.15 -20.31
N TYR D 541 -32.80 -5.81 -19.03
CA TYR D 541 -31.68 -5.66 -18.12
C TYR D 541 -31.77 -6.71 -17.00
N HIS D 542 -30.90 -7.72 -17.05
CA HIS D 542 -30.88 -8.74 -15.99
C HIS D 542 -29.56 -8.73 -15.22
N ARG D 543 -29.61 -8.23 -13.97
CA ARG D 543 -28.41 -8.12 -13.16
C ARG D 543 -28.04 -9.44 -12.51
N GLY D 544 -26.79 -9.87 -12.68
CA GLY D 544 -26.28 -11.06 -12.04
C GLY D 544 -26.49 -12.34 -12.81
N SER D 545 -27.21 -12.27 -13.93
CA SER D 545 -27.50 -13.48 -14.70
C SER D 545 -26.75 -13.54 -16.03
N GLU D 546 -25.98 -14.62 -16.20
CA GLU D 546 -25.23 -14.81 -17.44
C GLU D 546 -26.02 -15.68 -18.42
N ASP D 547 -27.25 -15.99 -18.06
CA ASP D 547 -28.14 -16.76 -18.91
C ASP D 547 -28.31 -16.03 -20.25
N THR D 548 -27.96 -16.72 -21.35
CA THR D 548 -28.10 -16.14 -22.68
C THR D 548 -29.35 -16.61 -23.43
N ALA D 549 -30.12 -17.49 -22.82
CA ALA D 549 -31.26 -18.11 -23.50
C ALA D 549 -32.35 -17.12 -23.87
N TYR D 550 -33.04 -17.40 -24.97
CA TYR D 550 -34.18 -16.59 -25.39
C TYR D 550 -35.29 -16.63 -24.34
N SER D 551 -35.81 -15.46 -24.00
CA SER D 551 -36.88 -15.35 -23.01
C SER D 551 -38.09 -14.64 -23.60
N GLU D 552 -39.22 -15.36 -23.68
CA GLU D 552 -40.45 -14.81 -24.24
C GLU D 552 -40.84 -13.49 -23.59
N ASP D 553 -40.87 -13.49 -22.26
CA ASP D 553 -41.20 -12.31 -21.49
C ASP D 553 -40.39 -11.11 -21.97
N ASP D 554 -39.07 -11.32 -22.08
CA ASP D 554 -38.17 -10.28 -22.57
C ASP D 554 -38.64 -9.78 -23.94
N GLN D 555 -38.85 -10.71 -24.86
CA GLN D 555 -39.30 -10.39 -26.21
C GLN D 555 -40.54 -9.50 -26.17
N GLN D 556 -41.39 -9.71 -25.17
CA GLN D 556 -42.58 -8.87 -25.00
C GLN D 556 -42.26 -7.49 -24.44
N GLN D 557 -41.70 -7.45 -23.24
CA GLN D 557 -41.35 -6.19 -22.59
C GLN D 557 -40.56 -5.26 -23.50
N ASN D 558 -39.74 -5.81 -24.39
CA ASN D 558 -39.00 -5.00 -25.34
C ASN D 558 -39.90 -3.99 -26.05
N ARG D 559 -41.07 -4.48 -26.48
CA ARG D 559 -42.11 -3.67 -27.10
C ARG D 559 -43.00 -2.96 -26.06
N GLN D 560 -43.23 -3.64 -24.94
CA GLN D 560 -44.17 -3.16 -23.93
C GLN D 560 -43.72 -1.92 -23.17
N ARG D 561 -42.43 -1.79 -22.88
CA ARG D 561 -41.93 -0.62 -22.18
C ARG D 561 -41.94 0.62 -23.09
N LEU D 562 -41.68 0.39 -24.38
CA LEU D 562 -41.87 1.43 -25.38
C LEU D 562 -43.33 1.87 -25.40
N ILE D 563 -44.25 0.91 -25.35
CA ILE D 563 -45.67 1.27 -25.24
C ILE D 563 -45.92 2.08 -23.96
N ASP D 564 -45.27 1.69 -22.87
CA ASP D 564 -45.46 2.34 -21.57
C ASP D 564 -44.94 3.77 -21.54
N CYS D 565 -43.99 4.06 -22.41
CA CYS D 565 -43.50 5.43 -22.54
C CYS D 565 -44.45 6.28 -23.39
N PHE D 566 -45.03 5.66 -24.42
CA PHE D 566 -45.90 6.39 -25.33
C PHE D 566 -47.20 5.65 -25.62
N PRO D 567 -48.12 5.64 -24.66
CA PRO D 567 -49.44 5.00 -24.79
C PRO D 567 -50.27 5.65 -25.90
N GLN D 568 -49.90 6.87 -26.26
CA GLN D 568 -50.59 7.62 -27.31
C GLN D 568 -49.92 7.45 -28.67
N ALA D 569 -48.91 6.58 -28.73
CA ALA D 569 -48.13 6.40 -29.95
C ALA D 569 -48.68 5.32 -30.89
N GLN D 570 -49.11 5.75 -32.06
CA GLN D 570 -49.55 4.87 -33.14
C GLN D 570 -48.46 3.89 -33.56
N TRP D 571 -47.36 4.45 -34.09
CA TRP D 571 -46.22 3.69 -34.57
C TRP D 571 -45.72 2.65 -33.58
N ALA D 572 -45.83 2.96 -32.29
CA ALA D 572 -45.36 2.07 -31.23
C ALA D 572 -46.07 0.73 -31.26
N LYS D 573 -47.37 0.74 -31.55
CA LYS D 573 -48.16 -0.49 -31.59
C LYS D 573 -47.85 -1.31 -32.84
N GLU D 574 -47.24 -0.69 -33.84
CA GLU D 574 -46.94 -1.37 -35.10
C GLU D 574 -45.65 -2.17 -35.05
N VAL D 575 -45.00 -2.18 -33.90
CA VAL D 575 -43.80 -2.98 -33.69
C VAL D 575 -44.18 -4.43 -33.44
N ASP D 576 -43.70 -5.34 -34.29
CA ASP D 576 -44.08 -6.74 -34.18
C ASP D 576 -42.92 -7.64 -33.78
N VAL D 577 -42.98 -8.17 -32.56
CA VAL D 577 -41.97 -9.07 -32.04
C VAL D 577 -42.38 -10.54 -32.20
N SER D 578 -43.58 -10.76 -32.74
CA SER D 578 -44.16 -12.10 -32.85
C SER D 578 -43.27 -13.09 -33.59
N ASP D 579 -42.37 -12.58 -34.44
CA ASP D 579 -41.49 -13.44 -35.22
C ASP D 579 -40.52 -14.20 -34.32
N LYS D 580 -40.47 -13.80 -33.06
CA LYS D 580 -39.66 -14.47 -32.04
C LYS D 580 -38.18 -14.51 -32.42
N GLU D 581 -37.63 -13.35 -32.76
CA GLU D 581 -36.23 -13.24 -33.17
C GLU D 581 -35.45 -12.20 -32.36
N ALA D 582 -34.34 -12.61 -31.77
CA ALA D 582 -33.51 -11.71 -30.98
C ALA D 582 -32.06 -12.17 -30.84
N ARG D 583 -31.18 -11.22 -30.51
CA ARG D 583 -29.81 -11.54 -30.14
C ARG D 583 -29.68 -11.37 -28.63
N CYS D 584 -29.14 -12.38 -27.96
CA CYS D 584 -28.97 -12.31 -26.51
C CYS D 584 -27.49 -12.41 -26.14
N GLY D 585 -27.01 -11.49 -25.31
CA GLY D 585 -25.62 -11.52 -24.89
C GLY D 585 -25.41 -10.92 -23.51
N VAL D 586 -24.33 -11.32 -22.86
CA VAL D 586 -24.05 -10.84 -21.51
C VAL D 586 -23.08 -9.66 -21.57
N ARG D 587 -23.40 -8.59 -20.86
CA ARG D 587 -22.53 -7.43 -20.86
C ARG D 587 -21.86 -7.20 -19.50
N CYS D 588 -20.58 -6.87 -19.55
CA CYS D 588 -19.84 -6.56 -18.34
C CYS D 588 -19.97 -5.07 -18.04
N ALA D 589 -20.43 -4.75 -16.84
CA ALA D 589 -20.67 -3.36 -16.47
C ALA D 589 -20.17 -3.05 -15.08
N THR D 590 -20.16 -1.76 -14.75
CA THR D 590 -19.62 -1.29 -13.49
C THR D 590 -20.51 -0.20 -12.93
N ARG D 591 -20.48 -0.03 -11.60
CA ARG D 591 -21.08 1.15 -11.01
C ARG D 591 -20.16 2.31 -11.37
N ASP D 592 -20.77 3.45 -11.72
CA ASP D 592 -20.09 4.62 -12.32
C ASP D 592 -19.99 4.58 -13.85
N HIS D 593 -20.30 3.42 -14.42
CA HIS D 593 -20.52 3.28 -15.87
C HIS D 593 -19.31 3.55 -16.76
N LEU D 594 -18.12 3.34 -16.21
CA LEU D 594 -16.89 3.56 -16.96
C LEU D 594 -16.10 2.27 -17.08
N PRO D 595 -15.46 2.07 -18.24
CA PRO D 595 -14.64 0.88 -18.47
C PRO D 595 -13.51 0.74 -17.45
N MET D 596 -13.03 -0.48 -17.27
CA MET D 596 -11.77 -0.73 -16.57
C MET D 596 -10.73 -1.07 -17.64
N VAL D 597 -9.77 -0.18 -17.82
CA VAL D 597 -8.78 -0.32 -18.87
C VAL D 597 -7.40 -0.04 -18.34
N GLY D 598 -6.50 -1.02 -18.42
CA GLY D 598 -5.14 -0.77 -17.95
C GLY D 598 -4.41 -1.98 -17.43
N ASN D 599 -3.46 -1.71 -16.53
CA ASN D 599 -2.79 -2.74 -15.77
C ASN D 599 -3.79 -3.58 -14.96
N VAL D 600 -3.65 -4.89 -15.00
CA VAL D 600 -4.42 -5.76 -14.10
C VAL D 600 -3.76 -5.71 -12.73
N PRO D 601 -4.49 -5.19 -11.73
CA PRO D 601 -3.95 -5.03 -10.37
C PRO D 601 -3.95 -6.33 -9.56
N ASP D 602 -3.00 -6.44 -8.64
CA ASP D 602 -2.92 -7.54 -7.69
C ASP D 602 -3.69 -7.15 -6.43
N TYR D 603 -4.79 -7.84 -6.15
CA TYR D 603 -5.66 -7.45 -5.05
C TYR D 603 -5.01 -7.56 -3.67
N GLU D 604 -4.51 -8.76 -3.35
CA GLU D 604 -3.86 -9.01 -2.07
C GLU D 604 -2.79 -7.96 -1.80
N ALA D 605 -1.78 -7.93 -2.66
CA ALA D 605 -0.69 -6.97 -2.54
C ALA D 605 -1.18 -5.53 -2.39
N THR D 606 -2.24 -5.17 -3.11
CA THR D 606 -2.78 -3.81 -3.03
C THR D 606 -3.29 -3.52 -1.63
N LEU D 607 -4.06 -4.45 -1.07
CA LEU D 607 -4.56 -4.28 0.29
C LEU D 607 -3.44 -4.25 1.34
N VAL D 608 -2.38 -5.04 1.10
CA VAL D 608 -1.24 -5.03 1.99
C VAL D 608 -0.46 -3.70 1.99
N GLU D 609 0.00 -3.30 0.80
CA GLU D 609 0.88 -2.14 0.64
C GLU D 609 0.20 -0.81 1.04
N TYR D 610 -1.06 -0.65 0.66
CA TYR D 610 -1.75 0.61 0.83
C TYR D 610 -2.56 0.73 2.12
N ALA D 611 -2.45 -0.27 3.00
CA ALA D 611 -3.14 -0.21 4.28
C ALA D 611 -2.92 1.17 4.91
N SER D 612 -1.66 1.47 5.19
CA SER D 612 -1.26 2.71 5.85
C SER D 612 -1.10 3.88 4.88
N LEU D 613 -1.41 3.65 3.61
CA LEU D 613 -1.40 4.70 2.60
C LEU D 613 -2.21 5.91 3.05
N ALA D 614 -3.21 5.67 3.89
CA ALA D 614 -4.08 6.74 4.34
C ALA D 614 -3.29 7.87 4.99
N GLU D 615 -2.52 7.54 6.02
CA GLU D 615 -1.78 8.54 6.79
C GLU D 615 -0.52 9.04 6.08
N GLN D 616 0.27 8.12 5.55
CA GLN D 616 1.50 8.50 4.87
C GLN D 616 1.47 8.22 3.38
N LYS D 617 1.38 9.27 2.57
CA LYS D 617 1.71 9.08 1.16
C LYS D 617 2.97 9.89 0.90
N ASP D 618 4.10 9.23 1.04
CA ASP D 618 5.41 9.75 0.69
C ASP D 618 6.10 8.57 0.07
N GLU D 619 6.17 7.52 0.89
CA GLU D 619 6.79 6.26 0.57
C GLU D 619 6.12 5.53 -0.60
N ALA D 620 5.03 6.08 -1.13
CA ALA D 620 4.61 5.71 -2.48
C ALA D 620 4.34 4.22 -2.65
N VAL D 621 5.22 3.54 -3.38
CA VAL D 621 4.99 2.16 -3.82
C VAL D 621 3.93 2.03 -4.92
N SER D 622 4.38 2.28 -6.14
CA SER D 622 3.55 2.25 -7.34
C SER D 622 2.63 1.03 -7.37
N ALA D 623 1.41 1.26 -7.88
CA ALA D 623 0.33 0.29 -7.77
C ALA D 623 0.77 -1.13 -8.10
N PRO D 624 0.40 -2.07 -7.24
CA PRO D 624 0.71 -3.50 -7.25
C PRO D 624 -0.05 -4.26 -8.33
N VAL D 625 0.51 -4.30 -9.53
CA VAL D 625 -0.10 -4.96 -10.67
C VAL D 625 0.73 -6.15 -11.15
N PHE D 626 0.09 -7.10 -11.84
CA PHE D 626 0.81 -8.23 -12.43
C PHE D 626 1.66 -7.82 -13.64
N ASP D 627 2.81 -8.49 -13.80
CA ASP D 627 3.77 -8.15 -14.84
C ASP D 627 3.25 -8.46 -16.24
N ASP D 628 3.25 -7.45 -17.10
CA ASP D 628 2.84 -7.61 -18.49
C ASP D 628 1.47 -8.24 -18.65
N LEU D 629 0.54 -7.88 -17.76
CA LEU D 629 -0.83 -8.35 -17.86
C LEU D 629 -1.75 -7.15 -17.88
N PHE D 630 -2.56 -7.05 -18.94
CA PHE D 630 -3.40 -5.89 -19.17
C PHE D 630 -4.84 -6.33 -19.33
N MET D 631 -5.77 -5.39 -19.22
CA MET D 631 -7.18 -5.71 -19.36
C MET D 631 -7.95 -4.56 -19.97
N PHE D 632 -8.89 -4.94 -20.82
CA PHE D 632 -9.76 -4.00 -21.50
C PHE D 632 -11.16 -4.55 -21.24
N ALA D 633 -11.94 -3.89 -20.38
CA ALA D 633 -13.20 -4.49 -19.96
C ALA D 633 -14.23 -3.57 -19.32
N ALA D 634 -15.38 -4.14 -18.96
CA ALA D 634 -16.51 -3.40 -18.37
C ALA D 634 -17.02 -2.32 -19.31
N LEU D 635 -17.23 -2.69 -20.56
CA LEU D 635 -17.69 -1.73 -21.57
C LEU D 635 -19.14 -1.33 -21.35
N GLY D 636 -19.82 -2.05 -20.46
CA GLY D 636 -21.21 -1.77 -20.15
C GLY D 636 -22.05 -1.91 -21.40
N SER D 637 -23.08 -1.07 -21.53
CA SER D 637 -23.89 -1.07 -22.74
C SER D 637 -23.44 0.03 -23.71
N ARG D 638 -22.45 0.81 -23.27
CA ARG D 638 -21.94 1.94 -24.04
C ARG D 638 -20.72 1.59 -24.90
N GLY D 639 -20.39 0.30 -24.94
CA GLY D 639 -19.15 -0.16 -25.56
C GLY D 639 -18.78 0.39 -26.93
N LEU D 640 -19.75 0.59 -27.82
CA LEU D 640 -19.45 1.11 -29.16
C LEU D 640 -18.92 2.54 -29.09
N CYS D 641 -19.26 3.24 -28.01
CA CYS D 641 -18.77 4.59 -27.76
C CYS D 641 -17.35 4.60 -27.16
N SER D 642 -17.14 3.78 -26.12
CA SER D 642 -15.89 3.81 -25.37
C SER D 642 -14.75 2.99 -26.01
N ALA D 643 -15.13 2.05 -26.86
CA ALA D 643 -14.18 1.06 -27.36
C ALA D 643 -13.01 1.68 -28.13
N PRO D 644 -13.29 2.55 -29.10
CA PRO D 644 -12.17 3.08 -29.88
C PRO D 644 -11.13 3.83 -29.04
N LEU D 645 -11.60 4.75 -28.20
CA LEU D 645 -10.68 5.56 -27.40
C LEU D 645 -9.99 4.71 -26.34
N CYS D 646 -10.69 3.72 -25.82
CA CYS D 646 -10.06 2.81 -24.88
C CYS D 646 -8.95 2.02 -25.55
N ALA D 647 -9.21 1.55 -26.77
CA ALA D 647 -8.18 0.89 -27.57
C ALA D 647 -6.96 1.80 -27.63
N GLU D 648 -7.18 3.04 -28.04
CA GLU D 648 -6.11 4.03 -28.07
C GLU D 648 -5.34 4.10 -26.75
N ILE D 649 -6.08 4.31 -25.66
CA ILE D 649 -5.49 4.45 -24.34
C ILE D 649 -4.61 3.25 -23.98
N LEU D 650 -5.18 2.05 -24.05
CA LEU D 650 -4.46 0.85 -23.65
C LEU D 650 -3.24 0.59 -24.53
N ALA D 651 -3.40 0.77 -25.84
CA ALA D 651 -2.31 0.55 -26.77
C ALA D 651 -1.17 1.50 -26.45
N ALA D 652 -1.48 2.79 -26.39
CA ALA D 652 -0.52 3.79 -25.97
C ALA D 652 0.19 3.32 -24.71
N GLN D 653 -0.57 3.14 -23.64
CA GLN D 653 -0.02 2.77 -22.34
C GLN D 653 0.90 1.56 -22.39
N MET D 654 0.57 0.59 -23.23
CA MET D 654 1.39 -0.62 -23.39
C MET D 654 2.67 -0.33 -24.17
N SER D 655 2.61 0.65 -25.06
CA SER D 655 3.75 1.00 -25.90
C SER D 655 4.59 2.11 -25.31
N ASP D 656 4.21 2.55 -24.10
CA ASP D 656 4.85 3.70 -23.45
C ASP D 656 4.87 4.93 -24.34
N GLU D 657 3.85 5.07 -25.19
CA GLU D 657 3.70 6.28 -25.98
C GLU D 657 2.68 7.20 -25.33
N PRO D 658 2.53 8.42 -25.86
CA PRO D 658 1.63 9.39 -25.21
C PRO D 658 0.18 8.91 -25.17
N ILE D 659 -0.46 9.10 -24.02
CA ILE D 659 -1.85 8.69 -23.79
C ILE D 659 -2.78 9.90 -23.93
N PRO D 660 -3.85 9.77 -24.73
CA PRO D 660 -4.72 10.91 -25.05
C PRO D 660 -5.84 11.18 -24.03
N MET D 661 -5.47 11.29 -22.76
CA MET D 661 -6.42 11.63 -21.70
C MET D 661 -5.68 12.30 -20.54
N ASP D 662 -6.40 13.06 -19.72
CA ASP D 662 -5.83 13.69 -18.54
C ASP D 662 -5.72 12.69 -17.39
N ALA D 663 -4.80 12.94 -16.47
CA ALA D 663 -4.55 12.01 -15.37
C ALA D 663 -5.82 11.61 -14.63
N SER D 664 -6.62 12.61 -14.26
CA SER D 664 -7.81 12.39 -13.45
C SER D 664 -8.77 11.40 -14.09
N THR D 665 -9.20 11.69 -15.32
CA THR D 665 -10.09 10.80 -16.06
C THR D 665 -9.46 9.41 -16.22
N LEU D 666 -8.15 9.38 -16.42
CA LEU D 666 -7.43 8.12 -16.52
C LEU D 666 -7.61 7.29 -15.26
N ALA D 667 -7.50 7.92 -14.10
CA ALA D 667 -7.74 7.22 -12.84
C ALA D 667 -9.20 6.78 -12.77
N ALA D 668 -10.11 7.61 -13.25
CA ALA D 668 -11.51 7.19 -13.32
C ALA D 668 -11.64 5.89 -14.11
N LEU D 669 -10.71 5.65 -15.05
CA LEU D 669 -10.74 4.42 -15.84
C LEU D 669 -9.90 3.26 -15.28
N ASN D 670 -9.09 3.52 -14.26
CA ASN D 670 -8.16 2.52 -13.76
C ASN D 670 -8.88 1.42 -12.97
N PRO D 671 -8.57 0.16 -13.28
CA PRO D 671 -9.19 -1.01 -12.65
C PRO D 671 -9.22 -0.96 -11.11
N ASN D 672 -8.12 -0.52 -10.50
CA ASN D 672 -8.04 -0.55 -9.04
C ASN D 672 -8.67 0.65 -8.32
N ARG D 673 -9.30 1.53 -9.10
CA ARG D 673 -9.84 2.79 -8.59
C ARG D 673 -10.67 2.66 -7.31
N LEU D 674 -11.41 1.56 -7.17
CA LEU D 674 -12.27 1.37 -6.01
C LEU D 674 -11.44 1.02 -4.76
N TRP D 675 -10.60 0.02 -4.90
CA TRP D 675 -9.76 -0.43 -3.80
C TRP D 675 -8.90 0.72 -3.29
N VAL D 676 -8.39 1.53 -4.22
CA VAL D 676 -7.51 2.64 -3.88
C VAL D 676 -8.30 3.81 -3.31
N ARG D 677 -9.43 4.13 -3.93
CA ARG D 677 -10.27 5.24 -3.50
C ARG D 677 -10.80 5.01 -2.09
N LYS D 678 -11.02 3.75 -1.73
CA LYS D 678 -11.34 3.44 -0.33
C LYS D 678 -10.06 3.47 0.52
N LEU D 679 -9.09 2.63 0.19
CA LEU D 679 -7.86 2.53 0.99
C LEU D 679 -7.17 3.88 1.19
N LEU D 680 -7.50 4.87 0.36
CA LEU D 680 -6.97 6.22 0.53
C LEU D 680 -7.49 6.86 1.81
N LYS D 681 -8.68 6.44 2.24
CA LYS D 681 -9.18 6.79 3.56
C LYS D 681 -9.62 5.52 4.30
N GLY D 682 -8.87 5.14 5.33
CA GLY D 682 -9.16 3.93 6.06
C GLY D 682 -9.34 2.71 5.16
N LEU E 55 72.36 -52.78 23.78
CA LEU E 55 72.23 -53.01 22.35
C LEU E 55 71.37 -54.24 22.04
N GLU E 56 71.57 -55.31 22.80
CA GLU E 56 70.71 -56.49 22.67
C GLU E 56 69.30 -56.12 23.15
N GLU E 57 69.24 -55.20 24.10
CA GLU E 57 67.97 -54.65 24.55
C GLU E 57 67.25 -53.96 23.40
N THR E 58 67.95 -53.06 22.71
CA THR E 58 67.36 -52.35 21.58
C THR E 58 66.75 -53.30 20.55
N ARG E 59 67.50 -54.34 20.17
CA ARG E 59 67.00 -55.35 19.23
C ARG E 59 65.75 -56.02 19.79
N TYR E 60 65.85 -56.50 21.03
CA TYR E 60 64.73 -57.14 21.70
C TYR E 60 63.46 -56.30 21.66
N VAL E 61 63.50 -55.18 22.37
CA VAL E 61 62.39 -54.24 22.45
C VAL E 61 61.85 -53.78 21.11
N PHE E 62 62.68 -53.09 20.32
CA PHE E 62 62.21 -52.47 19.08
C PHE E 62 62.15 -53.36 17.83
N LEU E 63 63.17 -54.19 17.61
CA LEU E 63 63.11 -55.13 16.51
C LEU E 63 62.23 -56.32 16.87
N GLY E 64 62.42 -56.86 18.07
CA GLY E 64 61.64 -58.01 18.51
C GLY E 64 60.21 -57.64 18.85
N GLY E 65 60.02 -56.44 19.38
CA GLY E 65 58.70 -55.98 19.78
C GLY E 65 57.80 -55.76 18.58
N ASN E 66 58.39 -55.29 17.49
CA ASN E 66 57.65 -55.13 16.24
C ASN E 66 57.77 -56.38 15.39
N GLN E 67 58.46 -57.39 15.94
CA GLN E 67 58.59 -58.69 15.29
C GLN E 67 59.22 -58.56 13.91
N LEU E 68 60.13 -57.60 13.77
CA LEU E 68 60.71 -57.26 12.47
C LEU E 68 61.47 -58.42 11.85
N GLU E 69 62.33 -59.05 12.64
CA GLU E 69 63.18 -60.12 12.14
C GLU E 69 62.35 -61.20 11.43
N VAL E 70 61.17 -61.47 11.96
CA VAL E 70 60.26 -62.42 11.31
C VAL E 70 59.49 -61.83 10.13
N ARG E 71 59.01 -60.60 10.27
CA ARG E 71 58.18 -59.98 9.24
C ARG E 71 58.91 -59.75 7.93
N PHE E 72 60.15 -59.27 8.00
CA PHE E 72 60.88 -58.87 6.80
C PHE E 72 60.81 -59.86 5.63
N PRO E 73 61.23 -61.11 5.85
CA PRO E 73 61.22 -62.02 4.68
C PRO E 73 59.82 -62.33 4.19
N GLU E 74 58.81 -62.21 5.04
CA GLU E 74 57.44 -62.44 4.58
C GLU E 74 56.70 -61.15 4.21
N HIS E 75 57.36 -60.01 4.38
CA HIS E 75 56.77 -58.73 4.03
C HIS E 75 56.59 -58.64 2.52
N PRO E 76 55.32 -58.59 2.07
CA PRO E 76 54.96 -58.55 0.65
C PRO E 76 54.91 -57.12 0.10
N HIS E 77 55.96 -56.36 0.34
CA HIS E 77 56.08 -55.01 -0.20
C HIS E 77 57.54 -54.69 -0.47
N PRO E 78 57.80 -53.78 -1.43
CA PRO E 78 59.19 -53.43 -1.70
C PRO E 78 59.78 -52.58 -0.58
N LEU E 79 58.90 -51.82 0.08
CA LEU E 79 59.31 -50.84 1.09
C LEU E 79 58.69 -51.08 2.46
N PHE E 80 59.53 -51.10 3.49
CA PHE E 80 59.05 -51.20 4.86
C PHE E 80 59.26 -49.86 5.56
N VAL E 81 58.18 -49.23 6.00
CA VAL E 81 58.26 -47.92 6.64
C VAL E 81 58.20 -48.01 8.16
N VAL E 82 59.23 -47.48 8.81
CA VAL E 82 59.32 -47.47 10.27
C VAL E 82 59.35 -46.03 10.75
N ALA E 83 58.67 -45.75 11.86
CA ALA E 83 58.65 -44.40 12.40
C ALA E 83 59.07 -44.38 13.87
N GLU E 84 59.68 -43.27 14.29
CA GLU E 84 60.30 -43.18 15.61
C GLU E 84 60.05 -41.83 16.29
N SER E 85 59.52 -41.91 17.51
CA SER E 85 59.10 -40.74 18.28
C SER E 85 60.27 -39.85 18.68
N GLY E 86 61.43 -40.44 18.88
CA GLY E 86 62.63 -39.63 18.93
C GLY E 86 63.86 -40.37 18.48
N PHE E 87 64.77 -39.62 17.86
CA PHE E 87 65.94 -40.19 17.22
C PHE E 87 67.06 -40.40 18.22
N GLY E 88 67.15 -39.48 19.18
CA GLY E 88 68.23 -39.50 20.15
C GLY E 88 69.60 -39.57 19.51
N THR E 89 70.39 -40.54 19.97
CA THR E 89 71.74 -40.74 19.51
C THR E 89 71.80 -41.43 18.15
N GLY E 90 70.72 -42.12 17.79
CA GLY E 90 70.65 -42.84 16.53
C GLY E 90 70.81 -44.34 16.71
N LEU E 91 70.99 -44.75 17.96
CA LEU E 91 71.20 -46.15 18.31
C LEU E 91 70.12 -47.05 17.69
N ASN E 92 68.87 -46.73 17.97
CA ASN E 92 67.76 -47.53 17.48
C ASN E 92 67.77 -47.66 15.96
N PHE E 93 67.93 -46.52 15.29
CA PHE E 93 67.99 -46.51 13.83
C PHE E 93 69.14 -47.36 13.29
N LEU E 94 70.35 -47.15 13.81
CA LEU E 94 71.51 -47.90 13.34
C LEU E 94 71.37 -49.41 13.54
N THR E 95 70.89 -49.81 14.72
CA THR E 95 70.63 -51.22 15.00
C THR E 95 69.66 -51.79 13.97
N LEU E 96 68.57 -51.06 13.75
CA LEU E 96 67.62 -51.44 12.71
C LEU E 96 68.32 -51.61 11.37
N TRP E 97 69.22 -50.68 11.06
CA TRP E 97 69.92 -50.70 9.78
C TRP E 97 70.72 -51.98 9.63
N GLN E 98 71.57 -52.27 10.62
CA GLN E 98 72.30 -53.53 10.64
C GLN E 98 71.37 -54.72 10.41
N ALA E 99 70.25 -54.74 11.13
CA ALA E 99 69.28 -55.82 10.97
C ALA E 99 68.78 -55.96 9.52
N PHE E 100 68.42 -54.83 8.92
CA PHE E 100 67.89 -54.82 7.55
C PHE E 100 68.94 -55.27 6.57
N ASP E 101 70.19 -54.88 6.81
CA ASP E 101 71.29 -55.26 5.95
C ASP E 101 71.49 -56.78 6.03
N GLN E 102 71.50 -57.31 7.24
CA GLN E 102 71.63 -58.76 7.44
C GLN E 102 70.50 -59.52 6.76
N PHE E 103 69.28 -59.00 6.84
CA PHE E 103 68.15 -59.62 6.17
C PHE E 103 68.31 -59.62 4.65
N ARG E 104 68.54 -58.45 4.07
CA ARG E 104 68.71 -58.34 2.64
C ARG E 104 69.83 -59.27 2.19
N GLU E 105 70.83 -59.44 3.06
CA GLU E 105 71.92 -60.35 2.80
C GLU E 105 71.40 -61.78 2.69
N ALA E 106 70.65 -62.21 3.71
CA ALA E 106 70.18 -63.59 3.79
C ALA E 106 68.99 -63.94 2.90
N HIS E 107 68.25 -62.93 2.45
CA HIS E 107 67.11 -63.19 1.55
C HIS E 107 67.11 -62.23 0.36
N PRO E 108 68.17 -62.27 -0.44
CA PRO E 108 68.29 -61.37 -1.60
C PRO E 108 67.02 -61.41 -2.43
N GLN E 109 66.35 -62.57 -2.42
CA GLN E 109 65.17 -62.79 -3.24
C GLN E 109 63.92 -62.09 -2.68
N ALA E 110 64.01 -61.62 -1.44
CA ALA E 110 62.83 -61.11 -0.74
C ALA E 110 62.09 -60.02 -1.50
N GLN E 111 60.77 -59.98 -1.35
CA GLN E 111 59.99 -58.94 -2.00
C GLN E 111 60.25 -57.58 -1.34
N LEU E 112 60.93 -57.58 -0.21
CA LEU E 112 61.24 -56.34 0.47
C LEU E 112 62.67 -55.93 0.19
N GLN E 113 62.86 -54.95 -0.69
CA GLN E 113 64.20 -54.45 -0.97
C GLN E 113 64.62 -53.17 -0.25
N ARG E 114 63.67 -52.46 0.35
CA ARG E 114 63.97 -51.08 0.76
C ARG E 114 63.40 -50.65 2.10
N LEU E 115 64.27 -50.13 2.96
CA LEU E 115 63.87 -49.65 4.27
C LEU E 115 63.68 -48.15 4.28
N HIS E 116 62.62 -47.70 4.94
CA HIS E 116 62.38 -46.27 5.11
C HIS E 116 62.22 -45.92 6.59
N PHE E 117 62.87 -44.86 7.03
CA PHE E 117 62.87 -44.48 8.45
C PHE E 117 62.52 -43.01 8.66
N ILE E 118 61.42 -42.77 9.37
CA ILE E 118 60.98 -41.43 9.70
C ILE E 118 61.09 -41.22 11.20
N SER E 119 61.94 -40.29 11.63
CA SER E 119 62.15 -40.09 13.06
C SER E 119 62.06 -38.62 13.44
N PHE E 120 61.88 -38.33 14.73
CA PHE E 120 61.87 -36.93 15.16
C PHE E 120 62.94 -36.61 16.21
N GLU E 121 63.41 -35.37 16.22
CA GLU E 121 64.29 -34.91 17.30
C GLU E 121 64.07 -33.44 17.63
N LYS E 122 63.98 -33.11 18.91
CA LYS E 122 63.91 -31.70 19.31
C LYS E 122 65.29 -31.04 19.30
N PHE E 123 66.27 -31.67 19.94
CA PHE E 123 67.64 -31.14 19.91
C PHE E 123 68.56 -32.11 19.17
N PRO E 124 68.90 -31.77 17.93
CA PRO E 124 69.78 -32.66 17.17
C PRO E 124 71.18 -32.64 17.76
N LEU E 125 71.79 -33.81 17.89
CA LEU E 125 73.17 -33.86 18.32
C LEU E 125 74.04 -33.37 17.18
N THR E 126 75.21 -32.86 17.52
CA THR E 126 76.21 -32.44 16.55
C THR E 126 76.95 -33.66 15.99
N ARG E 127 77.55 -33.51 14.81
CA ARG E 127 78.34 -34.59 14.22
C ARG E 127 79.37 -35.14 15.20
N ALA E 128 79.98 -34.25 15.97
CA ALA E 128 80.90 -34.63 17.04
C ALA E 128 80.22 -35.54 18.06
N ASP E 129 79.24 -34.99 18.77
CA ASP E 129 78.50 -35.72 19.81
C ASP E 129 78.01 -37.05 19.27
N LEU E 130 77.56 -37.05 18.03
CA LEU E 130 77.07 -38.26 17.37
C LEU E 130 78.19 -39.29 17.19
N ALA E 131 79.36 -38.83 16.78
CA ALA E 131 80.51 -39.73 16.64
C ALA E 131 80.87 -40.34 17.98
N LEU E 132 80.96 -39.49 19.00
CA LEU E 132 81.22 -39.95 20.36
C LEU E 132 80.25 -41.07 20.74
N ALA E 133 78.96 -40.79 20.62
CA ALA E 133 77.94 -41.78 20.95
C ALA E 133 78.19 -43.08 20.19
N HIS E 134 78.35 -42.97 18.88
CA HIS E 134 78.52 -44.14 18.03
C HIS E 134 79.76 -44.97 18.36
N GLN E 135 80.73 -44.35 19.02
CA GLN E 135 81.94 -45.06 19.40
C GLN E 135 81.69 -46.18 20.43
N HIS E 136 80.68 -46.01 21.26
CA HIS E 136 80.38 -46.97 22.33
C HIS E 136 79.98 -48.35 21.80
N TRP E 137 79.49 -48.40 20.58
CA TRP E 137 79.14 -49.67 19.96
C TRP E 137 79.90 -49.84 18.65
N PRO E 138 81.14 -50.36 18.75
CA PRO E 138 82.01 -50.51 17.59
C PRO E 138 81.35 -51.34 16.50
N GLU E 139 80.52 -52.28 16.93
CA GLU E 139 79.86 -53.22 16.03
C GLU E 139 79.10 -52.51 14.91
N LEU E 140 78.62 -51.30 15.19
CA LEU E 140 77.78 -50.58 14.24
C LEU E 140 78.56 -49.60 13.36
N ALA E 141 79.86 -49.54 13.55
CA ALA E 141 80.68 -48.53 12.89
C ALA E 141 80.36 -48.35 11.39
N PRO E 142 80.42 -49.44 10.60
CA PRO E 142 80.19 -49.33 9.15
C PRO E 142 78.93 -48.55 8.80
N TRP E 143 77.87 -48.72 9.59
CA TRP E 143 76.65 -47.97 9.38
C TRP E 143 76.75 -46.56 9.96
N ALA E 144 77.22 -46.48 11.20
CA ALA E 144 77.32 -45.21 11.92
C ALA E 144 78.04 -44.17 11.07
N GLU E 145 79.22 -44.55 10.58
CA GLU E 145 80.01 -43.69 9.71
C GLU E 145 79.12 -43.08 8.65
N GLN E 146 78.48 -43.92 7.84
CA GLN E 146 77.67 -43.42 6.75
C GLN E 146 76.75 -42.32 7.27
N LEU E 147 76.04 -42.60 8.36
CA LEU E 147 75.11 -41.62 8.91
C LEU E 147 75.81 -40.29 9.14
N GLN E 148 76.92 -40.35 9.88
CA GLN E 148 77.75 -39.18 10.15
C GLN E 148 78.07 -38.40 8.89
N ALA E 149 78.48 -39.11 7.84
CA ALA E 149 78.86 -38.44 6.61
C ALA E 149 77.74 -37.53 6.11
N GLN E 150 76.51 -38.01 6.19
CA GLN E 150 75.37 -37.26 5.68
C GLN E 150 74.58 -36.48 6.72
N TRP E 151 75.04 -36.46 7.96
CA TRP E 151 74.30 -35.86 9.05
C TRP E 151 73.90 -34.42 8.72
N PRO E 152 72.59 -34.15 8.68
CA PRO E 152 71.97 -32.92 8.19
C PRO E 152 72.29 -31.64 8.98
N MET E 153 72.09 -30.50 8.34
CA MET E 153 72.22 -29.22 9.00
C MET E 153 71.00 -28.98 9.87
N PRO E 154 71.22 -28.58 11.13
CA PRO E 154 70.17 -28.47 12.15
C PRO E 154 69.15 -27.37 11.88
N LEU E 155 68.49 -27.44 10.73
CA LEU E 155 67.38 -26.56 10.40
C LEU E 155 66.04 -27.16 10.81
N PRO E 156 65.03 -26.31 10.98
CA PRO E 156 63.68 -26.82 11.28
C PRO E 156 63.14 -27.60 10.10
N GLY E 157 62.24 -28.54 10.36
CA GLY E 157 61.57 -29.25 9.28
C GLY E 157 62.14 -30.63 8.99
N CYS E 158 61.72 -31.19 7.85
CA CYS E 158 62.11 -32.54 7.46
C CYS E 158 63.38 -32.53 6.61
N HIS E 159 64.25 -33.50 6.87
CA HIS E 159 65.51 -33.65 6.13
C HIS E 159 65.72 -35.10 5.71
N ARG E 160 65.79 -35.33 4.40
CA ARG E 160 65.96 -36.68 3.89
C ARG E 160 67.41 -37.03 3.57
N LEU E 161 67.86 -38.17 4.12
CA LEU E 161 69.15 -38.75 3.80
C LEU E 161 68.94 -40.02 3.00
N LEU E 162 69.53 -40.07 1.81
CA LEU E 162 69.58 -41.29 1.03
C LEU E 162 70.84 -42.07 1.39
N LEU E 163 70.65 -43.27 1.92
CA LEU E 163 71.75 -44.10 2.40
C LEU E 163 71.81 -45.43 1.66
N ASP E 164 73.02 -45.94 1.47
CA ASP E 164 73.24 -47.14 0.68
C ASP E 164 72.63 -46.94 -0.71
N GLU E 165 72.90 -45.76 -1.27
CA GLU E 165 72.39 -45.35 -2.59
C GLU E 165 70.88 -45.58 -2.78
N GLY E 166 70.12 -45.36 -1.71
CA GLY E 166 68.68 -45.31 -1.80
C GLY E 166 67.99 -46.57 -1.30
N ARG E 167 68.77 -47.51 -0.79
CA ARG E 167 68.19 -48.72 -0.21
C ARG E 167 67.74 -48.46 1.22
N VAL E 168 68.23 -47.38 1.82
CA VAL E 168 67.70 -46.93 3.10
C VAL E 168 67.44 -45.43 3.08
N THR E 169 66.20 -45.02 3.23
CA THR E 169 65.88 -43.60 3.27
C THR E 169 65.59 -43.17 4.70
N LEU E 170 66.04 -41.97 5.07
CA LEU E 170 65.84 -41.49 6.43
C LEU E 170 65.33 -40.05 6.47
N ASP E 171 64.11 -39.85 6.94
CA ASP E 171 63.62 -38.49 7.12
C ASP E 171 63.72 -38.11 8.59
N LEU E 172 64.64 -37.21 8.91
CA LEU E 172 64.76 -36.68 10.26
C LEU E 172 63.99 -35.38 10.36
N TRP E 173 63.09 -35.28 11.34
CA TRP E 173 62.39 -34.04 11.57
C TRP E 173 62.96 -33.34 12.80
N PHE E 174 63.45 -32.12 12.61
CA PHE E 174 63.91 -31.31 13.73
C PHE E 174 62.77 -30.40 14.17
N GLY E 175 62.47 -30.45 15.45
CA GLY E 175 61.37 -29.71 16.02
C GLY E 175 60.81 -30.49 17.20
N ASP E 176 59.62 -30.14 17.64
CA ASP E 176 58.97 -30.87 18.70
C ASP E 176 57.91 -31.79 18.10
N ILE E 177 58.06 -33.10 18.32
CA ILE E 177 57.17 -34.07 17.70
C ILE E 177 55.69 -33.71 17.85
N ASN E 178 55.30 -33.23 19.02
CA ASN E 178 53.91 -32.90 19.28
C ASN E 178 53.41 -31.75 18.40
N GLU E 179 54.28 -30.79 18.13
CA GLU E 179 53.94 -29.67 17.26
C GLU E 179 53.97 -30.08 15.79
N LEU E 180 54.86 -31.01 15.44
CA LEU E 180 55.02 -31.45 14.06
C LEU E 180 53.96 -32.44 13.57
N THR E 181 53.44 -33.26 14.49
CA THR E 181 52.39 -34.22 14.13
C THR E 181 51.27 -33.54 13.34
N SER E 182 50.88 -32.36 13.79
CA SER E 182 49.83 -31.59 13.15
C SER E 182 50.18 -31.16 11.71
N GLN E 183 51.47 -30.87 11.49
CA GLN E 183 51.91 -30.32 10.20
C GLN E 183 52.27 -31.39 9.17
N LEU E 184 52.35 -32.64 9.59
CA LEU E 184 52.59 -33.76 8.66
C LEU E 184 51.52 -33.82 7.57
N ASP E 185 51.93 -34.24 6.37
CA ASP E 185 50.98 -34.33 5.26
C ASP E 185 50.11 -35.57 5.33
N ASP E 186 48.90 -35.47 4.78
CA ASP E 186 47.92 -36.56 4.83
C ASP E 186 48.40 -37.84 4.13
N SER E 187 49.27 -37.67 3.13
CA SER E 187 49.76 -38.79 2.34
C SER E 187 50.51 -39.78 3.22
N LEU E 188 50.91 -39.32 4.40
CA LEU E 188 51.64 -40.13 5.36
C LEU E 188 50.71 -41.06 6.14
N ASN E 189 49.48 -40.63 6.37
CA ASN E 189 48.55 -41.41 7.18
C ASN E 189 48.47 -42.86 6.69
N GLN E 190 48.63 -43.80 7.61
CA GLN E 190 48.55 -45.22 7.29
C GLN E 190 49.65 -45.75 6.37
N LYS E 191 50.82 -45.13 6.41
CA LYS E 191 52.00 -45.69 5.73
C LYS E 191 53.02 -46.39 6.64
N VAL E 192 52.78 -46.37 7.95
CA VAL E 192 53.77 -46.87 8.91
C VAL E 192 53.58 -48.34 9.30
N ASP E 193 54.56 -49.17 8.94
CA ASP E 193 54.48 -50.60 9.22
C ASP E 193 54.83 -50.93 10.67
N ALA E 194 55.80 -50.21 11.22
CA ALA E 194 56.22 -50.43 12.60
C ALA E 194 56.59 -49.13 13.29
N TRP E 195 56.14 -48.95 14.53
CA TRP E 195 56.47 -47.78 15.33
C TRP E 195 57.52 -48.11 16.38
N PHE E 196 58.54 -47.25 16.47
CA PHE E 196 59.44 -47.30 17.61
C PHE E 196 59.04 -46.19 18.55
N LEU E 197 58.43 -46.56 19.67
CA LEU E 197 58.03 -45.56 20.64
C LEU E 197 59.15 -45.46 21.65
N ASP E 198 59.90 -44.36 21.59
CA ASP E 198 61.14 -44.21 22.32
C ASP E 198 61.29 -42.80 22.85
N GLY E 199 62.11 -42.66 23.88
CA GLY E 199 62.34 -41.37 24.50
C GLY E 199 62.59 -41.57 25.98
N PHE E 200 62.55 -40.49 26.74
CA PHE E 200 62.74 -40.61 28.18
C PHE E 200 61.58 -41.39 28.78
N ALA E 201 61.85 -42.12 29.86
CA ALA E 201 60.82 -42.93 30.49
C ALA E 201 59.60 -42.04 30.73
N PRO E 202 58.39 -42.62 30.60
CA PRO E 202 57.17 -41.83 30.82
C PRO E 202 57.28 -41.11 32.16
N ALA E 203 57.87 -41.78 33.13
CA ALA E 203 58.27 -41.14 34.38
C ALA E 203 59.63 -40.46 34.16
N LYS E 204 59.76 -39.25 34.71
CA LYS E 204 60.95 -38.40 34.56
C LYS E 204 60.96 -37.53 33.30
N ASN E 205 60.13 -37.84 32.32
CA ASN E 205 59.77 -36.87 31.28
C ASN E 205 58.38 -37.03 30.69
N PRO E 206 57.33 -36.79 31.50
CA PRO E 206 55.98 -37.02 30.96
C PRO E 206 55.67 -36.17 29.73
N ASP E 207 56.44 -35.11 29.51
CA ASP E 207 56.14 -34.14 28.47
C ASP E 207 55.89 -34.71 27.06
N MET E 208 56.63 -35.75 26.68
CA MET E 208 56.49 -36.30 25.33
C MET E 208 55.28 -37.22 25.18
N TRP E 209 54.92 -37.92 26.25
CA TRP E 209 53.91 -38.97 26.13
C TRP E 209 52.53 -38.37 26.36
N THR E 210 51.76 -38.29 25.29
CA THR E 210 50.51 -37.55 25.28
C THR E 210 49.53 -38.21 24.31
N GLN E 211 48.24 -37.96 24.52
CA GLN E 211 47.24 -38.57 23.66
C GLN E 211 47.36 -38.02 22.24
N ASN E 212 47.89 -36.81 22.12
CA ASN E 212 48.19 -36.24 20.82
C ASN E 212 49.11 -37.18 20.07
N LEU E 213 50.26 -37.45 20.69
CA LEU E 213 51.23 -38.39 20.13
C LEU E 213 50.62 -39.75 19.81
N PHE E 214 50.00 -40.38 20.80
CA PHE E 214 49.39 -41.68 20.62
C PHE E 214 48.47 -41.69 19.40
N ASN E 215 47.58 -40.71 19.33
CA ASN E 215 46.63 -40.60 18.23
C ASN E 215 47.31 -40.38 16.89
N ALA E 216 48.37 -39.60 16.88
CA ALA E 216 49.13 -39.38 15.64
C ALA E 216 49.71 -40.70 15.16
N MET E 217 50.18 -41.50 16.12
CA MET E 217 50.76 -42.81 15.84
C MET E 217 49.70 -43.75 15.29
N ALA E 218 48.50 -43.69 15.85
CA ALA E 218 47.40 -44.54 15.39
C ALA E 218 46.94 -44.12 13.99
N ARG E 219 46.97 -42.81 13.73
CA ARG E 219 46.61 -42.26 12.44
C ARG E 219 47.61 -42.70 11.38
N LEU E 220 48.90 -42.58 11.71
CA LEU E 220 49.97 -42.89 10.78
C LEU E 220 50.21 -44.37 10.61
N ALA E 221 49.72 -45.18 11.53
CA ALA E 221 50.02 -46.60 11.48
C ALA E 221 49.24 -47.23 10.34
N ARG E 222 49.52 -48.50 10.07
CA ARG E 222 48.96 -49.17 8.92
C ARG E 222 48.02 -50.24 9.42
N PRO E 223 47.02 -50.62 8.61
CA PRO E 223 46.23 -51.76 9.07
C PRO E 223 47.16 -52.94 9.24
N GLY E 224 47.13 -53.56 10.41
CA GLY E 224 48.07 -54.62 10.73
C GLY E 224 49.42 -54.09 11.17
N GLY E 225 49.54 -52.76 11.27
CA GLY E 225 50.78 -52.11 11.67
C GLY E 225 51.08 -52.31 13.15
N THR E 226 52.36 -52.27 13.51
CA THR E 226 52.73 -52.54 14.89
C THR E 226 53.43 -51.38 15.60
N LEU E 227 53.71 -51.58 16.88
CA LEU E 227 54.50 -50.67 17.69
C LEU E 227 55.06 -51.39 18.88
N ALA E 228 56.12 -50.83 19.46
CA ALA E 228 56.71 -51.39 20.66
C ALA E 228 57.36 -50.30 21.51
N THR E 229 57.34 -50.49 22.83
CA THR E 229 57.94 -49.56 23.77
C THR E 229 58.53 -50.28 24.96
N PHE E 230 59.61 -49.71 25.48
CA PHE E 230 60.28 -50.25 26.65
C PHE E 230 59.43 -50.08 27.90
N THR E 231 58.57 -49.06 27.93
CA THR E 231 57.76 -48.76 29.12
C THR E 231 56.50 -49.59 29.24
N SER E 232 56.17 -49.98 30.48
CA SER E 232 54.90 -50.66 30.77
C SER E 232 53.82 -49.73 31.31
N ALA E 233 54.14 -48.43 31.42
CA ALA E 233 53.32 -47.51 32.21
C ALA E 233 51.83 -47.58 31.85
N GLY E 234 51.00 -47.74 32.88
CA GLY E 234 49.58 -47.89 32.70
C GLY E 234 48.92 -46.83 31.83
N PHE E 235 49.31 -45.57 32.02
CA PHE E 235 48.69 -44.48 31.28
C PHE E 235 49.09 -44.51 29.81
N VAL E 236 50.27 -45.06 29.52
CA VAL E 236 50.75 -45.20 28.15
C VAL E 236 49.95 -46.29 27.42
N ARG E 237 49.84 -47.45 28.05
CA ARG E 237 49.06 -48.55 27.50
C ARG E 237 47.61 -48.11 27.28
N ARG E 238 47.03 -47.48 28.30
CA ARG E 238 45.68 -46.95 28.21
C ARG E 238 45.54 -45.98 27.04
N GLY E 239 46.39 -44.95 27.02
CA GLY E 239 46.37 -43.97 25.96
C GLY E 239 46.39 -44.61 24.59
N LEU E 240 47.29 -45.57 24.40
CA LEU E 240 47.41 -46.25 23.11
C LEU E 240 46.15 -47.03 22.77
N GLN E 241 45.55 -47.66 23.77
CA GLN E 241 44.31 -48.38 23.54
C GLN E 241 43.22 -47.42 23.07
N ASP E 242 43.15 -46.27 23.73
CA ASP E 242 42.22 -45.22 23.34
C ASP E 242 42.45 -44.87 21.88
N ALA E 243 43.73 -44.76 21.52
CA ALA E 243 44.10 -44.35 20.18
C ALA E 243 43.66 -45.38 19.14
N GLY E 244 43.26 -46.56 19.61
CA GLY E 244 42.82 -47.61 18.71
C GLY E 244 43.73 -48.82 18.61
N PHE E 245 44.90 -48.74 19.25
CA PHE E 245 45.81 -49.88 19.28
C PHE E 245 45.36 -51.02 20.20
N THR E 246 45.67 -52.24 19.78
CA THR E 246 45.51 -53.41 20.62
C THR E 246 46.82 -53.69 21.32
N MET E 247 46.85 -53.47 22.62
CA MET E 247 48.09 -53.57 23.38
C MET E 247 48.28 -54.94 24.00
N GLN E 248 49.53 -55.40 24.00
CA GLN E 248 49.93 -56.65 24.62
C GLN E 248 51.12 -56.40 25.54
N LYS E 249 51.03 -56.84 26.78
CA LYS E 249 52.13 -56.74 27.71
C LYS E 249 53.15 -57.84 27.43
N ARG E 250 54.43 -57.51 27.56
CA ARG E 250 55.50 -58.49 27.33
C ARG E 250 56.57 -58.34 28.40
N LYS E 251 57.39 -59.38 28.57
CA LYS E 251 58.49 -59.32 29.53
C LYS E 251 59.49 -58.25 29.11
N GLY E 252 59.85 -57.35 30.02
CA GLY E 252 60.92 -56.42 29.76
C GLY E 252 62.19 -57.23 29.52
N PHE E 253 63.21 -56.62 28.93
CA PHE E 253 64.43 -57.36 28.64
C PHE E 253 65.24 -57.60 29.91
N GLY E 254 65.60 -58.87 30.15
CA GLY E 254 66.42 -59.21 31.30
C GLY E 254 65.77 -58.90 32.63
N ARG E 255 66.44 -58.07 33.42
CA ARG E 255 66.00 -57.70 34.75
C ARG E 255 64.89 -56.64 34.80
N LYS E 256 64.55 -56.07 33.64
CA LYS E 256 63.57 -54.98 33.60
C LYS E 256 62.15 -55.51 33.74
N ARG E 257 61.28 -54.72 34.37
CA ARG E 257 59.97 -55.20 34.79
C ARG E 257 59.17 -55.83 33.65
N GLU E 258 58.64 -54.98 32.77
CA GLU E 258 57.97 -55.46 31.57
C GLU E 258 57.89 -54.32 30.57
N MET E 259 57.70 -54.69 29.31
CA MET E 259 57.53 -53.72 28.25
C MET E 259 56.16 -53.89 27.61
N LEU E 260 55.87 -53.04 26.63
CA LEU E 260 54.52 -52.93 26.11
C LEU E 260 54.53 -52.82 24.58
N CYS E 261 53.84 -53.71 23.88
CA CYS E 261 53.80 -53.58 22.42
C CYS E 261 52.45 -53.97 21.81
N GLY E 262 52.09 -53.32 20.70
CA GLY E 262 50.74 -53.45 20.20
C GLY E 262 50.57 -53.41 18.69
N VAL E 263 49.35 -53.71 18.25
CA VAL E 263 49.04 -53.81 16.83
C VAL E 263 47.79 -53.00 16.48
N MET E 264 47.75 -52.45 15.27
CA MET E 264 46.55 -51.78 14.82
C MET E 264 45.78 -52.88 14.13
N GLU E 265 44.71 -53.33 14.78
CA GLU E 265 43.97 -54.49 14.31
C GLU E 265 42.74 -54.09 13.51
N GLN E 266 42.49 -52.79 13.42
CA GLN E 266 41.32 -52.32 12.69
C GLN E 266 41.73 -51.39 11.56
N THR E 267 40.75 -50.99 10.76
CA THR E 267 40.99 -50.02 9.71
C THR E 267 40.22 -48.75 10.02
N LEU E 268 40.95 -47.71 10.41
CA LEU E 268 40.35 -46.42 10.70
C LEU E 268 40.11 -45.65 9.42
N PRO E 269 39.14 -44.72 9.44
CA PRO E 269 38.89 -43.81 8.31
C PRO E 269 40.02 -42.78 8.15
N LEU E 270 40.46 -42.53 6.91
CA LEU E 270 41.53 -41.59 6.65
C LEU E 270 41.08 -40.16 6.93
N PRO E 271 41.76 -39.48 7.87
CA PRO E 271 41.44 -38.12 8.34
C PRO E 271 41.26 -37.08 7.24
N CYS E 272 42.13 -37.09 6.23
CA CYS E 272 42.05 -36.17 5.09
C CYS E 272 41.77 -34.71 5.49
N SER E 273 42.75 -34.10 6.16
CA SER E 273 42.58 -32.76 6.72
C SER E 273 42.18 -31.71 5.69
N ALA E 274 42.90 -31.66 4.57
CA ALA E 274 42.63 -30.69 3.53
C ALA E 274 42.70 -31.32 2.14
N PRO E 275 41.58 -31.89 1.70
CA PRO E 275 41.56 -32.65 0.44
C PRO E 275 41.82 -31.78 -0.78
N TRP E 276 41.48 -30.49 -0.69
CA TRP E 276 41.57 -29.62 -1.88
C TRP E 276 42.93 -29.59 -2.57
N PHE E 277 44.02 -29.36 -1.83
CA PHE E 277 45.32 -29.73 -2.41
C PHE E 277 45.84 -31.00 -1.75
N ASN E 278 45.75 -32.09 -2.52
CA ASN E 278 45.88 -33.43 -2.01
C ASN E 278 46.67 -34.24 -3.01
N ARG E 279 47.68 -34.96 -2.55
CA ARG E 279 48.60 -35.58 -3.49
C ARG E 279 48.39 -37.09 -3.71
N THR E 280 47.84 -37.41 -4.87
CA THR E 280 47.54 -38.78 -5.28
C THR E 280 48.80 -39.44 -5.80
N GLY E 281 48.87 -40.76 -5.66
CA GLY E 281 49.94 -41.54 -6.27
C GLY E 281 49.41 -42.29 -7.48
N SER E 282 50.05 -43.42 -7.79
CA SER E 282 49.57 -44.30 -8.85
C SER E 282 49.90 -45.75 -8.56
N SER E 283 49.04 -46.65 -9.02
CA SER E 283 49.21 -48.08 -8.78
C SER E 283 50.15 -48.72 -9.80
N LYS E 284 50.41 -48.00 -10.88
CA LYS E 284 51.24 -48.51 -11.97
C LYS E 284 52.73 -48.22 -11.78
N ARG E 285 53.57 -49.17 -12.18
CA ARG E 285 55.03 -48.99 -12.11
C ARG E 285 55.74 -48.61 -13.42
N GLU E 286 54.98 -48.38 -14.48
CA GLU E 286 55.57 -48.00 -15.78
C GLU E 286 55.27 -46.55 -16.16
N ALA E 287 56.33 -45.76 -16.35
CA ALA E 287 56.18 -44.32 -16.57
C ALA E 287 56.89 -43.80 -17.80
N ALA E 288 56.38 -42.67 -18.30
CA ALA E 288 57.00 -41.93 -19.39
C ALA E 288 57.12 -40.45 -19.02
N ILE E 289 58.34 -39.93 -19.11
CA ILE E 289 58.62 -38.54 -18.79
C ILE E 289 58.83 -37.73 -20.07
N ILE E 290 58.29 -36.51 -20.08
CA ILE E 290 58.54 -35.56 -21.14
C ILE E 290 59.51 -34.53 -20.58
N GLY E 291 60.67 -34.38 -21.22
CA GLY E 291 61.83 -33.85 -20.51
C GLY E 291 63.11 -33.92 -21.33
N GLY E 292 64.23 -34.09 -20.64
CA GLY E 292 65.56 -33.86 -21.17
C GLY E 292 66.22 -32.71 -20.43
N GLY E 293 65.47 -32.05 -19.57
CA GLY E 293 66.05 -31.07 -18.66
C GLY E 293 66.50 -31.73 -17.36
N ILE E 294 67.02 -30.91 -16.45
CA ILE E 294 67.52 -31.39 -15.16
C ILE E 294 66.47 -32.16 -14.36
N ALA E 295 65.31 -31.54 -14.16
CA ALA E 295 64.20 -32.17 -13.45
C ALA E 295 63.91 -33.55 -14.02
N SER E 296 63.92 -33.64 -15.35
CA SER E 296 63.71 -34.89 -16.04
C SER E 296 64.67 -35.96 -15.50
N ALA E 297 65.95 -35.64 -15.54
CA ALA E 297 67.00 -36.59 -15.18
C ALA E 297 66.93 -37.03 -13.73
N LEU E 298 66.89 -36.05 -12.82
CA LEU E 298 66.81 -36.37 -11.40
C LEU E 298 65.58 -37.23 -11.11
N LEU E 299 64.43 -36.83 -11.63
CA LEU E 299 63.23 -37.63 -11.49
C LEU E 299 63.48 -39.06 -11.97
N SER E 300 64.19 -39.19 -13.10
CA SER E 300 64.51 -40.50 -13.64
C SER E 300 65.24 -41.36 -12.63
N LEU E 301 66.32 -40.83 -12.06
CA LEU E 301 67.06 -41.59 -11.05
C LEU E 301 66.13 -42.00 -9.90
N ALA E 302 65.33 -41.04 -9.44
CA ALA E 302 64.45 -41.27 -8.30
C ALA E 302 63.44 -42.39 -8.54
N LEU E 303 62.92 -42.47 -9.76
CA LEU E 303 61.94 -43.51 -10.09
C LEU E 303 62.61 -44.86 -10.33
N LEU E 304 63.73 -44.85 -11.04
CA LEU E 304 64.47 -46.08 -11.32
C LEU E 304 64.87 -46.77 -10.02
N ARG E 305 65.31 -45.97 -9.05
CA ARG E 305 65.67 -46.50 -7.74
C ARG E 305 64.51 -47.26 -7.09
N ARG E 306 63.29 -46.82 -7.36
CA ARG E 306 62.09 -47.40 -6.73
C ARG E 306 61.50 -48.57 -7.51
N GLY E 307 62.22 -49.02 -8.55
CA GLY E 307 61.77 -50.16 -9.31
C GLY E 307 60.71 -49.84 -10.34
N TRP E 308 60.55 -48.56 -10.67
CA TRP E 308 59.66 -48.20 -11.77
C TRP E 308 60.37 -48.60 -13.04
N GLN E 309 59.69 -48.46 -14.16
CA GLN E 309 60.30 -48.66 -15.46
C GLN E 309 60.08 -47.36 -16.20
N VAL E 310 61.17 -46.65 -16.50
CA VAL E 310 61.05 -45.28 -16.97
C VAL E 310 61.49 -45.09 -18.42
N THR E 311 60.67 -44.38 -19.19
CA THR E 311 61.04 -44.02 -20.55
C THR E 311 61.07 -42.50 -20.65
N LEU E 312 62.15 -41.96 -21.23
CA LEU E 312 62.28 -40.51 -21.40
C LEU E 312 62.13 -40.10 -22.87
N TYR E 313 61.12 -39.30 -23.14
CA TYR E 313 60.90 -38.74 -24.47
C TYR E 313 61.37 -37.30 -24.49
N CYS E 314 62.46 -37.03 -25.19
CA CYS E 314 62.91 -35.65 -25.36
C CYS E 314 62.45 -35.13 -26.70
N ALA E 315 62.64 -33.82 -26.93
CA ALA E 315 62.16 -33.17 -28.14
C ALA E 315 63.35 -32.85 -29.03
N ASP E 316 64.28 -32.08 -28.48
CA ASP E 316 65.48 -31.70 -29.23
C ASP E 316 66.34 -32.94 -29.43
N GLU E 317 67.45 -32.79 -30.15
CA GLU E 317 68.22 -33.95 -30.58
C GLU E 317 69.19 -34.43 -29.49
N ALA E 318 69.40 -33.58 -28.50
CA ALA E 318 70.20 -33.94 -27.34
C ALA E 318 69.58 -33.32 -26.09
N PRO E 319 69.91 -33.88 -24.92
CA PRO E 319 69.38 -33.39 -23.64
C PRO E 319 70.05 -32.09 -23.20
N ALA E 320 69.38 -31.34 -22.33
CA ALA E 320 69.95 -30.12 -21.77
C ALA E 320 70.14 -29.00 -22.79
N LEU E 321 69.32 -29.00 -23.83
CA LEU E 321 69.32 -27.91 -24.78
C LEU E 321 68.24 -26.88 -24.39
N GLY E 322 67.56 -27.16 -23.28
CA GLY E 322 66.59 -26.24 -22.73
C GLY E 322 67.27 -25.25 -21.81
N ALA E 323 66.55 -24.80 -20.78
CA ALA E 323 67.07 -23.82 -19.84
C ALA E 323 68.22 -24.37 -18.98
N SER E 324 68.34 -25.68 -18.93
CA SER E 324 69.31 -26.32 -18.05
C SER E 324 70.70 -26.39 -18.67
N GLY E 325 70.84 -25.81 -19.87
CA GLY E 325 72.02 -26.04 -20.67
C GLY E 325 73.17 -25.05 -20.57
N ASN E 326 73.16 -24.16 -19.57
CA ASN E 326 74.21 -23.16 -19.50
C ASN E 326 75.52 -23.82 -19.09
N ARG E 327 76.60 -23.05 -19.11
CA ARG E 327 77.91 -23.58 -18.74
C ARG E 327 78.12 -23.65 -17.23
N GLN E 328 77.77 -22.58 -16.53
CA GLN E 328 77.91 -22.53 -15.08
C GLN E 328 76.68 -21.89 -14.42
N GLY E 329 75.99 -22.68 -13.61
CA GLY E 329 74.90 -22.16 -12.80
C GLY E 329 75.34 -21.94 -11.36
N ALA E 330 74.59 -21.08 -10.66
CA ALA E 330 74.85 -20.83 -9.25
C ALA E 330 73.92 -21.66 -8.39
N LEU E 331 74.46 -22.18 -7.28
CA LEU E 331 73.68 -22.97 -6.33
C LEU E 331 73.62 -22.27 -4.97
N TYR E 332 72.42 -21.89 -4.56
CA TYR E 332 72.22 -21.22 -3.29
C TYR E 332 70.75 -21.02 -3.02
N PRO E 333 70.37 -20.94 -1.74
CA PRO E 333 68.98 -20.82 -1.30
C PRO E 333 68.40 -19.42 -1.48
N LEU E 334 67.12 -19.38 -1.80
CA LEU E 334 66.38 -18.13 -1.76
C LEU E 334 65.66 -18.05 -0.44
N LEU E 335 65.97 -17.04 0.36
CA LEU E 335 65.41 -16.95 1.69
C LEU E 335 64.39 -15.82 1.79
N SER E 336 63.40 -16.01 2.66
CA SER E 336 62.36 -15.03 2.89
C SER E 336 62.04 -14.96 4.38
N LYS E 337 61.94 -13.74 4.90
CA LYS E 337 61.52 -13.56 6.29
C LYS E 337 60.01 -13.63 6.39
N HIS E 338 59.33 -13.01 5.43
CA HIS E 338 57.88 -12.88 5.49
C HIS E 338 57.11 -14.02 4.79
N ASP E 339 57.83 -14.87 4.07
CA ASP E 339 57.21 -16.07 3.52
C ASP E 339 57.74 -17.33 4.20
N GLU E 340 56.90 -17.97 4.99
CA GLU E 340 57.28 -19.18 5.71
C GLU E 340 57.56 -20.33 4.74
N ALA E 341 56.58 -20.59 3.88
CA ALA E 341 56.64 -21.71 2.94
C ALA E 341 57.94 -21.70 2.14
N LEU E 342 58.07 -20.66 1.30
CA LEU E 342 59.24 -20.50 0.45
C LEU E 342 60.52 -20.74 1.23
N ASN E 343 60.78 -19.89 2.21
CA ASN E 343 62.00 -19.99 3.01
C ASN E 343 62.29 -21.41 3.53
N ARG E 344 61.28 -22.04 4.13
CA ARG E 344 61.43 -23.40 4.64
C ARG E 344 61.87 -24.32 3.50
N PHE E 345 61.08 -24.32 2.44
CA PHE E 345 61.36 -25.13 1.26
C PHE E 345 62.80 -24.96 0.80
N PHE E 346 63.17 -23.75 0.41
CA PHE E 346 64.51 -23.52 -0.14
C PHE E 346 65.65 -23.84 0.82
N SER E 347 65.46 -23.63 2.11
CA SER E 347 66.48 -24.02 3.07
C SER E 347 66.71 -25.52 2.98
N ASN E 348 65.63 -26.27 3.22
CA ASN E 348 65.76 -27.72 3.25
C ASN E 348 66.17 -28.33 1.90
N ALA E 349 65.75 -27.68 0.83
CA ALA E 349 65.99 -28.18 -0.53
C ALA E 349 67.40 -27.86 -0.99
N PHE E 350 67.96 -26.78 -0.46
CA PHE E 350 69.34 -26.39 -0.72
C PHE E 350 70.28 -27.34 0.00
N THR E 351 70.01 -27.53 1.28
CA THR E 351 70.78 -28.48 2.07
C THR E 351 70.73 -29.86 1.41
N PHE E 352 69.52 -30.30 1.08
CA PHE E 352 69.35 -31.58 0.41
C PHE E 352 70.10 -31.61 -0.91
N ALA E 353 70.05 -30.51 -1.65
CA ALA E 353 70.72 -30.47 -2.93
C ALA E 353 72.20 -30.75 -2.74
N ARG E 354 72.81 -30.11 -1.76
CA ARG E 354 74.24 -30.34 -1.54
C ARG E 354 74.54 -31.78 -1.13
N ARG E 355 73.80 -32.28 -0.14
CA ARG E 355 73.97 -33.65 0.30
C ARG E 355 73.92 -34.58 -0.91
N PHE E 356 72.83 -34.44 -1.67
CA PHE E 356 72.55 -35.24 -2.85
C PHE E 356 73.65 -35.18 -3.90
N TYR E 357 74.05 -33.98 -4.29
CA TYR E 357 75.08 -33.81 -5.30
C TYR E 357 76.39 -34.45 -4.88
N ASP E 358 76.71 -34.31 -3.59
CA ASP E 358 77.93 -34.91 -3.09
C ASP E 358 77.84 -36.44 -3.16
N GLN E 359 76.67 -36.98 -2.87
CA GLN E 359 76.51 -38.43 -2.89
C GLN E 359 76.29 -38.99 -4.31
N LEU E 360 76.14 -38.11 -5.29
CA LEU E 360 75.81 -38.53 -6.65
C LEU E 360 77.02 -39.09 -7.41
N PRO E 361 76.97 -40.39 -7.79
CA PRO E 361 78.05 -41.11 -8.48
C PRO E 361 78.20 -40.72 -9.95
N VAL E 362 78.33 -39.44 -10.21
CA VAL E 362 78.37 -38.94 -11.59
C VAL E 362 79.40 -37.83 -11.73
N LYS E 363 80.18 -37.86 -12.82
CA LYS E 363 81.17 -36.83 -13.06
C LYS E 363 80.49 -35.58 -13.60
N PHE E 364 80.63 -34.48 -12.87
CA PHE E 364 80.20 -33.18 -13.37
C PHE E 364 81.06 -32.07 -12.74
N ASP E 365 81.39 -31.06 -13.53
CA ASP E 365 82.22 -29.96 -13.03
C ASP E 365 81.46 -29.10 -12.03
N HIS E 366 82.13 -28.73 -10.95
CA HIS E 366 81.54 -27.92 -9.91
C HIS E 366 82.57 -27.57 -8.85
N ASP E 367 82.28 -26.53 -8.09
CA ASP E 367 83.06 -26.19 -6.92
C ASP E 367 82.10 -25.63 -5.89
N TRP E 368 82.14 -26.09 -4.65
CA TRP E 368 81.29 -25.41 -3.69
C TRP E 368 82.22 -24.43 -3.01
N CYS E 369 82.24 -23.23 -3.56
CA CYS E 369 83.23 -22.24 -3.21
C CYS E 369 82.65 -21.19 -2.29
N GLY E 370 81.35 -21.33 -2.02
CA GLY E 370 80.62 -20.27 -1.35
C GLY E 370 80.03 -19.32 -2.37
N VAL E 371 78.92 -18.69 -2.00
CA VAL E 371 78.23 -17.74 -2.85
C VAL E 371 77.99 -16.47 -2.06
N THR E 372 78.41 -15.34 -2.58
CA THR E 372 78.21 -14.09 -1.86
C THR E 372 77.27 -13.15 -2.61
N GLN E 373 76.31 -12.61 -1.87
CA GLN E 373 75.30 -11.71 -2.42
C GLN E 373 75.49 -10.36 -1.75
N LEU E 374 75.50 -9.28 -2.52
CA LEU E 374 75.85 -7.99 -1.97
C LEU E 374 74.75 -6.95 -2.16
N GLY E 375 74.41 -6.22 -1.10
CA GLY E 375 73.66 -4.99 -1.29
C GLY E 375 74.57 -3.95 -1.90
N TRP E 376 74.23 -3.49 -3.11
CA TRP E 376 75.00 -2.42 -3.74
C TRP E 376 74.29 -1.08 -3.60
N ASP E 377 73.09 -1.13 -3.02
CA ASP E 377 72.19 0.01 -2.99
C ASP E 377 71.22 -0.13 -1.83
N GLU E 378 70.15 0.65 -1.88
CA GLU E 378 69.16 0.67 -0.81
C GLU E 378 68.36 -0.63 -0.76
N LYS E 379 67.57 -0.87 -1.82
CA LYS E 379 66.70 -2.04 -1.89
C LYS E 379 67.40 -3.34 -1.50
N SER E 380 68.41 -3.70 -2.29
CA SER E 380 69.16 -4.94 -2.08
C SER E 380 69.63 -5.09 -0.63
N GLN E 381 70.25 -4.04 -0.10
CA GLN E 381 70.79 -4.09 1.25
C GLN E 381 69.68 -4.19 2.30
N HIS E 382 68.48 -3.74 1.95
CA HIS E 382 67.32 -3.90 2.83
C HIS E 382 66.91 -5.37 2.86
N LYS E 383 66.79 -5.97 1.69
CA LYS E 383 66.44 -7.39 1.59
C LYS E 383 67.43 -8.21 2.43
N ILE E 384 68.72 -8.03 2.14
CA ILE E 384 69.76 -8.72 2.88
C ILE E 384 69.68 -8.39 4.37
N ALA E 385 69.24 -7.18 4.67
CA ALA E 385 69.09 -6.75 6.06
C ALA E 385 68.12 -7.64 6.81
N GLN E 386 66.88 -7.72 6.34
CA GLN E 386 65.89 -8.54 7.03
C GLN E 386 66.27 -10.02 7.04
N MET E 387 66.77 -10.50 5.91
CA MET E 387 67.32 -11.86 5.88
C MET E 387 68.24 -12.08 7.07
N LEU E 388 69.32 -11.31 7.13
CA LEU E 388 70.27 -11.41 8.24
C LEU E 388 69.56 -11.28 9.58
N SER E 389 68.47 -10.53 9.58
CA SER E 389 67.73 -10.24 10.81
C SER E 389 67.04 -11.47 11.38
N MET E 390 66.70 -12.42 10.52
CA MET E 390 65.98 -13.60 11.02
C MET E 390 66.86 -14.66 11.70
N ASP E 391 68.16 -14.37 11.78
CA ASP E 391 69.10 -15.18 12.56
C ASP E 391 69.15 -16.66 12.14
N LEU E 392 69.71 -16.90 10.96
CA LEU E 392 69.90 -18.25 10.45
C LEU E 392 71.27 -18.78 10.87
N PRO E 393 71.44 -20.11 10.90
CA PRO E 393 72.69 -20.72 11.34
C PRO E 393 73.89 -20.30 10.50
N ALA E 394 75.08 -20.44 11.07
CA ALA E 394 76.31 -20.10 10.38
C ALA E 394 76.46 -20.88 9.07
N GLU E 395 76.35 -22.20 9.15
CA GLU E 395 76.57 -23.07 8.00
C GLU E 395 75.73 -22.67 6.79
N LEU E 396 74.56 -22.07 7.05
CA LEU E 396 73.64 -21.73 5.97
C LEU E 396 73.93 -20.36 5.35
N ALA E 397 73.79 -19.31 6.15
CA ALA E 397 74.08 -17.96 5.68
C ALA E 397 74.65 -17.09 6.80
N VAL E 398 75.62 -16.24 6.46
CA VAL E 398 76.24 -15.34 7.42
C VAL E 398 76.53 -13.99 6.77
N ALA E 399 76.37 -12.92 7.54
CA ALA E 399 76.68 -11.59 7.03
C ALA E 399 78.17 -11.43 6.84
N VAL E 400 78.55 -10.62 5.86
CA VAL E 400 79.95 -10.29 5.66
C VAL E 400 80.08 -8.81 5.33
N GLU E 401 80.96 -8.15 6.06
CA GLU E 401 81.20 -6.72 5.88
C GLU E 401 82.06 -6.44 4.64
N ALA E 402 81.95 -5.23 4.12
CA ALA E 402 82.71 -4.82 2.95
C ALA E 402 84.19 -5.11 3.13
N ASN E 403 84.63 -5.10 4.38
CA ASN E 403 86.02 -5.39 4.71
C ASN E 403 86.43 -6.81 4.29
N ALA E 404 85.59 -7.78 4.65
CA ALA E 404 85.90 -9.20 4.44
C ALA E 404 85.63 -9.73 3.02
N VAL E 405 84.66 -9.15 2.33
CA VAL E 405 84.28 -9.62 1.00
C VAL E 405 85.53 -9.72 0.13
N GLU E 406 86.49 -8.84 0.41
CA GLU E 406 87.77 -8.85 -0.30
C GLU E 406 88.45 -10.21 -0.16
N GLN E 407 88.67 -10.64 1.08
CA GLN E 407 89.36 -11.90 1.32
C GLN E 407 88.54 -13.11 0.89
N ILE E 408 87.24 -13.09 1.18
CA ILE E 408 86.40 -14.27 0.92
C ILE E 408 86.13 -14.49 -0.57
N THR E 409 85.68 -13.44 -1.25
CA THR E 409 85.38 -13.52 -2.67
C THR E 409 86.67 -13.45 -3.50
N GLY E 410 87.67 -12.74 -2.97
CA GLY E 410 88.93 -12.55 -3.66
C GLY E 410 88.95 -11.25 -4.45
N VAL E 411 88.03 -10.35 -4.13
CA VAL E 411 87.80 -9.17 -4.95
C VAL E 411 87.29 -8.01 -4.08
N ALA E 412 87.44 -6.78 -4.57
CA ALA E 412 87.05 -5.62 -3.77
C ALA E 412 85.70 -5.05 -4.21
N THR E 413 84.68 -5.27 -3.38
CA THR E 413 83.33 -4.85 -3.75
C THR E 413 82.86 -3.54 -3.12
N ASN E 414 83.67 -2.99 -2.20
CA ASN E 414 83.34 -1.75 -1.49
C ASN E 414 81.90 -1.66 -0.97
N CYS E 415 81.39 -2.75 -0.40
CA CYS E 415 80.03 -2.81 0.13
C CYS E 415 79.79 -4.16 0.81
N SER E 416 78.75 -4.24 1.62
CA SER E 416 78.53 -5.43 2.44
C SER E 416 77.57 -6.41 1.80
N GLY E 417 77.36 -7.54 2.48
CA GLY E 417 76.56 -8.60 1.91
C GLY E 417 76.40 -9.81 2.82
N ILE E 418 76.10 -10.94 2.21
CA ILE E 418 75.83 -12.19 2.92
C ILE E 418 76.47 -13.34 2.15
N THR E 419 76.96 -14.34 2.86
CA THR E 419 77.61 -15.49 2.21
C THR E 419 76.93 -16.81 2.56
N TYR E 420 76.58 -17.56 1.53
CA TYR E 420 76.16 -18.94 1.71
C TYR E 420 77.40 -19.80 1.44
N PRO E 421 78.03 -20.28 2.52
CA PRO E 421 79.34 -20.94 2.44
C PRO E 421 79.30 -22.29 1.73
N GLN E 422 78.15 -22.97 1.77
CA GLN E 422 78.05 -24.27 1.13
C GLN E 422 77.51 -24.16 -0.29
N GLY E 423 77.20 -22.93 -0.70
CA GLY E 423 76.79 -22.67 -2.07
C GLY E 423 77.98 -22.71 -3.03
N GLY E 424 77.70 -22.51 -4.31
CA GLY E 424 78.75 -22.61 -5.31
C GLY E 424 78.21 -22.57 -6.73
N TRP E 425 78.96 -23.17 -7.64
CA TRP E 425 78.52 -23.24 -9.02
C TRP E 425 78.68 -24.67 -9.52
N LEU E 426 77.89 -25.03 -10.52
CA LEU E 426 78.09 -26.30 -11.21
C LEU E 426 77.78 -26.18 -12.70
N CYS E 427 78.16 -27.17 -13.49
CA CYS E 427 77.79 -27.17 -14.89
C CYS E 427 76.51 -27.98 -15.06
N PRO E 428 75.37 -27.29 -15.25
CA PRO E 428 74.07 -27.96 -15.27
C PRO E 428 73.92 -28.86 -16.50
N ALA E 429 74.49 -28.45 -17.62
CA ALA E 429 74.43 -29.22 -18.86
C ALA E 429 75.09 -30.57 -18.71
N GLU E 430 76.32 -30.57 -18.19
CA GLU E 430 77.08 -31.80 -18.01
C GLU E 430 76.42 -32.69 -16.95
N LEU E 431 75.86 -32.06 -15.93
CA LEU E 431 75.17 -32.79 -14.87
C LEU E 431 73.96 -33.51 -15.43
N THR E 432 73.20 -32.82 -16.27
CA THR E 432 72.03 -33.39 -16.91
C THR E 432 72.45 -34.57 -17.78
N ARG E 433 73.36 -34.30 -18.70
CA ARG E 433 73.84 -35.32 -19.63
C ARG E 433 74.31 -36.59 -18.91
N ASN E 434 75.26 -36.43 -17.99
CA ASN E 434 75.87 -37.58 -17.31
C ASN E 434 74.93 -38.29 -16.33
N VAL E 435 74.02 -37.53 -15.71
CA VAL E 435 73.00 -38.13 -14.87
C VAL E 435 72.06 -39.00 -15.72
N LEU E 436 71.75 -38.50 -16.91
CA LEU E 436 70.92 -39.26 -17.84
C LEU E 436 71.62 -40.52 -18.34
N GLU E 437 72.93 -40.40 -18.56
CA GLU E 437 73.73 -41.55 -18.94
C GLU E 437 73.62 -42.60 -17.83
N LEU E 438 73.85 -42.18 -16.59
CA LEU E 438 73.75 -43.09 -15.46
C LEU E 438 72.37 -43.76 -15.45
N ALA E 439 71.32 -42.95 -15.55
CA ALA E 439 69.97 -43.47 -15.59
C ALA E 439 69.82 -44.57 -16.65
N GLN E 440 70.40 -44.35 -17.83
CA GLN E 440 70.36 -45.36 -18.88
C GLN E 440 71.05 -46.64 -18.44
N GLN E 441 72.20 -46.50 -17.80
CA GLN E 441 72.89 -47.67 -17.28
C GLN E 441 72.04 -48.38 -16.22
N GLN E 442 71.09 -47.66 -15.65
CA GLN E 442 70.16 -48.22 -14.67
C GLN E 442 68.85 -48.66 -15.32
N GLY E 443 68.76 -48.52 -16.64
CA GLY E 443 67.58 -48.95 -17.36
C GLY E 443 66.67 -47.85 -17.91
N LEU E 444 67.04 -46.59 -17.72
CA LEU E 444 66.30 -45.52 -18.38
C LEU E 444 66.37 -45.75 -19.88
N GLN E 445 65.25 -45.51 -20.57
CA GLN E 445 65.20 -45.70 -22.00
C GLN E 445 64.88 -44.37 -22.68
N ILE E 446 65.86 -43.79 -23.35
CA ILE E 446 65.69 -42.46 -23.92
C ILE E 446 65.44 -42.48 -25.42
N TYR E 447 64.47 -41.66 -25.85
CA TYR E 447 64.21 -41.46 -27.28
C TYR E 447 64.21 -39.96 -27.58
N TYR E 448 65.21 -39.51 -28.33
CA TYR E 448 65.31 -38.11 -28.73
C TYR E 448 64.48 -37.76 -29.98
N GLN E 449 64.13 -36.47 -30.08
CA GLN E 449 63.40 -35.95 -31.23
C GLN E 449 61.97 -36.47 -31.34
N TYR E 450 61.41 -36.87 -30.21
CA TYR E 450 59.98 -37.12 -30.11
C TYR E 450 59.34 -35.93 -29.40
N GLN E 451 58.64 -35.10 -30.14
CA GLN E 451 57.96 -33.95 -29.55
C GLN E 451 56.52 -34.33 -29.24
N LEU E 452 56.08 -34.09 -28.01
CA LEU E 452 54.73 -34.49 -27.63
C LEU E 452 53.74 -33.36 -27.88
N GLN E 453 52.88 -33.54 -28.88
CA GLN E 453 51.83 -32.57 -29.17
C GLN E 453 50.55 -32.73 -28.36
N ASN E 454 50.07 -33.96 -28.19
CA ASN E 454 48.78 -34.16 -27.54
C ASN E 454 48.66 -35.36 -26.61
N LEU E 455 48.11 -35.11 -25.42
CA LEU E 455 47.84 -36.18 -24.48
C LEU E 455 46.39 -36.59 -24.59
N SER E 456 46.15 -37.84 -24.96
CA SER E 456 44.78 -38.35 -25.04
C SER E 456 44.58 -39.48 -24.04
N ARG E 457 43.49 -39.43 -23.28
CA ARG E 457 43.28 -40.42 -22.24
C ARG E 457 42.50 -41.62 -22.76
N LYS E 458 43.20 -42.75 -22.89
CA LYS E 458 42.57 -44.01 -23.24
C LYS E 458 42.00 -44.61 -21.97
N ASP E 459 41.64 -45.89 -22.00
CA ASP E 459 40.92 -46.48 -20.88
C ASP E 459 41.83 -46.65 -19.65
N ASP E 460 42.76 -47.60 -19.70
CA ASP E 460 43.74 -47.74 -18.62
C ASP E 460 45.11 -47.14 -18.92
N CYS E 461 45.29 -46.63 -20.13
CA CYS E 461 46.60 -46.17 -20.56
C CYS E 461 46.55 -44.78 -21.18
N TRP E 462 47.73 -44.18 -21.34
CA TRP E 462 47.83 -42.86 -21.96
C TRP E 462 48.29 -42.94 -23.42
N LEU E 463 47.62 -42.19 -24.28
CA LEU E 463 47.99 -42.11 -25.68
C LEU E 463 48.76 -40.83 -25.95
N LEU E 464 50.04 -41.01 -26.25
CA LEU E 464 50.92 -39.90 -26.55
C LEU E 464 50.96 -39.65 -28.05
N ASN E 465 50.44 -38.49 -28.45
CA ASN E 465 50.49 -38.00 -29.81
C ASN E 465 51.71 -37.11 -30.00
N PHE E 466 52.67 -37.61 -30.77
CA PHE E 466 53.93 -36.91 -30.99
C PHE E 466 53.92 -36.09 -32.27
N ALA E 467 55.09 -35.55 -32.61
CA ALA E 467 55.27 -34.78 -33.82
C ALA E 467 55.93 -35.66 -34.87
N GLY E 468 55.54 -35.48 -36.12
CA GLY E 468 56.01 -36.35 -37.19
C GLY E 468 55.30 -37.68 -37.16
N ASP E 469 53.99 -37.64 -37.02
CA ASP E 469 53.16 -38.84 -37.01
C ASP E 469 53.78 -39.94 -36.15
N GLN E 470 53.87 -39.68 -34.85
CA GLN E 470 54.40 -40.65 -33.90
C GLN E 470 53.46 -40.80 -32.72
N GLN E 471 53.25 -42.05 -32.28
CA GLN E 471 52.35 -42.31 -31.16
C GLN E 471 52.95 -43.34 -30.22
N ALA E 472 52.67 -43.19 -28.93
CA ALA E 472 53.16 -44.16 -27.94
C ALA E 472 52.13 -44.38 -26.84
N THR E 473 52.31 -45.45 -26.07
CA THR E 473 51.37 -45.77 -24.98
C THR E 473 52.06 -46.12 -23.65
N HIS E 474 51.57 -45.51 -22.57
CA HIS E 474 52.17 -45.70 -21.26
C HIS E 474 51.15 -45.62 -20.14
N SER E 475 51.37 -46.41 -19.09
CA SER E 475 50.57 -46.34 -17.87
C SER E 475 50.61 -44.93 -17.30
N VAL E 476 51.80 -44.51 -16.86
CA VAL E 476 51.96 -43.23 -16.18
C VAL E 476 52.75 -42.22 -17.03
N VAL E 477 52.36 -40.95 -16.94
CA VAL E 477 53.02 -39.90 -17.69
C VAL E 477 53.30 -38.67 -16.81
N VAL E 478 54.50 -38.13 -16.92
CA VAL E 478 54.89 -36.95 -16.13
C VAL E 478 55.58 -35.92 -17.00
N LEU E 479 55.12 -34.67 -16.94
CA LEU E 479 55.69 -33.62 -17.77
C LEU E 479 56.77 -32.88 -17.01
N ALA E 480 58.02 -33.11 -17.41
CA ALA E 480 59.15 -32.34 -16.91
C ALA E 480 59.58 -31.26 -17.92
N ASN E 481 58.82 -31.15 -19.00
CA ASN E 481 59.27 -30.47 -20.23
C ASN E 481 59.62 -28.98 -20.14
N GLY E 482 59.48 -28.38 -18.96
CA GLY E 482 59.96 -27.03 -18.77
C GLY E 482 58.96 -25.97 -19.18
N HIS E 483 59.43 -24.88 -19.78
CA HIS E 483 58.55 -23.76 -20.12
C HIS E 483 57.46 -24.13 -21.13
N GLN E 484 57.55 -25.34 -21.67
CA GLN E 484 56.52 -25.84 -22.59
C GLN E 484 55.41 -26.60 -21.86
N ILE E 485 55.48 -26.63 -20.54
CA ILE E 485 54.51 -27.34 -19.71
C ILE E 485 53.07 -26.92 -20.02
N SER E 486 52.91 -25.71 -20.55
CA SER E 486 51.58 -25.14 -20.80
C SER E 486 51.02 -25.46 -22.19
N ARG E 487 51.72 -26.30 -22.95
CA ARG E 487 51.38 -26.53 -24.36
C ARG E 487 50.38 -27.64 -24.64
N PHE E 488 49.79 -28.21 -23.60
CA PHE E 488 48.77 -29.22 -23.79
C PHE E 488 47.43 -28.76 -23.23
N SER E 489 46.34 -29.32 -23.74
CA SER E 489 45.01 -28.94 -23.29
C SER E 489 44.87 -29.10 -21.78
N GLN E 490 45.54 -30.11 -21.24
CA GLN E 490 45.48 -30.39 -19.80
C GLN E 490 46.08 -29.27 -18.96
N THR E 491 47.28 -28.85 -19.36
CA THR E 491 48.07 -27.90 -18.57
C THR E 491 47.93 -26.44 -18.99
N SER E 492 47.16 -26.18 -20.04
CA SER E 492 47.16 -24.87 -20.69
C SER E 492 46.75 -23.69 -19.80
N THR E 493 46.03 -23.94 -18.72
CA THR E 493 45.58 -22.85 -17.86
C THR E 493 46.46 -22.62 -16.62
N LEU E 494 47.49 -23.45 -16.46
CA LEU E 494 48.40 -23.34 -15.32
C LEU E 494 49.00 -21.93 -15.21
N PRO E 495 49.00 -21.37 -13.98
CA PRO E 495 49.51 -20.02 -13.68
C PRO E 495 51.04 -19.93 -13.70
N VAL E 496 51.66 -20.32 -14.81
CA VAL E 496 53.10 -20.14 -15.00
C VAL E 496 53.40 -19.29 -16.23
N TYR E 497 54.54 -18.61 -16.22
CA TYR E 497 54.96 -17.83 -17.38
C TYR E 497 56.40 -18.13 -17.82
N SER E 498 56.70 -17.82 -19.09
CA SER E 498 58.03 -17.98 -19.63
C SER E 498 58.88 -16.74 -19.37
N VAL E 499 60.13 -16.95 -18.98
CA VAL E 499 61.08 -15.85 -18.89
C VAL E 499 62.34 -16.21 -19.67
N ALA E 500 62.57 -15.54 -20.79
CA ALA E 500 63.73 -15.80 -21.61
C ALA E 500 64.97 -15.25 -20.93
N GLY E 501 66.12 -15.87 -21.21
CA GLY E 501 67.36 -15.42 -20.63
C GLY E 501 68.58 -15.77 -21.44
N GLN E 502 69.63 -14.97 -21.25
CA GLN E 502 70.91 -15.15 -21.93
C GLN E 502 72.05 -14.95 -20.93
N VAL E 503 72.84 -15.99 -20.73
CA VAL E 503 74.00 -15.89 -19.85
C VAL E 503 75.26 -15.72 -20.70
N SER E 504 76.16 -14.84 -20.28
CA SER E 504 77.29 -14.50 -21.15
C SER E 504 78.60 -15.20 -20.78
N HIS E 505 79.26 -15.81 -21.77
CA HIS E 505 80.54 -16.48 -21.58
C HIS E 505 81.71 -15.53 -21.78
N ILE E 506 82.57 -15.42 -20.77
CA ILE E 506 83.71 -14.51 -20.90
C ILE E 506 85.04 -15.22 -20.64
N PRO E 507 86.12 -14.74 -21.27
CA PRO E 507 87.44 -15.30 -21.01
C PRO E 507 87.96 -14.79 -19.66
N THR E 508 88.71 -15.63 -18.94
CA THR E 508 89.28 -15.22 -17.67
C THR E 508 90.59 -14.47 -17.87
N THR E 509 90.76 -13.34 -17.21
CA THR E 509 92.05 -12.66 -17.19
C THR E 509 92.76 -12.96 -15.88
N PRO E 510 94.03 -12.55 -15.75
CA PRO E 510 94.76 -12.83 -14.51
C PRO E 510 94.15 -12.11 -13.31
N GLU E 511 93.50 -10.99 -13.57
CA GLU E 511 92.80 -10.27 -12.51
C GLU E 511 91.44 -10.85 -12.17
N LEU E 512 90.83 -11.55 -13.14
CA LEU E 512 89.55 -12.20 -12.89
C LEU E 512 89.72 -13.52 -12.17
N ALA E 513 90.79 -14.25 -12.48
CA ALA E 513 91.06 -15.55 -11.87
C ALA E 513 91.17 -15.42 -10.36
N GLU E 514 91.25 -14.18 -9.89
CA GLU E 514 91.38 -13.90 -8.48
C GLU E 514 90.05 -14.08 -7.75
N LEU E 515 88.97 -14.29 -8.51
CA LEU E 515 87.64 -14.43 -7.93
C LEU E 515 87.37 -15.90 -7.62
N LYS E 516 87.32 -16.21 -6.32
CA LYS E 516 87.15 -17.58 -5.86
C LYS E 516 85.72 -17.94 -5.46
N GLN E 517 84.80 -16.99 -5.52
CA GLN E 517 83.41 -17.24 -5.14
C GLN E 517 82.43 -16.70 -6.17
N VAL E 518 81.18 -17.13 -6.07
CA VAL E 518 80.12 -16.65 -6.97
C VAL E 518 79.50 -15.38 -6.42
N LEU E 519 79.41 -14.34 -7.26
CA LEU E 519 78.90 -13.05 -6.82
C LEU E 519 77.49 -12.83 -7.29
N CYS E 520 76.62 -12.43 -6.37
CA CYS E 520 75.27 -12.03 -6.75
C CYS E 520 75.06 -10.55 -6.48
N TYR E 521 75.11 -9.81 -7.58
CA TYR E 521 74.73 -8.42 -7.70
C TYR E 521 73.37 -8.39 -8.38
N ASP E 522 73.01 -7.26 -8.97
CA ASP E 522 71.84 -7.22 -9.85
C ASP E 522 71.84 -8.47 -10.71
N GLY E 523 72.87 -8.66 -11.54
CA GLY E 523 73.07 -9.93 -12.20
C GLY E 523 73.86 -10.91 -11.34
N TYR E 524 74.63 -11.79 -11.97
CA TYR E 524 75.50 -12.68 -11.21
C TYR E 524 76.75 -13.08 -11.98
N LEU E 525 77.85 -13.28 -11.27
CA LEU E 525 79.11 -13.65 -11.90
C LEU E 525 79.75 -14.84 -11.20
N THR E 526 80.08 -15.88 -11.97
CA THR E 526 80.74 -17.06 -11.42
C THR E 526 82.26 -16.94 -11.49
N PRO E 527 82.96 -17.70 -10.64
CA PRO E 527 84.40 -17.84 -10.86
C PRO E 527 84.62 -18.60 -12.16
N GLN E 528 85.83 -18.55 -12.70
CA GLN E 528 86.14 -19.28 -13.92
C GLN E 528 86.06 -20.78 -13.71
N ASN E 529 85.65 -21.50 -14.74
CA ASN E 529 85.81 -22.95 -14.71
C ASN E 529 87.20 -23.27 -15.26
N PRO E 530 88.10 -23.74 -14.38
CA PRO E 530 89.50 -24.03 -14.72
C PRO E 530 89.63 -24.84 -16.01
N ALA E 531 88.70 -25.75 -16.25
CA ALA E 531 88.72 -26.56 -17.46
C ALA E 531 88.55 -25.75 -18.75
N ASN E 532 87.56 -24.85 -18.79
CA ASN E 532 87.37 -24.02 -19.98
C ASN E 532 87.99 -22.62 -19.91
N GLN E 533 88.58 -22.28 -18.77
CA GLN E 533 89.18 -20.96 -18.56
C GLN E 533 88.24 -19.81 -18.91
N HIS E 534 86.94 -20.04 -18.75
CA HIS E 534 85.95 -18.99 -18.96
C HIS E 534 85.09 -18.85 -17.71
N HIS E 535 84.50 -17.68 -17.53
CA HIS E 535 83.44 -17.52 -16.55
C HIS E 535 82.11 -17.43 -17.28
N CYS E 536 81.04 -17.44 -16.49
CA CYS E 536 79.70 -17.11 -16.94
C CYS E 536 79.25 -15.88 -16.16
N ILE E 537 78.44 -15.04 -16.81
CA ILE E 537 78.00 -13.79 -16.22
C ILE E 537 76.58 -13.47 -16.70
N GLY E 538 76.11 -12.26 -16.42
CA GLY E 538 74.77 -11.86 -16.82
C GLY E 538 73.60 -12.42 -16.07
N ALA E 539 72.77 -13.20 -16.76
CA ALA E 539 71.35 -13.39 -16.44
C ALA E 539 70.47 -12.18 -16.76
N SER E 540 70.24 -11.96 -18.05
CA SER E 540 69.19 -11.08 -18.53
C SER E 540 67.83 -11.71 -18.19
N TYR E 541 66.83 -10.88 -17.90
CA TYR E 541 65.51 -11.38 -17.50
C TYR E 541 64.39 -10.73 -18.31
N HIS E 542 63.71 -11.51 -19.14
CA HIS E 542 62.60 -11.00 -19.96
C HIS E 542 61.29 -11.72 -19.70
N ARG E 543 60.34 -11.02 -19.08
CA ARG E 543 59.06 -11.62 -18.73
C ARG E 543 58.15 -11.77 -19.94
N GLY E 544 57.73 -13.01 -20.20
CA GLY E 544 56.80 -13.29 -21.27
C GLY E 544 57.44 -13.74 -22.57
N SER E 545 58.78 -13.74 -22.61
CA SER E 545 59.51 -14.01 -23.84
C SER E 545 60.00 -15.44 -23.98
N GLU E 546 59.68 -16.07 -25.10
CA GLU E 546 60.23 -17.38 -25.45
C GLU E 546 61.42 -17.30 -26.43
N ASP E 547 61.85 -16.08 -26.76
CA ASP E 547 62.85 -15.91 -27.80
C ASP E 547 64.25 -16.24 -27.29
N THR E 548 64.84 -17.29 -27.89
CA THR E 548 66.14 -17.80 -27.46
C THR E 548 67.30 -17.29 -28.33
N ALA E 549 66.98 -16.44 -29.30
CA ALA E 549 67.99 -15.92 -30.21
C ALA E 549 68.99 -15.01 -29.49
N TYR E 550 70.23 -14.99 -29.96
CA TYR E 550 71.26 -14.15 -29.37
C TYR E 550 70.85 -12.68 -29.38
N SER E 551 71.21 -11.95 -28.32
CA SER E 551 70.98 -10.51 -28.28
C SER E 551 72.22 -9.76 -27.81
N GLU E 552 72.78 -8.93 -28.69
CA GLU E 552 73.97 -8.15 -28.36
C GLU E 552 73.67 -7.20 -27.21
N ASP E 553 72.42 -6.74 -27.15
CA ASP E 553 72.00 -5.84 -26.09
C ASP E 553 72.14 -6.54 -24.75
N ASP E 554 71.59 -7.74 -24.65
CA ASP E 554 71.72 -8.54 -23.42
C ASP E 554 73.18 -8.77 -23.11
N GLN E 555 73.90 -9.25 -24.11
CA GLN E 555 75.33 -9.51 -24.02
C GLN E 555 76.03 -8.33 -23.38
N GLN E 556 75.59 -7.13 -23.73
CA GLN E 556 76.21 -5.90 -23.23
C GLN E 556 75.77 -5.59 -21.81
N GLN E 557 74.48 -5.84 -21.53
CA GLN E 557 73.91 -5.56 -20.23
C GLN E 557 74.46 -6.45 -19.13
N ASN E 558 74.80 -7.68 -19.48
CA ASN E 558 75.41 -8.60 -18.50
C ASN E 558 76.62 -7.95 -17.87
N ARG E 559 77.42 -7.27 -18.68
CA ARG E 559 78.59 -6.55 -18.21
C ARG E 559 78.20 -5.21 -17.60
N GLN E 560 77.23 -4.55 -18.23
CA GLN E 560 76.84 -3.21 -17.82
C GLN E 560 76.36 -3.20 -16.36
N ARG E 561 75.44 -4.10 -16.03
CA ARG E 561 74.88 -4.18 -14.69
C ARG E 561 76.01 -4.33 -13.69
N LEU E 562 76.93 -5.24 -13.99
CA LEU E 562 78.08 -5.51 -13.13
C LEU E 562 78.86 -4.23 -12.87
N ILE E 563 79.25 -3.57 -13.95
CA ILE E 563 79.97 -2.30 -13.86
C ILE E 563 79.20 -1.26 -13.03
N ASP E 564 77.89 -1.25 -13.17
CA ASP E 564 77.03 -0.26 -12.52
C ASP E 564 76.93 -0.52 -11.01
N CYS E 565 76.92 -1.80 -10.63
CA CYS E 565 76.79 -2.18 -9.23
C CYS E 565 78.08 -1.90 -8.47
N PHE E 566 79.20 -2.03 -9.17
CA PHE E 566 80.50 -1.77 -8.56
C PHE E 566 81.29 -0.82 -9.44
N PRO E 567 80.90 0.48 -9.41
CA PRO E 567 81.46 1.50 -10.30
C PRO E 567 82.94 1.71 -10.02
N GLN E 568 83.30 1.54 -8.75
CA GLN E 568 84.65 1.80 -8.30
C GLN E 568 85.51 0.55 -8.39
N ALA E 569 84.94 -0.51 -8.96
CA ALA E 569 85.66 -1.78 -9.08
C ALA E 569 86.50 -1.84 -10.36
N GLN E 570 87.78 -2.10 -10.18
CA GLN E 570 88.75 -2.19 -11.26
C GLN E 570 88.52 -3.50 -12.03
N TRP E 571 88.69 -4.62 -11.34
CA TRP E 571 88.47 -5.95 -11.90
C TRP E 571 87.14 -6.06 -12.64
N ALA E 572 86.14 -5.32 -12.17
CA ALA E 572 84.84 -5.27 -12.83
C ALA E 572 85.03 -4.98 -14.32
N LYS E 573 85.86 -3.99 -14.62
CA LYS E 573 86.11 -3.57 -16.01
C LYS E 573 86.80 -4.65 -16.83
N GLU E 574 87.45 -5.60 -16.16
CA GLU E 574 88.23 -6.65 -16.80
C GLU E 574 87.40 -7.62 -17.64
N VAL E 575 86.07 -7.49 -17.57
CA VAL E 575 85.17 -8.44 -18.21
C VAL E 575 85.08 -8.19 -19.70
N ASP E 576 85.48 -9.19 -20.49
CA ASP E 576 85.51 -9.03 -21.94
C ASP E 576 84.40 -9.85 -22.59
N VAL E 577 83.38 -9.13 -23.06
CA VAL E 577 82.21 -9.74 -23.66
C VAL E 577 82.31 -9.71 -25.19
N SER E 578 83.39 -9.10 -25.68
CA SER E 578 83.56 -8.82 -27.11
C SER E 578 83.43 -10.06 -27.99
N ASP E 579 83.78 -11.22 -27.45
CA ASP E 579 83.74 -12.46 -28.21
C ASP E 579 82.32 -12.82 -28.61
N LYS E 580 81.35 -12.10 -28.04
CA LYS E 580 79.93 -12.31 -28.34
C LYS E 580 79.52 -13.78 -28.16
N GLU E 581 80.06 -14.42 -27.12
CA GLU E 581 79.72 -15.80 -26.80
C GLU E 581 78.73 -15.85 -25.62
N ALA E 582 77.60 -16.51 -25.81
CA ALA E 582 76.59 -16.62 -24.77
C ALA E 582 75.64 -17.81 -24.99
N ARG E 583 74.94 -18.21 -23.93
CA ARG E 583 73.97 -19.30 -24.00
C ARG E 583 72.56 -18.78 -23.66
N CYS E 584 71.58 -19.17 -24.47
CA CYS E 584 70.22 -18.66 -24.28
C CYS E 584 69.22 -19.79 -24.02
N GLY E 585 68.23 -19.50 -23.18
CA GLY E 585 67.23 -20.50 -22.86
C GLY E 585 66.01 -19.87 -22.21
N VAL E 586 64.95 -20.64 -22.02
CA VAL E 586 63.73 -20.10 -21.44
C VAL E 586 63.35 -20.75 -20.11
N ARG E 587 63.30 -19.92 -19.07
CA ARG E 587 62.90 -20.34 -17.73
C ARG E 587 61.39 -20.50 -17.67
N CYS E 588 60.93 -21.52 -16.97
CA CYS E 588 59.52 -21.60 -16.63
C CYS E 588 59.37 -21.05 -15.23
N ALA E 589 58.61 -19.97 -15.07
CA ALA E 589 58.52 -19.33 -13.77
C ALA E 589 57.10 -19.25 -13.21
N THR E 590 57.00 -18.77 -11.97
CA THR E 590 55.73 -18.59 -11.28
C THR E 590 55.84 -17.31 -10.48
N ARG E 591 54.70 -16.74 -10.10
CA ARG E 591 54.70 -15.46 -9.40
C ARG E 591 55.26 -15.61 -7.99
N ASP E 592 54.89 -16.68 -7.29
CA ASP E 592 55.34 -16.90 -5.92
C ASP E 592 56.70 -17.59 -5.82
N HIS E 593 57.29 -17.86 -6.98
CA HIS E 593 58.68 -18.34 -7.09
C HIS E 593 58.91 -19.81 -6.78
N LEU E 594 57.94 -20.45 -6.15
CA LEU E 594 58.07 -21.87 -5.86
C LEU E 594 57.65 -22.69 -7.07
N PRO E 595 58.26 -23.87 -7.26
CA PRO E 595 57.96 -24.71 -8.43
C PRO E 595 56.54 -25.27 -8.38
N MET E 596 56.17 -26.03 -9.40
CA MET E 596 54.91 -26.76 -9.39
C MET E 596 55.13 -28.23 -9.74
N VAL E 597 54.91 -29.10 -8.75
CA VAL E 597 55.15 -30.53 -8.90
C VAL E 597 54.05 -31.30 -8.18
N GLY E 598 53.48 -32.29 -8.87
CA GLY E 598 52.37 -33.05 -8.30
C GLY E 598 51.44 -33.63 -9.35
N ASN E 599 50.19 -33.89 -9.00
CA ASN E 599 49.21 -34.27 -10.01
C ASN E 599 48.74 -33.03 -10.76
N VAL E 600 48.72 -33.12 -12.09
CA VAL E 600 48.22 -32.00 -12.90
C VAL E 600 46.74 -31.78 -12.60
N PRO E 601 46.41 -30.62 -12.01
CA PRO E 601 45.02 -30.32 -11.65
C PRO E 601 44.13 -30.03 -12.86
N ASP E 602 42.91 -30.54 -12.83
CA ASP E 602 41.97 -30.35 -13.92
C ASP E 602 41.24 -29.04 -13.68
N TYR E 603 41.46 -28.07 -14.58
CA TYR E 603 40.97 -26.70 -14.40
C TYR E 603 39.46 -26.55 -14.26
N GLU E 604 38.72 -26.85 -15.33
CA GLU E 604 37.28 -26.64 -15.33
C GLU E 604 36.65 -27.27 -14.09
N ALA E 605 36.93 -28.55 -13.90
CA ALA E 605 36.42 -29.30 -12.75
C ALA E 605 36.70 -28.59 -11.43
N THR E 606 37.97 -28.28 -11.20
CA THR E 606 38.40 -27.61 -9.98
C THR E 606 37.66 -26.28 -9.72
N LEU E 607 37.55 -25.45 -10.74
CA LEU E 607 36.87 -24.16 -10.61
C LEU E 607 35.38 -24.36 -10.35
N VAL E 608 34.83 -25.48 -10.82
CA VAL E 608 33.42 -25.80 -10.61
C VAL E 608 33.04 -26.35 -9.22
N GLU E 609 33.80 -27.33 -8.76
CA GLU E 609 33.41 -28.08 -7.56
C GLU E 609 33.72 -27.36 -6.26
N TYR E 610 34.74 -26.51 -6.28
CA TYR E 610 35.10 -25.71 -5.10
C TYR E 610 34.46 -24.32 -5.14
N ALA E 611 33.61 -24.09 -6.13
CA ALA E 611 32.90 -22.81 -6.21
C ALA E 611 32.32 -22.49 -4.84
N SER E 612 31.79 -23.51 -4.18
CA SER E 612 31.13 -23.37 -2.89
C SER E 612 32.03 -23.67 -1.70
N LEU E 613 33.30 -23.96 -1.98
CA LEU E 613 34.26 -24.31 -0.94
C LEU E 613 34.28 -23.33 0.23
N ALA E 614 34.37 -22.04 -0.07
CA ALA E 614 34.54 -21.02 0.96
C ALA E 614 33.56 -21.19 2.11
N GLU E 615 32.29 -21.43 1.76
CA GLU E 615 31.26 -21.63 2.76
C GLU E 615 31.41 -23.00 3.43
N GLN E 616 31.18 -24.06 2.68
CA GLN E 616 31.31 -25.41 3.24
C GLN E 616 32.51 -26.17 2.68
N LYS E 617 33.50 -26.38 3.55
CA LYS E 617 34.72 -27.10 3.19
C LYS E 617 34.62 -28.56 3.64
N ASP E 618 33.50 -28.91 4.28
CA ASP E 618 33.33 -30.23 4.85
C ASP E 618 32.74 -31.22 3.86
N GLU E 619 32.57 -30.78 2.62
CA GLU E 619 32.11 -31.67 1.56
C GLU E 619 33.26 -32.45 0.92
N ALA E 620 34.49 -32.09 1.27
CA ALA E 620 35.67 -32.78 0.75
C ALA E 620 35.74 -32.77 -0.78
N VAL E 621 35.64 -33.95 -1.39
CA VAL E 621 35.80 -34.12 -2.84
C VAL E 621 37.26 -34.35 -3.30
N SER E 622 38.20 -34.41 -2.35
CA SER E 622 39.61 -34.58 -2.71
C SER E 622 40.06 -33.39 -3.54
N ALA E 623 40.36 -33.64 -4.81
CA ALA E 623 40.73 -32.56 -5.73
C ALA E 623 40.88 -33.10 -7.14
N PRO E 624 40.28 -32.39 -8.09
CA PRO E 624 40.24 -32.89 -9.47
C PRO E 624 41.64 -32.95 -10.07
N VAL E 625 41.96 -34.11 -10.62
CA VAL E 625 43.25 -34.33 -11.26
C VAL E 625 43.05 -35.30 -12.40
N PHE E 626 44.00 -35.32 -13.33
CA PHE E 626 43.97 -36.32 -14.38
C PHE E 626 44.62 -37.61 -13.87
N ASP E 627 44.04 -38.75 -14.25
CA ASP E 627 44.56 -40.03 -13.79
C ASP E 627 45.98 -40.26 -14.32
N ASP E 628 46.90 -40.54 -13.40
CA ASP E 628 48.27 -40.89 -13.74
C ASP E 628 49.01 -39.84 -14.57
N LEU E 629 48.61 -38.57 -14.41
CA LEU E 629 49.33 -37.47 -15.03
C LEU E 629 49.98 -36.58 -13.98
N PHE E 630 51.30 -36.62 -13.93
CA PHE E 630 52.06 -35.83 -12.96
C PHE E 630 52.88 -34.81 -13.71
N MET E 631 53.23 -33.73 -13.02
CA MET E 631 54.05 -32.69 -13.62
C MET E 631 55.13 -32.21 -12.64
N PHE E 632 56.31 -31.95 -13.20
CA PHE E 632 57.45 -31.40 -12.49
C PHE E 632 57.87 -30.19 -13.32
N ALA E 633 57.67 -28.97 -12.80
CA ALA E 633 57.92 -27.78 -13.61
C ALA E 633 58.01 -26.48 -12.82
N ALA E 634 58.21 -25.37 -13.53
CA ALA E 634 58.31 -24.04 -12.93
C ALA E 634 59.49 -23.88 -11.96
N LEU E 635 60.67 -24.29 -12.42
CA LEU E 635 61.85 -24.27 -11.56
C LEU E 635 62.53 -22.89 -11.47
N GLY E 636 62.06 -21.95 -12.27
CA GLY E 636 62.55 -20.57 -12.20
C GLY E 636 64.02 -20.50 -12.56
N SER E 637 64.74 -19.57 -11.92
CA SER E 637 66.17 -19.50 -12.13
C SER E 637 66.93 -20.22 -11.02
N ARG E 638 66.17 -20.77 -10.07
CA ARG E 638 66.73 -21.48 -8.91
C ARG E 638 66.76 -23.01 -9.08
N GLY E 639 66.44 -23.49 -10.27
CA GLY E 639 66.24 -24.91 -10.52
C GLY E 639 67.29 -25.91 -10.06
N LEU E 640 68.57 -25.52 -10.08
CA LEU E 640 69.62 -26.42 -9.62
C LEU E 640 69.53 -26.63 -8.11
N CYS E 641 68.86 -25.71 -7.43
CA CYS E 641 68.62 -25.86 -6.01
C CYS E 641 67.44 -26.78 -5.71
N SER E 642 66.34 -26.53 -6.41
CA SER E 642 65.06 -27.19 -6.13
C SER E 642 64.88 -28.58 -6.76
N ALA E 643 65.52 -28.81 -7.88
CA ALA E 643 65.33 -30.06 -8.64
C ALA E 643 65.51 -31.37 -7.86
N PRO E 644 66.61 -31.50 -7.08
CA PRO E 644 66.83 -32.79 -6.39
C PRO E 644 65.72 -33.14 -5.42
N LEU E 645 65.36 -32.18 -4.57
CA LEU E 645 64.33 -32.43 -3.58
C LEU E 645 62.96 -32.57 -4.24
N CYS E 646 62.68 -31.77 -5.27
CA CYS E 646 61.42 -31.90 -6.01
C CYS E 646 61.30 -33.27 -6.65
N ALA E 647 62.44 -33.84 -7.04
CA ALA E 647 62.45 -35.17 -7.61
C ALA E 647 62.09 -36.14 -6.51
N GLU E 648 62.78 -36.03 -5.37
CA GLU E 648 62.45 -36.90 -4.24
C GLU E 648 60.96 -36.86 -3.92
N ILE E 649 60.44 -35.65 -3.78
CA ILE E 649 59.03 -35.42 -3.50
C ILE E 649 58.12 -36.08 -4.53
N LEU E 650 58.40 -35.83 -5.80
CA LEU E 650 57.52 -36.32 -6.86
C LEU E 650 57.53 -37.85 -6.95
N ALA E 651 58.72 -38.44 -6.89
CA ALA E 651 58.82 -39.90 -6.89
C ALA E 651 58.08 -40.47 -5.69
N ALA E 652 58.28 -39.82 -4.54
CA ALA E 652 57.64 -40.26 -3.31
C ALA E 652 56.12 -40.31 -3.52
N GLN E 653 55.57 -39.16 -3.91
CA GLN E 653 54.14 -39.05 -4.13
C GLN E 653 53.61 -40.09 -5.11
N MET E 654 54.26 -40.18 -6.25
CA MET E 654 53.84 -41.11 -7.29
C MET E 654 53.85 -42.56 -6.79
N SER E 655 54.79 -42.89 -5.91
CA SER E 655 54.95 -44.26 -5.45
C SER E 655 54.11 -44.61 -4.22
N ASP E 656 53.38 -43.61 -3.72
CA ASP E 656 52.63 -43.77 -2.48
C ASP E 656 53.58 -44.08 -1.32
N GLU E 657 54.74 -43.42 -1.32
CA GLU E 657 55.74 -43.58 -0.28
C GLU E 657 55.93 -42.24 0.40
N PRO E 658 56.48 -42.24 1.63
CA PRO E 658 56.57 -41.00 2.39
C PRO E 658 57.18 -39.85 1.58
N ILE E 659 56.62 -38.65 1.76
CA ILE E 659 57.07 -37.46 1.04
C ILE E 659 57.79 -36.54 2.02
N PRO E 660 59.07 -36.24 1.76
CA PRO E 660 59.92 -35.56 2.75
C PRO E 660 59.66 -34.05 2.89
N MET E 661 58.41 -33.65 3.11
CA MET E 661 58.06 -32.26 3.39
C MET E 661 56.72 -32.15 4.12
N ASP E 662 56.51 -31.03 4.83
CA ASP E 662 55.28 -30.84 5.60
C ASP E 662 54.07 -30.54 4.72
N ALA E 663 52.87 -30.72 5.26
CA ALA E 663 51.64 -30.45 4.53
C ALA E 663 51.59 -29.01 3.98
N SER E 664 51.96 -28.04 4.81
CA SER E 664 51.93 -26.63 4.44
C SER E 664 52.79 -26.28 3.22
N THR E 665 54.11 -26.37 3.38
CA THR E 665 55.02 -26.00 2.31
C THR E 665 54.91 -26.98 1.14
N LEU E 666 54.20 -28.09 1.36
CA LEU E 666 53.84 -28.97 0.27
C LEU E 666 52.70 -28.33 -0.52
N ALA E 667 51.78 -27.70 0.19
CA ALA E 667 50.67 -27.01 -0.45
C ALA E 667 51.22 -25.83 -1.23
N ALA E 668 52.32 -25.27 -0.73
CA ALA E 668 53.01 -24.19 -1.42
C ALA E 668 53.48 -24.64 -2.80
N LEU E 669 53.76 -25.93 -2.91
CA LEU E 669 54.29 -26.52 -4.14
C LEU E 669 53.23 -27.15 -5.04
N ASN E 670 51.98 -27.17 -4.60
CA ASN E 670 50.94 -27.83 -5.40
C ASN E 670 50.44 -26.99 -6.56
N PRO E 671 50.48 -27.56 -7.77
CA PRO E 671 50.16 -26.86 -9.02
C PRO E 671 48.85 -26.10 -8.99
N ASN E 672 47.86 -26.57 -8.24
CA ASN E 672 46.57 -25.88 -8.18
C ASN E 672 46.47 -24.83 -7.08
N ARG E 673 47.58 -24.56 -6.40
CA ARG E 673 47.59 -23.70 -5.22
C ARG E 673 46.90 -22.35 -5.43
N LEU E 674 47.03 -21.77 -6.61
CA LEU E 674 46.44 -20.46 -6.87
C LEU E 674 44.91 -20.50 -6.91
N TRP E 675 44.38 -21.39 -7.74
CA TRP E 675 42.93 -21.52 -7.89
C TRP E 675 42.31 -21.77 -6.53
N VAL E 676 42.78 -22.84 -5.89
CA VAL E 676 42.25 -23.24 -4.61
C VAL E 676 42.36 -22.08 -3.61
N ARG E 677 43.54 -21.52 -3.44
CA ARG E 677 43.70 -20.42 -2.49
C ARG E 677 42.80 -19.22 -2.80
N LYS E 678 42.37 -19.07 -4.05
CA LYS E 678 41.41 -18.00 -4.39
C LYS E 678 39.97 -18.41 -4.02
N LEU E 679 39.66 -19.69 -4.14
CA LEU E 679 38.32 -20.17 -3.83
C LEU E 679 38.10 -20.45 -2.34
N LEU E 680 39.15 -20.24 -1.55
CA LEU E 680 39.05 -20.37 -0.10
C LEU E 680 38.43 -19.11 0.50
N LYS E 681 38.58 -18.00 -0.20
CA LYS E 681 37.97 -16.74 0.18
C LYS E 681 36.65 -16.53 -0.57
N GLY E 682 36.33 -17.44 -1.48
CA GLY E 682 35.15 -17.28 -2.32
C GLY E 682 34.28 -18.51 -2.42
N LEU F 55 -67.28 7.33 54.52
CA LEU F 55 -67.09 6.06 55.20
C LEU F 55 -68.32 5.69 56.02
N GLU F 56 -68.93 6.68 56.65
CA GLU F 56 -70.13 6.46 57.43
C GLU F 56 -71.35 6.43 56.52
N GLU F 57 -71.17 6.96 55.30
CA GLU F 57 -72.20 6.91 54.27
C GLU F 57 -72.21 5.52 53.64
N THR F 58 -71.03 4.92 53.51
CA THR F 58 -70.90 3.54 53.05
C THR F 58 -71.41 2.58 54.11
N ARG F 59 -71.17 2.90 55.37
CA ARG F 59 -71.64 2.09 56.48
C ARG F 59 -73.15 2.15 56.59
N TYR F 60 -73.71 3.36 56.60
CA TYR F 60 -75.16 3.52 56.61
C TYR F 60 -75.81 2.84 55.41
N VAL F 61 -75.51 3.33 54.21
CA VAL F 61 -76.19 2.87 52.99
C VAL F 61 -76.04 1.37 52.74
N PHE F 62 -74.81 0.91 52.58
CA PHE F 62 -74.55 -0.47 52.19
C PHE F 62 -74.56 -1.50 53.32
N LEU F 63 -73.95 -1.15 54.45
CA LEU F 63 -73.93 -2.04 55.62
C LEU F 63 -75.28 -2.02 56.33
N GLY F 64 -75.67 -0.85 56.84
CA GLY F 64 -76.91 -0.68 57.56
C GLY F 64 -78.17 -0.64 56.71
N GLY F 65 -78.00 -0.69 55.39
CA GLY F 65 -79.12 -0.79 54.48
C GLY F 65 -79.56 -2.23 54.32
N ASN F 66 -78.60 -3.14 54.42
CA ASN F 66 -78.85 -4.59 54.36
C ASN F 66 -78.96 -5.23 55.75
N GLN F 67 -78.97 -4.41 56.78
CA GLN F 67 -78.91 -4.87 58.16
C GLN F 67 -77.84 -5.94 58.29
N LEU F 68 -76.60 -5.56 58.00
CA LEU F 68 -75.49 -6.50 58.11
C LEU F 68 -75.06 -6.63 59.58
N GLU F 69 -75.00 -5.50 60.27
CA GLU F 69 -74.66 -5.50 61.69
C GLU F 69 -75.62 -6.38 62.49
N VAL F 70 -76.89 -6.35 62.10
CA VAL F 70 -77.93 -7.14 62.78
C VAL F 70 -77.92 -8.62 62.36
N ARG F 71 -77.83 -8.89 61.07
CA ARG F 71 -77.88 -10.25 60.55
C ARG F 71 -76.64 -11.08 60.90
N PHE F 72 -75.48 -10.43 60.93
CA PHE F 72 -74.21 -11.14 61.15
C PHE F 72 -74.24 -12.13 62.32
N PRO F 73 -74.56 -11.65 63.53
CA PRO F 73 -74.54 -12.54 64.69
C PRO F 73 -75.53 -13.70 64.56
N GLU F 74 -76.68 -13.45 63.95
CA GLU F 74 -77.75 -14.44 63.84
C GLU F 74 -77.79 -15.23 62.52
N HIS F 75 -76.84 -14.98 61.63
CA HIS F 75 -76.80 -15.70 60.35
C HIS F 75 -76.63 -17.21 60.57
N PRO F 76 -77.62 -17.99 60.11
CA PRO F 76 -77.62 -19.46 60.29
C PRO F 76 -76.98 -20.20 59.11
N HIS F 77 -75.68 -20.00 58.93
CA HIS F 77 -74.93 -20.59 57.81
C HIS F 77 -73.46 -20.24 57.98
N PRO F 78 -72.56 -21.16 57.63
CA PRO F 78 -71.13 -20.95 57.85
C PRO F 78 -70.56 -19.79 57.02
N LEU F 79 -71.27 -19.39 55.98
CA LEU F 79 -70.75 -18.39 55.05
C LEU F 79 -71.77 -17.31 54.70
N PHE F 80 -71.33 -16.05 54.69
CA PHE F 80 -72.18 -14.94 54.25
C PHE F 80 -71.63 -14.36 52.96
N VAL F 81 -72.47 -14.34 51.92
CA VAL F 81 -72.04 -13.87 50.60
C VAL F 81 -72.60 -12.50 50.24
N VAL F 82 -71.70 -11.56 49.99
CA VAL F 82 -72.07 -10.22 49.55
C VAL F 82 -71.71 -10.07 48.07
N ALA F 83 -72.50 -9.30 47.32
CA ALA F 83 -72.26 -9.11 45.90
C ALA F 83 -72.33 -7.63 45.51
N GLU F 84 -71.54 -7.22 44.51
CA GLU F 84 -71.43 -5.81 44.14
C GLU F 84 -71.35 -5.54 42.64
N SER F 85 -72.19 -4.59 42.20
CA SER F 85 -72.31 -4.21 40.78
C SER F 85 -71.09 -3.49 40.21
N GLY F 86 -70.31 -2.85 41.09
CA GLY F 86 -68.99 -2.40 40.71
C GLY F 86 -68.09 -2.29 41.92
N PHE F 87 -66.79 -2.50 41.71
CA PHE F 87 -65.84 -2.49 42.82
C PHE F 87 -65.47 -1.07 43.16
N GLY F 88 -65.50 -0.21 42.14
CA GLY F 88 -65.24 1.20 42.33
C GLY F 88 -63.88 1.46 42.95
N THR F 89 -63.88 2.19 44.06
CA THR F 89 -62.64 2.58 44.73
C THR F 89 -62.13 1.50 45.68
N GLY F 90 -63.01 0.55 46.00
CA GLY F 90 -62.68 -0.49 46.95
C GLY F 90 -63.13 -0.10 48.35
N LEU F 91 -63.74 1.07 48.46
CA LEU F 91 -64.29 1.55 49.73
C LEU F 91 -65.30 0.57 50.32
N ASN F 92 -66.40 0.35 49.59
CA ASN F 92 -67.49 -0.51 50.06
C ASN F 92 -67.00 -1.85 50.60
N PHE F 93 -66.11 -2.50 49.86
CA PHE F 93 -65.58 -3.79 50.24
C PHE F 93 -64.71 -3.75 51.51
N LEU F 94 -63.88 -2.72 51.63
CA LEU F 94 -63.01 -2.57 52.80
C LEU F 94 -63.83 -2.22 54.05
N THR F 95 -64.90 -1.46 53.85
CA THR F 95 -65.83 -1.12 54.92
C THR F 95 -66.53 -2.39 55.42
N LEU F 96 -67.13 -3.13 54.50
CA LEU F 96 -67.72 -4.42 54.84
C LEU F 96 -66.69 -5.26 55.59
N TRP F 97 -65.48 -5.35 55.05
CA TRP F 97 -64.41 -6.14 55.65
C TRP F 97 -64.20 -5.79 57.11
N GLN F 98 -63.83 -4.53 57.36
CA GLN F 98 -63.64 -4.04 58.72
C GLN F 98 -64.83 -4.42 59.61
N ALA F 99 -66.05 -4.23 59.09
CA ALA F 99 -67.25 -4.53 59.86
C ALA F 99 -67.38 -6.02 60.23
N PHE F 100 -67.03 -6.89 59.29
CA PHE F 100 -67.10 -8.33 59.48
C PHE F 100 -66.00 -8.80 60.43
N ASP F 101 -64.88 -8.11 60.42
CA ASP F 101 -63.76 -8.42 61.31
C ASP F 101 -64.05 -7.99 62.74
N GLN F 102 -64.70 -6.84 62.89
CA GLN F 102 -65.13 -6.40 64.22
C GLN F 102 -66.28 -7.27 64.73
N PHE F 103 -67.09 -7.77 63.81
CA PHE F 103 -68.13 -8.74 64.16
C PHE F 103 -67.52 -10.05 64.66
N ARG F 104 -66.49 -10.53 63.96
CA ARG F 104 -65.73 -11.70 64.41
C ARG F 104 -65.15 -11.47 65.81
N GLU F 105 -64.28 -10.46 65.92
CA GLU F 105 -63.63 -10.12 67.19
C GLU F 105 -64.62 -9.97 68.33
N ALA F 106 -65.80 -9.42 68.05
CA ALA F 106 -66.81 -9.18 69.09
C ALA F 106 -67.63 -10.41 69.49
N HIS F 107 -68.09 -11.19 68.51
CA HIS F 107 -68.87 -12.40 68.79
C HIS F 107 -68.28 -13.63 68.10
N PRO F 108 -67.21 -14.21 68.69
CA PRO F 108 -66.57 -15.39 68.10
C PRO F 108 -67.45 -16.65 68.14
N GLN F 109 -68.50 -16.66 68.95
CA GLN F 109 -69.34 -17.85 69.11
C GLN F 109 -70.43 -17.96 68.05
N ALA F 110 -70.43 -17.03 67.10
CA ALA F 110 -71.39 -17.04 66.00
C ALA F 110 -71.13 -18.22 65.04
N GLN F 111 -72.16 -18.58 64.27
CA GLN F 111 -72.04 -19.69 63.32
C GLN F 111 -71.48 -19.25 61.97
N LEU F 112 -71.38 -17.94 61.75
CA LEU F 112 -70.83 -17.42 60.50
C LEU F 112 -69.34 -17.13 60.67
N GLN F 113 -68.49 -17.98 60.09
CA GLN F 113 -67.04 -17.80 60.15
C GLN F 113 -66.36 -17.26 58.88
N ARG F 114 -67.12 -17.09 57.80
CA ARG F 114 -66.51 -16.72 56.52
C ARG F 114 -67.34 -15.72 55.72
N LEU F 115 -66.65 -14.72 55.16
CA LEU F 115 -67.26 -13.76 54.26
C LEU F 115 -66.82 -14.07 52.83
N HIS F 116 -67.78 -14.13 51.91
CA HIS F 116 -67.47 -14.34 50.50
C HIS F 116 -68.04 -13.19 49.66
N PHE F 117 -67.13 -12.42 49.04
CA PHE F 117 -67.52 -11.20 48.34
C PHE F 117 -67.31 -11.36 46.83
N ILE F 118 -68.37 -11.13 46.06
CA ILE F 118 -68.33 -11.23 44.61
C ILE F 118 -68.55 -9.85 43.99
N SER F 119 -67.50 -9.28 43.37
CA SER F 119 -67.63 -7.92 42.83
C SER F 119 -67.24 -7.80 41.35
N PHE F 120 -67.91 -6.90 40.63
CA PHE F 120 -67.56 -6.65 39.23
C PHE F 120 -66.92 -5.27 39.08
N GLU F 121 -65.88 -5.17 38.26
CA GLU F 121 -65.21 -3.89 38.03
C GLU F 121 -64.79 -3.71 36.57
N LYS F 122 -65.17 -2.59 35.96
CA LYS F 122 -64.85 -2.34 34.56
C LYS F 122 -63.39 -1.90 34.34
N PHE F 123 -62.91 -0.97 35.18
CA PHE F 123 -61.52 -0.51 35.11
C PHE F 123 -60.73 -0.96 36.34
N PRO F 124 -59.71 -1.81 36.12
CA PRO F 124 -58.87 -2.41 37.17
C PRO F 124 -58.25 -1.39 38.13
N LEU F 125 -58.03 -1.81 39.37
CA LEU F 125 -57.77 -0.86 40.46
C LEU F 125 -56.33 -0.54 40.91
N THR F 126 -55.30 -1.10 40.27
CA THR F 126 -53.98 -0.45 40.43
C THR F 126 -53.43 -0.31 41.86
N ARG F 127 -52.73 -1.33 42.38
CA ARG F 127 -52.20 -1.29 43.74
C ARG F 127 -51.70 0.11 44.14
N ALA F 128 -51.12 0.84 43.19
CA ALA F 128 -50.67 2.21 43.44
C ALA F 128 -51.72 3.12 44.11
N ASP F 129 -52.96 3.10 43.60
CA ASP F 129 -54.01 3.95 44.16
C ASP F 129 -54.82 3.22 45.24
N LEU F 130 -54.44 1.96 45.50
CA LEU F 130 -55.00 1.19 46.61
C LEU F 130 -54.15 1.40 47.86
N ALA F 131 -52.95 1.97 47.67
CA ALA F 131 -52.06 2.34 48.77
C ALA F 131 -52.29 3.79 49.17
N LEU F 132 -53.05 4.51 48.34
CA LEU F 132 -53.50 5.86 48.63
C LEU F 132 -54.83 5.82 49.36
N ALA F 133 -55.80 5.13 48.77
CA ALA F 133 -57.05 4.82 49.45
C ALA F 133 -56.72 4.23 50.83
N HIS F 134 -55.50 3.71 50.97
CA HIS F 134 -54.94 3.32 52.26
C HIS F 134 -54.76 4.53 53.19
N GLN F 135 -54.21 5.62 52.65
CA GLN F 135 -53.98 6.84 53.42
C GLN F 135 -55.14 7.84 53.36
N HIS F 136 -56.09 7.59 52.46
CA HIS F 136 -57.27 8.46 52.32
C HIS F 136 -58.30 8.10 53.40
N TRP F 137 -58.19 6.89 53.93
CA TRP F 137 -58.99 6.43 55.06
C TRP F 137 -58.10 5.61 55.98
N PRO F 138 -57.23 6.28 56.75
CA PRO F 138 -56.20 5.57 57.54
C PRO F 138 -56.80 4.51 58.45
N GLU F 139 -58.05 4.71 58.85
CA GLU F 139 -58.76 3.75 59.70
C GLU F 139 -58.84 2.38 59.04
N LEU F 140 -58.96 2.38 57.71
CA LEU F 140 -59.05 1.14 56.93
C LEU F 140 -57.68 0.65 56.47
N ALA F 141 -56.63 1.34 56.89
CA ALA F 141 -55.28 1.06 56.39
C ALA F 141 -54.93 -0.42 56.45
N PRO F 142 -54.95 -1.02 57.65
CA PRO F 142 -54.53 -2.42 57.78
C PRO F 142 -55.27 -3.32 56.80
N TRP F 143 -56.52 -2.99 56.51
CA TRP F 143 -57.30 -3.77 55.54
C TRP F 143 -56.81 -3.53 54.11
N ALA F 144 -56.79 -2.26 53.69
CA ALA F 144 -56.39 -1.91 52.33
C ALA F 144 -55.04 -2.53 52.01
N GLU F 145 -54.11 -2.35 52.94
CA GLU F 145 -52.77 -2.93 52.83
C GLU F 145 -52.87 -4.38 52.36
N GLN F 146 -53.54 -5.23 53.13
CA GLN F 146 -53.57 -6.65 52.78
C GLN F 146 -54.16 -6.92 51.39
N LEU F 147 -55.17 -6.13 51.00
CA LEU F 147 -55.72 -6.26 49.67
C LEU F 147 -54.56 -6.06 48.68
N GLN F 148 -53.86 -4.95 48.86
CA GLN F 148 -52.71 -4.58 48.05
C GLN F 148 -51.68 -5.70 47.99
N ALA F 149 -51.64 -6.53 49.04
CA ALA F 149 -50.68 -7.63 49.08
C ALA F 149 -50.97 -8.68 48.01
N GLN F 150 -52.24 -9.07 47.89
CA GLN F 150 -52.63 -10.09 46.92
C GLN F 150 -53.23 -9.60 45.60
N TRP F 151 -53.27 -8.30 45.38
CA TRP F 151 -53.97 -7.74 44.21
C TRP F 151 -53.56 -8.41 42.90
N PRO F 152 -54.56 -8.90 42.13
CA PRO F 152 -54.38 -9.73 40.94
C PRO F 152 -53.99 -8.98 39.68
N MET F 153 -53.35 -9.69 38.75
CA MET F 153 -53.07 -9.18 37.42
C MET F 153 -54.39 -9.02 36.66
N PRO F 154 -54.57 -7.88 35.98
CA PRO F 154 -55.84 -7.49 35.36
C PRO F 154 -56.23 -8.29 34.12
N LEU F 155 -56.31 -9.61 34.25
CA LEU F 155 -56.81 -10.44 33.17
C LEU F 155 -58.34 -10.43 33.17
N PRO F 156 -58.95 -10.46 31.98
CA PRO F 156 -60.42 -10.50 31.86
C PRO F 156 -61.00 -11.73 32.55
N GLY F 157 -62.19 -11.59 33.12
CA GLY F 157 -62.83 -12.69 33.81
C GLY F 157 -62.66 -12.65 35.33
N CYS F 158 -62.88 -13.80 35.96
CA CYS F 158 -62.90 -13.88 37.41
C CYS F 158 -61.54 -14.21 38.03
N HIS F 159 -61.14 -13.41 39.01
CA HIS F 159 -59.93 -13.67 39.78
C HIS F 159 -60.28 -13.84 41.26
N ARG F 160 -59.79 -14.92 41.86
CA ARG F 160 -60.07 -15.19 43.27
C ARG F 160 -58.91 -14.87 44.19
N LEU F 161 -59.19 -14.07 45.23
CA LEU F 161 -58.21 -13.79 46.25
C LEU F 161 -58.59 -14.46 47.57
N LEU F 162 -57.64 -15.21 48.12
CA LEU F 162 -57.80 -15.79 49.45
C LEU F 162 -57.17 -14.83 50.44
N LEU F 163 -58.01 -14.19 51.25
CA LEU F 163 -57.55 -13.17 52.18
C LEU F 163 -57.93 -13.54 53.61
N ASP F 164 -57.15 -13.06 54.56
CA ASP F 164 -57.36 -13.39 55.97
C ASP F 164 -57.20 -14.89 56.15
N GLU F 165 -56.18 -15.45 55.49
CA GLU F 165 -55.91 -16.88 55.50
C GLU F 165 -57.15 -17.75 55.28
N GLY F 166 -57.91 -17.42 54.23
CA GLY F 166 -59.06 -18.20 53.84
C GLY F 166 -60.37 -17.74 54.44
N ARG F 167 -60.28 -16.92 55.48
CA ARG F 167 -61.47 -16.42 56.17
C ARG F 167 -62.36 -15.60 55.25
N VAL F 168 -61.74 -14.76 54.42
CA VAL F 168 -62.47 -13.93 53.47
C VAL F 168 -62.05 -14.25 52.03
N THR F 169 -63.00 -14.63 51.20
CA THR F 169 -62.71 -14.89 49.80
C THR F 169 -63.22 -13.72 48.95
N LEU F 170 -62.46 -13.36 47.91
CA LEU F 170 -62.90 -12.27 47.04
C LEU F 170 -62.92 -12.67 45.56
N ASP F 171 -64.11 -12.66 44.98
CA ASP F 171 -64.25 -12.87 43.54
C ASP F 171 -64.30 -11.52 42.84
N LEU F 172 -63.25 -11.19 42.07
CA LEU F 172 -63.22 -9.97 41.28
C LEU F 172 -63.37 -10.28 39.80
N TRP F 173 -64.52 -9.92 39.24
CA TRP F 173 -64.78 -10.13 37.82
C TRP F 173 -64.39 -8.89 37.02
N PHE F 174 -63.46 -9.04 36.09
CA PHE F 174 -63.05 -7.94 35.23
C PHE F 174 -63.85 -7.92 33.93
N GLY F 175 -64.68 -6.90 33.77
CA GLY F 175 -65.54 -6.76 32.61
C GLY F 175 -66.82 -6.03 32.96
N ASP F 176 -67.71 -5.89 31.97
CA ASP F 176 -69.00 -5.21 32.20
C ASP F 176 -69.98 -6.17 32.86
N ILE F 177 -70.60 -5.72 33.95
CA ILE F 177 -71.45 -6.60 34.75
C ILE F 177 -72.73 -7.02 34.02
N ASN F 178 -73.18 -6.23 33.06
CA ASN F 178 -74.37 -6.59 32.29
C ASN F 178 -74.07 -7.65 31.25
N GLU F 179 -72.83 -7.66 30.75
CA GLU F 179 -72.36 -8.68 29.83
C GLU F 179 -71.96 -9.97 30.54
N LEU F 180 -71.50 -9.84 31.78
CA LEU F 180 -70.98 -10.98 32.54
C LEU F 180 -72.04 -11.81 33.26
N THR F 181 -73.25 -11.26 33.41
CA THR F 181 -74.32 -11.98 34.11
C THR F 181 -74.84 -13.14 33.27
N SER F 182 -74.69 -13.04 31.96
CA SER F 182 -75.10 -14.09 31.04
C SER F 182 -74.11 -15.25 31.03
N GLN F 183 -72.85 -14.94 31.31
CA GLN F 183 -71.80 -15.97 31.35
C GLN F 183 -71.59 -16.54 32.75
N LEU F 184 -72.39 -16.07 33.71
CA LEU F 184 -72.32 -16.57 35.09
C LEU F 184 -72.92 -17.97 35.22
N ASP F 185 -72.27 -18.80 36.02
CA ASP F 185 -72.71 -20.17 36.23
C ASP F 185 -74.06 -20.20 36.95
N ASP F 186 -74.76 -21.31 36.84
CA ASP F 186 -76.05 -21.48 37.52
C ASP F 186 -75.85 -21.90 38.96
N SER F 187 -74.65 -22.38 39.27
CA SER F 187 -74.31 -22.81 40.62
C SER F 187 -74.36 -21.63 41.58
N LEU F 188 -74.30 -20.42 41.00
CA LEU F 188 -74.26 -19.19 41.78
C LEU F 188 -75.66 -18.64 42.05
N ASN F 189 -76.67 -19.26 41.44
CA ASN F 189 -78.06 -18.83 41.62
C ASN F 189 -78.60 -19.11 43.02
N GLN F 190 -79.13 -18.06 43.65
CA GLN F 190 -79.68 -18.13 45.00
C GLN F 190 -78.67 -18.42 46.12
N LYS F 191 -77.40 -18.10 45.87
CA LYS F 191 -76.39 -18.18 46.92
C LYS F 191 -76.02 -16.83 47.56
N VAL F 192 -76.58 -15.74 47.05
CA VAL F 192 -76.18 -14.39 47.48
C VAL F 192 -77.11 -13.80 48.53
N ASP F 193 -76.59 -13.61 49.74
CA ASP F 193 -77.37 -13.09 50.86
C ASP F 193 -77.67 -11.61 50.73
N ALA F 194 -76.64 -10.82 50.47
CA ALA F 194 -76.77 -9.36 50.41
C ALA F 194 -76.28 -8.78 49.10
N TRP F 195 -76.96 -7.74 48.63
CA TRP F 195 -76.61 -7.07 47.37
C TRP F 195 -76.20 -5.62 47.57
N PHE F 196 -75.01 -5.26 47.11
CA PHE F 196 -74.58 -3.87 47.07
C PHE F 196 -74.75 -3.34 45.65
N LEU F 197 -75.72 -2.44 45.46
CA LEU F 197 -75.93 -1.84 44.14
C LEU F 197 -75.30 -0.46 44.17
N ASP F 198 -74.17 -0.32 43.48
CA ASP F 198 -73.39 0.90 43.53
C ASP F 198 -72.87 1.26 42.14
N GLY F 199 -72.64 2.55 41.92
CA GLY F 199 -72.17 3.04 40.64
C GLY F 199 -72.44 4.53 40.50
N PHE F 200 -72.51 5.00 39.27
CA PHE F 200 -72.85 6.40 39.01
C PHE F 200 -74.35 6.58 39.22
N ALA F 201 -74.73 7.76 39.72
CA ALA F 201 -76.14 8.09 39.89
C ALA F 201 -76.89 7.91 38.57
N PRO F 202 -78.16 7.47 38.64
CA PRO F 202 -78.96 7.18 37.44
C PRO F 202 -79.12 8.40 36.54
N ALA F 203 -78.81 9.59 37.05
CA ALA F 203 -78.83 10.80 36.25
C ALA F 203 -77.51 11.01 35.53
N LYS F 204 -76.57 10.09 35.73
CA LYS F 204 -75.27 10.15 35.07
C LYS F 204 -75.14 9.05 34.01
N ASN F 205 -74.96 7.81 34.46
CA ASN F 205 -74.80 6.67 33.57
C ASN F 205 -75.86 5.59 33.79
N PRO F 206 -77.07 5.82 33.24
CA PRO F 206 -78.20 4.88 33.38
C PRO F 206 -77.90 3.50 32.79
N ASP F 207 -76.84 3.40 31.99
CA ASP F 207 -76.48 2.17 31.28
C ASP F 207 -76.36 0.92 32.17
N MET F 208 -75.86 1.09 33.38
CA MET F 208 -75.67 -0.04 34.29
C MET F 208 -76.99 -0.44 34.94
N TRP F 209 -77.95 0.48 34.91
CA TRP F 209 -79.19 0.37 35.66
C TRP F 209 -80.30 -0.34 34.87
N THR F 210 -79.93 -0.91 33.73
CA THR F 210 -80.85 -1.64 32.85
C THR F 210 -81.48 -2.86 33.54
N GLN F 211 -82.62 -3.29 33.01
CA GLN F 211 -83.42 -4.37 33.59
C GLN F 211 -82.68 -5.69 33.77
N ASN F 212 -81.84 -6.04 32.79
CA ASN F 212 -81.05 -7.26 32.86
C ASN F 212 -80.33 -7.42 34.19
N LEU F 213 -79.81 -6.32 34.73
CA LEU F 213 -79.11 -6.31 36.01
C LEU F 213 -80.05 -6.61 37.20
N PHE F 214 -81.26 -6.08 37.14
CA PHE F 214 -82.25 -6.33 38.20
C PHE F 214 -82.70 -7.79 38.19
N ASN F 215 -83.00 -8.30 36.99
CA ASN F 215 -83.39 -9.70 36.85
C ASN F 215 -82.25 -10.65 37.21
N ALA F 216 -81.02 -10.20 37.00
CA ALA F 216 -79.84 -10.98 37.36
C ALA F 216 -79.67 -11.00 38.88
N MET F 217 -79.82 -9.84 39.51
CA MET F 217 -79.72 -9.74 40.97
C MET F 217 -80.85 -10.52 41.64
N ALA F 218 -81.98 -10.65 40.94
CA ALA F 218 -83.10 -11.45 41.43
C ALA F 218 -82.85 -12.93 41.19
N ARG F 219 -82.09 -13.24 40.16
CA ARG F 219 -81.69 -14.62 39.87
C ARG F 219 -80.60 -15.05 40.84
N LEU F 220 -79.69 -14.12 41.17
CA LEU F 220 -78.61 -14.37 42.11
C LEU F 220 -79.03 -14.10 43.56
N ALA F 221 -80.25 -13.58 43.74
CA ALA F 221 -80.79 -13.29 45.06
C ALA F 221 -81.15 -14.60 45.73
N ARG F 222 -81.87 -14.54 46.84
CA ARG F 222 -82.01 -15.70 47.70
C ARG F 222 -83.05 -15.40 48.76
N PRO F 223 -83.90 -16.38 49.08
CA PRO F 223 -85.02 -16.13 49.99
C PRO F 223 -84.54 -15.48 51.28
N GLY F 224 -85.16 -14.37 51.66
CA GLY F 224 -84.72 -13.60 52.81
C GLY F 224 -83.56 -12.67 52.52
N GLY F 225 -82.94 -12.85 51.36
CA GLY F 225 -81.80 -12.07 50.94
C GLY F 225 -82.16 -10.65 50.53
N THR F 226 -81.26 -9.70 50.78
CA THR F 226 -81.58 -8.29 50.62
C THR F 226 -80.76 -7.56 49.56
N LEU F 227 -81.10 -6.29 49.36
CA LEU F 227 -80.45 -5.40 48.40
C LEU F 227 -80.54 -3.95 48.89
N ALA F 228 -79.48 -3.17 48.66
CA ALA F 228 -79.45 -1.79 49.14
C ALA F 228 -78.77 -0.85 48.14
N THR F 229 -79.36 0.33 47.97
CA THR F 229 -78.83 1.31 47.03
C THR F 229 -79.08 2.75 47.49
N PHE F 230 -78.20 3.65 47.08
CA PHE F 230 -78.29 5.06 47.44
C PHE F 230 -79.34 5.81 46.62
N THR F 231 -79.68 5.28 45.46
CA THR F 231 -80.55 5.99 44.52
C THR F 231 -82.04 5.78 44.78
N SER F 232 -82.78 6.89 44.79
CA SER F 232 -84.22 6.88 44.99
C SER F 232 -85.00 6.96 43.67
N ALA F 233 -84.26 7.04 42.56
CA ALA F 233 -84.87 7.25 41.24
C ALA F 233 -85.94 6.20 40.91
N GLY F 234 -86.95 6.62 40.16
CA GLY F 234 -88.12 5.80 39.90
C GLY F 234 -87.90 4.48 39.18
N PHE F 235 -87.27 4.51 38.01
CA PHE F 235 -87.10 3.31 37.20
C PHE F 235 -86.29 2.24 37.92
N VAL F 236 -85.62 2.66 39.00
CA VAL F 236 -84.87 1.76 39.86
C VAL F 236 -85.81 0.95 40.74
N ARG F 237 -86.59 1.63 41.57
CA ARG F 237 -87.63 0.97 42.36
C ARG F 237 -88.54 0.10 41.48
N ARG F 238 -89.10 0.70 40.43
CA ARG F 238 -90.01 -0.02 39.54
C ARG F 238 -89.35 -1.25 38.93
N GLY F 239 -88.19 -1.05 38.30
CA GLY F 239 -87.47 -2.13 37.66
C GLY F 239 -87.08 -3.26 38.60
N LEU F 240 -86.63 -2.90 39.80
CA LEU F 240 -86.27 -3.88 40.80
C LEU F 240 -87.51 -4.60 41.35
N GLN F 241 -88.67 -3.96 41.21
CA GLN F 241 -89.93 -4.60 41.58
C GLN F 241 -90.41 -5.58 40.51
N ASP F 242 -90.10 -5.27 39.26
CA ASP F 242 -90.33 -6.22 38.17
C ASP F 242 -89.52 -7.49 38.40
N ALA F 243 -88.35 -7.32 39.02
CA ALA F 243 -87.44 -8.43 39.26
C ALA F 243 -87.89 -9.34 40.40
N GLY F 244 -88.87 -8.89 41.17
CA GLY F 244 -89.39 -9.68 42.27
C GLY F 244 -89.03 -9.18 43.65
N PHE F 245 -88.16 -8.18 43.72
CA PHE F 245 -87.77 -7.61 45.00
C PHE F 245 -88.91 -6.80 45.62
N THR F 246 -89.20 -7.08 46.89
CA THR F 246 -90.12 -6.25 47.65
C THR F 246 -89.32 -5.04 48.14
N MET F 247 -89.76 -3.85 47.76
CA MET F 247 -88.93 -2.65 47.87
C MET F 247 -89.46 -1.58 48.83
N GLN F 248 -88.65 -1.24 49.84
CA GLN F 248 -88.99 -0.18 50.77
C GLN F 248 -88.04 1.02 50.64
N LYS F 249 -88.57 2.21 50.91
CA LYS F 249 -87.80 3.44 50.83
C LYS F 249 -87.51 4.01 52.23
N ARG F 250 -86.24 3.96 52.64
CA ARG F 250 -85.81 4.51 53.92
C ARG F 250 -85.09 5.81 53.63
N LYS F 251 -85.20 6.78 54.55
CA LYS F 251 -84.59 8.08 54.36
C LYS F 251 -83.10 7.91 54.06
N GLY F 252 -82.57 8.73 53.16
CA GLY F 252 -81.23 8.53 52.64
C GLY F 252 -80.16 8.87 53.66
N PHE F 253 -78.93 9.06 53.20
CA PHE F 253 -77.84 9.43 54.11
C PHE F 253 -78.11 10.85 54.60
N GLY F 254 -77.19 11.43 55.36
CA GLY F 254 -77.55 12.53 56.23
C GLY F 254 -78.38 13.63 55.60
N ARG F 255 -77.91 14.24 54.51
CA ARG F 255 -78.73 15.21 53.80
C ARG F 255 -79.41 14.72 52.51
N LYS F 256 -79.16 13.48 52.12
CA LYS F 256 -79.63 12.96 50.84
C LYS F 256 -81.16 12.75 50.81
N ARG F 257 -81.76 12.91 49.64
CA ARG F 257 -83.21 12.89 49.51
C ARG F 257 -83.83 11.66 50.17
N GLU F 258 -83.64 10.51 49.54
CA GLU F 258 -83.99 9.22 50.14
C GLU F 258 -83.22 8.11 49.43
N MET F 259 -83.09 6.96 50.08
CA MET F 259 -82.41 5.82 49.46
C MET F 259 -83.41 4.69 49.21
N LEU F 260 -82.92 3.57 48.69
CA LEU F 260 -83.82 2.47 48.34
C LEU F 260 -83.26 1.12 48.81
N CYS F 261 -84.00 0.43 49.68
CA CYS F 261 -83.56 -0.90 50.10
C CYS F 261 -84.72 -1.90 50.16
N GLY F 262 -84.42 -3.16 49.83
CA GLY F 262 -85.47 -4.16 49.76
C GLY F 262 -85.00 -5.59 49.96
N VAL F 263 -85.92 -6.53 49.80
CA VAL F 263 -85.62 -7.93 50.09
C VAL F 263 -86.47 -8.86 49.23
N MET F 264 -85.94 -10.04 48.93
CA MET F 264 -86.67 -11.02 48.15
C MET F 264 -87.39 -11.95 49.12
N GLU F 265 -88.70 -11.77 49.23
CA GLU F 265 -89.51 -12.54 50.17
C GLU F 265 -90.26 -13.70 49.52
N GLN F 266 -90.03 -13.89 48.22
CA GLN F 266 -90.60 -15.03 47.52
C GLN F 266 -89.49 -15.99 47.09
N THR F 267 -89.89 -17.10 46.48
CA THR F 267 -88.95 -18.07 45.94
C THR F 267 -89.27 -18.25 44.47
N LEU F 268 -88.26 -18.11 43.62
CA LEU F 268 -88.46 -18.33 42.18
C LEU F 268 -88.00 -19.74 41.84
N PRO F 269 -88.23 -20.17 40.58
CA PRO F 269 -87.62 -21.44 40.16
C PRO F 269 -86.14 -21.25 39.86
N LEU F 270 -85.30 -22.21 40.25
CA LEU F 270 -83.89 -22.14 39.91
C LEU F 270 -83.76 -22.24 38.40
N PRO F 271 -83.29 -21.17 37.75
CA PRO F 271 -83.32 -21.06 36.28
C PRO F 271 -82.59 -22.20 35.57
N CYS F 272 -81.38 -22.52 36.02
CA CYS F 272 -80.58 -23.59 35.40
C CYS F 272 -80.57 -23.50 33.87
N SER F 273 -79.86 -22.50 33.35
CA SER F 273 -79.73 -22.29 31.91
C SER F 273 -79.31 -23.54 31.14
N ALA F 274 -78.29 -24.22 31.65
CA ALA F 274 -77.73 -25.39 31.00
C ALA F 274 -77.67 -26.60 31.92
N PRO F 275 -78.71 -27.44 31.89
CA PRO F 275 -78.81 -28.65 32.72
C PRO F 275 -77.68 -29.66 32.46
N TRP F 276 -77.35 -29.90 31.20
CA TRP F 276 -76.34 -30.90 30.83
C TRP F 276 -74.96 -30.62 31.42
N PHE F 277 -74.59 -29.34 31.53
CA PHE F 277 -73.45 -28.98 32.35
C PHE F 277 -74.03 -28.44 33.65
N ASN F 278 -73.94 -29.23 34.71
CA ASN F 278 -74.51 -28.82 35.99
C ASN F 278 -73.62 -29.24 37.15
N ARG F 279 -73.34 -28.29 38.02
CA ARG F 279 -72.44 -28.55 39.14
C ARG F 279 -73.16 -28.47 40.47
N THR F 280 -73.27 -29.62 41.12
CA THR F 280 -74.02 -29.75 42.37
C THR F 280 -73.10 -30.02 43.54
N GLY F 281 -73.52 -29.59 44.72
CA GLY F 281 -72.75 -29.79 45.93
C GLY F 281 -73.28 -30.88 46.82
N SER F 282 -73.01 -30.76 48.12
CA SER F 282 -73.35 -31.77 49.10
C SER F 282 -73.66 -31.12 50.44
N SER F 283 -74.62 -31.67 51.17
CA SER F 283 -74.89 -31.21 52.53
C SER F 283 -74.11 -32.00 53.57
N LYS F 284 -73.49 -33.10 53.12
CA LYS F 284 -72.61 -33.89 53.98
C LYS F 284 -71.20 -33.31 53.92
N ARG F 285 -70.70 -32.86 55.06
CA ARG F 285 -69.42 -32.18 55.11
C ARG F 285 -68.23 -33.09 55.42
N GLU F 286 -68.49 -34.39 55.48
CA GLU F 286 -67.44 -35.38 55.69
C GLU F 286 -67.04 -36.00 54.34
N ALA F 287 -65.73 -36.12 54.10
CA ALA F 287 -65.23 -36.58 52.80
C ALA F 287 -63.91 -37.35 52.90
N ALA F 288 -63.70 -38.25 51.94
CA ALA F 288 -62.47 -39.03 51.87
C ALA F 288 -61.90 -39.05 50.44
N ILE F 289 -60.71 -38.49 50.27
CA ILE F 289 -60.07 -38.39 48.96
C ILE F 289 -59.13 -39.56 48.67
N ILE F 290 -59.32 -40.21 47.52
CA ILE F 290 -58.32 -41.13 46.99
C ILE F 290 -57.32 -40.25 46.22
N GLY F 291 -56.03 -40.40 46.48
CA GLY F 291 -55.10 -39.33 46.17
C GLY F 291 -53.67 -39.51 46.66
N GLY F 292 -53.00 -38.40 46.96
CA GLY F 292 -51.58 -38.39 47.25
C GLY F 292 -50.71 -37.70 46.22
N GLY F 293 -51.34 -37.10 45.22
CA GLY F 293 -50.65 -36.22 44.28
C GLY F 293 -50.80 -34.76 44.68
N ILE F 294 -50.80 -33.87 43.69
CA ILE F 294 -51.00 -32.44 43.93
C ILE F 294 -52.48 -32.10 44.13
N ALA F 295 -53.32 -32.75 43.33
CA ALA F 295 -54.77 -32.54 43.39
C ALA F 295 -55.32 -32.89 44.76
N SER F 296 -54.77 -33.95 45.35
CA SER F 296 -55.21 -34.42 46.66
C SER F 296 -54.76 -33.50 47.80
N ALA F 297 -53.56 -32.96 47.66
CA ALA F 297 -53.00 -32.06 48.66
C ALA F 297 -53.72 -30.71 48.65
N LEU F 298 -53.80 -30.08 47.48
CA LEU F 298 -54.45 -28.79 47.34
C LEU F 298 -55.97 -28.85 47.54
N LEU F 299 -56.60 -29.86 46.95
CA LEU F 299 -58.03 -30.08 47.14
C LEU F 299 -58.28 -30.41 48.61
N SER F 300 -57.34 -31.12 49.22
CA SER F 300 -57.42 -31.47 50.63
C SER F 300 -57.44 -30.22 51.52
N LEU F 301 -56.46 -29.34 51.34
CA LEU F 301 -56.45 -28.07 52.06
C LEU F 301 -57.73 -27.28 51.81
N ALA F 302 -58.17 -27.26 50.55
CA ALA F 302 -59.35 -26.51 50.14
C ALA F 302 -60.63 -27.01 50.79
N LEU F 303 -60.69 -28.32 51.07
CA LEU F 303 -61.83 -28.90 51.79
C LEU F 303 -61.72 -28.64 53.29
N LEU F 304 -60.51 -28.80 53.84
CA LEU F 304 -60.28 -28.54 55.26
C LEU F 304 -60.64 -27.10 55.65
N ARG F 305 -60.41 -26.16 54.73
CA ARG F 305 -60.65 -24.74 55.03
C ARG F 305 -62.11 -24.37 55.33
N ARG F 306 -63.06 -25.13 54.78
CA ARG F 306 -64.47 -24.78 54.89
C ARG F 306 -65.22 -25.47 56.04
N GLY F 307 -64.51 -26.28 56.81
CA GLY F 307 -65.12 -27.00 57.92
C GLY F 307 -65.44 -28.43 57.56
N TRP F 308 -64.93 -28.87 56.41
CA TRP F 308 -65.08 -30.26 55.98
C TRP F 308 -64.09 -31.15 56.72
N GLN F 309 -64.57 -32.31 57.15
CA GLN F 309 -63.68 -33.35 57.67
C GLN F 309 -63.14 -34.13 56.48
N VAL F 310 -61.84 -34.40 56.47
CA VAL F 310 -61.23 -35.02 55.30
C VAL F 310 -60.31 -36.20 55.66
N THR F 311 -60.41 -37.27 54.88
CA THR F 311 -59.60 -38.47 55.09
C THR F 311 -58.97 -38.93 53.77
N LEU F 312 -57.65 -38.93 53.71
CA LEU F 312 -56.94 -39.30 52.49
C LEU F 312 -56.50 -40.77 52.48
N TYR F 313 -56.73 -41.43 51.35
CA TYR F 313 -56.31 -42.82 51.16
C TYR F 313 -55.33 -42.90 49.98
N CYS F 314 -54.07 -43.21 50.29
CA CYS F 314 -53.04 -43.29 49.26
C CYS F 314 -52.82 -44.75 48.85
N ALA F 315 -51.98 -44.95 47.84
CA ALA F 315 -51.67 -46.29 47.35
C ALA F 315 -50.28 -46.69 47.83
N ASP F 316 -49.28 -45.91 47.43
CA ASP F 316 -47.91 -46.13 47.85
C ASP F 316 -47.73 -45.78 49.32
N GLU F 317 -46.51 -45.95 49.81
CA GLU F 317 -46.19 -45.70 51.21
C GLU F 317 -45.92 -44.23 51.48
N ALA F 318 -45.81 -43.45 50.40
CA ALA F 318 -45.54 -42.01 50.52
C ALA F 318 -46.27 -41.23 49.44
N PRO F 319 -46.53 -39.94 49.71
CA PRO F 319 -47.16 -39.06 48.71
C PRO F 319 -46.16 -38.66 47.63
N ALA F 320 -46.65 -38.24 46.47
CA ALA F 320 -45.79 -37.78 45.38
C ALA F 320 -44.88 -38.87 44.82
N LEU F 321 -45.34 -40.12 44.91
CA LEU F 321 -44.63 -41.23 44.27
C LEU F 321 -45.25 -41.50 42.90
N GLY F 322 -46.27 -40.73 42.57
CA GLY F 322 -46.88 -40.77 41.26
C GLY F 322 -46.29 -39.71 40.34
N ALA F 323 -47.11 -39.18 39.44
CA ALA F 323 -46.67 -38.16 38.49
C ALA F 323 -46.26 -36.84 39.13
N SER F 324 -46.48 -36.72 40.44
CA SER F 324 -46.19 -35.49 41.17
C SER F 324 -44.78 -35.45 41.75
N GLY F 325 -43.96 -36.44 41.44
CA GLY F 325 -42.70 -36.64 42.14
C GLY F 325 -41.38 -36.21 41.52
N ASN F 326 -41.41 -35.27 40.57
CA ASN F 326 -40.16 -34.71 40.04
C ASN F 326 -39.49 -33.84 41.12
N ARG F 327 -38.19 -33.58 40.96
CA ARG F 327 -37.54 -32.59 41.81
C ARG F 327 -37.84 -31.17 41.34
N GLN F 328 -37.96 -30.99 40.03
CA GLN F 328 -38.36 -29.69 39.48
C GLN F 328 -39.38 -29.77 38.33
N GLY F 329 -40.56 -29.20 38.55
CA GLY F 329 -41.53 -28.97 37.50
C GLY F 329 -41.60 -27.51 37.10
N ALA F 330 -42.26 -27.23 35.98
CA ALA F 330 -42.36 -25.86 35.47
C ALA F 330 -43.74 -25.25 35.68
N LEU F 331 -43.77 -23.99 36.08
CA LEU F 331 -45.03 -23.27 36.26
C LEU F 331 -45.21 -22.20 35.19
N TYR F 332 -46.20 -22.40 34.31
CA TYR F 332 -46.47 -21.50 33.20
C TYR F 332 -47.70 -21.95 32.43
N PRO F 333 -48.53 -20.98 31.99
CA PRO F 333 -49.82 -21.27 31.35
C PRO F 333 -49.72 -21.69 29.89
N LEU F 334 -50.68 -22.50 29.44
CA LEU F 334 -50.84 -22.80 28.03
C LEU F 334 -51.88 -21.85 27.45
N LEU F 335 -51.42 -20.95 26.59
CA LEU F 335 -52.30 -19.95 25.98
C LEU F 335 -52.63 -20.35 24.55
N SER F 336 -53.84 -20.04 24.11
CA SER F 336 -54.22 -20.33 22.74
C SER F 336 -55.20 -19.29 22.19
N LYS F 337 -55.06 -19.00 20.91
CA LYS F 337 -55.91 -18.05 20.22
C LYS F 337 -57.31 -18.61 19.97
N HIS F 338 -57.36 -19.82 19.42
CA HIS F 338 -58.61 -20.40 18.92
C HIS F 338 -59.54 -21.04 19.98
N ASP F 339 -58.98 -21.48 21.09
CA ASP F 339 -59.80 -22.01 22.18
C ASP F 339 -59.81 -21.03 23.35
N GLU F 340 -60.94 -20.37 23.57
CA GLU F 340 -61.01 -19.31 24.59
C GLU F 340 -61.21 -19.86 26.00
N ALA F 341 -61.69 -21.10 26.10
CA ALA F 341 -61.85 -21.77 27.39
C ALA F 341 -60.51 -22.23 27.96
N LEU F 342 -59.73 -22.91 27.13
CA LEU F 342 -58.38 -23.33 27.50
C LEU F 342 -57.56 -22.08 27.84
N ASN F 343 -57.63 -21.10 26.95
CA ASN F 343 -56.93 -19.82 27.08
C ASN F 343 -57.25 -19.08 28.38
N ARG F 344 -58.53 -18.80 28.61
CA ARG F 344 -58.94 -18.09 29.82
C ARG F 344 -58.65 -18.88 31.11
N PHE F 345 -58.99 -20.17 31.10
CA PHE F 345 -58.76 -21.00 32.28
C PHE F 345 -57.28 -21.08 32.67
N PHE F 346 -56.41 -21.21 31.68
CA PHE F 346 -54.97 -21.27 32.00
C PHE F 346 -54.37 -19.91 32.35
N SER F 347 -54.90 -18.83 31.78
CA SER F 347 -54.47 -17.47 32.17
C SER F 347 -54.79 -17.17 33.64
N ASN F 348 -56.08 -17.25 33.97
CA ASN F 348 -56.53 -16.93 35.32
C ASN F 348 -56.09 -17.97 36.36
N ALA F 349 -56.04 -19.23 35.92
CA ALA F 349 -55.51 -20.31 36.74
C ALA F 349 -54.02 -20.12 37.00
N PHE F 350 -53.34 -19.50 36.04
CA PHE F 350 -51.91 -19.18 36.19
C PHE F 350 -51.66 -18.08 37.21
N THR F 351 -52.32 -16.94 37.04
CA THR F 351 -52.12 -15.85 38.01
C THR F 351 -52.56 -16.29 39.41
N PHE F 352 -53.73 -16.93 39.49
CA PHE F 352 -54.21 -17.46 40.76
C PHE F 352 -53.20 -18.42 41.35
N ALA F 353 -52.67 -19.31 40.53
CA ALA F 353 -51.62 -20.24 40.93
C ALA F 353 -50.51 -19.48 41.66
N ARG F 354 -49.85 -18.58 40.94
CA ARG F 354 -48.76 -17.80 41.52
C ARG F 354 -49.12 -17.16 42.87
N ARG F 355 -50.28 -16.49 42.94
CA ARG F 355 -50.73 -15.89 44.20
C ARG F 355 -50.84 -16.92 45.33
N PHE F 356 -51.43 -18.06 45.01
CA PHE F 356 -51.67 -19.14 45.97
C PHE F 356 -50.37 -19.75 46.47
N TYR F 357 -49.36 -19.80 45.61
CA TYR F 357 -48.05 -20.35 45.98
C TYR F 357 -47.25 -19.39 46.84
N ASP F 358 -47.32 -18.09 46.52
CA ASP F 358 -46.66 -17.10 47.36
C ASP F 358 -47.33 -17.02 48.73
N GLN F 359 -48.66 -17.09 48.74
CA GLN F 359 -49.44 -17.02 49.98
C GLN F 359 -49.29 -18.30 50.81
N LEU F 360 -48.97 -19.40 50.15
CA LEU F 360 -48.91 -20.71 50.82
C LEU F 360 -47.92 -20.72 51.98
N PRO F 361 -48.43 -21.03 53.19
CA PRO F 361 -47.65 -21.09 54.43
C PRO F 361 -46.96 -22.44 54.62
N VAL F 362 -46.10 -22.81 53.69
CA VAL F 362 -45.41 -24.10 53.74
C VAL F 362 -44.04 -24.04 53.05
N LYS F 363 -43.10 -24.85 53.54
CA LYS F 363 -41.76 -24.86 52.98
C LYS F 363 -41.68 -25.71 51.71
N PHE F 364 -41.29 -25.08 50.60
CA PHE F 364 -41.01 -25.80 49.37
C PHE F 364 -40.00 -25.06 48.51
N ASP F 365 -39.25 -25.79 47.70
CA ASP F 365 -38.23 -25.18 46.86
C ASP F 365 -38.81 -24.69 45.54
N HIS F 366 -38.35 -23.53 45.10
CA HIS F 366 -38.84 -22.92 43.88
C HIS F 366 -38.14 -21.61 43.63
N ASP F 367 -38.17 -21.16 42.37
CA ASP F 367 -37.75 -19.82 42.03
C ASP F 367 -38.63 -19.38 40.87
N TRP F 368 -39.17 -18.16 40.93
CA TRP F 368 -39.87 -17.69 39.75
C TRP F 368 -38.86 -16.88 38.96
N CYS F 369 -38.35 -17.50 37.89
CA CYS F 369 -37.39 -16.86 37.00
C CYS F 369 -38.05 -16.40 35.71
N GLY F 370 -39.32 -16.77 35.55
CA GLY F 370 -39.98 -16.69 34.26
C GLY F 370 -39.70 -17.94 33.44
N VAL F 371 -40.60 -18.27 32.53
CA VAL F 371 -40.41 -19.38 31.61
C VAL F 371 -40.40 -18.88 30.18
N THR F 372 -39.37 -19.27 29.42
CA THR F 372 -39.28 -18.84 28.02
C THR F 372 -39.45 -20.02 27.05
N GLN F 373 -40.53 -19.98 26.29
CA GLN F 373 -40.80 -20.96 25.26
C GLN F 373 -40.20 -20.47 23.94
N LEU F 374 -39.61 -21.38 23.16
CA LEU F 374 -38.86 -20.97 21.97
C LEU F 374 -39.22 -21.78 20.73
N GLY F 375 -39.67 -21.10 19.68
CA GLY F 375 -39.76 -21.73 18.39
C GLY F 375 -38.36 -21.95 17.85
N TRP F 376 -38.01 -23.21 17.61
CA TRP F 376 -36.73 -23.55 17.01
C TRP F 376 -36.87 -23.83 15.52
N ASP F 377 -38.13 -23.85 15.07
CA ASP F 377 -38.45 -24.13 13.67
C ASP F 377 -39.91 -23.79 13.38
N GLU F 378 -40.38 -24.16 12.19
CA GLU F 378 -41.69 -23.71 11.69
C GLU F 378 -42.84 -23.79 12.69
N LYS F 379 -43.27 -25.00 13.06
CA LYS F 379 -44.53 -25.17 13.81
C LYS F 379 -44.58 -24.44 15.15
N SER F 380 -43.49 -24.48 15.93
CA SER F 380 -43.46 -23.82 17.22
C SER F 380 -43.30 -22.30 17.11
N GLN F 381 -42.59 -21.86 16.07
CA GLN F 381 -42.51 -20.44 15.75
C GLN F 381 -43.89 -19.93 15.37
N HIS F 382 -44.70 -20.80 14.78
CA HIS F 382 -46.05 -20.45 14.36
C HIS F 382 -47.05 -20.42 15.50
N LYS F 383 -46.99 -21.41 16.40
CA LYS F 383 -47.89 -21.39 17.56
C LYS F 383 -47.50 -20.27 18.50
N ILE F 384 -46.20 -20.04 18.63
CA ILE F 384 -45.70 -18.89 19.39
C ILE F 384 -46.21 -17.59 18.78
N ALA F 385 -46.03 -17.45 17.47
CA ALA F 385 -46.47 -16.25 16.76
C ALA F 385 -47.98 -16.03 16.90
N GLN F 386 -48.75 -17.11 16.94
CA GLN F 386 -50.20 -17.00 17.10
C GLN F 386 -50.61 -16.77 18.55
N MET F 387 -49.69 -17.03 19.47
CA MET F 387 -49.90 -16.65 20.87
C MET F 387 -49.59 -15.16 21.04
N LEU F 388 -48.64 -14.66 20.25
CA LEU F 388 -48.25 -13.25 20.29
C LEU F 388 -49.21 -12.35 19.51
N SER F 389 -49.88 -12.92 18.51
CA SER F 389 -50.79 -12.15 17.67
C SER F 389 -52.08 -11.79 18.41
N MET F 390 -52.28 -12.35 19.59
CA MET F 390 -53.44 -11.98 20.40
C MET F 390 -53.19 -10.74 21.24
N ASP F 391 -51.99 -10.16 21.11
CA ASP F 391 -51.70 -8.88 21.76
C ASP F 391 -51.88 -8.96 23.28
N LEU F 392 -50.91 -9.55 23.97
CA LEU F 392 -51.10 -10.00 25.34
C LEU F 392 -50.37 -9.09 26.31
N PRO F 393 -50.90 -9.01 27.56
CA PRO F 393 -50.36 -8.16 28.62
C PRO F 393 -48.90 -8.48 28.90
N ALA F 394 -48.06 -7.45 29.01
CA ALA F 394 -46.65 -7.64 29.26
C ALA F 394 -46.40 -8.48 30.52
N GLU F 395 -47.34 -8.40 31.48
CA GLU F 395 -47.24 -9.14 32.73
C GLU F 395 -47.45 -10.64 32.55
N LEU F 396 -48.40 -11.02 31.68
CA LEU F 396 -48.70 -12.42 31.42
C LEU F 396 -47.64 -13.04 30.52
N ALA F 397 -47.55 -12.52 29.29
CA ALA F 397 -46.55 -12.97 28.33
C ALA F 397 -46.01 -11.80 27.52
N VAL F 398 -44.72 -11.85 27.18
CA VAL F 398 -44.09 -10.78 26.42
C VAL F 398 -43.38 -11.38 25.19
N ALA F 399 -43.24 -10.58 24.14
CA ALA F 399 -42.59 -11.05 22.92
C ALA F 399 -41.06 -10.87 23.01
N VAL F 400 -40.32 -11.93 22.68
CA VAL F 400 -38.86 -11.88 22.77
C VAL F 400 -38.17 -12.29 21.47
N GLU F 401 -37.08 -11.60 21.15
CA GLU F 401 -36.35 -11.83 19.91
C GLU F 401 -34.95 -12.37 20.22
N ALA F 402 -34.32 -13.01 19.25
CA ALA F 402 -33.14 -13.85 19.48
C ALA F 402 -32.09 -13.25 20.41
N ASN F 403 -31.85 -11.94 20.28
CA ASN F 403 -30.83 -11.27 21.07
C ASN F 403 -31.26 -10.97 22.51
N ALA F 404 -32.56 -10.84 22.74
CA ALA F 404 -33.11 -10.59 24.07
C ALA F 404 -33.23 -11.88 24.90
N VAL F 405 -33.49 -12.99 24.22
CA VAL F 405 -33.57 -14.29 24.87
C VAL F 405 -32.26 -14.61 25.58
N GLU F 406 -31.16 -14.12 25.01
CA GLU F 406 -29.83 -14.36 25.56
C GLU F 406 -29.60 -13.67 26.91
N GLN F 407 -29.93 -12.39 27.00
CA GLN F 407 -29.76 -11.66 28.26
C GLN F 407 -30.82 -12.04 29.28
N ILE F 408 -32.01 -12.42 28.81
CA ILE F 408 -33.09 -12.83 29.71
C ILE F 408 -32.87 -14.22 30.33
N THR F 409 -32.50 -15.20 29.51
CA THR F 409 -32.21 -16.55 30.02
C THR F 409 -30.72 -16.78 30.30
N GLY F 410 -29.87 -15.85 29.88
CA GLY F 410 -28.43 -15.98 30.05
C GLY F 410 -27.80 -16.86 28.99
N VAL F 411 -28.65 -17.60 28.28
CA VAL F 411 -28.23 -18.61 27.31
C VAL F 411 -28.62 -18.15 25.90
N ALA F 412 -27.83 -18.50 24.89
CA ALA F 412 -28.08 -17.97 23.54
C ALA F 412 -28.74 -18.96 22.58
N THR F 413 -30.03 -18.76 22.30
CA THR F 413 -30.80 -19.68 21.48
C THR F 413 -30.64 -19.48 19.96
N ASN F 414 -30.34 -18.25 19.56
CA ASN F 414 -30.29 -17.89 18.15
C ASN F 414 -31.66 -18.02 17.49
N CYS F 415 -32.69 -17.52 18.18
CA CYS F 415 -34.07 -17.58 17.71
C CYS F 415 -34.98 -16.87 18.71
N SER F 416 -36.20 -16.56 18.28
CA SER F 416 -37.14 -15.81 19.10
C SER F 416 -37.98 -16.71 20.01
N GLY F 417 -38.90 -16.10 20.75
CA GLY F 417 -39.76 -16.85 21.64
C GLY F 417 -40.69 -15.98 22.48
N ILE F 418 -41.29 -16.59 23.49
CA ILE F 418 -42.22 -15.91 24.38
C ILE F 418 -41.83 -16.12 25.84
N THR F 419 -41.90 -15.06 26.64
CA THR F 419 -41.55 -15.13 28.04
C THR F 419 -42.75 -14.90 28.94
N TYR F 420 -43.06 -15.88 29.78
CA TYR F 420 -44.02 -15.65 30.85
C TYR F 420 -43.20 -15.28 32.07
N PRO F 421 -43.19 -13.98 32.42
CA PRO F 421 -42.32 -13.39 33.45
C PRO F 421 -42.59 -13.95 34.84
N GLN F 422 -43.86 -14.20 35.16
CA GLN F 422 -44.22 -14.69 36.49
C GLN F 422 -44.20 -16.21 36.55
N GLY F 423 -43.76 -16.86 35.47
CA GLY F 423 -43.56 -18.29 35.47
C GLY F 423 -42.32 -18.69 36.25
N GLY F 424 -41.87 -19.94 36.10
CA GLY F 424 -40.70 -20.43 36.82
C GLY F 424 -40.73 -21.93 37.06
N TRP F 425 -40.02 -22.38 38.08
CA TRP F 425 -40.01 -23.79 38.45
C TRP F 425 -40.28 -23.96 39.95
N LEU F 426 -40.66 -25.17 40.34
CA LEU F 426 -40.83 -25.50 41.75
C LEU F 426 -40.70 -27.00 41.98
N CYS F 427 -40.47 -27.42 43.22
CA CYS F 427 -40.34 -28.84 43.51
C CYS F 427 -41.70 -29.42 43.89
N PRO F 428 -42.32 -30.20 42.98
CA PRO F 428 -43.66 -30.76 43.17
C PRO F 428 -43.71 -31.83 44.25
N ALA F 429 -42.66 -32.64 44.38
CA ALA F 429 -42.62 -33.71 45.38
C ALA F 429 -42.65 -33.12 46.78
N GLU F 430 -41.79 -32.15 47.01
CA GLU F 430 -41.67 -31.48 48.30
C GLU F 430 -42.91 -30.66 48.62
N LEU F 431 -43.46 -29.98 47.61
CA LEU F 431 -44.69 -29.22 47.78
C LEU F 431 -45.84 -30.14 48.18
N THR F 432 -45.96 -31.28 47.50
CA THR F 432 -46.98 -32.27 47.82
C THR F 432 -46.83 -32.78 49.25
N ARG F 433 -45.62 -33.21 49.58
CA ARG F 433 -45.33 -33.75 50.91
C ARG F 433 -45.67 -32.75 52.02
N ASN F 434 -45.12 -31.55 51.90
CA ASN F 434 -45.32 -30.50 52.91
C ASN F 434 -46.76 -30.00 52.98
N VAL F 435 -47.45 -30.01 51.86
CA VAL F 435 -48.85 -29.56 51.81
C VAL F 435 -49.79 -30.60 52.42
N LEU F 436 -49.44 -31.89 52.28
CA LEU F 436 -50.18 -32.95 52.93
C LEU F 436 -49.86 -33.01 54.43
N GLU F 437 -48.67 -32.56 54.80
CA GLU F 437 -48.34 -32.40 56.23
C GLU F 437 -49.14 -31.26 56.85
N LEU F 438 -49.15 -30.11 56.18
CA LEU F 438 -49.93 -28.95 56.60
C LEU F 438 -51.41 -29.31 56.69
N ALA F 439 -51.87 -30.13 55.74
CA ALA F 439 -53.25 -30.61 55.74
C ALA F 439 -53.47 -31.55 56.91
N GLN F 440 -52.46 -32.33 57.26
CA GLN F 440 -52.54 -33.24 58.41
C GLN F 440 -52.64 -32.48 59.73
N GLN F 441 -52.04 -31.29 59.78
CA GLN F 441 -52.14 -30.44 60.96
C GLN F 441 -53.55 -29.85 61.11
N GLN F 442 -54.24 -29.70 59.98
CA GLN F 442 -55.56 -29.05 59.94
C GLN F 442 -56.73 -30.02 60.13
N GLY F 443 -56.42 -31.27 60.44
CA GLY F 443 -57.44 -32.27 60.68
C GLY F 443 -57.60 -33.36 59.63
N LEU F 444 -56.74 -33.35 58.61
CA LEU F 444 -56.73 -34.41 57.60
C LEU F 444 -56.18 -35.72 58.15
N GLN F 445 -56.96 -36.79 58.02
CA GLN F 445 -56.55 -38.11 58.48
C GLN F 445 -56.13 -38.97 57.30
N ILE F 446 -54.83 -39.25 57.18
CA ILE F 446 -54.32 -40.01 56.05
C ILE F 446 -53.96 -41.45 56.42
N TYR F 447 -54.56 -42.41 55.73
CA TYR F 447 -54.19 -43.81 55.86
C TYR F 447 -53.40 -44.25 54.64
N TYR F 448 -52.10 -44.49 54.83
CA TYR F 448 -51.24 -44.93 53.73
C TYR F 448 -51.35 -46.43 53.43
N GLN F 449 -51.02 -46.79 52.20
CA GLN F 449 -51.13 -48.17 51.73
C GLN F 449 -52.56 -48.70 51.82
N TYR F 450 -53.51 -47.86 51.44
CA TYR F 450 -54.89 -48.26 51.23
C TYR F 450 -55.19 -48.11 49.74
N GLN F 451 -55.28 -49.22 49.02
CA GLN F 451 -55.45 -49.18 47.58
C GLN F 451 -56.87 -49.58 47.21
N LEU F 452 -57.68 -48.62 46.76
CA LEU F 452 -59.08 -48.89 46.51
C LEU F 452 -59.28 -49.59 45.17
N GLN F 453 -59.73 -50.84 45.23
CA GLN F 453 -60.10 -51.57 44.02
C GLN F 453 -61.59 -51.52 43.73
N ASN F 454 -62.39 -51.06 44.70
CA ASN F 454 -63.84 -51.17 44.56
C ASN F 454 -64.68 -50.03 45.13
N LEU F 455 -65.65 -49.61 44.33
CA LEU F 455 -66.67 -48.65 44.75
C LEU F 455 -67.99 -49.38 44.96
N SER F 456 -68.61 -49.17 46.12
CA SER F 456 -69.92 -49.77 46.39
C SER F 456 -70.83 -48.76 47.08
N ARG F 457 -72.04 -48.58 46.55
CA ARG F 457 -72.95 -47.57 47.08
C ARG F 457 -73.97 -48.16 48.05
N LYS F 458 -73.84 -47.79 49.32
CA LYS F 458 -74.82 -48.13 50.35
C LYS F 458 -75.84 -46.99 50.48
N ASP F 459 -76.64 -47.01 51.55
CA ASP F 459 -77.75 -46.07 51.67
C ASP F 459 -77.33 -44.63 51.93
N ASP F 460 -76.78 -44.35 53.10
CA ASP F 460 -76.37 -43.00 53.45
C ASP F 460 -74.90 -42.72 53.20
N CYS F 461 -74.18 -43.70 52.67
CA CYS F 461 -72.72 -43.59 52.56
C CYS F 461 -72.12 -44.32 51.36
N TRP F 462 -70.80 -44.21 51.23
CA TRP F 462 -70.05 -44.92 50.20
C TRP F 462 -69.13 -45.96 50.82
N LEU F 463 -69.45 -47.23 50.60
CA LEU F 463 -68.61 -48.33 51.07
C LEU F 463 -67.48 -48.56 50.06
N LEU F 464 -66.25 -48.38 50.53
CA LEU F 464 -65.08 -48.53 49.67
C LEU F 464 -64.37 -49.84 50.01
N ASN F 465 -64.00 -50.59 48.97
CA ASN F 465 -63.27 -51.83 49.17
C ASN F 465 -61.84 -51.77 48.64
N PHE F 466 -60.87 -51.77 49.56
CA PHE F 466 -59.47 -51.66 49.20
C PHE F 466 -58.79 -53.03 49.26
N ALA F 467 -57.51 -53.07 48.95
CA ALA F 467 -56.70 -54.26 49.14
C ALA F 467 -56.25 -54.33 50.59
N GLY F 468 -56.17 -55.55 51.12
CA GLY F 468 -55.83 -55.74 52.53
C GLY F 468 -57.05 -56.00 53.38
N ASP F 469 -58.17 -56.31 52.74
CA ASP F 469 -59.42 -56.59 53.43
C ASP F 469 -59.87 -55.40 54.27
N GLN F 470 -59.75 -54.21 53.67
CA GLN F 470 -60.14 -52.98 54.35
C GLN F 470 -61.40 -52.42 53.70
N GLN F 471 -62.44 -52.22 54.50
CA GLN F 471 -63.66 -51.59 54.02
C GLN F 471 -63.86 -50.25 54.70
N ALA F 472 -64.46 -49.29 53.97
CA ALA F 472 -64.66 -47.96 54.51
C ALA F 472 -66.06 -47.40 54.27
N THR F 473 -66.48 -46.49 55.15
CA THR F 473 -67.78 -45.83 55.03
C THR F 473 -67.63 -44.31 55.15
N HIS F 474 -67.97 -43.60 54.09
CA HIS F 474 -67.82 -42.14 54.06
C HIS F 474 -69.00 -41.45 53.36
N SER F 475 -69.39 -40.29 53.90
CA SER F 475 -70.52 -39.53 53.38
C SER F 475 -70.26 -39.06 51.95
N VAL F 476 -69.07 -38.53 51.70
CA VAL F 476 -68.68 -38.03 50.40
C VAL F 476 -67.39 -38.68 49.93
N VAL F 477 -67.19 -38.74 48.61
CA VAL F 477 -65.97 -39.33 48.04
C VAL F 477 -65.41 -38.51 46.87
N VAL F 478 -64.11 -38.25 46.91
CA VAL F 478 -63.42 -37.47 45.86
C VAL F 478 -62.28 -38.29 45.29
N LEU F 479 -62.20 -38.38 43.96
CA LEU F 479 -61.10 -39.13 43.34
C LEU F 479 -60.01 -38.21 42.78
N ALA F 480 -58.89 -38.14 43.50
CA ALA F 480 -57.73 -37.35 43.12
C ALA F 480 -56.60 -38.17 42.48
N ASN F 481 -56.85 -39.46 42.26
CA ASN F 481 -55.76 -40.44 42.13
C ASN F 481 -55.01 -40.47 40.79
N GLY F 482 -55.38 -39.60 39.86
CA GLY F 482 -54.59 -39.43 38.66
C GLY F 482 -54.86 -40.45 37.57
N HIS F 483 -53.80 -40.90 36.90
CA HIS F 483 -53.92 -41.80 35.76
C HIS F 483 -54.75 -43.04 36.07
N GLN F 484 -54.87 -43.37 37.36
CA GLN F 484 -55.57 -44.59 37.77
C GLN F 484 -57.06 -44.42 38.09
N ILE F 485 -57.58 -43.20 37.95
CA ILE F 485 -59.01 -42.95 38.20
C ILE F 485 -59.89 -43.85 37.35
N SER F 486 -59.38 -44.26 36.19
CA SER F 486 -60.15 -45.07 35.24
C SER F 486 -60.33 -46.51 35.72
N ARG F 487 -59.69 -46.86 36.84
CA ARG F 487 -59.73 -48.23 37.35
C ARG F 487 -61.09 -48.64 37.94
N PHE F 488 -62.02 -47.70 38.03
CA PHE F 488 -63.29 -47.97 38.69
C PHE F 488 -64.45 -48.13 37.70
N SER F 489 -65.41 -48.98 38.04
CA SER F 489 -66.53 -49.28 37.16
C SER F 489 -67.36 -48.04 36.84
N GLN F 490 -67.38 -47.09 37.77
CA GLN F 490 -68.12 -45.85 37.58
C GLN F 490 -67.36 -44.84 36.72
N THR F 491 -66.03 -44.83 36.85
CA THR F 491 -65.17 -43.94 36.07
C THR F 491 -64.53 -44.60 34.84
N SER F 492 -64.78 -45.89 34.64
CA SER F 492 -64.07 -46.68 33.63
C SER F 492 -64.17 -46.09 32.23
N THR F 493 -65.30 -45.46 31.93
CA THR F 493 -65.57 -45.01 30.58
C THR F 493 -65.19 -43.54 30.35
N LEU F 494 -64.57 -42.93 31.35
CA LEU F 494 -64.16 -41.53 31.26
C LEU F 494 -63.17 -41.30 30.13
N PRO F 495 -63.40 -40.27 29.30
CA PRO F 495 -62.58 -39.98 28.13
C PRO F 495 -61.22 -39.37 28.46
N VAL F 496 -60.43 -40.09 29.25
CA VAL F 496 -59.05 -39.69 29.52
C VAL F 496 -58.11 -40.80 29.07
N TYR F 497 -56.81 -40.57 29.19
CA TYR F 497 -55.82 -41.60 28.88
C TYR F 497 -54.49 -41.36 29.57
N SER F 498 -53.68 -42.42 29.68
CA SER F 498 -52.43 -42.35 30.42
C SER F 498 -51.22 -42.05 29.53
N VAL F 499 -50.33 -41.21 30.05
CA VAL F 499 -49.05 -40.92 29.39
C VAL F 499 -47.92 -40.97 30.40
N ALA F 500 -46.97 -41.88 30.19
CA ALA F 500 -45.85 -42.04 31.11
C ALA F 500 -44.65 -41.22 30.64
N GLY F 501 -43.93 -40.65 31.59
CA GLY F 501 -42.81 -39.79 31.26
C GLY F 501 -41.67 -39.88 32.24
N GLN F 502 -40.52 -39.38 31.82
CA GLN F 502 -39.29 -39.50 32.57
C GLN F 502 -38.53 -38.18 32.61
N VAL F 503 -38.30 -37.65 33.80
CA VAL F 503 -37.53 -36.43 33.98
C VAL F 503 -36.06 -36.77 34.30
N SER F 504 -35.13 -36.20 33.53
CA SER F 504 -33.71 -36.52 33.69
C SER F 504 -33.00 -35.59 34.66
N HIS F 505 -32.43 -36.16 35.73
CA HIS F 505 -31.64 -35.38 36.66
C HIS F 505 -30.18 -35.34 36.23
N ILE F 506 -29.69 -34.14 35.92
CA ILE F 506 -28.34 -33.97 35.40
C ILE F 506 -27.53 -32.99 36.27
N PRO F 507 -26.24 -33.29 36.45
CA PRO F 507 -25.34 -32.42 37.22
C PRO F 507 -25.01 -31.12 36.50
N THR F 508 -24.94 -30.02 37.25
CA THR F 508 -24.66 -28.70 36.67
C THR F 508 -23.18 -28.45 36.43
N THR F 509 -22.89 -27.65 35.40
CA THR F 509 -21.52 -27.25 35.08
C THR F 509 -21.42 -25.74 35.22
N PRO F 510 -20.24 -25.17 34.95
CA PRO F 510 -20.14 -23.70 34.98
C PRO F 510 -21.07 -23.03 33.96
N GLU F 511 -21.09 -23.53 32.73
CA GLU F 511 -21.86 -22.91 31.64
C GLU F 511 -23.36 -22.91 31.92
N LEU F 512 -23.88 -24.05 32.34
CA LEU F 512 -25.22 -24.12 32.93
C LEU F 512 -25.14 -23.53 34.33
N ALA F 513 -26.29 -23.17 34.90
CA ALA F 513 -26.33 -22.42 36.16
C ALA F 513 -26.00 -20.97 35.87
N GLU F 514 -25.52 -20.75 34.65
CA GLU F 514 -25.48 -19.43 34.05
C GLU F 514 -26.83 -19.25 33.35
N LEU F 515 -27.61 -20.33 33.32
CA LEU F 515 -28.96 -20.29 32.81
C LEU F 515 -29.88 -19.73 33.90
N LYS F 516 -30.51 -18.59 33.61
CA LYS F 516 -31.30 -17.88 34.61
C LYS F 516 -32.80 -18.13 34.53
N GLN F 517 -33.23 -18.90 33.52
CA GLN F 517 -34.66 -19.13 33.32
C GLN F 517 -34.97 -20.55 32.85
N VAL F 518 -36.24 -20.94 32.98
CA VAL F 518 -36.71 -22.21 32.45
C VAL F 518 -36.88 -22.10 30.95
N LEU F 519 -36.31 -23.05 30.21
CA LEU F 519 -36.38 -23.03 28.75
C LEU F 519 -37.38 -24.07 28.27
N CYS F 520 -38.25 -23.70 27.34
CA CYS F 520 -39.14 -24.68 26.74
C CYS F 520 -38.83 -24.90 25.26
N TYR F 521 -38.17 -26.02 25.00
CA TYR F 521 -37.95 -26.60 23.69
C TYR F 521 -38.91 -27.77 23.48
N ASP F 522 -38.62 -28.61 22.50
CA ASP F 522 -39.35 -29.86 22.33
C ASP F 522 -39.55 -30.53 23.70
N GLY F 523 -38.52 -30.44 24.55
CA GLY F 523 -38.64 -30.80 25.95
C GLY F 523 -38.68 -29.56 26.83
N TYR F 524 -38.22 -29.68 28.08
CA TYR F 524 -38.04 -28.51 28.93
C TYR F 524 -36.74 -28.56 29.74
N LEU F 525 -36.19 -27.38 30.04
CA LEU F 525 -34.95 -27.27 30.79
C LEU F 525 -35.11 -26.24 31.91
N THR F 526 -35.00 -26.69 33.15
CA THR F 526 -35.05 -25.79 34.31
C THR F 526 -33.68 -25.29 34.74
N PRO F 527 -33.62 -24.17 35.48
CA PRO F 527 -32.39 -23.73 36.13
C PRO F 527 -32.02 -24.72 37.23
N GLN F 528 -30.79 -24.67 37.72
CA GLN F 528 -30.37 -25.56 38.80
C GLN F 528 -30.95 -25.12 40.15
N ASN F 529 -31.34 -26.11 40.96
CA ASN F 529 -31.81 -25.84 42.31
C ASN F 529 -30.61 -25.72 43.23
N PRO F 530 -30.36 -24.51 43.76
CA PRO F 530 -29.17 -24.24 44.57
C PRO F 530 -28.94 -25.26 45.68
N ALA F 531 -30.01 -25.81 46.25
CA ALA F 531 -29.88 -26.76 47.35
C ALA F 531 -29.15 -28.06 46.98
N ASN F 532 -29.70 -28.81 46.02
CA ASN F 532 -29.07 -30.06 45.56
C ASN F 532 -28.27 -29.96 44.26
N GLN F 533 -28.20 -28.75 43.69
CA GLN F 533 -27.45 -28.50 42.46
C GLN F 533 -27.76 -29.45 41.30
N HIS F 534 -29.02 -29.83 41.16
CA HIS F 534 -29.44 -30.71 40.07
C HIS F 534 -30.39 -30.03 39.09
N HIS F 535 -30.15 -30.24 37.80
CA HIS F 535 -31.05 -29.77 36.75
C HIS F 535 -32.02 -30.90 36.39
N CYS F 536 -33.26 -30.53 36.06
CA CYS F 536 -34.21 -31.49 35.51
C CYS F 536 -34.46 -31.18 34.03
N ILE F 537 -34.22 -32.16 33.17
CA ILE F 537 -34.31 -31.95 31.74
C ILE F 537 -35.25 -32.93 31.05
N GLY F 538 -35.86 -32.44 29.97
CA GLY F 538 -36.61 -33.26 29.04
C GLY F 538 -37.98 -33.69 29.51
N ALA F 539 -38.78 -34.14 28.55
CA ALA F 539 -40.05 -34.80 28.83
C ALA F 539 -40.26 -35.85 27.76
N SER F 540 -40.73 -37.03 28.15
CA SER F 540 -41.01 -38.08 27.19
C SER F 540 -42.52 -38.36 27.14
N TYR F 541 -43.08 -38.29 25.94
CA TYR F 541 -44.51 -38.44 25.75
C TYR F 541 -44.85 -39.80 25.12
N HIS F 542 -45.44 -40.69 25.91
CA HIS F 542 -45.95 -41.95 25.40
C HIS F 542 -47.44 -42.03 25.69
N ARG F 543 -48.27 -42.03 24.64
CA ARG F 543 -49.72 -42.01 24.83
C ARG F 543 -50.34 -43.40 24.84
N GLY F 544 -50.83 -43.79 26.02
CA GLY F 544 -51.44 -45.10 26.20
C GLY F 544 -50.57 -46.09 26.97
N SER F 545 -49.39 -45.63 27.40
CA SER F 545 -48.45 -46.50 28.12
C SER F 545 -48.28 -46.12 29.59
N GLU F 546 -48.41 -47.12 30.47
CA GLU F 546 -48.28 -46.92 31.90
C GLU F 546 -46.88 -47.25 32.44
N ASP F 547 -45.94 -47.55 31.56
CA ASP F 547 -44.61 -48.01 31.98
C ASP F 547 -43.80 -46.91 32.67
N THR F 548 -43.41 -47.17 33.92
CA THR F 548 -42.62 -46.23 34.70
C THR F 548 -41.15 -46.59 34.62
N ALA F 549 -40.85 -47.68 33.90
CA ALA F 549 -39.50 -48.22 33.82
C ALA F 549 -38.52 -47.21 33.24
N TYR F 550 -37.32 -47.17 33.80
CA TYR F 550 -36.24 -46.38 33.26
C TYR F 550 -36.03 -46.79 31.81
N SER F 551 -36.11 -45.83 30.89
CA SER F 551 -35.95 -46.12 29.48
C SER F 551 -34.77 -45.33 28.91
N GLU F 552 -33.72 -46.05 28.52
CA GLU F 552 -32.53 -45.41 27.98
C GLU F 552 -32.86 -44.60 26.73
N ASP F 553 -33.85 -45.07 25.98
CA ASP F 553 -34.39 -44.32 24.84
C ASP F 553 -34.70 -42.89 25.27
N ASP F 554 -35.51 -42.78 26.32
CA ASP F 554 -35.92 -41.49 26.84
C ASP F 554 -34.74 -40.73 27.44
N GLN F 555 -33.82 -41.44 28.09
CA GLN F 555 -32.69 -40.81 28.75
C GLN F 555 -31.75 -40.10 27.78
N GLN F 556 -31.45 -40.74 26.65
CA GLN F 556 -30.65 -40.08 25.61
C GLN F 556 -31.49 -39.06 24.85
N GLN F 557 -32.76 -39.39 24.64
CA GLN F 557 -33.69 -38.50 23.95
C GLN F 557 -33.80 -37.13 24.63
N ASN F 558 -33.71 -37.10 25.95
CA ASN F 558 -33.87 -35.86 26.70
C ASN F 558 -32.72 -34.85 26.52
N ARG F 559 -31.51 -35.37 26.34
CA ARG F 559 -30.37 -34.53 26.00
C ARG F 559 -30.38 -34.18 24.51
N GLN F 560 -30.88 -35.13 23.71
CA GLN F 560 -30.86 -34.96 22.26
C GLN F 560 -31.89 -33.95 21.73
N ARG F 561 -33.08 -33.89 22.33
CA ARG F 561 -34.06 -32.88 21.95
C ARG F 561 -33.42 -31.50 22.12
N LEU F 562 -32.76 -31.32 23.27
CA LEU F 562 -32.05 -30.08 23.59
C LEU F 562 -30.94 -29.78 22.59
N ILE F 563 -30.16 -30.81 22.23
CA ILE F 563 -29.06 -30.62 21.29
C ILE F 563 -29.51 -30.27 19.87
N ASP F 564 -30.60 -30.89 19.42
CA ASP F 564 -31.10 -30.66 18.06
C ASP F 564 -31.91 -29.37 17.91
N CYS F 565 -32.68 -29.01 18.95
CA CYS F 565 -33.45 -27.77 18.90
C CYS F 565 -32.53 -26.54 18.89
N PHE F 566 -31.34 -26.71 19.47
CA PHE F 566 -30.32 -25.66 19.47
C PHE F 566 -28.96 -26.25 19.13
N PRO F 567 -28.70 -26.47 17.83
CA PRO F 567 -27.49 -27.13 17.31
C PRO F 567 -26.21 -26.33 17.59
N GLN F 568 -26.28 -25.02 17.44
CA GLN F 568 -25.11 -24.17 17.59
C GLN F 568 -24.92 -23.70 19.03
N ALA F 569 -25.75 -24.23 19.93
CA ALA F 569 -25.66 -23.90 21.34
C ALA F 569 -24.51 -24.64 22.03
N GLN F 570 -23.59 -23.89 22.62
CA GLN F 570 -22.50 -24.47 23.39
C GLN F 570 -22.97 -25.31 24.59
N TRP F 571 -23.61 -24.65 25.55
CA TRP F 571 -24.05 -25.29 26.79
C TRP F 571 -24.94 -26.52 26.54
N ALA F 572 -25.59 -26.55 25.38
CA ALA F 572 -26.53 -27.63 25.05
C ALA F 572 -25.88 -28.99 25.27
N LYS F 573 -24.58 -29.07 25.01
CA LYS F 573 -23.82 -30.30 25.16
C LYS F 573 -23.49 -30.58 26.61
N GLU F 574 -23.26 -29.51 27.38
CA GLU F 574 -22.78 -29.62 28.76
C GLU F 574 -23.69 -30.49 29.64
N VAL F 575 -24.93 -30.71 29.19
CA VAL F 575 -25.82 -31.63 29.89
C VAL F 575 -25.21 -33.03 29.84
N ASP F 576 -25.01 -33.63 31.00
CA ASP F 576 -24.42 -34.96 31.07
C ASP F 576 -25.41 -35.97 31.61
N VAL F 577 -25.91 -36.83 30.74
CA VAL F 577 -26.91 -37.83 31.12
C VAL F 577 -26.29 -39.20 31.41
N SER F 578 -24.97 -39.27 31.40
CA SER F 578 -24.26 -40.54 31.58
C SER F 578 -24.33 -41.08 33.00
N ASP F 579 -24.82 -40.27 33.93
CA ASP F 579 -25.02 -40.72 35.32
C ASP F 579 -26.30 -41.56 35.41
N LYS F 580 -27.23 -41.31 34.50
CA LYS F 580 -28.45 -42.10 34.37
C LYS F 580 -29.39 -42.02 35.58
N GLU F 581 -29.37 -40.89 36.29
CA GLU F 581 -30.31 -40.68 37.39
C GLU F 581 -31.53 -39.93 36.88
N ALA F 582 -32.69 -40.58 36.93
CA ALA F 582 -33.93 -40.00 36.42
C ALA F 582 -35.16 -40.51 37.17
N ARG F 583 -36.21 -39.70 37.22
CA ARG F 583 -37.44 -40.08 37.92
C ARG F 583 -38.61 -40.22 36.93
N CYS F 584 -39.31 -41.35 36.99
CA CYS F 584 -40.38 -41.64 36.05
C CYS F 584 -41.75 -41.70 36.70
N GLY F 585 -42.77 -41.24 35.99
CA GLY F 585 -44.13 -41.23 36.51
C GLY F 585 -45.19 -41.35 35.44
N VAL F 586 -46.45 -41.47 35.86
CA VAL F 586 -47.55 -41.63 34.91
C VAL F 586 -48.63 -40.55 35.10
N ARG F 587 -48.84 -39.75 34.07
CA ARG F 587 -49.77 -38.64 34.12
C ARG F 587 -51.08 -38.94 33.37
N CYS F 588 -52.19 -38.43 33.87
CA CYS F 588 -53.48 -38.56 33.19
C CYS F 588 -53.72 -37.37 32.27
N ALA F 589 -54.20 -37.63 31.06
CA ALA F 589 -54.34 -36.57 30.06
C ALA F 589 -55.69 -36.61 29.33
N THR F 590 -56.15 -35.43 28.90
CA THR F 590 -57.36 -35.31 28.10
C THR F 590 -57.02 -34.74 26.73
N ARG F 591 -57.86 -35.04 25.73
CA ARG F 591 -57.59 -34.67 24.35
C ARG F 591 -57.64 -33.15 24.10
N ASP F 592 -58.50 -32.46 24.83
CA ASP F 592 -58.64 -31.01 24.66
C ASP F 592 -57.70 -30.21 25.59
N HIS F 593 -56.86 -30.93 26.34
CA HIS F 593 -55.80 -30.33 27.14
C HIS F 593 -56.28 -29.71 28.46
N LEU F 594 -57.59 -29.72 28.68
CA LEU F 594 -58.17 -29.29 29.94
C LEU F 594 -58.30 -30.47 30.90
N PRO F 595 -58.33 -30.17 32.22
CA PRO F 595 -58.56 -31.18 33.26
C PRO F 595 -60.03 -31.60 33.33
N MET F 596 -60.30 -32.72 34.00
CA MET F 596 -61.67 -33.06 34.35
C MET F 596 -61.85 -32.95 35.87
N VAL F 597 -62.59 -31.92 36.26
CA VAL F 597 -62.80 -31.57 37.66
C VAL F 597 -64.28 -31.30 37.91
N GLY F 598 -64.90 -32.13 38.73
CA GLY F 598 -66.31 -31.93 39.05
C GLY F 598 -67.03 -33.23 39.32
N ASN F 599 -68.35 -33.20 39.18
CA ASN F 599 -69.19 -34.38 39.40
C ASN F 599 -68.74 -35.57 38.57
N VAL F 600 -68.79 -36.77 39.16
CA VAL F 600 -68.44 -37.98 38.42
C VAL F 600 -69.68 -38.49 37.70
N PRO F 601 -69.71 -38.37 36.37
CA PRO F 601 -70.90 -38.62 35.54
C PRO F 601 -71.26 -40.09 35.43
N ASP F 602 -72.55 -40.37 35.29
CA ASP F 602 -73.03 -41.73 35.07
C ASP F 602 -73.17 -41.93 33.56
N TYR F 603 -72.30 -42.78 33.01
CA TYR F 603 -72.23 -43.00 31.56
C TYR F 603 -73.54 -43.56 31.02
N GLU F 604 -73.94 -44.70 31.56
CA GLU F 604 -75.18 -45.37 31.19
C GLU F 604 -76.35 -44.38 31.21
N ALA F 605 -76.64 -43.83 32.38
CA ALA F 605 -77.72 -42.86 32.53
C ALA F 605 -77.61 -41.67 31.57
N THR F 606 -76.38 -41.16 31.38
CA THR F 606 -76.16 -40.05 30.46
C THR F 606 -76.64 -40.39 29.05
N LEU F 607 -76.19 -41.53 28.52
CA LEU F 607 -76.62 -41.96 27.19
C LEU F 607 -78.12 -42.28 27.12
N VAL F 608 -78.67 -42.80 28.21
CA VAL F 608 -80.06 -43.23 28.24
C VAL F 608 -81.08 -42.08 28.28
N GLU F 609 -80.87 -41.12 29.18
CA GLU F 609 -81.79 -39.99 29.31
C GLU F 609 -81.56 -38.93 28.24
N TYR F 610 -80.34 -38.85 27.73
CA TYR F 610 -79.98 -37.85 26.72
C TYR F 610 -80.16 -38.36 25.30
N ALA F 611 -80.69 -39.57 25.16
CA ALA F 611 -80.96 -40.14 23.84
C ALA F 611 -81.73 -39.16 22.98
N SER F 612 -82.73 -38.51 23.57
CA SER F 612 -83.61 -37.58 22.86
C SER F 612 -83.17 -36.12 22.99
N LEU F 613 -82.04 -35.89 23.63
CA LEU F 613 -81.60 -34.53 23.97
C LEU F 613 -81.30 -33.63 22.77
N ALA F 614 -81.02 -34.22 21.62
CA ALA F 614 -80.62 -33.44 20.45
C ALA F 614 -81.67 -32.39 20.09
N GLU F 615 -82.89 -32.84 19.79
CA GLU F 615 -84.00 -31.94 19.51
C GLU F 615 -84.31 -31.00 20.67
N GLN F 616 -84.78 -31.59 21.77
CA GLN F 616 -85.26 -30.81 22.92
C GLN F 616 -84.16 -30.53 23.94
N LYS F 617 -83.80 -29.25 24.08
CA LYS F 617 -82.84 -28.83 25.08
C LYS F 617 -83.52 -28.32 26.34
N ASP F 618 -84.85 -28.41 26.37
CA ASP F 618 -85.67 -27.91 27.47
C ASP F 618 -85.81 -28.89 28.63
N GLU F 619 -86.41 -30.05 28.32
CA GLU F 619 -86.83 -31.00 29.35
C GLU F 619 -85.72 -31.93 29.84
N ALA F 620 -84.50 -31.70 29.37
CA ALA F 620 -83.38 -32.59 29.67
C ALA F 620 -83.28 -33.01 31.14
N VAL F 621 -83.45 -32.05 32.04
CA VAL F 621 -83.39 -32.32 33.48
C VAL F 621 -82.23 -33.26 33.86
N SER F 622 -81.01 -32.74 33.77
CA SER F 622 -79.80 -33.54 33.92
C SER F 622 -79.72 -34.33 35.23
N ALA F 623 -79.53 -35.65 35.11
CA ALA F 623 -79.28 -36.50 36.27
C ALA F 623 -78.20 -37.56 36.02
N PRO F 624 -76.98 -37.11 35.69
CA PRO F 624 -75.73 -37.87 35.61
C PRO F 624 -75.14 -37.93 37.01
N VAL F 625 -73.87 -38.26 37.14
CA VAL F 625 -73.21 -38.03 38.43
C VAL F 625 -73.68 -38.89 39.59
N PHE F 626 -73.14 -40.10 39.69
CA PHE F 626 -73.44 -40.94 40.84
C PHE F 626 -73.29 -40.01 42.04
N ASP F 627 -74.30 -39.98 42.90
CA ASP F 627 -74.39 -38.96 43.93
C ASP F 627 -73.23 -38.96 44.92
N ASP F 628 -72.86 -37.76 45.36
CA ASP F 628 -71.78 -37.59 46.33
C ASP F 628 -70.47 -38.19 45.85
N LEU F 629 -70.30 -38.27 44.53
CA LEU F 629 -69.06 -38.75 43.94
C LEU F 629 -68.45 -37.69 43.05
N PHE F 630 -67.29 -37.17 43.45
CA PHE F 630 -66.62 -36.09 42.74
C PHE F 630 -65.25 -36.55 42.26
N MET F 631 -64.69 -35.84 41.29
CA MET F 631 -63.41 -36.21 40.72
C MET F 631 -62.53 -35.00 40.40
N PHE F 632 -61.28 -35.08 40.86
CA PHE F 632 -60.25 -34.12 40.50
C PHE F 632 -59.21 -34.91 39.69
N ALA F 633 -59.15 -34.69 38.39
CA ALA F 633 -58.21 -35.45 37.56
C ALA F 633 -57.93 -34.82 36.20
N ALA F 634 -57.17 -35.55 35.38
CA ALA F 634 -56.82 -35.12 34.02
C ALA F 634 -55.93 -33.87 34.00
N LEU F 635 -55.06 -33.73 34.99
CA LEU F 635 -54.16 -32.58 35.09
C LEU F 635 -53.13 -32.52 33.95
N GLY F 636 -52.48 -33.65 33.69
CA GLY F 636 -51.48 -33.72 32.63
C GLY F 636 -50.20 -32.98 32.96
N SER F 637 -49.36 -32.79 31.94
CA SER F 637 -48.07 -32.12 32.11
C SER F 637 -48.19 -30.64 32.51
N ARG F 638 -49.41 -30.11 32.48
CA ARG F 638 -49.69 -28.75 32.93
C ARG F 638 -50.16 -28.69 34.39
N GLY F 639 -50.14 -29.84 35.06
CA GLY F 639 -50.73 -29.98 36.39
C GLY F 639 -50.42 -28.95 37.47
N LEU F 640 -49.17 -28.51 37.56
CA LEU F 640 -48.78 -27.52 38.56
C LEU F 640 -49.48 -26.18 38.32
N CYS F 641 -49.79 -25.89 37.07
CA CYS F 641 -50.61 -24.73 36.72
C CYS F 641 -52.11 -25.03 36.86
N SER F 642 -52.47 -26.31 36.77
CA SER F 642 -53.87 -26.73 36.83
C SER F 642 -54.44 -26.79 38.24
N ALA F 643 -53.65 -27.29 39.18
CA ALA F 643 -54.16 -27.69 40.49
C ALA F 643 -54.84 -26.59 41.33
N PRO F 644 -54.09 -25.54 41.72
CA PRO F 644 -54.65 -24.66 42.76
C PRO F 644 -56.05 -24.13 42.45
N LEU F 645 -56.25 -23.55 41.26
CA LEU F 645 -57.56 -23.00 40.94
C LEU F 645 -58.62 -24.09 40.88
N CYS F 646 -58.26 -25.23 40.29
CA CYS F 646 -59.17 -26.36 40.24
C CYS F 646 -59.57 -26.77 41.65
N ALA F 647 -58.62 -26.65 42.59
CA ALA F 647 -58.88 -27.03 43.97
C ALA F 647 -59.97 -26.16 44.57
N GLU F 648 -60.07 -24.91 44.10
CA GLU F 648 -61.13 -24.01 44.52
C GLU F 648 -62.43 -24.28 43.76
N ILE F 649 -62.30 -24.77 42.53
CA ILE F 649 -63.46 -25.04 41.69
C ILE F 649 -64.30 -26.19 42.24
N LEU F 650 -63.65 -27.30 42.55
CA LEU F 650 -64.33 -28.47 43.11
C LEU F 650 -64.79 -28.24 44.54
N ALA F 651 -63.87 -27.82 45.39
CA ALA F 651 -64.15 -27.65 46.82
C ALA F 651 -65.32 -26.70 47.08
N ALA F 652 -65.40 -25.63 46.28
CA ALA F 652 -66.51 -24.69 46.39
C ALA F 652 -67.78 -25.29 45.80
N GLN F 653 -67.61 -26.08 44.74
CA GLN F 653 -68.72 -26.84 44.15
C GLN F 653 -69.36 -27.74 45.19
N MET F 654 -68.56 -28.66 45.72
CA MET F 654 -69.02 -29.62 46.73
C MET F 654 -69.77 -28.97 47.89
N SER F 655 -69.38 -27.74 48.24
CA SER F 655 -69.96 -27.05 49.40
C SER F 655 -71.11 -26.11 49.04
N ASP F 656 -71.47 -26.07 47.76
CA ASP F 656 -72.53 -25.18 47.26
C ASP F 656 -72.17 -23.70 47.39
N GLU F 657 -70.87 -23.42 47.47
CA GLU F 657 -70.35 -22.06 47.57
C GLU F 657 -70.07 -21.47 46.18
N PRO F 658 -69.96 -20.13 46.10
CA PRO F 658 -69.66 -19.50 44.81
C PRO F 658 -68.42 -20.09 44.16
N ILE F 659 -68.54 -20.46 42.89
CA ILE F 659 -67.43 -21.02 42.11
C ILE F 659 -66.74 -19.90 41.32
N PRO F 660 -65.40 -19.86 41.37
CA PRO F 660 -64.63 -18.80 40.70
C PRO F 660 -64.38 -19.08 39.21
N MET F 661 -65.43 -19.02 38.39
CA MET F 661 -65.29 -19.19 36.95
C MET F 661 -66.63 -19.08 36.21
N ASP F 662 -66.58 -18.76 34.92
CA ASP F 662 -67.79 -18.62 34.10
C ASP F 662 -68.37 -19.97 33.65
N ALA F 663 -69.64 -19.95 33.24
CA ALA F 663 -70.32 -21.15 32.77
C ALA F 663 -69.63 -21.78 31.55
N SER F 664 -69.16 -20.95 30.63
CA SER F 664 -68.55 -21.42 29.39
C SER F 664 -67.33 -22.33 29.62
N THR F 665 -66.38 -21.86 30.42
CA THR F 665 -65.17 -22.64 30.72
C THR F 665 -65.37 -23.71 31.81
N LEU F 666 -66.32 -23.49 32.72
CA LEU F 666 -66.69 -24.52 33.68
C LEU F 666 -67.39 -25.67 32.96
N ALA F 667 -67.93 -25.38 31.79
CA ALA F 667 -68.50 -26.41 30.93
C ALA F 667 -67.38 -27.14 30.19
N ALA F 668 -66.23 -26.46 30.08
CA ALA F 668 -65.04 -27.06 29.46
C ALA F 668 -64.21 -27.81 30.50
N LEU F 669 -64.52 -27.60 31.78
CA LEU F 669 -63.85 -28.32 32.87
C LEU F 669 -64.64 -29.52 33.38
N ASN F 670 -65.83 -29.74 32.85
CA ASN F 670 -66.66 -30.86 33.29
C ASN F 670 -66.20 -32.17 32.69
N PRO F 671 -66.22 -33.25 33.50
CA PRO F 671 -65.82 -34.59 33.04
C PRO F 671 -66.80 -35.24 32.06
N ASN F 672 -68.04 -34.77 32.05
CA ASN F 672 -69.05 -35.29 31.13
C ASN F 672 -69.02 -34.51 29.80
N ARG F 673 -68.01 -33.65 29.68
CA ARG F 673 -67.82 -32.78 28.53
C ARG F 673 -68.05 -33.48 27.18
N LEU F 674 -67.22 -34.47 26.88
CA LEU F 674 -67.29 -35.16 25.59
C LEU F 674 -68.65 -35.81 25.31
N TRP F 675 -69.18 -36.54 26.28
CA TRP F 675 -70.46 -37.25 26.12
C TRP F 675 -71.59 -36.27 25.80
N VAL F 676 -71.74 -35.25 26.63
CA VAL F 676 -72.79 -34.24 26.45
C VAL F 676 -72.61 -33.43 25.16
N ARG F 677 -71.40 -32.95 24.94
CA ARG F 677 -71.10 -32.10 23.78
C ARG F 677 -71.31 -32.84 22.46
N LYS F 678 -70.94 -34.12 22.42
CA LYS F 678 -71.16 -34.95 21.24
C LYS F 678 -72.63 -35.38 21.15
N LEU F 679 -73.32 -35.42 22.27
CA LEU F 679 -74.70 -35.91 22.33
C LEU F 679 -75.73 -34.81 22.13
N LEU F 680 -75.25 -33.59 21.87
CA LEU F 680 -76.15 -32.47 21.61
C LEU F 680 -76.52 -32.40 20.12
N LYS F 681 -75.88 -33.23 19.32
CA LYS F 681 -76.11 -33.26 17.88
C LYS F 681 -76.30 -34.69 17.35
N GLY F 682 -77.48 -34.97 16.82
CA GLY F 682 -77.77 -36.27 16.23
C GLY F 682 -77.65 -37.42 17.20
PA FAD G . 32.13 -10.03 -52.16
O1A FAD G . 33.33 -9.31 -52.71
O2A FAD G . 31.65 -11.12 -53.08
O5B FAD G . 30.95 -8.99 -51.90
C5B FAD G . 31.18 -7.94 -51.02
C4B FAD G . 29.97 -7.03 -51.13
O4B FAD G . 30.06 -5.99 -50.18
C3B FAD G . 29.88 -6.38 -52.51
O3B FAD G . 28.65 -6.71 -53.10
C2B FAD G . 29.93 -4.90 -52.26
O2B FAD G . 28.91 -4.26 -52.97
C1B FAD G . 29.62 -4.79 -50.78
N9A FAD G . 30.27 -3.65 -50.10
C8A FAD G . 31.61 -3.41 -49.97
N7A FAD G . 31.76 -2.28 -49.25
C5A FAD G . 30.54 -1.79 -48.92
C6A FAD G . 30.11 -0.69 -48.20
N6A FAD G . 30.99 0.23 -47.80
N1A FAD G . 28.76 -0.47 -48.04
C2A FAD G . 27.84 -1.33 -48.58
N3A FAD G . 28.27 -2.44 -49.28
C4A FAD G . 29.60 -2.66 -49.46
N1 FAD G . 35.33 -18.88 -54.61
C2 FAD G . 35.23 -20.26 -54.66
O2 FAD G . 34.56 -20.87 -53.83
N3 FAD G . 35.88 -20.98 -55.63
C4 FAD G . 36.64 -20.33 -56.57
O4 FAD G . 37.22 -20.99 -57.44
C4X FAD G . 36.75 -18.94 -56.54
N5 FAD G . 37.52 -18.30 -57.48
C5X FAD G . 37.64 -16.92 -57.46
C6 FAD G . 38.42 -16.26 -58.41
C7 FAD G . 38.53 -14.88 -58.39
C7M FAD G . 39.37 -14.16 -59.41
C8 FAD G . 37.88 -14.14 -57.40
C8M FAD G . 38.00 -12.66 -57.39
C9 FAD G . 37.09 -14.81 -56.46
C9A FAD G . 36.97 -16.19 -56.49
N10 FAD G . 36.20 -16.84 -55.53
C10 FAD G . 36.09 -18.22 -55.55
C1' FAD G . 35.47 -16.01 -54.51
C2' FAD G . 35.99 -16.05 -53.10
O2' FAD G . 35.34 -17.10 -52.44
C3' FAD G . 35.61 -14.73 -52.44
O3' FAD G . 36.31 -14.57 -51.23
C4' FAD G . 34.12 -14.65 -52.17
O4' FAD G . 33.48 -14.42 -53.40
C5' FAD G . 33.84 -13.51 -51.19
O5' FAD G . 32.50 -13.08 -51.23
P FAD G . 32.02 -12.01 -50.13
O1P FAD G . 30.52 -12.06 -49.97
O2P FAD G . 32.71 -12.28 -48.82
O3P FAD G . 32.45 -10.56 -50.69
S SO4 H . 43.03 -18.83 -49.94
O1 SO4 H . 43.63 -17.93 -48.95
O2 SO4 H . 41.61 -19.00 -49.64
O3 SO4 H . 43.18 -18.27 -51.29
O4 SO4 H . 43.71 -20.13 -49.88
S SO4 I . 26.28 -14.68 -64.68
O1 SO4 I . 27.49 -14.42 -63.90
O2 SO4 I . 25.12 -14.15 -63.97
O3 SO4 I . 26.39 -13.99 -65.98
O4 SO4 I . 26.11 -16.12 -64.88
PA FAD J . 13.76 67.02 2.57
O1A FAD J . 13.66 68.23 1.67
O2A FAD J . 12.61 66.90 3.52
O5B FAD J . 15.10 67.01 3.43
C5B FAD J . 16.34 67.41 2.89
C4B FAD J . 17.23 67.80 4.05
O4B FAD J . 18.56 67.84 3.61
C3B FAD J . 16.90 69.17 4.60
O3B FAD J . 16.61 69.02 5.97
C2B FAD J . 18.14 70.01 4.36
O2B FAD J . 18.50 70.78 5.49
C1B FAD J . 19.21 68.98 4.12
N9A FAD J . 20.25 69.40 3.17
C8A FAD J . 20.13 69.80 1.86
N7A FAD J . 21.36 70.07 1.37
C5A FAD J . 22.26 69.84 2.35
C6A FAD J . 23.65 69.94 2.39
N6A FAD J . 24.35 69.84 1.27
N1A FAD J . 24.29 69.62 3.57
C2A FAD J . 23.59 69.21 4.68
N3A FAD J . 22.22 69.09 4.62
C4A FAD J . 21.58 69.41 3.48
N1 FAD J . 4.41 63.84 1.00
C2 FAD J . 3.31 63.00 1.10
O2 FAD J . 3.47 61.84 1.48
N3 FAD J . 2.05 63.44 0.79
C4 FAD J . 1.85 64.74 0.36
O4 FAD J . 0.71 65.12 0.09
C4X FAD J . 2.95 65.59 0.25
N5 FAD J . 2.78 66.88 -0.18
C5X FAD J . 3.86 67.73 -0.29
C6 FAD J . 3.68 69.03 -0.74
C7 FAD J . 4.75 69.90 -0.86
C7M FAD J . 4.52 71.31 -1.33
C8 FAD J . 6.03 69.46 -0.55
C8M FAD J . 7.19 70.39 -0.68
C9 FAD J . 6.22 68.15 -0.11
C9A FAD J . 5.13 67.27 0.02
N10 FAD J . 5.32 65.98 0.45
C10 FAD J . 4.23 65.13 0.57
C1' FAD J . 6.69 65.48 0.82
C2' FAD J . 7.49 65.00 -0.37
O2' FAD J . 7.32 63.61 -0.49
C3' FAD J . 8.96 65.36 -0.18
O3' FAD J . 9.69 65.00 -1.32
C4' FAD J . 9.58 64.67 1.04
O4' FAD J . 9.54 65.57 2.13
C5' FAD J . 11.02 64.29 0.76
O5' FAD J . 11.77 64.33 1.97
P FAD J . 13.38 64.26 1.90
O1P FAD J . 13.94 63.77 3.22
O2P FAD J . 13.81 63.38 0.75
O3P FAD J . 13.88 65.75 1.57
S SO4 K . 5.26 62.38 -7.83
O1 SO4 K . 5.88 61.59 -6.77
O2 SO4 K . 4.11 61.67 -8.36
O3 SO4 K . 4.85 63.67 -7.28
O4 SO4 K . 6.21 62.63 -8.91
S SO4 L . 4.32 71.65 13.09
O1 SO4 L . 5.20 70.62 13.64
O2 SO4 L . 2.94 71.19 13.14
O3 SO4 L . 4.47 72.87 13.87
O4 SO4 L . 4.70 71.93 11.70
PA FAD M . -43.79 8.32 38.14
O1A FAD M . -43.59 7.04 38.93
O2A FAD M . -43.89 9.50 39.06
O5B FAD M . -45.10 8.20 37.22
C5B FAD M . -45.36 7.00 36.54
C4B FAD M . -46.82 6.94 36.12
O4B FAD M . -46.96 5.94 35.14
C3B FAD M . -47.79 6.57 37.24
O3B FAD M . -48.69 7.63 37.46
C2B FAD M . -48.54 5.34 36.73
O2B FAD M . -49.92 5.54 36.88
C1B FAD M . -48.22 5.32 35.25
N9A FAD M . -48.11 3.98 34.66
C8A FAD M . -47.23 3.00 35.00
N7A FAD M . -47.43 1.93 34.18
C5A FAD M . -48.44 2.23 33.34
C6A FAD M . -49.02 1.50 32.31
N6A FAD M . -48.29 0.53 31.75
N1A FAD M . -50.04 2.08 31.58
C2A FAD M . -50.47 3.36 31.87
N3A FAD M . -49.87 4.08 32.89
C4A FAD M . -48.86 3.52 33.60
N1 FAD M . -37.10 13.59 43.09
C2 FAD M . -36.38 14.75 43.35
O2 FAD M . -36.20 15.58 42.47
N3 FAD M . -35.84 14.99 44.60
C4 FAD M . -36.01 14.07 45.60
O4 FAD M . -35.52 14.28 46.71
C4X FAD M . -36.72 12.90 45.35
N5 FAD M . -36.88 11.99 46.37
C5X FAD M . -37.60 10.83 46.14
C6 FAD M . -37.75 9.90 47.17
C7 FAD M . -38.46 8.74 46.96
C7M FAD M . -38.63 7.75 48.07
C8 FAD M . -39.02 8.49 45.71
C8M FAD M . -39.79 7.23 45.47
C9 FAD M . -38.86 9.41 44.68
C9A FAD M . -38.15 10.58 44.90
N10 FAD M . -37.99 11.50 43.86
C10 FAD M . -37.27 12.67 44.09
C1' FAD M . -38.64 11.20 42.55
C2' FAD M . -37.79 10.74 41.38
O2' FAD M . -37.45 11.88 40.65
C3' FAD M . -38.68 9.85 40.52
O3' FAD M . -37.88 8.99 39.74
C4' FAD M . -39.60 10.68 39.62
O4' FAD M . -40.73 11.17 40.32
C5' FAD M . -40.06 9.85 38.42
O5' FAD M . -41.22 10.47 37.88
P FAD M . -41.94 9.84 36.58
O1P FAD M . -42.95 10.86 36.09
O2P FAD M . -40.96 9.48 35.50
O3P FAD M . -42.60 8.45 37.07
S SO4 N . -29.93 8.83 41.05
O1 SO4 N . -28.80 9.59 41.56
O2 SO4 N . -30.93 8.68 42.11
O3 SO4 N . -30.49 9.56 39.91
O4 SO4 N . -29.49 7.50 40.65
S SO4 O . -50.22 16.44 48.95
O1 SO4 O . -49.20 17.41 49.37
O2 SO4 O . -51.00 16.03 50.13
O3 SO4 O . -51.10 17.08 47.97
O4 SO4 O . -49.59 15.27 48.35
S SO4 P . -12.60 42.73 -1.98
O1 SO4 P . -11.58 42.85 -0.92
O2 SO4 P . -13.92 43.09 -1.45
O3 SO4 P . -12.33 43.61 -3.10
O4 SO4 P . -12.65 41.36 -2.49
PA FAD Q . -17.75 -9.21 -26.07
O1A FAD Q . -18.77 -9.87 -25.16
O2A FAD Q . -18.37 -8.50 -27.25
O5B FAD Q . -16.73 -10.31 -26.61
C5B FAD Q . -16.16 -11.20 -25.67
C4B FAD Q . -15.36 -12.26 -26.41
O4B FAD Q . -14.52 -12.88 -25.47
C3B FAD Q . -16.24 -13.35 -27.01
O3B FAD Q . -16.10 -13.38 -28.41
C2B FAD Q . -15.74 -14.64 -26.41
O2B FAD Q . -15.51 -15.56 -27.44
C1B FAD Q . -14.42 -14.24 -25.78
N9A FAD Q . -14.06 -14.96 -24.55
C8A FAD Q . -14.66 -14.87 -23.32
N7A FAD Q . -13.99 -15.69 -22.47
C5A FAD Q . -12.99 -16.30 -23.14
C6A FAD Q . -12.01 -17.21 -22.75
N6A FAD Q . -11.66 -17.29 -21.46
N1A FAD Q . -11.10 -17.65 -23.69
C2A FAD Q . -11.15 -17.19 -24.99
N3A FAD Q . -12.12 -16.27 -25.36
C4A FAD Q . -13.01 -15.84 -24.45
N1 FAD Q . -23.15 -1.19 -27.25
C2 FAD Q . -23.37 0.09 -27.70
O2 FAD Q . -22.42 0.80 -28.03
N3 FAD Q . -24.64 0.60 -27.78
C4 FAD Q . -25.71 -0.18 -27.41
O4 FAD Q . -26.86 0.27 -27.48
C4X FAD Q . -25.50 -1.47 -26.96
N5 FAD Q . -26.58 -2.27 -26.58
C5X FAD Q . -26.37 -3.55 -26.13
C6 FAD Q . -27.45 -4.34 -25.76
C7 FAD Q . -27.24 -5.63 -25.31
C7M FAD Q . -28.41 -6.49 -24.90
C8 FAD Q . -25.96 -6.14 -25.23
C8M FAD Q . -25.73 -7.55 -24.74
C9 FAD Q . -24.87 -5.36 -25.61
C9A FAD Q . -25.07 -4.06 -26.06
N10 FAD Q . -23.99 -3.28 -26.43
C10 FAD Q . -24.20 -1.98 -26.88
C1' FAD Q . -22.59 -3.83 -26.35
C2' FAD Q . -21.91 -3.57 -25.02
O2' FAD Q . -21.22 -2.34 -25.10
C3' FAD Q . -20.91 -4.67 -24.71
O3' FAD Q . -20.48 -4.58 -23.36
C4' FAD Q . -19.69 -4.59 -25.62
O4' FAD Q . -20.01 -5.13 -26.88
C5' FAD Q . -18.54 -5.37 -25.01
O5' FAD Q . -17.75 -5.97 -26.01
P FAD Q . -16.40 -6.74 -25.57
O1P FAD Q . -15.44 -6.75 -26.74
O2P FAD Q . -15.82 -6.07 -24.36
O3P FAD Q . -16.85 -8.24 -25.15
S SO4 R . -25.40 -9.38 -38.82
O1 SO4 R . -24.06 -8.89 -39.13
O2 SO4 R . -25.49 -9.72 -37.40
O3 SO4 R . -26.38 -8.34 -39.12
O4 SO4 R . -25.66 -10.57 -39.63
S SO4 S . -23.60 1.37 -18.61
O1 SO4 S . -22.69 0.96 -17.53
O2 SO4 S . -24.81 0.57 -18.56
O3 SO4 S . -23.94 2.78 -18.45
O4 SO4 S . -22.95 1.18 -19.91
PA FAD T . 64.44 -27.32 -19.21
O1A FAD T . 64.04 -26.16 -20.10
O2A FAD T . 65.86 -27.17 -18.73
O5B FAD T . 64.26 -28.70 -20.00
C5B FAD T . 63.07 -28.99 -20.68
C4B FAD T . 63.34 -30.13 -21.65
O4B FAD T . 62.12 -30.69 -22.10
C3B FAD T . 64.10 -29.67 -22.87
O3B FAD T . 65.39 -30.27 -22.86
C2B FAD T . 63.28 -30.14 -24.07
O2B FAD T . 64.07 -30.89 -24.97
C1B FAD T . 62.20 -31.02 -23.47
N9A FAD T . 60.87 -30.79 -24.08
C8A FAD T . 60.15 -29.62 -24.07
N7A FAD T . 58.99 -29.83 -24.72
C5A FAD T . 58.94 -31.11 -25.15
C6A FAD T . 57.99 -31.82 -25.85
N6A FAD T . 56.77 -31.31 -25.99
N1A FAD T . 58.23 -33.16 -26.16
C2A FAD T . 59.40 -33.76 -25.77
N3A FAD T . 60.34 -33.04 -25.06
C4A FAD T . 60.12 -31.73 -24.75
N1 FAD T . 69.55 -22.55 -12.25
C2 FAD T . 70.20 -22.38 -11.04
O2 FAD T . 70.12 -23.23 -10.18
N3 FAD T . 70.96 -21.25 -10.80
C4 FAD T . 71.08 -20.27 -11.77
O4 FAD T . 71.74 -19.27 -11.55
C4X FAD T . 70.42 -20.43 -12.98
N5 FAD T . 70.51 -19.45 -13.95
C5X FAD T . 69.87 -19.61 -15.16
C6 FAD T . 69.97 -18.63 -16.14
C7 FAD T . 69.32 -18.78 -17.36
C7M FAD T . 69.42 -17.72 -18.42
C8 FAD T . 68.57 -19.91 -17.60
C8M FAD T . 67.87 -20.07 -18.91
C9 FAD T . 68.47 -20.90 -16.62
C9A FAD T . 69.11 -20.75 -15.40
N10 FAD T . 69.00 -21.74 -14.43
C10 FAD T . 69.65 -21.58 -13.22
C1' FAD T . 68.19 -22.98 -14.69
C2' FAD T . 66.74 -22.78 -14.24
O2' FAD T . 66.63 -23.17 -12.89
C3' FAD T . 65.75 -23.57 -15.10
O3' FAD T . 64.42 -23.30 -14.72
C4' FAD T . 65.97 -25.07 -15.04
O4' FAD T . 67.13 -25.38 -15.77
C5' FAD T . 64.76 -25.78 -15.63
O5' FAD T . 65.05 -27.08 -16.07
P FAD T . 63.83 -28.03 -16.56
O1P FAD T . 64.25 -29.48 -16.68
O2P FAD T . 62.68 -27.87 -15.60
O3P FAD T . 63.41 -27.43 -17.99
S SO4 U . 79.17 -27.77 -21.93
O1 SO4 U . 79.97 -27.58 -20.73
O2 SO4 U . 78.69 -29.15 -21.99
O3 SO4 U . 78.04 -26.85 -21.90
O4 SO4 U . 79.98 -27.51 -23.11
PA FAD V . -50.59 -38.33 40.67
O1A FAD V . -51.44 -39.01 39.62
O2A FAD V . -49.21 -38.94 40.70
O5B FAD V . -51.27 -38.49 42.12
C5B FAD V . -52.15 -39.56 42.36
C4B FAD V . -51.81 -40.24 43.68
O4B FAD V . -52.87 -41.11 44.04
C3B FAD V . -50.54 -41.08 43.59
O3B FAD V . -49.59 -40.61 44.52
C2B FAD V . -50.95 -42.49 43.93
O2B FAD V . -50.14 -43.00 44.97
C1B FAD V . -52.39 -42.37 44.43
N9A FAD V . -53.23 -43.42 43.82
C8A FAD V . -53.29 -43.72 42.48
N7A FAD V . -54.18 -44.72 42.30
C5A FAD V . -54.70 -45.07 43.50
C6A FAD V . -55.64 -46.02 43.86
N6A FAD V . -55.90 -47.02 43.03
N1A FAD V . -55.98 -46.15 45.19
C2A FAD V . -55.39 -45.34 46.14
N3A FAD V . -54.46 -44.39 45.77
C4A FAD V . -54.11 -44.26 44.46
N1 FAD V . -46.74 -30.72 35.64
C2 FAD V . -46.38 -29.40 35.55
O2 FAD V . -47.15 -28.51 35.91
N3 FAD V . -45.14 -29.04 35.05
C4 FAD V . -44.26 -30.02 34.64
O4 FAD V . -43.17 -29.71 34.19
C4X FAD V . -44.63 -31.36 34.73
N5 FAD V . -43.73 -32.32 34.31
C5X FAD V . -44.06 -33.66 34.39
C6 FAD V . -43.15 -34.62 33.96
C7 FAD V . -43.48 -35.97 34.04
C7M FAD V . -42.51 -37.00 33.58
C8 FAD V . -44.72 -36.36 34.54
C8M FAD V . -45.09 -37.80 34.63
C9 FAD V . -45.63 -35.39 34.97
C9A FAD V . -45.30 -34.03 34.89
N10 FAD V . -46.21 -33.08 35.33
C10 FAD V . -45.88 -31.73 35.24
C1' FAD V . -47.54 -33.59 35.84
C2' FAD V . -48.21 -32.76 36.93
O2' FAD V . -47.24 -32.26 37.82
C3' FAD V . -49.27 -33.53 37.73
O3' FAD V . -48.72 -33.95 38.96
C4' FAD V . -49.84 -34.75 37.01
O4' FAD V . -50.14 -34.46 35.66
C5' FAD V . -51.12 -35.25 37.68
O5' FAD V . -51.24 -34.78 39.01
P FAD V . -51.77 -35.76 40.16
O1P FAD V . -52.06 -34.99 41.43
O2P FAD V . -53.00 -36.51 39.70
O3P FAD V . -50.50 -36.75 40.36
S SO4 W . -51.32 -31.46 28.34
O1 SO4 W . -50.63 -31.95 29.53
O2 SO4 W . -52.49 -32.30 28.10
O3 SO4 W . -51.74 -30.08 28.56
O4 SO4 W . -50.43 -31.52 27.19
#